data_4FP8
#
_entry.id   4FP8
#
_cell.length_a   90.794
_cell.length_b   247.720
_cell.length_c   95.380
_cell.angle_alpha   90.00
_cell.angle_beta   91.33
_cell.angle_gamma   90.00
#
_symmetry.space_group_name_H-M   'P 1 21 1'
#
loop_
_entity.id
_entity.type
_entity.pdbx_description
1 polymer 'Hemagglutinin HA1 chain'
2 polymer 'Antibody C05, heavy chain'
3 polymer 'Antibody C05, light chain'
4 branched 2-acetamido-2-deoxy-beta-D-glucopyranose-(1-4)-2-acetamido-2-deoxy-beta-D-glucopyranose
5 non-polymer 2-acetamido-2-deoxy-beta-D-glucopyranose
6 non-polymer 'ZINC ION'
#
loop_
_entity_poly.entity_id
_entity_poly.type
_entity_poly.pdbx_seq_one_letter_code
_entity_poly.pdbx_strand_id
1 'polypeptide(L)'
;ADPGVQSSSTGKICNNPHRILDGIDCTLIDALLGDPHCDVFQNETWDLFVERSKAFSNCYPYDVPDYASLRSLVASSGTL
EFITEGFTWTGVTQNGGSNACKRGPGSGFFSRLNWLTKSGSTYPVLNVTMPNNDNFDKLYIWGVHHPSTNQEQTSLYVQA
SGRVTVSTRRSQQTIIPNIGSRPWVRGLSSRISIYWTIVKPGDVLVINSNGNLIAPRGYFKMRTGKSSIMRSDAPIDTCI
SECITPNGSIPNDKPFQNVNKITYGACPKYVGHHHHHH
;
A,B,C,D
2 'polypeptide(L)'
;(PCA)VQLQESGGGLVQPGESLRLSCVGSGSSFGESTLSYYAVSWVRQAPGKGLEWLSIINAGGGDIDYADSVEGRFTIS
RDNSKETLYLQMTNLRVEDTGVYYCAKHMSMQQVVSAGWERADLVGDAFDVWGQGTMVTVSSASTKGPSVFPLAPSSKST
SGGTAALGCLVKDYFPEPVTVSWNSGALTSGVHTFPAVLQSSGLYSLSSVVTVPSSSLGTQTYICNVNHKPSNTKVDKRV
EPKSC
;
H,I,J,K
3 'polypeptide(L)'
;DIQLTQSPSSLSASVGDRVTLTCQASQDIRKFLNWYQQKPGKGPKLLIYDASNLQRGVPSRFSGGGSGTDFTLIISSLQP
EDVGTYYCQQYDGLPFTFGGGTKVVIKRTVAAPSVFIFPPSDEQLKSGTASVVCLLNNFYPREAKVQWKVDNALQSGNSQ
ESVTEQDSKDSTYSLSSTLTLSKADYEKHKVYACEVTHQGLSSPVTKSFNRGEC
;
L,M,N,O
#
# COMPACT_ATOMS: atom_id res chain seq x y z
N VAL A 5 64.09 57.23 131.83
CA VAL A 5 63.61 57.41 130.46
C VAL A 5 64.30 56.47 129.47
N GLN A 6 63.50 55.60 128.85
CA GLN A 6 63.99 54.75 127.77
C GLN A 6 64.14 55.60 126.51
N SER A 7 65.37 55.73 126.02
CA SER A 7 65.67 56.61 124.89
C SER A 7 66.26 55.90 123.67
N SER A 8 66.41 54.57 123.76
CA SER A 8 66.96 53.80 122.65
C SER A 8 66.09 52.62 122.23
N SER A 9 66.28 52.20 120.98
CA SER A 9 65.65 51.00 120.46
C SER A 9 66.68 50.18 119.68
N THR A 10 66.47 48.87 119.63
CA THR A 10 67.25 47.99 118.77
C THR A 10 67.02 48.33 117.30
N GLY A 11 65.87 48.92 116.99
CA GLY A 11 65.51 49.26 115.62
C GLY A 11 64.68 48.17 114.97
N LYS A 12 64.32 47.16 115.76
CA LYS A 12 63.51 46.05 115.27
C LYS A 12 62.27 45.82 116.11
N ILE A 13 61.16 45.49 115.44
CA ILE A 13 59.94 45.11 116.11
C ILE A 13 60.00 43.62 116.46
N CYS A 14 59.87 43.31 117.74
CA CYS A 14 59.85 41.92 118.21
C CYS A 14 58.51 41.26 117.91
N ASN A 15 58.57 40.04 117.39
CA ASN A 15 57.36 39.32 116.98
C ASN A 15 56.63 38.59 118.10
N ASN A 16 57.12 38.71 119.33
CA ASN A 16 56.42 38.21 120.50
C ASN A 16 56.43 39.25 121.61
N PRO A 17 55.41 39.25 122.47
CA PRO A 17 54.35 38.24 122.47
C PRO A 17 53.15 38.56 121.56
N HIS A 18 53.13 39.76 120.97
CA HIS A 18 51.98 40.20 120.18
C HIS A 18 52.04 39.64 118.77
N ARG A 19 50.88 39.33 118.20
CA ARG A 19 50.83 38.86 116.82
C ARG A 19 50.96 40.02 115.84
N ILE A 20 52.10 40.05 115.15
CA ILE A 20 52.41 41.11 114.20
C ILE A 20 52.14 40.57 112.81
N LEU A 21 51.44 41.36 112.01
CA LEU A 21 51.23 41.01 110.61
C LEU A 21 51.89 42.08 109.75
N ASP A 22 52.94 41.69 109.03
CA ASP A 22 53.65 42.61 108.15
C ASP A 22 52.92 42.73 106.82
N GLY A 23 52.49 43.95 106.51
CA GLY A 23 51.71 44.21 105.30
C GLY A 23 52.52 44.15 104.01
N ILE A 24 53.83 44.24 104.11
CA ILE A 24 54.70 44.26 102.94
C ILE A 24 54.22 45.31 101.93
N ASP A 25 53.76 44.90 100.74
CA ASP A 25 53.32 45.85 99.72
C ASP A 25 51.88 46.32 99.85
N CYS A 26 51.18 45.93 100.90
CA CYS A 26 49.75 46.23 100.99
C CYS A 26 49.41 47.06 102.20
N THR A 27 48.52 48.01 101.96
CA THR A 27 47.84 48.70 103.04
C THR A 27 46.71 47.81 103.53
N LEU A 28 46.22 48.12 104.72
CA LEU A 28 45.12 47.37 105.31
C LEU A 28 43.82 47.47 104.50
N ILE A 29 43.55 48.65 103.96
CA ILE A 29 42.36 48.85 103.14
C ILE A 29 42.40 48.05 101.84
N ASP A 30 43.56 47.98 101.20
CA ASP A 30 43.71 47.16 99.99
C ASP A 30 43.50 45.68 100.29
N ALA A 31 43.94 45.27 101.48
CA ALA A 31 43.72 43.91 101.92
C ALA A 31 42.23 43.67 102.15
N LEU A 32 41.56 44.65 102.75
CA LEU A 32 40.14 44.54 103.03
C LEU A 32 39.33 44.33 101.73
N LEU A 33 39.53 45.21 100.74
CA LEU A 33 38.76 45.18 99.50
C LEU A 33 39.12 43.98 98.63
N GLY A 34 40.36 43.53 98.70
CA GLY A 34 40.81 42.39 97.91
C GLY A 34 41.51 42.72 96.61
N ASP A 35 42.31 43.79 96.65
CA ASP A 35 43.31 44.05 95.63
C ASP A 35 44.10 42.76 95.37
N PRO A 36 44.21 42.32 94.11
CA PRO A 36 44.79 41.00 93.82
C PRO A 36 46.17 40.67 94.42
N HIS A 37 47.12 41.60 94.40
CA HIS A 37 48.46 41.30 94.93
C HIS A 37 48.41 41.25 96.47
N CYS A 38 47.25 41.60 97.00
CA CYS A 38 46.99 41.52 98.43
C CYS A 38 46.12 40.35 98.89
N ASP A 39 45.70 39.47 97.98
CA ASP A 39 44.76 38.42 98.42
C ASP A 39 45.41 37.38 99.34
N VAL A 40 46.73 37.43 99.47
N VAL A 40 46.74 37.40 99.42
CA VAL A 40 47.44 36.59 100.44
CA VAL A 40 47.46 36.61 100.41
C VAL A 40 47.10 36.96 101.88
C VAL A 40 46.95 36.90 101.84
N PHE A 41 46.45 38.11 102.06
CA PHE A 41 45.98 38.55 103.38
C PHE A 41 44.54 38.19 103.69
N GLN A 42 43.91 37.46 102.79
CA GLN A 42 42.54 37.03 103.01
C GLN A 42 42.30 36.28 104.32
N ASN A 43 41.30 36.72 105.07
CA ASN A 43 40.91 36.05 106.30
C ASN A 43 41.98 36.08 107.42
N GLU A 44 42.95 36.97 107.30
CA GLU A 44 44.07 37.07 108.25
C GLU A 44 43.66 37.78 109.55
N THR A 45 44.46 37.59 110.61
CA THR A 45 44.22 38.27 111.89
C THR A 45 45.52 38.86 112.43
N TRP A 46 45.42 39.79 113.38
CA TRP A 46 46.60 40.45 113.94
C TRP A 46 46.28 41.09 115.29
N ASP A 47 47.31 41.24 116.12
CA ASP A 47 47.26 42.19 117.22
C ASP A 47 47.72 43.55 116.71
N LEU A 48 48.81 43.56 115.94
CA LEU A 48 49.30 44.77 115.31
C LEU A 48 49.55 44.60 113.83
N PHE A 49 48.85 45.37 113.01
CA PHE A 49 49.09 45.39 111.57
C PHE A 49 50.14 46.46 111.30
N VAL A 50 51.19 46.13 110.57
CA VAL A 50 52.26 47.07 110.27
C VAL A 50 52.24 47.50 108.80
N GLU A 51 51.91 48.76 108.53
CA GLU A 51 51.93 49.28 107.16
C GLU A 51 53.28 49.87 106.78
N ARG A 52 53.76 49.48 105.60
CA ARG A 52 55.05 49.91 105.08
C ARG A 52 54.86 51.05 104.08
N SER A 53 55.82 51.96 104.05
CA SER A 53 55.75 53.10 103.14
C SER A 53 55.84 52.66 101.68
N LYS A 54 56.36 51.47 101.42
CA LYS A 54 56.48 51.00 100.04
C LYS A 54 55.19 50.41 99.50
N ALA A 55 54.14 50.38 100.32
CA ALA A 55 52.88 49.79 99.87
C ALA A 55 52.36 50.56 98.66
N PHE A 56 51.67 49.87 97.76
CA PHE A 56 51.08 50.52 96.60
C PHE A 56 49.77 49.82 96.21
N SER A 57 48.88 50.55 95.56
CA SER A 57 47.65 49.98 95.01
C SER A 57 47.86 49.56 93.57
N ASN A 58 47.17 48.51 93.16
CA ASN A 58 47.28 48.04 91.79
C ASN A 58 45.99 47.47 91.21
N CYS A 59 44.88 48.15 91.47
CA CYS A 59 43.58 47.69 91.00
C CYS A 59 42.85 48.91 90.47
N TYR A 60 41.53 48.88 90.45
CA TYR A 60 40.78 49.98 89.89
C TYR A 60 41.02 51.18 90.78
N PRO A 61 41.24 52.37 90.20
CA PRO A 61 41.51 53.51 91.08
C PRO A 61 40.29 53.94 91.90
N TYR A 62 40.49 54.18 93.19
CA TYR A 62 39.38 54.36 94.11
C TYR A 62 39.75 55.39 95.15
N ASP A 63 38.75 55.93 95.81
CA ASP A 63 38.95 56.68 97.04
C ASP A 63 37.95 56.28 98.12
N VAL A 64 38.26 56.61 99.37
CA VAL A 64 37.35 56.31 100.46
C VAL A 64 37.10 57.60 101.23
N PRO A 65 35.92 58.20 101.05
CA PRO A 65 35.53 59.30 101.94
C PRO A 65 35.59 58.82 103.37
N ASP A 66 36.19 59.61 104.26
CA ASP A 66 36.41 59.16 105.63
C ASP A 66 37.22 57.87 105.69
N TYR A 67 38.24 57.82 104.83
CA TYR A 67 39.26 56.77 104.82
C TYR A 67 39.77 56.46 106.22
N ALA A 68 40.06 57.51 106.98
CA ALA A 68 40.68 57.33 108.28
C ALA A 68 39.79 56.52 109.23
N SER A 69 38.48 56.74 109.14
CA SER A 69 37.56 56.02 110.03
C SER A 69 37.41 54.55 109.68
N LEU A 70 37.33 54.22 108.39
CA LEU A 70 37.22 52.82 108.00
C LEU A 70 38.47 52.04 108.39
N ARG A 71 39.61 52.63 108.08
CA ARG A 71 40.90 52.06 108.40
C ARG A 71 41.02 51.82 109.89
N SER A 72 40.61 52.80 110.69
CA SER A 72 40.70 52.67 112.13
C SER A 72 39.84 51.51 112.65
N LEU A 73 38.58 51.43 112.20
CA LEU A 73 37.66 50.45 112.78
C LEU A 73 38.00 49.02 112.35
N VAL A 74 38.52 48.83 111.14
CA VAL A 74 38.98 47.51 110.72
C VAL A 74 40.23 47.12 111.49
N ALA A 75 41.14 48.07 111.68
CA ALA A 75 42.39 47.81 112.38
C ALA A 75 42.10 47.36 113.82
N SER A 76 41.10 48.01 114.41
CA SER A 76 40.73 47.75 115.79
C SER A 76 40.04 46.40 115.88
N SER A 77 39.27 46.05 114.85
CA SER A 77 38.63 44.74 114.80
C SER A 77 39.65 43.58 114.75
N GLY A 78 40.74 43.76 114.02
CA GLY A 78 41.86 42.85 114.09
C GLY A 78 41.70 41.59 113.25
N THR A 79 40.75 41.59 112.32
CA THR A 79 40.53 40.45 111.47
C THR A 79 39.92 40.87 110.14
N LEU A 80 40.22 40.08 109.09
CA LEU A 80 39.57 40.23 107.81
C LEU A 80 38.61 39.09 107.48
N GLU A 81 38.14 38.36 108.48
CA GLU A 81 37.21 37.27 108.24
C GLU A 81 36.02 37.75 107.42
N PHE A 82 35.76 37.08 106.31
CA PHE A 82 34.73 37.49 105.37
C PHE A 82 33.83 36.29 105.13
N ILE A 83 32.54 36.56 105.06
CA ILE A 83 31.53 35.52 104.89
C ILE A 83 30.70 35.91 103.70
N THR A 84 30.74 35.08 102.67
CA THR A 84 29.96 35.34 101.48
C THR A 84 28.49 35.12 101.79
N GLU A 85 27.66 36.00 101.27
CA GLU A 85 26.22 35.85 101.34
C GLU A 85 25.62 35.76 99.94
N GLY A 86 24.48 35.10 99.82
CA GLY A 86 23.88 34.86 98.53
C GLY A 86 22.99 36.01 98.07
N PHE A 87 23.57 37.18 97.81
CA PHE A 87 22.78 38.23 97.20
C PHE A 87 22.28 37.75 95.84
N THR A 88 21.06 38.13 95.49
CA THR A 88 20.53 37.88 94.17
C THR A 88 20.40 39.20 93.44
N TRP A 89 21.00 39.29 92.26
CA TRP A 89 21.01 40.54 91.51
C TRP A 89 20.33 40.30 90.18
N THR A 90 19.00 40.45 90.17
CA THR A 90 18.20 40.06 89.03
C THR A 90 18.24 41.10 87.92
N GLY A 91 18.57 40.65 86.72
CA GLY A 91 18.46 41.46 85.52
C GLY A 91 19.67 42.34 85.23
N VAL A 92 20.80 42.04 85.89
CA VAL A 92 22.07 42.71 85.59
C VAL A 92 23.17 41.68 85.36
N THR A 93 24.25 42.10 84.70
CA THR A 93 25.45 41.26 84.54
C THR A 93 26.40 41.43 85.72
N GLN A 94 26.90 40.31 86.26
CA GLN A 94 27.79 40.36 87.41
C GLN A 94 29.27 40.19 87.07
N ASN A 95 30.10 40.42 88.09
CA ASN A 95 31.53 40.07 88.05
C ASN A 95 32.32 40.85 87.02
N GLY A 96 31.97 42.13 86.86
CA GLY A 96 32.69 42.99 85.94
C GLY A 96 34.13 43.05 86.42
N GLY A 97 35.05 43.24 85.48
CA GLY A 97 36.47 43.31 85.79
C GLY A 97 37.20 44.33 84.94
N SER A 98 38.50 44.47 85.18
CA SER A 98 39.28 45.54 84.56
C SER A 98 40.73 45.14 84.36
N ASN A 99 41.34 45.62 83.28
CA ASN A 99 42.77 45.41 83.07
C ASN A 99 43.66 46.28 83.93
N ALA A 100 43.04 47.16 84.70
CA ALA A 100 43.73 47.94 85.71
C ALA A 100 43.95 47.06 86.93
N CYS A 101 43.22 45.95 86.95
CA CYS A 101 43.26 45.05 88.09
C CYS A 101 43.35 43.59 87.66
N LYS A 102 44.46 43.23 87.03
CA LYS A 102 44.66 41.87 86.53
C LYS A 102 44.80 40.89 87.68
N ARG A 103 44.23 39.70 87.54
CA ARG A 103 44.37 38.68 88.56
C ARG A 103 44.91 37.49 87.78
N GLY A 104 46.18 37.19 87.92
CA GLY A 104 46.82 36.26 87.00
C GLY A 104 46.80 36.94 85.65
N PRO A 105 46.63 36.16 84.56
CA PRO A 105 46.75 36.85 83.26
C PRO A 105 45.56 37.71 82.84
N GLY A 106 44.35 37.43 83.30
CA GLY A 106 43.19 38.17 82.83
C GLY A 106 42.75 39.36 83.68
N SER A 107 41.82 40.14 83.13
CA SER A 107 41.16 41.22 83.86
C SER A 107 40.52 40.66 85.11
N GLY A 108 40.41 41.50 86.14
CA GLY A 108 39.82 41.07 87.38
C GLY A 108 39.33 42.27 88.16
N PHE A 109 39.07 42.09 89.45
CA PHE A 109 38.50 43.17 90.24
C PHE A 109 38.77 42.84 91.70
N PHE A 110 38.49 43.79 92.59
CA PHE A 110 38.59 43.53 94.02
C PHE A 110 37.80 42.26 94.31
N SER A 111 38.35 41.40 95.14
CA SER A 111 37.74 40.11 95.42
C SER A 111 36.46 40.20 96.23
N ARG A 112 36.32 41.26 97.01
CA ARG A 112 35.21 41.38 97.95
C ARG A 112 34.05 42.23 97.40
N LEU A 113 34.22 42.72 96.18
CA LEU A 113 33.25 43.60 95.57
C LEU A 113 32.77 43.04 94.24
N ASN A 114 31.60 43.47 93.79
CA ASN A 114 30.95 42.86 92.63
C ASN A 114 30.45 43.95 91.71
N TRP A 115 31.15 44.18 90.60
CA TRP A 115 30.81 45.28 89.69
C TRP A 115 29.66 44.88 88.76
N LEU A 116 28.48 45.42 89.02
CA LEU A 116 27.28 45.11 88.25
C LEU A 116 27.08 46.09 87.09
N THR A 117 26.73 45.56 85.93
CA THR A 117 26.38 46.40 84.79
C THR A 117 25.10 45.91 84.12
N LYS A 118 24.67 46.60 83.07
CA LYS A 118 23.42 46.24 82.40
C LYS A 118 23.46 44.83 81.86
N SER A 119 22.28 44.25 81.72
CA SER A 119 22.10 42.99 81.02
C SER A 119 21.15 43.26 79.85
N GLY A 120 21.59 42.91 78.65
CA GLY A 120 20.89 43.33 77.45
C GLY A 120 20.89 44.84 77.29
N SER A 121 19.72 45.44 77.25
CA SER A 121 19.61 46.89 77.04
C SER A 121 19.03 47.60 78.26
N THR A 122 19.03 46.92 79.40
CA THR A 122 18.41 47.49 80.59
C THR A 122 19.21 47.23 81.87
N TYR A 123 19.00 48.10 82.85
CA TYR A 123 19.51 47.94 84.20
C TYR A 123 18.31 48.30 85.06
N PRO A 124 17.66 47.29 85.64
CA PRO A 124 16.42 47.59 86.38
C PRO A 124 16.71 48.24 87.72
N VAL A 125 15.67 48.70 88.42
CA VAL A 125 15.88 49.17 89.76
C VAL A 125 16.09 47.93 90.62
N LEU A 126 17.32 47.76 91.11
CA LEU A 126 17.65 46.72 92.08
C LEU A 126 17.12 47.11 93.45
N ASN A 127 16.59 46.09 94.12
CA ASN A 127 15.97 46.24 95.42
C ASN A 127 16.07 44.92 96.16
N VAL A 128 17.10 44.79 96.99
CA VAL A 128 17.39 43.53 97.66
C VAL A 128 17.58 43.78 99.15
N THR A 129 17.29 42.74 99.93
CA THR A 129 17.41 42.85 101.38
C THR A 129 18.19 41.67 101.93
N MET A 130 18.84 41.89 103.08
CA MET A 130 19.63 40.86 103.73
C MET A 130 19.47 41.02 105.22
N PRO A 131 18.70 40.14 105.86
CA PRO A 131 18.52 40.31 107.30
C PRO A 131 19.73 39.83 108.09
N ASN A 132 19.96 40.48 109.23
CA ASN A 132 20.94 40.03 110.22
C ASN A 132 20.24 39.23 111.31
N ASN A 133 20.34 37.91 111.23
CA ASN A 133 19.71 37.05 112.22
C ASN A 133 20.73 36.44 113.19
N ASP A 134 21.93 37.01 113.18
CA ASP A 134 23.01 36.62 114.07
C ASP A 134 23.06 37.53 115.29
N ASN A 135 23.96 37.23 116.22
CA ASN A 135 24.09 38.03 117.42
C ASN A 135 25.41 38.83 117.43
N PHE A 136 25.95 39.09 116.24
CA PHE A 136 27.10 40.00 116.10
C PHE A 136 26.84 41.05 115.02
N ASP A 137 27.65 42.11 115.02
CA ASP A 137 27.56 43.13 113.97
C ASP A 137 28.20 42.68 112.67
N LYS A 138 27.57 43.01 111.57
CA LYS A 138 28.11 42.71 110.25
C LYS A 138 28.59 44.02 109.67
N LEU A 139 29.79 44.01 109.09
CA LEU A 139 30.29 45.16 108.36
C LEU A 139 30.19 44.87 106.86
N TYR A 140 29.40 45.66 106.17
CA TYR A 140 29.29 45.62 104.70
C TYR A 140 30.08 46.73 104.02
N ILE A 141 30.92 46.36 103.07
CA ILE A 141 31.64 47.32 102.24
C ILE A 141 31.05 47.31 100.84
N TRP A 142 30.73 48.49 100.31
CA TRP A 142 30.10 48.59 99.01
C TRP A 142 30.62 49.84 98.31
N GLY A 143 30.20 50.10 97.08
CA GLY A 143 30.80 51.20 96.36
C GLY A 143 29.94 51.83 95.30
N VAL A 144 30.46 52.92 94.72
CA VAL A 144 29.76 53.64 93.67
C VAL A 144 30.75 53.96 92.55
N HIS A 145 30.39 53.65 91.31
CA HIS A 145 31.26 53.94 90.18
C HIS A 145 30.96 55.35 89.67
N HIS A 146 31.98 56.16 89.50
CA HIS A 146 31.81 57.46 88.84
C HIS A 146 32.47 57.46 87.47
N PRO A 147 31.67 57.35 86.40
CA PRO A 147 32.23 57.37 85.04
C PRO A 147 32.77 58.73 84.64
N SER A 148 33.73 58.73 83.72
CA SER A 148 34.36 59.95 83.25
C SER A 148 33.55 60.69 82.15
N THR A 149 32.70 59.96 81.41
CA THR A 149 31.91 60.57 80.33
C THR A 149 30.47 60.05 80.33
N ASN A 150 29.57 60.78 79.68
CA ASN A 150 28.18 60.34 79.52
C ASN A 150 28.01 59.08 78.67
N GLN A 151 28.85 58.94 77.66
CA GLN A 151 28.88 57.77 76.78
C GLN A 151 29.13 56.51 77.59
N GLU A 152 30.09 56.63 78.48
CA GLU A 152 30.48 55.58 79.40
C GLU A 152 29.34 55.22 80.34
N GLN A 153 28.71 56.24 80.90
CA GLN A 153 27.61 56.08 81.83
C GLN A 153 26.51 55.24 81.23
N THR A 154 26.13 55.55 79.99
CA THR A 154 24.98 54.89 79.40
C THR A 154 25.37 53.51 78.89
N SER A 155 26.61 53.35 78.46
CA SER A 155 27.08 52.06 77.97
C SER A 155 27.04 51.04 79.09
N LEU A 156 27.42 51.48 80.29
CA LEU A 156 27.49 50.57 81.42
C LEU A 156 26.13 50.37 82.10
N TYR A 157 25.38 51.46 82.27
CA TYR A 157 24.27 51.46 83.22
C TYR A 157 22.91 51.86 82.63
N VAL A 158 22.90 52.24 81.35
CA VAL A 158 21.69 52.63 80.63
C VAL A 158 21.05 53.94 81.13
N GLN A 159 20.68 54.01 82.41
CA GLN A 159 20.15 55.25 82.96
C GLN A 159 21.18 56.38 82.81
N ALA A 160 20.69 57.58 82.54
CA ALA A 160 21.56 58.73 82.33
C ALA A 160 22.20 59.19 83.63
N SER A 161 21.55 58.88 84.75
CA SER A 161 22.10 59.19 86.06
C SER A 161 21.74 58.05 87.00
N GLY A 162 22.73 57.55 87.72
CA GLY A 162 22.47 56.43 88.62
C GLY A 162 22.21 56.93 90.02
N ARG A 163 22.07 55.98 90.94
CA ARG A 163 21.87 56.29 92.34
C ARG A 163 22.11 55.02 93.13
N VAL A 164 22.74 55.13 94.29
CA VAL A 164 22.89 53.99 95.18
C VAL A 164 22.38 54.37 96.56
N THR A 165 21.46 53.59 97.10
CA THR A 165 20.96 53.87 98.44
C THR A 165 21.08 52.63 99.28
N VAL A 166 21.80 52.73 100.38
CA VAL A 166 21.97 51.61 101.29
C VAL A 166 21.51 52.03 102.67
N SER A 167 20.68 51.22 103.31
CA SER A 167 20.10 51.61 104.57
C SER A 167 19.92 50.43 105.53
N THR A 168 19.79 50.78 106.81
CA THR A 168 19.36 49.84 107.82
C THR A 168 18.08 50.43 108.39
N ARG A 169 17.60 49.87 109.49
N ARG A 169 17.61 49.91 109.52
CA ARG A 169 16.36 50.35 110.10
CA ARG A 169 16.33 50.37 110.08
C ARG A 169 16.52 51.84 110.42
C ARG A 169 16.44 51.75 110.70
N ARG A 170 17.67 52.21 111.00
CA ARG A 170 17.85 53.55 111.55
C ARG A 170 18.93 54.43 110.92
N SER A 171 19.47 54.02 109.78
CA SER A 171 20.48 54.84 109.08
C SER A 171 20.25 54.72 107.58
N GLN A 172 20.71 55.70 106.82
CA GLN A 172 20.62 55.63 105.37
C GLN A 172 21.68 56.51 104.70
N GLN A 173 22.18 56.05 103.57
CA GLN A 173 23.14 56.79 102.75
C GLN A 173 22.70 56.70 101.31
N THR A 174 22.52 57.86 100.67
CA THR A 174 22.25 57.88 99.24
C THR A 174 23.37 58.65 98.58
N ILE A 175 23.93 58.04 97.54
CA ILE A 175 25.03 58.60 96.79
C ILE A 175 24.64 58.74 95.33
N ILE A 176 24.86 59.93 94.78
CA ILE A 176 24.62 60.18 93.37
C ILE A 176 25.98 60.23 92.70
N PRO A 177 26.19 59.39 91.68
CA PRO A 177 27.49 59.44 91.01
C PRO A 177 27.73 60.77 90.34
N ASN A 178 28.99 61.13 90.18
CA ASN A 178 29.36 62.38 89.53
C ASN A 178 30.21 62.15 88.30
N ILE A 179 29.66 62.45 87.14
CA ILE A 179 30.36 62.18 85.90
C ILE A 179 31.38 63.30 85.65
N GLY A 180 32.57 62.92 85.21
CA GLY A 180 33.59 63.88 84.82
C GLY A 180 34.97 63.28 84.98
N SER A 181 35.98 63.93 84.41
CA SER A 181 37.34 63.43 84.50
C SER A 181 38.03 63.76 85.82
N ARG A 182 38.78 62.79 86.33
CA ARG A 182 39.75 63.04 87.38
C ARG A 182 41.10 62.81 86.75
N PRO A 183 42.19 63.09 87.48
CA PRO A 183 43.48 62.85 86.85
C PRO A 183 43.68 61.39 86.46
N TRP A 184 44.25 61.20 85.28
CA TRP A 184 44.59 59.88 84.76
C TRP A 184 45.46 59.11 85.74
N VAL A 185 44.97 57.94 86.15
CA VAL A 185 45.72 57.03 87.00
C VAL A 185 45.64 55.64 86.41
N ARG A 186 46.82 55.09 86.13
CA ARG A 186 46.96 53.80 85.46
C ARG A 186 45.99 53.74 84.28
N GLY A 187 45.98 54.79 83.45
CA GLY A 187 45.19 54.78 82.23
C GLY A 187 43.74 55.18 82.37
N LEU A 188 43.29 55.48 83.59
CA LEU A 188 41.86 55.65 83.83
C LEU A 188 41.54 57.00 84.47
N SER A 189 40.48 57.63 83.97
N SER A 189 40.48 57.63 83.99
CA SER A 189 40.02 58.90 84.52
CA SER A 189 40.01 58.88 84.60
C SER A 189 38.72 58.74 85.33
C SER A 189 38.81 58.67 85.51
N SER A 190 38.25 57.50 85.46
N SER A 190 38.16 57.51 85.41
CA SER A 190 37.08 57.20 86.28
CA SER A 190 37.04 57.17 86.26
C SER A 190 37.49 56.75 87.68
C SER A 190 37.48 56.74 87.66
N ARG A 191 36.51 56.60 88.56
CA ARG A 191 36.79 56.25 89.94
C ARG A 191 35.71 55.38 90.56
N ILE A 192 36.09 54.68 91.63
CA ILE A 192 35.13 54.02 92.50
C ILE A 192 35.29 54.68 93.88
N SER A 193 34.17 55.01 94.51
CA SER A 193 34.17 55.47 95.90
C SER A 193 33.66 54.39 96.84
N ILE A 194 34.37 54.17 97.95
CA ILE A 194 34.03 53.10 98.87
C ILE A 194 33.31 53.64 100.09
N TYR A 195 32.21 52.98 100.46
CA TYR A 195 31.42 53.32 101.63
C TYR A 195 31.23 52.05 102.44
N TRP A 196 30.75 52.19 103.68
N TRP A 196 30.78 52.21 103.69
CA TRP A 196 30.51 51.02 104.52
CA TRP A 196 30.53 51.09 104.59
C TRP A 196 29.28 51.23 105.40
C TRP A 196 29.23 51.24 105.36
N THR A 197 28.69 50.12 105.83
CA THR A 197 27.46 50.12 106.61
C THR A 197 27.51 49.01 107.64
N ILE A 198 27.21 49.35 108.88
CA ILE A 198 27.12 48.34 109.93
C ILE A 198 25.69 47.97 110.21
N VAL A 199 25.43 46.67 110.34
CA VAL A 199 24.08 46.20 110.56
C VAL A 199 24.12 45.40 111.85
N LYS A 200 23.34 45.83 112.83
CA LYS A 200 23.31 45.16 114.12
C LYS A 200 22.33 43.99 114.09
N PRO A 201 22.45 43.08 115.06
CA PRO A 201 21.54 41.94 115.19
C PRO A 201 20.09 42.38 115.19
N GLY A 202 19.25 41.67 114.45
CA GLY A 202 17.85 42.01 114.38
C GLY A 202 17.57 43.10 113.38
N ASP A 203 18.63 43.71 112.86
CA ASP A 203 18.47 44.71 111.80
C ASP A 203 18.58 44.07 110.43
N VAL A 204 18.56 44.90 109.39
CA VAL A 204 18.49 44.41 108.02
C VAL A 204 19.16 45.41 107.09
N LEU A 205 19.76 44.91 106.01
CA LEU A 205 20.38 45.75 105.01
C LEU A 205 19.43 45.83 103.85
N VAL A 206 19.24 47.03 103.33
CA VAL A 206 18.54 47.18 102.07
C VAL A 206 19.40 47.97 101.10
N ILE A 207 19.50 47.44 99.89
CA ILE A 207 20.25 48.09 98.84
C ILE A 207 19.32 48.33 97.67
N ASN A 208 19.25 49.58 97.23
CA ASN A 208 18.36 49.98 96.15
C ASN A 208 19.12 50.85 95.18
N SER A 209 19.24 50.40 93.93
CA SER A 209 20.02 51.15 92.95
C SER A 209 19.48 50.99 91.53
N ASN A 210 19.56 52.07 90.75
CA ASN A 210 19.26 51.98 89.31
C ASN A 210 20.49 52.34 88.47
N GLY A 211 21.67 52.04 89.00
CA GLY A 211 22.92 52.16 88.27
C GLY A 211 24.10 52.55 89.14
N ASN A 212 25.30 52.15 88.71
CA ASN A 212 26.57 52.59 89.30
C ASN A 212 26.91 51.92 90.64
N LEU A 213 26.10 50.95 91.05
CA LEU A 213 26.38 50.22 92.27
C LEU A 213 27.52 49.22 92.12
N ILE A 214 28.51 49.32 93.01
CA ILE A 214 29.51 48.26 93.16
C ILE A 214 29.10 47.48 94.40
N ALA A 215 28.53 46.30 94.18
CA ALA A 215 27.84 45.58 95.25
C ALA A 215 28.79 44.81 96.14
N PRO A 216 28.40 44.62 97.42
CA PRO A 216 29.10 43.72 98.34
C PRO A 216 28.85 42.27 97.98
N ARG A 217 29.78 41.41 98.37
CA ARG A 217 29.61 39.97 98.19
C ARG A 217 29.25 39.23 99.47
N GLY A 218 29.22 39.96 100.59
CA GLY A 218 29.07 39.36 101.90
C GLY A 218 29.52 40.38 102.92
N TYR A 219 29.90 39.93 104.11
CA TYR A 219 30.23 40.86 105.18
C TYR A 219 31.49 40.48 105.93
N PHE A 220 32.11 41.47 106.57
CA PHE A 220 33.21 41.21 107.48
C PHE A 220 32.64 41.10 108.88
N LYS A 221 33.09 40.09 109.62
CA LYS A 221 32.63 39.90 110.98
C LYS A 221 33.37 40.90 111.84
N MET A 222 32.63 41.71 112.59
N MET A 222 32.63 41.64 112.66
CA MET A 222 33.24 42.68 113.50
CA MET A 222 33.22 42.66 113.50
C MET A 222 33.57 42.03 114.84
C MET A 222 33.50 42.17 114.92
N ARG A 223 34.73 42.41 115.39
CA ARG A 223 35.14 41.99 116.72
C ARG A 223 35.53 43.23 117.49
N THR A 224 35.59 43.11 118.82
CA THR A 224 36.17 44.16 119.64
C THR A 224 37.39 43.59 120.37
N GLY A 225 38.36 44.43 120.69
CA GLY A 225 39.56 43.97 121.36
C GLY A 225 40.77 44.89 121.29
N LYS A 226 41.97 44.30 121.39
CA LYS A 226 43.18 45.08 121.61
C LYS A 226 43.97 45.35 120.33
N SER A 227 43.39 45.04 119.18
CA SER A 227 44.11 45.14 117.92
C SER A 227 44.30 46.58 117.48
N SER A 228 45.38 46.86 116.73
CA SER A 228 45.59 48.20 116.19
C SER A 228 46.44 48.17 114.92
N ILE A 229 46.87 49.34 114.47
CA ILE A 229 47.65 49.45 113.23
C ILE A 229 48.72 50.51 113.44
N MET A 230 49.83 50.34 112.73
CA MET A 230 50.96 51.25 112.85
C MET A 230 51.73 51.43 111.55
N ARG A 231 52.21 52.65 111.29
CA ARG A 231 53.09 52.87 110.16
C ARG A 231 54.53 52.80 110.65
N SER A 232 55.34 51.94 110.04
CA SER A 232 56.73 51.75 110.45
C SER A 232 57.52 51.12 109.33
N ASP A 233 58.80 51.46 109.24
CA ASP A 233 59.69 50.72 108.35
C ASP A 233 60.70 49.80 109.04
N ALA A 234 60.53 49.58 110.35
CA ALA A 234 61.44 48.70 111.10
C ALA A 234 61.25 47.23 110.70
N PRO A 235 62.35 46.48 110.53
CA PRO A 235 62.20 45.05 110.25
C PRO A 235 61.61 44.30 111.45
N ILE A 236 61.02 43.13 111.20
N ILE A 236 60.88 43.23 111.17
CA ILE A 236 60.43 42.31 112.28
CA ILE A 236 60.40 42.36 112.23
C ILE A 236 61.29 41.08 112.65
C ILE A 236 61.56 41.44 112.55
N ASP A 237 61.81 41.09 113.87
N ASP A 237 61.55 40.87 113.74
CA ASP A 237 62.75 40.09 114.38
CA ASP A 237 62.53 39.86 114.11
C ASP A 237 62.08 39.07 115.31
C ASP A 237 62.01 38.99 115.23
N THR A 238 62.75 37.95 115.55
CA THR A 238 62.29 36.95 116.51
C THR A 238 62.90 37.23 117.89
N CYS A 239 62.07 37.76 118.78
CA CYS A 239 62.49 38.22 120.09
C CYS A 239 61.22 38.62 120.84
N ILE A 240 61.36 38.99 122.11
CA ILE A 240 60.19 39.25 122.95
C ILE A 240 60.23 40.67 123.52
N SER A 241 59.15 41.42 123.29
CA SER A 241 58.97 42.73 123.92
C SER A 241 57.51 43.16 123.97
N GLU A 242 57.06 43.62 125.14
CA GLU A 242 55.68 44.05 125.32
C GLU A 242 55.38 45.36 124.61
N CYS A 243 56.39 46.22 124.48
CA CYS A 243 56.16 47.57 123.96
C CYS A 243 56.74 47.75 122.56
N ILE A 244 55.89 48.21 121.65
CA ILE A 244 56.27 48.41 120.26
C ILE A 244 56.08 49.87 119.84
N THR A 245 57.10 50.43 119.20
CA THR A 245 56.97 51.76 118.62
C THR A 245 57.31 51.64 117.15
N PRO A 246 56.99 52.67 116.35
CA PRO A 246 57.36 52.59 114.94
C PRO A 246 58.87 52.51 114.72
N ASN A 247 59.62 52.99 115.71
CA ASN A 247 61.08 52.95 115.72
C ASN A 247 61.68 51.59 116.04
N GLY A 248 60.84 50.67 116.52
CA GLY A 248 61.30 49.41 117.07
C GLY A 248 60.73 49.15 118.44
N SER A 249 60.94 47.93 118.93
CA SER A 249 60.53 47.59 120.28
C SER A 249 61.38 48.37 121.27
N ILE A 250 60.83 48.64 122.44
CA ILE A 250 61.64 49.21 123.51
C ILE A 250 61.34 48.49 124.83
N PRO A 251 62.33 48.41 125.72
CA PRO A 251 62.09 47.92 127.09
C PRO A 251 61.04 48.73 127.82
N ASN A 252 60.30 48.12 128.73
CA ASN A 252 59.28 48.83 129.50
C ASN A 252 59.55 48.75 130.99
N ASP A 253 60.82 48.58 131.36
CA ASP A 253 61.23 48.59 132.76
C ASP A 253 61.22 50.00 133.35
N LYS A 254 61.43 51.00 132.50
CA LYS A 254 61.39 52.38 132.95
C LYS A 254 59.98 52.95 132.81
N PRO A 255 59.63 53.92 133.65
CA PRO A 255 58.28 54.50 133.67
C PRO A 255 58.02 55.45 132.49
N PHE A 256 59.09 55.99 131.91
CA PHE A 256 58.98 56.95 130.81
C PHE A 256 59.83 56.58 129.59
N GLN A 257 59.51 57.18 128.46
CA GLN A 257 60.27 56.96 127.22
C GLN A 257 60.26 58.18 126.30
N ASN A 258 61.32 58.31 125.50
CA ASN A 258 61.43 59.43 124.56
C ASN A 258 61.67 58.99 123.11
N VAL A 259 61.26 57.76 122.78
CA VAL A 259 61.49 57.21 121.44
C VAL A 259 60.45 57.68 120.41
N ASN A 260 59.17 57.51 120.74
CA ASN A 260 58.07 57.89 119.86
C ASN A 260 56.77 58.00 120.65
N LYS A 261 55.99 59.03 120.35
CA LYS A 261 54.65 59.18 120.93
C LYS A 261 53.64 58.12 120.45
N ILE A 262 53.90 57.49 119.30
CA ILE A 262 53.07 56.39 118.82
C ILE A 262 53.55 55.09 119.47
N THR A 263 52.68 54.42 120.22
CA THR A 263 53.05 53.14 120.82
C THR A 263 51.93 52.12 120.87
N TYR A 264 52.31 50.86 121.08
CA TYR A 264 51.34 49.77 121.20
C TYR A 264 51.81 48.77 122.26
N GLY A 265 50.92 48.46 123.19
CA GLY A 265 51.18 47.43 124.20
C GLY A 265 51.42 48.07 125.55
N ALA A 266 52.08 47.33 126.44
CA ALA A 266 52.41 47.84 127.76
C ALA A 266 53.70 48.68 127.70
N CYS A 267 53.54 49.99 127.61
CA CYS A 267 54.63 50.87 127.21
C CYS A 267 54.82 51.96 128.25
N PRO A 268 56.08 52.38 128.43
CA PRO A 268 56.33 53.59 129.23
C PRO A 268 55.62 54.79 128.60
N LYS A 269 55.37 55.81 129.42
CA LYS A 269 54.72 57.02 128.94
C LYS A 269 55.69 57.93 128.19
N TYR A 270 55.24 58.50 127.07
CA TYR A 270 56.09 59.35 126.26
C TYR A 270 56.29 60.72 126.90
N VAL A 271 57.55 61.14 126.99
CA VAL A 271 57.88 62.48 127.47
C VAL A 271 58.88 63.14 126.53
N VAL B 5 53.06 31.36 -17.75
CA VAL B 5 51.65 31.43 -17.37
C VAL B 5 50.73 30.96 -18.50
N GLN B 6 50.00 29.89 -18.25
CA GLN B 6 48.97 29.43 -19.18
C GLN B 6 47.76 30.36 -19.05
N SER B 7 47.43 31.07 -20.12
CA SER B 7 46.38 32.08 -20.07
C SER B 7 45.19 31.85 -21.00
N SER B 8 45.23 30.76 -21.79
CA SER B 8 44.14 30.46 -22.70
C SER B 8 43.60 29.04 -22.55
N SER B 9 42.35 28.85 -22.99
CA SER B 9 41.76 27.52 -23.07
C SER B 9 41.04 27.41 -24.40
N THR B 10 40.94 26.19 -24.93
CA THR B 10 40.12 25.92 -26.10
C THR B 10 38.64 26.17 -25.80
N GLY B 11 38.26 26.06 -24.54
CA GLY B 11 36.87 26.24 -24.14
C GLY B 11 36.15 24.91 -24.08
N LYS B 12 36.90 23.81 -24.24
CA LYS B 12 36.31 22.49 -24.18
C LYS B 12 37.02 21.58 -23.17
N ILE B 13 36.23 20.78 -22.45
CA ILE B 13 36.77 19.76 -21.56
C ILE B 13 37.07 18.48 -22.32
N CYS B 14 38.33 18.04 -22.27
CA CYS B 14 38.77 16.80 -22.90
C CYS B 14 38.34 15.56 -22.11
N ASN B 15 37.80 14.57 -22.81
CA ASN B 15 37.29 13.35 -22.16
C ASN B 15 38.34 12.29 -21.84
N ASN B 16 39.61 12.57 -22.11
CA ASN B 16 40.70 11.72 -21.71
C ASN B 16 41.82 12.55 -21.10
N PRO B 17 42.60 11.96 -20.18
CA PRO B 17 42.50 10.56 -19.79
C PRO B 17 41.51 10.29 -18.66
N HIS B 18 40.94 11.35 -18.09
CA HIS B 18 40.06 11.22 -16.94
C HIS B 18 38.65 10.86 -17.36
N ARG B 19 37.97 10.05 -16.55
CA ARG B 19 36.58 9.72 -16.83
C ARG B 19 35.67 10.87 -16.43
N ILE B 20 35.08 11.49 -17.45
CA ILE B 20 34.22 12.64 -17.26
C ILE B 20 32.80 12.14 -17.34
N LEU B 21 31.96 12.53 -16.39
CA LEU B 21 30.54 12.19 -16.48
C LEU B 21 29.77 13.50 -16.56
N ASP B 22 29.13 13.73 -17.71
CA ASP B 22 28.35 14.96 -17.92
C ASP B 22 26.96 14.81 -17.30
N GLY B 23 26.63 15.67 -16.34
CA GLY B 23 25.38 15.60 -15.63
C GLY B 23 24.15 16.03 -16.43
N ILE B 24 24.38 16.74 -17.53
CA ILE B 24 23.28 17.24 -18.37
C ILE B 24 22.20 17.98 -17.57
N ASP B 25 20.99 17.44 -17.53
CA ASP B 25 19.87 18.09 -16.83
C ASP B 25 19.83 17.77 -15.33
N CYS B 26 20.83 17.07 -14.82
CA CYS B 26 20.79 16.59 -13.44
C CYS B 26 21.94 17.09 -12.59
N THR B 27 21.62 17.45 -11.34
CA THR B 27 22.63 17.64 -10.31
C THR B 27 23.03 16.28 -9.78
N LEU B 28 24.18 16.22 -9.09
CA LEU B 28 24.65 14.98 -8.49
C LEU B 28 23.74 14.44 -7.40
N ILE B 29 23.16 15.33 -6.60
CA ILE B 29 22.24 14.94 -5.55
C ILE B 29 20.96 14.32 -6.12
N ASP B 30 20.44 14.89 -7.21
CA ASP B 30 19.27 14.31 -7.89
C ASP B 30 19.55 12.92 -8.48
N ALA B 31 20.78 12.70 -8.96
CA ALA B 31 21.18 11.39 -9.44
C ALA B 31 21.26 10.41 -8.27
N LEU B 32 21.79 10.87 -7.14
CA LEU B 32 21.91 10.04 -5.96
C LEU B 32 20.54 9.54 -5.51
N LEU B 33 19.60 10.46 -5.33
CA LEU B 33 18.28 10.12 -4.81
C LEU B 33 17.48 9.30 -5.81
N GLY B 34 17.69 9.55 -7.09
CA GLY B 34 16.98 8.80 -8.12
C GLY B 34 15.75 9.54 -8.62
N ASP B 35 15.85 10.87 -8.71
CA ASP B 35 14.88 11.66 -9.48
C ASP B 35 14.68 10.98 -10.83
N PRO B 36 13.42 10.71 -11.22
CA PRO B 36 13.18 9.91 -12.43
C PRO B 36 13.90 10.35 -13.71
N HIS B 37 13.96 11.65 -14.02
CA HIS B 37 14.61 12.05 -15.27
C HIS B 37 16.14 11.92 -15.18
N CYS B 38 16.61 11.60 -13.98
CA CYS B 38 18.02 11.34 -13.72
C CYS B 38 18.38 9.87 -13.54
N ASP B 39 17.41 8.97 -13.66
CA ASP B 39 17.71 7.56 -13.36
C ASP B 39 18.64 6.89 -14.38
N VAL B 40 18.92 7.56 -15.48
N VAL B 40 18.87 7.53 -15.51
CA VAL B 40 19.90 7.10 -16.46
CA VAL B 40 19.90 7.12 -16.46
C VAL B 40 21.33 7.13 -15.90
C VAL B 40 21.28 6.99 -15.80
N PHE B 41 21.51 7.77 -14.75
CA PHE B 41 22.80 7.79 -14.05
C PHE B 41 22.99 6.71 -12.99
N GLN B 42 22.03 5.82 -12.86
CA GLN B 42 22.13 4.75 -11.88
C GLN B 42 23.41 3.94 -12.01
N ASN B 43 24.09 3.75 -10.88
CA ASN B 43 25.31 2.94 -10.83
C ASN B 43 26.51 3.49 -11.62
N GLU B 44 26.47 4.76 -11.98
CA GLU B 44 27.53 5.35 -12.77
C GLU B 44 28.76 5.65 -11.90
N THR B 45 29.91 5.83 -12.55
CA THR B 45 31.15 6.18 -11.86
C THR B 45 31.84 7.34 -12.60
N TRP B 46 32.77 8.01 -11.93
CA TRP B 46 33.45 9.16 -12.55
C TRP B 46 34.74 9.45 -11.81
N ASP B 47 35.70 10.05 -12.51
CA ASP B 47 36.79 10.78 -11.86
C ASP B 47 36.32 12.21 -11.62
N LEU B 48 35.69 12.82 -12.62
CA LEU B 48 35.12 14.15 -12.46
C LEU B 48 33.65 14.22 -12.91
N PHE B 49 32.77 14.57 -11.98
CA PHE B 49 31.37 14.80 -12.30
C PHE B 49 31.21 16.27 -12.66
N VAL B 50 30.57 16.55 -13.80
CA VAL B 50 30.38 17.93 -14.26
C VAL B 50 28.92 18.37 -14.18
N GLU B 51 28.60 19.31 -13.27
CA GLU B 51 27.26 19.85 -13.16
C GLU B 51 27.04 21.08 -14.02
N ARG B 52 25.92 21.08 -14.74
CA ARG B 52 25.56 22.14 -15.66
C ARG B 52 24.58 23.09 -14.96
N SER B 53 24.66 24.36 -15.31
CA SER B 53 23.77 25.37 -14.72
C SER B 53 22.31 25.12 -15.10
N LYS B 54 22.06 24.37 -16.17
CA LYS B 54 20.68 24.12 -16.58
C LYS B 54 19.96 23.00 -15.83
N ALA B 55 20.63 22.34 -14.89
CA ALA B 55 20.01 21.22 -14.18
C ALA B 55 18.77 21.69 -13.42
N PHE B 56 17.77 20.81 -13.29
CA PHE B 56 16.58 21.13 -12.53
C PHE B 56 16.09 19.85 -11.87
N SER B 57 15.38 19.99 -10.76
CA SER B 57 14.71 18.89 -10.09
C SER B 57 13.28 18.80 -10.60
N ASN B 58 12.75 17.59 -10.65
CA ASN B 58 11.39 17.37 -11.11
C ASN B 58 10.67 16.24 -10.37
N CYS B 59 10.85 16.21 -9.06
CA CYS B 59 10.27 15.16 -8.24
C CYS B 59 9.70 15.84 -7.00
N TYR B 60 9.58 15.12 -5.89
CA TYR B 60 8.96 15.71 -4.72
C TYR B 60 9.88 16.82 -4.25
N PRO B 61 9.31 17.98 -3.89
CA PRO B 61 10.20 19.06 -3.48
C PRO B 61 10.90 18.76 -2.17
N TYR B 62 12.20 19.01 -2.13
CA TYR B 62 13.00 18.54 -1.03
C TYR B 62 14.08 19.55 -0.71
N ASP B 63 14.62 19.44 0.49
CA ASP B 63 15.87 20.11 0.83
C ASP B 63 16.81 19.16 1.56
N VAL B 64 18.07 19.56 1.59
CA VAL B 64 19.17 18.86 2.24
C VAL B 64 19.70 19.96 3.12
N PRO B 65 19.47 19.86 4.44
CA PRO B 65 20.09 20.82 5.37
C PRO B 65 21.62 20.98 5.27
N ASP B 66 22.37 19.96 4.87
CA ASP B 66 23.84 20.05 4.84
C ASP B 66 24.23 19.60 3.45
N TYR B 67 23.46 20.08 2.48
CA TYR B 67 23.72 19.86 1.06
C TYR B 67 25.15 20.02 0.55
N ALA B 68 25.87 21.06 0.92
CA ALA B 68 27.18 21.23 0.31
C ALA B 68 28.05 20.03 0.69
N SER B 69 27.87 19.58 1.93
CA SER B 69 28.65 18.46 2.46
C SER B 69 28.30 17.09 1.88
N LEU B 70 27.01 16.82 1.70
CA LEU B 70 26.61 15.54 1.12
C LEU B 70 27.16 15.45 -0.30
N ARG B 71 26.98 16.55 -1.04
CA ARG B 71 27.49 16.66 -2.40
C ARG B 71 28.97 16.42 -2.44
N SER B 72 29.71 17.01 -1.51
CA SER B 72 31.15 16.83 -1.51
C SER B 72 31.53 15.36 -1.29
N LEU B 73 30.95 14.69 -0.30
CA LEU B 73 31.44 13.34 0.03
C LEU B 73 31.04 12.30 -1.01
N VAL B 74 29.87 12.46 -1.63
CA VAL B 74 29.47 11.57 -2.73
C VAL B 74 30.33 11.81 -3.95
N ALA B 75 30.60 13.09 -4.23
CA ALA B 75 31.39 13.48 -5.39
C ALA B 75 32.76 12.87 -5.24
N SER B 76 33.23 12.88 -3.99
CA SER B 76 34.55 12.39 -3.62
C SER B 76 34.62 10.87 -3.70
N SER B 77 33.54 10.19 -3.37
CA SER B 77 33.47 8.74 -3.49
C SER B 77 33.62 8.27 -4.95
N GLY B 78 33.02 9.02 -5.87
CA GLY B 78 33.26 8.82 -7.29
C GLY B 78 32.44 7.70 -7.89
N THR B 79 31.42 7.26 -7.17
CA THR B 79 30.54 6.21 -7.66
C THR B 79 29.17 6.36 -7.03
N LEU B 80 28.16 5.93 -7.77
CA LEU B 80 26.80 5.79 -7.25
C LEU B 80 26.37 4.34 -7.09
N GLU B 81 27.32 3.41 -7.01
CA GLU B 81 26.96 2.02 -6.83
C GLU B 81 26.04 1.83 -5.63
N PHE B 82 24.88 1.22 -5.88
CA PHE B 82 23.85 1.07 -4.87
C PHE B 82 23.44 -0.40 -4.76
N ILE B 83 23.25 -0.83 -3.52
CA ILE B 83 22.92 -2.22 -3.20
C ILE B 83 21.65 -2.23 -2.36
N THR B 84 20.60 -2.86 -2.89
CA THR B 84 19.36 -2.98 -2.16
C THR B 84 19.50 -3.94 -1.00
N GLU B 85 18.89 -3.58 0.12
CA GLU B 85 18.82 -4.47 1.27
C GLU B 85 17.37 -4.76 1.60
N GLY B 86 17.13 -5.92 2.22
CA GLY B 86 15.78 -6.35 2.49
C GLY B 86 15.26 -5.81 3.82
N PHE B 87 15.08 -4.50 3.91
CA PHE B 87 14.42 -3.95 5.08
C PHE B 87 13.02 -4.52 5.17
N THR B 88 12.58 -4.77 6.39
CA THR B 88 11.21 -5.19 6.65
C THR B 88 10.45 -4.08 7.36
N TRP B 89 9.31 -3.68 6.81
CA TRP B 89 8.55 -2.57 7.39
C TRP B 89 7.16 -3.02 7.79
N THR B 90 7.05 -3.52 9.02
CA THR B 90 5.83 -4.18 9.46
C THR B 90 4.77 -3.16 9.86
N GLY B 91 3.59 -3.32 9.26
CA GLY B 91 2.40 -2.60 9.67
C GLY B 91 2.27 -1.23 9.00
N VAL B 92 3.04 -1.00 7.94
CA VAL B 92 2.90 0.21 7.14
C VAL B 92 2.76 -0.08 5.65
N THR B 93 2.23 0.89 4.90
CA THR B 93 2.15 0.81 3.45
C THR B 93 3.42 1.36 2.81
N GLN B 94 3.98 0.64 1.85
CA GLN B 94 5.22 1.07 1.20
C GLN B 94 5.02 1.71 -0.17
N ASN B 95 6.10 2.28 -0.69
CA ASN B 95 6.16 2.72 -2.10
C ASN B 95 5.24 3.88 -2.44
N GLY B 96 5.08 4.83 -1.52
CA GLY B 96 4.25 5.98 -1.80
C GLY B 96 4.82 6.75 -2.97
N GLY B 97 3.95 7.40 -3.73
CA GLY B 97 4.37 8.17 -4.88
C GLY B 97 3.57 9.44 -5.05
N SER B 98 3.91 10.23 -6.05
CA SER B 98 3.34 11.56 -6.20
C SER B 98 3.28 11.97 -7.65
N ASN B 99 2.27 12.75 -8.01
CA ASN B 99 2.21 13.30 -9.35
C ASN B 99 3.20 14.44 -9.55
N ALA B 100 3.88 14.79 -8.46
CA ALA B 100 4.99 15.72 -8.54
C ALA B 100 6.20 14.98 -9.04
N CYS B 101 6.13 13.65 -9.02
CA CYS B 101 7.27 12.86 -9.42
C CYS B 101 6.83 11.72 -10.30
N LYS B 102 6.31 12.04 -11.49
CA LYS B 102 5.81 10.99 -12.37
C LYS B 102 6.99 10.20 -12.87
N ARG B 103 6.80 8.90 -12.98
CA ARG B 103 7.80 7.99 -13.51
C ARG B 103 7.05 7.27 -14.61
N GLY B 104 7.34 7.63 -15.86
CA GLY B 104 6.50 7.22 -16.96
C GLY B 104 5.16 7.92 -16.79
N PRO B 105 4.05 7.25 -17.16
CA PRO B 105 2.80 8.01 -17.10
C PRO B 105 2.23 8.22 -15.70
N GLY B 106 2.53 7.33 -14.76
CA GLY B 106 1.94 7.42 -13.43
C GLY B 106 2.77 8.14 -12.39
N SER B 107 2.16 8.38 -11.23
CA SER B 107 2.85 8.89 -10.06
C SER B 107 4.02 7.98 -9.69
N GLY B 108 5.05 8.55 -9.09
CA GLY B 108 6.22 7.80 -8.69
C GLY B 108 6.98 8.54 -7.61
N PHE B 109 8.23 8.16 -7.37
CA PHE B 109 9.00 8.74 -6.28
C PHE B 109 10.48 8.52 -6.53
N PHE B 110 11.33 9.12 -5.71
CA PHE B 110 12.76 8.87 -5.81
C PHE B 110 12.96 7.37 -5.78
N SER B 111 13.83 6.87 -6.65
CA SER B 111 14.04 5.44 -6.79
C SER B 111 14.75 4.82 -5.59
N ARG B 112 15.53 5.62 -4.87
CA ARG B 112 16.37 5.08 -3.80
C ARG B 112 15.72 5.23 -2.43
N LEU B 113 14.53 5.81 -2.42
CA LEU B 113 13.81 6.09 -1.19
C LEU B 113 12.44 5.41 -1.19
N ASN B 114 11.88 5.20 -0.01
CA ASN B 114 10.67 4.40 0.15
C ASN B 114 9.71 5.16 1.05
N TRP B 115 8.67 5.76 0.47
CA TRP B 115 7.76 6.60 1.25
C TRP B 115 6.72 5.75 1.99
N LEU B 116 6.88 5.65 3.31
CA LEU B 116 5.99 4.83 4.12
C LEU B 116 4.83 5.63 4.68
N THR B 117 3.64 5.06 4.62
CA THR B 117 2.47 5.66 5.23
C THR B 117 1.70 4.62 6.04
N LYS B 118 0.62 5.05 6.68
CA LYS B 118 -0.16 4.16 7.52
C LYS B 118 -0.70 2.99 6.70
N SER B 119 -0.98 1.89 7.39
CA SER B 119 -1.69 0.76 6.82
C SER B 119 -2.95 0.55 7.65
N GLY B 120 -4.10 0.55 6.97
CA GLY B 120 -5.38 0.61 7.65
C GLY B 120 -5.55 1.93 8.39
N SER B 121 -5.75 1.86 9.70
CA SER B 121 -5.97 3.06 10.50
C SER B 121 -4.83 3.26 11.48
N THR B 122 -3.70 2.59 11.27
CA THR B 122 -2.59 2.67 12.21
C THR B 122 -1.23 2.79 11.56
N TYR B 123 -0.29 3.35 12.31
CA TYR B 123 1.12 3.40 11.92
C TYR B 123 1.91 3.05 13.17
N PRO B 124 2.47 1.83 13.24
CA PRO B 124 3.15 1.39 14.46
C PRO B 124 4.51 2.03 14.62
N VAL B 125 5.14 1.80 15.76
CA VAL B 125 6.52 2.23 15.93
C VAL B 125 7.40 1.29 15.12
N LEU B 126 7.99 1.79 14.05
CA LEU B 126 8.98 1.04 13.30
C LEU B 126 10.28 0.99 14.06
N ASN B 127 10.90 -0.18 14.04
CA ASN B 127 12.14 -0.43 14.75
C ASN B 127 12.88 -1.55 14.05
N VAL B 128 13.79 -1.18 13.15
CA VAL B 128 14.47 -2.16 12.32
C VAL B 128 15.98 -1.95 12.38
N THR B 129 16.72 -3.03 12.16
CA THR B 129 18.19 -2.96 12.21
C THR B 129 18.83 -3.60 10.99
N MET B 130 20.01 -3.13 10.63
CA MET B 130 20.74 -3.66 9.48
C MET B 130 22.23 -3.65 9.77
N PRO B 131 22.82 -4.83 10.02
CA PRO B 131 24.25 -4.86 10.35
C PRO B 131 25.15 -4.70 9.13
N ASN B 132 26.32 -4.09 9.32
CA ASN B 132 27.35 -4.06 8.31
C ASN B 132 28.36 -5.17 8.55
N ASN B 133 28.23 -6.27 7.81
CA ASN B 133 29.14 -7.39 7.93
C ASN B 133 30.09 -7.43 6.75
N ASP B 134 30.15 -6.31 6.04
CA ASP B 134 31.05 -6.13 4.92
C ASP B 134 32.31 -5.43 5.40
N ASN B 135 33.30 -5.27 4.53
CA ASN B 135 34.55 -4.62 4.91
C ASN B 135 34.72 -3.23 4.26
N PHE B 136 33.61 -2.61 3.89
CA PHE B 136 33.60 -1.21 3.45
C PHE B 136 32.53 -0.39 4.18
N ASP B 137 32.64 0.94 4.11
CA ASP B 137 31.63 1.81 4.70
C ASP B 137 30.39 1.89 3.82
N LYS B 138 29.23 1.89 4.46
CA LYS B 138 27.96 2.02 3.75
C LYS B 138 27.41 3.41 4.02
N LEU B 139 26.94 4.07 2.96
CA LEU B 139 26.23 5.34 3.11
C LEU B 139 24.73 5.10 2.93
N TYR B 140 23.97 5.38 3.99
CA TYR B 140 22.51 5.34 3.96
C TYR B 140 21.92 6.74 3.82
N ILE B 141 21.06 6.88 2.81
CA ILE B 141 20.31 8.12 2.60
C ILE B 141 18.86 7.89 2.98
N TRP B 142 18.30 8.78 3.81
CA TRP B 142 16.94 8.62 4.29
C TRP B 142 16.32 10.00 4.43
N GLY B 143 15.06 10.08 4.82
CA GLY B 143 14.40 11.37 4.84
C GLY B 143 13.26 11.49 5.82
N VAL B 144 12.74 12.70 5.90
CA VAL B 144 11.63 13.03 6.79
C VAL B 144 10.64 13.89 6.03
N HIS B 145 9.37 13.50 6.04
CA HIS B 145 8.34 14.28 5.35
C HIS B 145 7.81 15.35 6.30
N HIS B 146 7.73 16.59 5.82
CA HIS B 146 7.07 17.64 6.58
C HIS B 146 5.75 18.03 5.95
N PRO B 147 4.64 17.57 6.54
CA PRO B 147 3.31 17.92 6.01
C PRO B 147 3.00 19.39 6.22
N SER B 148 2.15 19.93 5.36
CA SER B 148 1.77 21.34 5.46
C SER B 148 0.66 21.60 6.48
N THR B 149 -0.15 20.59 6.78
CA THR B 149 -1.25 20.78 7.74
C THR B 149 -1.34 19.59 8.67
N ASN B 150 -2.02 19.79 9.80
CA ASN B 150 -2.27 18.70 10.74
C ASN B 150 -3.16 17.61 10.14
N GLN B 151 -4.10 18.00 9.27
CA GLN B 151 -4.96 17.02 8.59
C GLN B 151 -4.16 16.04 7.77
N GLU B 152 -3.20 16.60 7.07
CA GLU B 152 -2.28 15.86 6.25
C GLU B 152 -1.44 14.92 7.12
N GLN B 153 -0.92 15.47 8.21
CA GLN B 153 -0.10 14.69 9.13
C GLN B 153 -0.84 13.44 9.62
N THR B 154 -2.10 13.59 10.02
CA THR B 154 -2.81 12.48 10.63
C THR B 154 -3.31 11.51 9.57
N SER B 155 -3.63 12.02 8.38
CA SER B 155 -4.11 11.18 7.30
C SER B 155 -3.02 10.21 6.87
N LEU B 156 -1.78 10.70 6.83
CA LEU B 156 -0.66 9.87 6.37
C LEU B 156 -0.10 8.99 7.48
N TYR B 157 0.06 9.52 8.68
CA TYR B 157 0.93 8.91 9.67
C TYR B 157 0.21 8.61 10.99
N VAL B 158 -1.06 9.01 11.05
CA VAL B 158 -1.91 8.78 12.22
C VAL B 158 -1.48 9.60 13.44
N GLN B 159 -0.25 9.42 13.90
CA GLN B 159 0.26 10.23 15.00
C GLN B 159 0.23 11.71 14.66
N ALA B 160 -0.08 12.52 15.66
CA ALA B 160 -0.20 13.97 15.47
C ALA B 160 1.18 14.56 15.29
N SER B 161 2.20 13.87 15.80
CA SER B 161 3.56 14.30 15.59
C SER B 161 4.43 13.08 15.40
N GLY B 162 5.26 13.10 14.36
CA GLY B 162 6.10 11.96 14.09
C GLY B 162 7.48 12.16 14.66
N ARG B 163 8.36 11.23 14.36
CA ARG B 163 9.75 11.30 14.80
C ARG B 163 10.54 10.29 14.00
N VAL B 164 11.74 10.65 13.59
CA VAL B 164 12.64 9.68 12.96
C VAL B 164 14.00 9.70 13.65
N THR B 165 14.47 8.54 14.09
CA THR B 165 15.77 8.47 14.72
C THR B 165 16.61 7.43 14.01
N VAL B 166 17.76 7.84 13.48
CA VAL B 166 18.63 6.89 12.82
C VAL B 166 19.96 7.01 13.53
N SER B 167 20.52 5.87 13.91
CA SER B 167 21.72 5.87 14.73
C SER B 167 22.65 4.70 14.41
N THR B 168 23.91 4.86 14.81
CA THR B 168 24.86 3.75 14.83
C THR B 168 25.30 3.57 16.28
N ARG B 169 26.33 2.76 16.50
N ARG B 169 26.36 2.79 16.50
CA ARG B 169 26.81 2.50 17.85
CA ARG B 169 26.79 2.49 17.85
C ARG B 169 27.18 3.83 18.49
C ARG B 169 27.46 3.68 18.53
N ARG B 170 27.88 4.68 17.74
CA ARG B 170 28.47 5.89 18.31
C ARG B 170 27.94 7.22 17.76
N SER B 171 26.85 7.19 17.00
CA SER B 171 26.26 8.42 16.48
C SER B 171 24.74 8.31 16.51
N GLN B 172 24.05 9.44 16.55
CA GLN B 172 22.59 9.43 16.48
C GLN B 172 22.02 10.75 15.97
N GLN B 173 20.92 10.65 15.24
CA GLN B 173 20.19 11.81 14.74
C GLN B 173 18.72 11.55 14.99
N THR B 174 18.09 12.46 15.68
CA THR B 174 16.65 12.42 15.88
C THR B 174 16.13 13.68 15.22
N ILE B 175 15.14 13.49 14.36
CA ILE B 175 14.53 14.56 13.61
C ILE B 175 13.07 14.67 13.92
N ILE B 176 12.64 15.88 14.22
CA ILE B 176 11.25 16.15 14.46
C ILE B 176 10.72 16.85 13.24
N PRO B 177 9.69 16.27 12.61
CA PRO B 177 9.11 16.93 11.43
C PRO B 177 8.48 18.26 11.84
N ASN B 178 8.39 19.18 10.90
CA ASN B 178 7.79 20.48 11.15
C ASN B 178 6.60 20.79 10.27
N ILE B 179 5.43 20.86 10.89
CA ILE B 179 4.22 21.07 10.12
C ILE B 179 4.03 22.55 9.82
N GLY B 180 3.65 22.87 8.59
CA GLY B 180 3.31 24.22 8.21
C GLY B 180 3.51 24.38 6.72
N SER B 181 3.00 25.46 6.17
CA SER B 181 3.16 25.72 4.75
C SER B 181 4.52 26.31 4.44
N ARG B 182 5.12 25.86 3.34
CA ARG B 182 6.25 26.55 2.75
C ARG B 182 5.78 27.12 1.43
N PRO B 183 6.65 27.90 0.77
CA PRO B 183 6.21 28.43 -0.52
C PRO B 183 5.85 27.32 -1.51
N TRP B 184 4.77 27.52 -2.24
CA TRP B 184 4.32 26.59 -3.27
C TRP B 184 5.39 26.25 -4.31
N VAL B 185 5.68 24.96 -4.42
CA VAL B 185 6.59 24.48 -5.45
C VAL B 185 5.92 23.31 -6.14
N ARG B 186 5.76 23.47 -7.46
CA ARG B 186 5.06 22.50 -8.31
C ARG B 186 3.78 22.04 -7.61
N GLY B 187 2.98 22.99 -7.11
CA GLY B 187 1.69 22.65 -6.54
C GLY B 187 1.69 22.24 -5.08
N LEU B 188 2.84 22.16 -4.44
CA LEU B 188 2.95 21.55 -3.11
C LEU B 188 3.58 22.50 -2.08
N SER B 189 2.99 22.53 -0.89
N SER B 189 3.00 22.53 -0.88
CA SER B 189 3.49 23.33 0.22
CA SER B 189 3.58 23.31 0.21
C SER B 189 4.18 22.46 1.27
C SER B 189 4.38 22.44 1.17
N SER B 190 4.28 21.17 1.01
N SER B 190 4.20 21.13 1.09
CA SER B 190 4.99 20.26 1.88
CA SER B 190 4.97 20.20 1.92
C SER B 190 6.42 20.05 1.39
C SER B 190 6.40 20.02 1.40
N ARG B 191 7.22 19.37 2.20
CA ARG B 191 8.63 19.15 1.88
C ARG B 191 9.15 17.82 2.39
N ILE B 192 10.25 17.35 1.79
CA ILE B 192 11.03 16.26 2.36
C ILE B 192 12.41 16.81 2.69
N SER B 193 12.93 16.48 3.87
CA SER B 193 14.30 16.79 4.21
C SER B 193 15.16 15.54 4.15
N ILE B 194 16.32 15.65 3.51
CA ILE B 194 17.18 14.49 3.30
C ILE B 194 18.35 14.53 4.28
N TYR B 195 18.59 13.37 4.90
CA TYR B 195 19.68 13.17 5.85
C TYR B 195 20.49 11.95 5.42
N TRP B 196 21.67 11.77 6.00
N TRP B 196 21.68 11.80 5.99
CA TRP B 196 22.48 10.61 5.67
CA TRP B 196 22.56 10.68 5.68
C TRP B 196 23.23 10.11 6.90
C TRP B 196 23.19 10.10 6.95
N THR B 197 23.61 8.83 6.88
CA THR B 197 24.27 8.19 8.01
C THR B 197 25.28 7.23 7.44
N ILE B 198 26.51 7.29 7.95
CA ILE B 198 27.53 6.34 7.53
C ILE B 198 27.70 5.24 8.57
N VAL B 199 27.77 4.00 8.11
CA VAL B 199 27.87 2.86 9.00
C VAL B 199 29.14 2.11 8.66
N LYS B 200 30.04 1.99 9.62
CA LYS B 200 31.31 1.30 9.39
C LYS B 200 31.22 -0.20 9.57
N PRO B 201 32.20 -0.93 9.03
CA PRO B 201 32.27 -2.38 9.20
C PRO B 201 32.21 -2.74 10.69
N GLY B 202 31.41 -3.76 11.01
CA GLY B 202 31.25 -4.20 12.39
C GLY B 202 30.23 -3.37 13.15
N ASP B 203 29.81 -2.25 12.57
CA ASP B 203 28.75 -1.43 13.15
C ASP B 203 27.41 -1.85 12.58
N VAL B 204 26.36 -1.12 12.95
CA VAL B 204 24.99 -1.48 12.61
C VAL B 204 24.16 -0.21 12.52
N LEU B 205 23.15 -0.22 11.65
CA LEU B 205 22.23 0.90 11.51
C LEU B 205 20.97 0.53 12.25
N VAL B 206 20.44 1.49 13.01
CA VAL B 206 19.12 1.32 13.58
C VAL B 206 18.23 2.47 13.19
N ILE B 207 17.04 2.14 12.71
CA ILE B 207 16.05 3.13 12.33
C ILE B 207 14.79 2.91 13.15
N ASN B 208 14.37 3.97 13.83
CA ASN B 208 13.22 3.90 14.70
C ASN B 208 12.33 5.10 14.43
N SER B 209 11.10 4.85 14.01
CA SER B 209 10.21 5.95 13.68
C SER B 209 8.76 5.62 13.96
N ASN B 210 8.00 6.61 14.42
CA ASN B 210 6.55 6.43 14.53
C ASN B 210 5.80 7.42 13.61
N GLY B 211 6.43 7.77 12.49
CA GLY B 211 5.79 8.56 11.46
C GLY B 211 6.76 9.46 10.71
N ASN B 212 6.43 9.77 9.47
CA ASN B 212 7.14 10.77 8.66
C ASN B 212 8.48 10.26 8.13
N LEU B 213 8.77 8.99 8.34
CA LEU B 213 10.00 8.40 7.84
C LEU B 213 9.93 8.14 6.33
N ILE B 214 10.94 8.67 5.63
CA ILE B 214 11.20 8.30 4.24
C ILE B 214 12.36 7.31 4.28
N ALA B 215 12.06 6.03 4.11
CA ALA B 215 13.03 4.98 4.41
C ALA B 215 14.05 4.76 3.29
N PRO B 216 15.26 4.32 3.65
CA PRO B 216 16.24 3.85 2.67
C PRO B 216 15.85 2.49 2.08
N ARG B 217 16.33 2.21 0.87
CA ARG B 217 16.12 0.92 0.23
C ARG B 217 17.36 0.04 0.27
N GLY B 218 18.44 0.61 0.77
CA GLY B 218 19.74 -0.03 0.70
C GLY B 218 20.79 1.04 0.92
N TYR B 219 22.01 0.77 0.46
CA TYR B 219 23.11 1.68 0.72
C TYR B 219 23.98 1.93 -0.51
N PHE B 220 24.70 3.05 -0.50
CA PHE B 220 25.70 3.30 -1.52
C PHE B 220 27.06 2.84 -1.03
N LYS B 221 27.83 2.15 -1.86
CA LYS B 221 29.16 1.72 -1.46
C LYS B 221 30.10 2.91 -1.52
N MET B 222 30.78 3.20 -0.41
N MET B 222 30.83 3.15 -0.44
CA MET B 222 31.74 4.29 -0.37
CA MET B 222 31.74 4.29 -0.37
C MET B 222 33.13 3.84 -0.85
C MET B 222 33.19 3.93 -0.70
N ARG B 223 33.79 4.71 -1.58
CA ARG B 223 35.16 4.49 -2.01
C ARG B 223 35.99 5.70 -1.64
N THR B 224 37.31 5.54 -1.62
CA THR B 224 38.19 6.69 -1.51
C THR B 224 39.04 6.75 -2.76
N GLY B 225 39.46 7.96 -3.13
CA GLY B 225 40.25 8.13 -4.34
C GLY B 225 40.27 9.56 -4.82
N LYS B 226 40.45 9.72 -6.13
CA LYS B 226 40.74 11.02 -6.71
C LYS B 226 39.51 11.74 -7.29
N SER B 227 38.32 11.23 -7.02
CA SER B 227 37.13 11.78 -7.66
C SER B 227 36.72 13.13 -7.08
N SER B 228 36.09 13.96 -7.91
CA SER B 228 35.57 15.24 -7.48
C SER B 228 34.40 15.70 -8.36
N ILE B 229 34.01 16.97 -8.19
CA ILE B 229 32.88 17.53 -8.92
C ILE B 229 33.19 18.98 -9.31
N MET B 230 32.61 19.44 -10.41
CA MET B 230 32.84 20.79 -10.90
C MET B 230 31.62 21.41 -11.58
N ARG B 231 31.43 22.71 -11.39
CA ARG B 231 30.40 23.45 -12.10
C ARG B 231 31.03 24.11 -13.33
N SER B 232 30.46 23.82 -14.49
CA SER B 232 30.98 24.35 -15.76
C SER B 232 29.88 24.24 -16.81
N ASP B 233 29.85 25.18 -17.74
CA ASP B 233 28.99 25.03 -18.91
C ASP B 233 29.77 24.69 -20.20
N ALA B 234 31.05 24.36 -20.05
CA ALA B 234 31.90 24.03 -21.18
C ALA B 234 31.51 22.69 -21.82
N PRO B 235 31.48 22.62 -23.16
CA PRO B 235 31.21 21.34 -23.82
C PRO B 235 32.34 20.32 -23.61
N ILE B 236 32.03 19.03 -23.77
N ILE B 236 31.98 19.04 -23.59
CA ILE B 236 33.03 17.96 -23.62
CA ILE B 236 32.98 17.99 -23.57
C ILE B 236 33.50 17.34 -24.95
C ILE B 236 33.40 17.78 -25.01
N ASP B 237 34.77 17.54 -25.28
N ASP B 237 34.59 17.21 -25.20
CA ASP B 237 35.34 17.12 -26.57
CA ASP B 237 35.03 16.82 -26.53
C ASP B 237 36.18 15.84 -26.45
C ASP B 237 36.08 15.73 -26.43
N THR B 238 36.46 15.19 -27.58
CA THR B 238 37.34 14.03 -27.62
C THR B 238 38.78 14.44 -27.92
N CYS B 239 39.61 14.40 -26.88
CA CYS B 239 40.97 14.90 -26.93
C CYS B 239 41.62 14.56 -25.58
N ILE B 240 42.91 14.85 -25.42
CA ILE B 240 43.62 14.43 -24.22
C ILE B 240 44.25 15.62 -23.52
N SER B 241 43.93 15.78 -22.23
CA SER B 241 44.56 16.76 -21.37
C SER B 241 44.44 16.38 -19.89
N GLU B 242 45.55 16.47 -19.16
CA GLU B 242 45.56 16.14 -17.74
C GLU B 242 44.85 17.19 -16.87
N CYS B 243 44.84 18.45 -17.31
CA CYS B 243 44.32 19.53 -16.47
C CYS B 243 42.98 20.09 -16.95
N ILE B 244 42.01 20.12 -16.05
CA ILE B 244 40.65 20.59 -16.35
C ILE B 244 40.24 21.79 -15.49
N THR B 245 39.69 22.83 -16.12
CA THR B 245 39.11 23.96 -15.40
C THR B 245 37.67 24.13 -15.86
N PRO B 246 36.87 24.93 -15.14
CA PRO B 246 35.48 25.15 -15.59
C PRO B 246 35.39 25.83 -16.96
N ASN B 247 36.44 26.55 -17.33
CA ASN B 247 36.54 27.22 -18.62
C ASN B 247 36.88 26.26 -19.78
N GLY B 248 37.28 25.04 -19.45
CA GLY B 248 37.85 24.12 -20.42
C GLY B 248 39.19 23.55 -19.97
N SER B 249 39.67 22.56 -20.71
CA SER B 249 40.99 22.00 -20.44
C SER B 249 42.09 22.99 -20.75
N ILE B 250 43.22 22.87 -20.07
CA ILE B 250 44.40 23.65 -20.41
C ILE B 250 45.66 22.78 -20.42
N PRO B 251 46.64 23.12 -21.27
CA PRO B 251 47.98 22.51 -21.24
C PRO B 251 48.64 22.69 -19.88
N ASN B 252 49.48 21.75 -19.48
CA ASN B 252 50.20 21.86 -18.21
C ASN B 252 51.71 21.87 -18.36
N ASP B 253 52.18 22.33 -19.52
CA ASP B 253 53.61 22.50 -19.74
C ASP B 253 54.21 23.68 -18.98
N LYS B 254 53.40 24.71 -18.72
CA LYS B 254 53.86 25.86 -17.94
C LYS B 254 53.57 25.65 -16.45
N PRO B 255 54.39 26.28 -15.59
CA PRO B 255 54.26 26.09 -14.14
C PRO B 255 53.07 26.84 -13.53
N PHE B 256 52.60 27.88 -14.22
CA PHE B 256 51.50 28.69 -13.71
C PHE B 256 50.37 28.89 -14.71
N GLN B 257 49.20 29.30 -14.22
CA GLN B 257 48.05 29.59 -15.06
C GLN B 257 47.17 30.68 -14.46
N ASN B 258 46.46 31.41 -15.32
CA ASN B 258 45.56 32.48 -14.90
C ASN B 258 44.14 32.28 -15.45
N VAL B 259 43.79 31.03 -15.76
CA VAL B 259 42.49 30.73 -16.36
C VAL B 259 41.39 30.68 -15.30
N ASN B 260 41.61 29.88 -14.26
CA ASN B 260 40.63 29.72 -13.19
C ASN B 260 41.30 29.13 -11.95
N LYS B 261 40.96 29.65 -10.79
CA LYS B 261 41.44 29.09 -9.53
C LYS B 261 40.86 27.70 -9.23
N ILE B 262 39.73 27.38 -9.85
CA ILE B 262 39.16 26.04 -9.73
C ILE B 262 39.81 25.14 -10.76
N THR B 263 40.47 24.08 -10.31
CA THR B 263 41.09 23.13 -11.24
C THR B 263 41.02 21.69 -10.74
N TYR B 264 41.24 20.76 -11.66
CA TYR B 264 41.26 19.34 -11.33
C TYR B 264 42.33 18.60 -12.14
N GLY B 265 43.17 17.84 -11.44
CA GLY B 265 44.17 17.01 -12.09
C GLY B 265 45.56 17.58 -11.93
N ALA B 266 46.48 17.18 -12.80
CA ALA B 266 47.83 17.71 -12.75
C ALA B 266 47.91 19.05 -13.47
N CYS B 267 47.81 20.13 -12.70
CA CYS B 267 47.54 21.46 -13.24
C CYS B 267 48.59 22.45 -12.79
N PRO B 268 48.91 23.42 -13.65
CA PRO B 268 49.72 24.54 -13.17
C PRO B 268 49.02 25.25 -12.01
N LYS B 269 49.81 25.94 -11.19
CA LYS B 269 49.29 26.69 -10.06
C LYS B 269 48.67 28.01 -10.48
N TYR B 270 47.54 28.36 -9.87
CA TYR B 270 46.84 29.60 -10.21
C TYR B 270 47.56 30.81 -9.64
N VAL B 271 47.78 31.81 -10.51
CA VAL B 271 48.36 33.08 -10.09
C VAL B 271 47.54 34.24 -10.65
N GLN C 6 -20.35 45.95 7.29
CA GLN C 6 -19.98 44.55 7.29
C GLN C 6 -18.45 44.44 7.33
N SER C 7 -17.93 43.85 8.39
CA SER C 7 -16.49 43.77 8.62
C SER C 7 -15.97 42.34 8.71
N SER C 8 -16.88 41.37 8.57
CA SER C 8 -16.51 39.96 8.65
C SER C 8 -16.97 39.14 7.45
N SER C 9 -16.29 38.03 7.24
CA SER C 9 -16.67 37.03 6.26
C SER C 9 -16.54 35.67 6.93
N THR C 10 -17.33 34.70 6.46
CA THR C 10 -17.18 33.32 6.88
C THR C 10 -15.82 32.80 6.45
N GLY C 11 -15.24 33.40 5.41
CA GLY C 11 -13.96 32.96 4.90
C GLY C 11 -14.10 31.98 3.76
N LYS C 12 -15.32 31.78 3.30
CA LYS C 12 -15.58 30.86 2.19
C LYS C 12 -16.34 31.53 1.06
N ILE C 13 -15.97 31.21 -0.18
CA ILE C 13 -16.71 31.67 -1.35
C ILE C 13 -17.89 30.75 -1.65
N CYS C 14 -19.09 31.31 -1.66
CA CYS C 14 -20.31 30.58 -1.99
C CYS C 14 -20.46 30.31 -3.49
N ASN C 15 -20.80 29.08 -3.86
CA ASN C 15 -20.91 28.67 -5.26
C ASN C 15 -22.24 29.00 -5.97
N ASN C 16 -23.15 29.66 -5.27
CA ASN C 16 -24.39 30.17 -5.87
C ASN C 16 -24.66 31.60 -5.42
N PRO C 17 -25.34 32.41 -6.26
CA PRO C 17 -25.95 32.00 -7.54
C PRO C 17 -25.00 32.12 -8.72
N HIS C 18 -23.80 32.67 -8.51
CA HIS C 18 -22.87 32.90 -9.60
C HIS C 18 -22.14 31.59 -9.87
N ARG C 19 -21.82 31.32 -11.14
CA ARG C 19 -21.05 30.12 -11.45
C ARG C 19 -19.57 30.33 -11.17
N ILE C 20 -19.05 29.63 -10.16
CA ILE C 20 -17.67 29.77 -9.73
C ILE C 20 -16.88 28.62 -10.33
N LEU C 21 -15.74 28.92 -10.93
CA LEU C 21 -14.85 27.89 -11.41
C LEU C 21 -13.52 28.02 -10.67
N ASP C 22 -13.19 27.02 -9.85
CA ASP C 22 -11.95 27.02 -9.09
C ASP C 22 -10.81 26.54 -9.97
N GLY C 23 -9.80 27.39 -10.15
CA GLY C 23 -8.68 27.09 -11.02
C GLY C 23 -7.71 26.04 -10.50
N ILE C 24 -7.75 25.78 -9.20
CA ILE C 24 -6.84 24.82 -8.58
C ILE C 24 -5.37 25.08 -8.94
N ASP C 25 -4.76 24.14 -9.66
CA ASP C 25 -3.34 24.25 -10.03
C ASP C 25 -3.11 25.08 -11.30
N CYS C 26 -4.16 25.66 -11.87
CA CYS C 26 -4.05 26.32 -13.16
C CYS C 26 -4.42 27.79 -13.12
N THR C 27 -3.63 28.59 -13.83
CA THR C 27 -4.01 29.95 -14.16
C THR C 27 -4.96 29.92 -15.35
N LEU C 28 -5.69 31.01 -15.57
CA LEU C 28 -6.59 31.11 -16.70
C LEU C 28 -5.88 31.03 -18.05
N ILE C 29 -4.70 31.64 -18.16
CA ILE C 29 -3.94 31.60 -19.41
C ILE C 29 -3.45 30.20 -19.76
N ASP C 30 -2.99 29.44 -18.77
CA ASP C 30 -2.58 28.04 -19.01
C ASP C 30 -3.75 27.17 -19.48
N ALA C 31 -4.94 27.45 -18.96
CA ALA C 31 -6.14 26.76 -19.39
C ALA C 31 -6.45 27.13 -20.83
N LEU C 32 -6.28 28.41 -21.15
CA LEU C 32 -6.53 28.92 -22.49
C LEU C 32 -5.64 28.19 -23.51
N LEU C 33 -4.33 28.17 -23.24
CA LEU C 33 -3.35 27.60 -24.18
C LEU C 33 -3.46 26.08 -24.30
N GLY C 34 -3.85 25.42 -23.21
CA GLY C 34 -4.00 23.99 -23.19
C GLY C 34 -2.80 23.23 -22.65
N ASP C 35 -2.15 23.81 -21.64
CA ASP C 35 -1.20 23.08 -20.78
C ASP C 35 -1.81 21.76 -20.34
N PRO C 36 -1.09 20.64 -20.55
CA PRO C 36 -1.68 19.33 -20.29
C PRO C 36 -2.36 19.12 -18.92
N HIS C 37 -1.74 19.58 -17.81
CA HIS C 37 -2.34 19.33 -16.50
C HIS C 37 -3.58 20.22 -16.24
N CYS C 38 -3.83 21.12 -17.17
CA CYS C 38 -5.00 22.00 -17.17
C CYS C 38 -6.08 21.59 -18.17
N ASP C 39 -5.90 20.49 -18.89
CA ASP C 39 -6.85 20.16 -19.94
C ASP C 39 -8.25 19.77 -19.45
N VAL C 40 -8.39 19.56 -18.14
N VAL C 40 -8.37 19.52 -18.15
CA VAL C 40 -9.70 19.34 -17.53
CA VAL C 40 -9.68 19.35 -17.51
C VAL C 40 -10.60 20.57 -17.60
C VAL C 40 -10.62 20.54 -17.79
N PHE C 41 -10.02 21.71 -17.97
CA PHE C 41 -10.79 22.95 -18.18
C PHE C 41 -11.23 23.21 -19.61
N GLN C 42 -10.98 22.28 -20.52
CA GLN C 42 -11.39 22.45 -21.91
C GLN C 42 -12.89 22.75 -22.01
N ASN C 43 -13.23 23.79 -22.76
CA ASN C 43 -14.61 24.19 -23.02
C ASN C 43 -15.40 24.68 -21.81
N GLU C 44 -14.72 25.04 -20.72
CA GLU C 44 -15.43 25.46 -19.52
C GLU C 44 -15.95 26.89 -19.60
N THR C 45 -16.91 27.20 -18.73
CA THR C 45 -17.48 28.54 -18.61
C THR C 45 -17.56 28.93 -17.13
N TRP C 46 -17.71 30.22 -16.86
CA TRP C 46 -17.75 30.70 -15.49
C TRP C 46 -18.37 32.09 -15.47
N ASP C 47 -18.98 32.45 -14.34
CA ASP C 47 -19.22 33.86 -14.05
C ASP C 47 -17.97 34.41 -13.38
N LEU C 48 -17.43 33.67 -12.41
CA LEU C 48 -16.18 34.04 -11.76
C LEU C 48 -15.13 32.94 -11.72
N PHE C 49 -13.99 33.21 -12.36
CA PHE C 49 -12.85 32.32 -12.31
C PHE C 49 -11.95 32.68 -11.14
N VAL C 50 -11.57 31.69 -10.32
CA VAL C 50 -10.72 31.93 -9.15
C VAL C 50 -9.31 31.35 -9.34
N GLU C 51 -8.30 32.21 -9.44
CA GLU C 51 -6.91 31.75 -9.54
C GLU C 51 -6.26 31.59 -8.17
N ARG C 52 -5.61 30.45 -7.98
CA ARG C 52 -4.97 30.11 -6.72
C ARG C 52 -3.48 30.42 -6.76
N SER C 53 -2.93 30.81 -5.63
CA SER C 53 -1.51 31.14 -5.54
C SER C 53 -0.60 29.93 -5.80
N LYS C 54 -1.13 28.73 -5.63
CA LYS C 54 -0.34 27.52 -5.83
C LYS C 54 -0.26 27.09 -7.31
N ALA C 55 -0.88 27.83 -8.21
CA ALA C 55 -0.86 27.45 -9.63
C ALA C 55 0.57 27.42 -10.16
N PHE C 56 0.83 26.53 -11.13
CA PHE C 56 2.15 26.46 -11.75
C PHE C 56 1.98 26.03 -13.21
N SER C 57 2.94 26.41 -14.04
CA SER C 57 3.01 25.95 -15.43
C SER C 57 3.87 24.70 -15.50
N ASN C 58 3.54 23.82 -16.45
CA ASN C 58 4.28 22.60 -16.64
C ASN C 58 4.39 22.17 -18.09
N CYS C 59 4.65 23.15 -18.95
CA CYS C 59 4.73 22.90 -20.38
C CYS C 59 5.93 23.70 -20.87
N TYR C 60 5.94 24.04 -22.15
CA TYR C 60 7.08 24.73 -22.73
C TYR C 60 7.14 26.12 -22.10
N PRO C 61 8.34 26.58 -21.74
CA PRO C 61 8.37 27.90 -21.12
C PRO C 61 8.02 28.99 -22.12
N TYR C 62 7.16 29.92 -21.69
CA TYR C 62 6.54 30.87 -22.59
C TYR C 62 6.42 32.18 -21.84
N ASP C 63 6.24 33.26 -22.59
CA ASP C 63 5.80 34.51 -22.01
C ASP C 63 4.72 35.14 -22.85
N VAL C 64 3.98 36.08 -22.26
CA VAL C 64 2.94 36.78 -22.98
C VAL C 64 3.15 38.27 -22.83
N PRO C 65 3.65 38.93 -23.89
CA PRO C 65 3.65 40.39 -23.87
C PRO C 65 2.24 40.89 -23.61
N ASP C 66 2.07 41.85 -22.72
CA ASP C 66 0.73 42.27 -22.34
C ASP C 66 -0.16 41.13 -21.81
N TYR C 67 0.46 40.29 -20.98
CA TYR C 67 -0.25 39.24 -20.23
C TYR C 67 -1.52 39.73 -19.56
N ALA C 68 -1.45 40.87 -18.91
CA ALA C 68 -2.57 41.37 -18.12
C ALA C 68 -3.79 41.61 -18.99
N SER C 69 -3.58 42.08 -20.22
CA SER C 69 -4.68 42.38 -21.12
C SER C 69 -5.38 41.12 -21.66
N LEU C 70 -4.60 40.10 -22.01
CA LEU C 70 -5.17 38.84 -22.51
C LEU C 70 -5.98 38.16 -21.42
N ARG C 71 -5.39 38.12 -20.22
CA ARG C 71 -6.03 37.56 -19.05
C ARG C 71 -7.34 38.27 -18.81
N SER C 72 -7.32 39.59 -18.92
CA SER C 72 -8.50 40.41 -18.71
C SER C 72 -9.61 40.11 -19.72
N LEU C 73 -9.28 40.08 -21.02
CA LEU C 73 -10.33 39.97 -22.03
C LEU C 73 -10.94 38.56 -22.05
N VAL C 74 -10.10 37.56 -21.76
CA VAL C 74 -10.57 36.18 -21.62
C VAL C 74 -11.44 36.02 -20.37
N ALA C 75 -11.00 36.63 -19.28
CA ALA C 75 -11.71 36.52 -18.02
C ALA C 75 -13.11 37.10 -18.19
N SER C 76 -13.16 38.21 -18.93
CA SER C 76 -14.40 38.93 -19.17
C SER C 76 -15.31 38.18 -20.13
N SER C 77 -14.72 37.50 -21.11
CA SER C 77 -15.50 36.68 -22.03
C SER C 77 -16.23 35.55 -21.31
N GLY C 78 -15.60 34.92 -20.33
CA GLY C 78 -16.29 34.01 -19.44
C GLY C 78 -16.46 32.60 -20.00
N THR C 79 -15.71 32.28 -21.05
CA THR C 79 -15.78 30.96 -21.64
C THR C 79 -14.47 30.61 -22.33
N LEU C 80 -14.15 29.32 -22.36
CA LEU C 80 -13.05 28.81 -23.17
C LEU C 80 -13.52 27.99 -24.37
N GLU C 81 -14.77 28.17 -24.80
CA GLU C 81 -15.27 27.43 -25.95
C GLU C 81 -14.35 27.62 -27.15
N PHE C 82 -13.89 26.50 -27.73
CA PHE C 82 -12.91 26.51 -28.79
C PHE C 82 -13.42 25.69 -29.97
N ILE C 83 -13.19 26.18 -31.18
CA ILE C 83 -13.65 25.55 -32.40
C ILE C 83 -12.43 25.36 -33.27
N THR C 84 -12.12 24.10 -33.55
CA THR C 84 -10.98 23.79 -34.40
C THR C 84 -11.32 24.17 -35.83
N GLU C 85 -10.35 24.76 -36.52
CA GLU C 85 -10.50 25.03 -37.95
C GLU C 85 -9.44 24.30 -38.74
N GLY C 86 -9.76 24.01 -40.00
CA GLY C 86 -8.88 23.22 -40.85
C GLY C 86 -7.84 24.07 -41.57
N PHE C 87 -6.91 24.66 -40.81
CA PHE C 87 -5.78 25.36 -41.43
C PHE C 87 -4.98 24.37 -42.27
N THR C 88 -4.45 24.84 -43.40
CA THR C 88 -3.54 24.03 -44.21
C THR C 88 -2.13 24.60 -44.16
N TRP C 89 -1.16 23.77 -43.79
CA TRP C 89 0.20 24.23 -43.64
C TRP C 89 1.10 23.46 -44.60
N THR C 90 1.22 23.95 -45.83
CA THR C 90 1.89 23.19 -46.88
C THR C 90 3.40 23.28 -46.72
N GLY C 91 4.05 22.12 -46.67
CA GLY C 91 5.49 22.04 -46.72
C GLY C 91 6.19 22.17 -45.39
N VAL C 92 5.46 22.02 -44.28
CA VAL C 92 6.08 21.99 -42.96
C VAL C 92 5.63 20.77 -42.18
N THR C 93 6.40 20.39 -41.17
CA THR C 93 5.99 19.33 -40.27
C THR C 93 5.16 19.91 -39.13
N GLN C 94 4.02 19.27 -38.84
CA GLN C 94 3.11 19.76 -37.79
C GLN C 94 3.20 18.98 -36.48
N ASN C 95 2.53 19.49 -35.45
CA ASN C 95 2.30 18.76 -34.21
C ASN C 95 3.59 18.50 -33.44
N GLY C 96 4.50 19.46 -33.45
CA GLY C 96 5.74 19.33 -32.71
C GLY C 96 5.45 19.23 -31.22
N GLY C 97 6.32 18.52 -30.51
CA GLY C 97 6.17 18.34 -29.07
C GLY C 97 7.49 18.37 -28.32
N SER C 98 7.40 18.26 -27.00
CA SER C 98 8.56 18.46 -26.14
C SER C 98 8.44 17.64 -24.87
N ASN C 99 9.57 17.16 -24.33
CA ASN C 99 9.55 16.47 -23.04
C ASN C 99 9.42 17.42 -21.85
N ALA C 100 9.40 18.72 -22.13
CA ALA C 100 9.07 19.72 -21.13
C ALA C 100 7.57 19.78 -20.94
N CYS C 101 6.84 19.19 -21.87
CA CYS C 101 5.40 19.25 -21.84
C CYS C 101 4.82 17.88 -22.15
N LYS C 102 5.05 16.91 -21.26
CA LYS C 102 4.59 15.56 -21.51
C LYS C 102 3.07 15.53 -21.42
N ARG C 103 2.47 14.75 -22.31
CA ARG C 103 1.04 14.56 -22.32
C ARG C 103 0.86 13.05 -22.28
N GLY C 104 0.47 12.53 -21.12
CA GLY C 104 0.54 11.10 -20.89
C GLY C 104 2.01 10.72 -20.86
N PRO C 105 2.37 9.53 -21.36
CA PRO C 105 3.78 9.20 -21.16
C PRO C 105 4.77 9.92 -22.07
N GLY C 106 4.32 10.32 -23.26
CA GLY C 106 5.22 10.92 -24.23
C GLY C 106 5.26 12.43 -24.24
N SER C 107 6.21 12.97 -25.01
CA SER C 107 6.29 14.39 -25.29
C SER C 107 4.99 14.90 -25.90
N GLY C 108 4.67 16.16 -25.65
CA GLY C 108 3.46 16.76 -26.16
C GLY C 108 3.60 18.28 -26.21
N PHE C 109 2.49 18.98 -26.32
CA PHE C 109 2.55 20.43 -26.48
C PHE C 109 1.20 21.01 -26.10
N PHE C 110 1.12 22.34 -26.03
CA PHE C 110 -0.18 22.99 -25.78
C PHE C 110 -1.19 22.46 -26.79
N SER C 111 -2.39 22.19 -26.29
CA SER C 111 -3.43 21.57 -27.10
C SER C 111 -3.99 22.51 -28.16
N ARG C 112 -3.90 23.81 -27.91
CA ARG C 112 -4.55 24.78 -28.79
C ARG C 112 -3.56 25.35 -29.80
N LEU C 113 -2.31 24.89 -29.71
CA LEU C 113 -1.24 25.39 -30.55
C LEU C 113 -0.60 24.25 -31.36
N ASN C 114 0.06 24.63 -32.44
CA ASN C 114 0.57 23.68 -33.44
C ASN C 114 2.00 24.09 -33.77
N TRP C 115 2.98 23.36 -33.24
CA TRP C 115 4.37 23.73 -33.42
C TRP C 115 4.86 23.25 -34.79
N LEU C 116 5.04 24.17 -35.73
CA LEU C 116 5.45 23.83 -37.09
C LEU C 116 6.97 23.89 -37.22
N THR C 117 7.56 22.90 -37.87
CA THR C 117 9.00 22.91 -38.17
C THR C 117 9.25 22.54 -39.63
N LYS C 118 10.53 22.52 -40.03
CA LYS C 118 10.87 22.24 -41.41
C LYS C 118 10.36 20.86 -41.83
N SER C 119 10.17 20.70 -43.13
CA SER C 119 9.91 19.40 -43.73
C SER C 119 11.01 19.11 -44.73
N GLY C 120 11.69 17.98 -44.57
CA GLY C 120 12.90 17.72 -45.31
C GLY C 120 13.96 18.74 -44.94
N SER C 121 14.44 19.48 -45.94
CA SER C 121 15.51 20.46 -45.75
C SER C 121 15.02 21.89 -46.00
N THR C 122 13.71 22.09 -46.01
CA THR C 122 13.17 23.41 -46.32
C THR C 122 11.99 23.82 -45.44
N TYR C 123 11.79 25.12 -45.35
CA TYR C 123 10.63 25.68 -44.67
C TYR C 123 10.09 26.79 -45.57
N PRO C 124 8.96 26.54 -46.26
CA PRO C 124 8.49 27.54 -47.22
C PRO C 124 7.84 28.75 -46.56
N VAL C 125 7.51 29.75 -47.37
CA VAL C 125 6.74 30.86 -46.87
C VAL C 125 5.30 30.39 -46.73
N LEU C 126 4.82 30.27 -45.49
CA LEU C 126 3.42 29.99 -45.21
C LEU C 126 2.60 31.25 -45.44
N ASN C 127 1.44 31.04 -46.04
CA ASN C 127 0.54 32.12 -46.41
C ASN C 127 -0.87 31.59 -46.44
N VAL C 128 -1.59 31.72 -45.33
CA VAL C 128 -2.90 31.13 -45.22
C VAL C 128 -3.85 32.20 -44.74
N THR C 129 -5.12 32.04 -45.10
CA THR C 129 -6.13 33.01 -44.72
C THR C 129 -7.31 32.26 -44.14
N MET C 130 -8.06 32.90 -43.25
CA MET C 130 -9.22 32.26 -42.64
C MET C 130 -10.30 33.31 -42.43
N PRO C 131 -11.34 33.29 -43.25
CA PRO C 131 -12.39 34.30 -43.12
C PRO C 131 -13.35 34.05 -41.95
N ASN C 132 -13.87 35.13 -41.39
CA ASN C 132 -14.95 35.05 -40.41
C ASN C 132 -16.30 35.29 -41.09
N ASN C 133 -17.01 34.20 -41.36
CA ASN C 133 -18.32 34.31 -41.99
C ASN C 133 -19.42 34.03 -40.97
N ASP C 134 -19.05 34.09 -39.71
CA ASP C 134 -19.95 33.95 -38.58
C ASP C 134 -20.38 35.33 -38.09
N ASN C 135 -21.28 35.38 -37.12
CA ASN C 135 -21.78 36.65 -36.59
C ASN C 135 -21.29 36.94 -35.17
N PHE C 136 -20.17 36.33 -34.80
CA PHE C 136 -19.49 36.66 -33.56
C PHE C 136 -18.00 36.92 -33.78
N ASP C 137 -17.36 37.53 -32.80
CA ASP C 137 -15.92 37.74 -32.88
C ASP C 137 -15.19 36.45 -32.56
N LYS C 138 -14.11 36.21 -33.29
CA LYS C 138 -13.27 35.05 -33.08
C LYS C 138 -11.97 35.50 -32.43
N LEU C 139 -11.52 34.79 -31.39
CA LEU C 139 -10.20 35.06 -30.82
C LEU C 139 -9.22 33.97 -31.25
N TYR C 140 -8.19 34.36 -31.98
CA TYR C 140 -7.08 33.48 -32.35
C TYR C 140 -5.86 33.70 -31.47
N ILE C 141 -5.36 32.62 -30.88
CA ILE C 141 -4.11 32.66 -30.12
C ILE C 141 -3.00 31.96 -30.89
N TRP C 142 -1.85 32.60 -31.03
CA TRP C 142 -0.75 32.04 -31.80
C TRP C 142 0.57 32.44 -31.16
N GLY C 143 1.69 31.98 -31.69
CA GLY C 143 2.96 32.23 -31.01
C GLY C 143 4.17 32.25 -31.90
N VAL C 144 5.30 32.61 -31.29
CA VAL C 144 6.57 32.68 -32.00
C VAL C 144 7.64 32.02 -31.13
N HIS C 145 8.40 31.10 -31.70
CA HIS C 145 9.45 30.44 -30.95
C HIS C 145 10.73 31.25 -31.03
N HIS C 146 11.36 31.48 -29.87
CA HIS C 146 12.68 32.07 -29.78
C HIS C 146 13.72 31.05 -29.36
N PRO C 147 14.52 30.56 -30.32
CA PRO C 147 15.59 29.60 -30.05
C PRO C 147 16.73 30.22 -29.25
N SER C 148 17.46 29.41 -28.49
CA SER C 148 18.56 29.93 -27.68
C SER C 148 19.84 30.11 -28.49
N THR C 149 19.96 29.38 -29.59
CA THR C 149 21.16 29.44 -30.42
C THR C 149 20.82 29.45 -31.91
N ASN C 150 21.78 29.90 -32.71
CA ASN C 150 21.65 29.89 -34.16
C ASN C 150 21.55 28.47 -34.72
N GLN C 151 22.25 27.52 -34.09
CA GLN C 151 22.18 26.11 -34.50
C GLN C 151 20.78 25.55 -34.44
N GLU C 152 20.12 25.89 -33.34
CA GLU C 152 18.74 25.52 -33.07
C GLU C 152 17.81 26.17 -34.12
N GLN C 153 18.02 27.46 -34.36
CA GLN C 153 17.21 28.21 -35.32
C GLN C 153 17.22 27.51 -36.68
N THR C 154 18.41 27.12 -37.14
CA THR C 154 18.54 26.58 -38.49
C THR C 154 18.09 25.12 -38.53
N SER C 155 18.28 24.39 -37.44
CA SER C 155 17.89 23.00 -37.39
C SER C 155 16.37 22.88 -37.54
N LEU C 156 15.66 23.79 -36.87
CA LEU C 156 14.20 23.76 -36.86
C LEU C 156 13.55 24.42 -38.08
N TYR C 157 14.07 25.57 -38.50
CA TYR C 157 13.33 26.47 -39.37
C TYR C 157 14.10 26.78 -40.65
N VAL C 158 15.31 26.25 -40.73
CA VAL C 158 16.19 26.41 -41.88
C VAL C 158 16.69 27.84 -42.05
N GLN C 159 15.78 28.80 -42.18
CA GLN C 159 16.17 30.20 -42.23
C GLN C 159 16.93 30.61 -40.98
N ALA C 160 17.92 31.48 -41.17
CA ALA C 160 18.76 31.95 -40.08
C ALA C 160 17.99 32.91 -39.20
N SER C 161 16.96 33.51 -39.78
CA SER C 161 16.06 34.40 -39.06
C SER C 161 14.65 34.21 -39.56
N GLY C 162 13.70 34.05 -38.64
CA GLY C 162 12.32 33.83 -39.05
C GLY C 162 11.53 35.11 -39.03
N ARG C 163 10.24 35.00 -39.28
CA ARG C 163 9.34 36.14 -39.25
C ARG C 163 7.92 35.60 -39.21
N VAL C 164 7.09 36.26 -38.43
CA VAL C 164 5.68 35.96 -38.40
C VAL C 164 4.89 37.24 -38.60
N THR C 165 4.00 37.24 -39.57
CA THR C 165 3.18 38.42 -39.82
C THR C 165 1.73 38.01 -39.80
N VAL C 166 0.97 38.64 -38.91
CA VAL C 166 -0.44 38.39 -38.78
C VAL C 166 -1.26 39.66 -38.93
N SER C 167 -2.30 39.61 -39.73
CA SER C 167 -3.05 40.82 -40.02
C SER C 167 -4.53 40.56 -40.19
N THR C 168 -5.31 41.63 -40.01
CA THR C 168 -6.71 41.64 -40.41
C THR C 168 -6.82 42.76 -41.43
N ARG C 169 -8.03 43.12 -41.82
CA ARG C 169 -8.18 44.20 -42.78
C ARG C 169 -7.86 45.58 -42.16
N ARG C 170 -7.89 45.68 -40.82
CA ARG C 170 -7.40 46.90 -40.13
C ARG C 170 -6.28 46.83 -39.10
N SER C 171 -5.58 45.73 -38.97
CA SER C 171 -4.48 45.68 -38.02
C SER C 171 -3.35 44.85 -38.62
N GLN C 172 -2.12 45.07 -38.16
CA GLN C 172 -1.04 44.19 -38.62
C GLN C 172 0.08 44.20 -37.58
N GLN C 173 0.68 43.01 -37.46
CA GLN C 173 1.81 42.71 -36.58
C GLN C 173 2.89 41.88 -37.20
N THR C 174 4.11 42.36 -37.16
CA THR C 174 5.22 41.53 -37.58
C THR C 174 6.14 41.34 -36.38
N ILE C 175 6.48 40.08 -36.12
CA ILE C 175 7.36 39.75 -35.02
C ILE C 175 8.54 39.03 -35.64
N ILE C 176 9.74 39.50 -35.31
CA ILE C 176 10.96 38.84 -35.77
C ILE C 176 11.44 38.14 -34.51
N PRO C 177 11.63 36.83 -34.56
CA PRO C 177 12.10 36.17 -33.34
C PRO C 177 13.50 36.65 -32.97
N ASN C 178 13.82 36.54 -31.69
CA ASN C 178 15.11 36.96 -31.18
C ASN C 178 15.87 35.83 -30.55
N ILE C 179 16.98 35.48 -31.19
CA ILE C 179 17.79 34.35 -30.78
C ILE C 179 18.68 34.77 -29.61
N GLY C 180 18.79 33.91 -28.61
CA GLY C 180 19.69 34.13 -27.50
C GLY C 180 19.15 33.40 -26.30
N SER C 181 19.97 33.25 -25.27
CA SER C 181 19.57 32.56 -24.05
C SER C 181 18.73 33.40 -23.09
N ARG C 182 17.72 32.75 -22.51
CA ARG C 182 17.02 33.28 -21.34
C ARG C 182 17.36 32.37 -20.17
N PRO C 183 16.91 32.74 -18.97
CA PRO C 183 17.22 31.85 -17.85
C PRO C 183 16.63 30.45 -18.04
N TRP C 184 17.44 29.46 -17.68
CA TRP C 184 17.06 28.06 -17.71
C TRP C 184 15.78 27.79 -16.92
N VAL C 185 14.77 27.27 -17.63
CA VAL C 185 13.53 26.85 -16.98
C VAL C 185 13.21 25.46 -17.48
N ARG C 186 13.07 24.54 -16.53
CA ARG C 186 12.84 23.12 -16.81
C ARG C 186 13.77 22.64 -17.93
N GLY C 187 15.06 22.95 -17.82
CA GLY C 187 16.05 22.46 -18.76
C GLY C 187 16.22 23.26 -20.04
N LEU C 188 15.42 24.31 -20.22
CA LEU C 188 15.36 25.00 -21.51
C LEU C 188 15.63 26.49 -21.40
N SER C 189 16.44 27.00 -22.32
N SER C 189 16.44 27.02 -22.31
CA SER C 189 16.75 28.42 -22.39
CA SER C 189 16.68 28.45 -22.35
C SER C 189 16.03 29.13 -23.53
C SER C 189 15.84 29.16 -23.41
N SER C 190 15.20 28.40 -24.28
N SER C 190 15.25 28.40 -24.33
CA SER C 190 14.39 29.02 -25.32
CA SER C 190 14.39 29.00 -25.35
C SER C 190 13.01 29.36 -24.79
C SER C 190 13.02 29.35 -24.80
N ARG C 191 12.23 30.08 -25.59
CA ARG C 191 10.92 30.55 -25.18
C ARG C 191 9.92 30.60 -26.32
N ILE C 192 8.64 30.59 -25.98
CA ILE C 192 7.58 30.92 -26.91
C ILE C 192 6.92 32.19 -26.39
N SER C 193 6.66 33.13 -27.29
CA SER C 193 5.88 34.30 -26.97
C SER C 193 4.50 34.17 -27.55
N ILE C 194 3.50 34.48 -26.73
CA ILE C 194 2.11 34.30 -27.09
C ILE C 194 1.51 35.64 -27.47
N TYR C 195 0.80 35.63 -28.60
CA TYR C 195 0.11 36.80 -29.12
C TYR C 195 -1.33 36.43 -29.40
N TRP C 196 -2.18 37.43 -29.62
N TRP C 196 -2.18 37.44 -29.60
CA TRP C 196 -3.57 37.15 -29.96
CA TRP C 196 -3.59 37.22 -29.90
C TRP C 196 -4.12 38.16 -30.95
C TRP C 196 -4.09 38.15 -31.01
N THR C 197 -5.16 37.74 -31.68
CA THR C 197 -5.76 38.57 -32.72
C THR C 197 -7.25 38.34 -32.70
N ILE C 198 -8.01 39.42 -32.70
CA ILE C 198 -9.45 39.30 -32.79
C ILE C 198 -9.91 39.60 -34.21
N VAL C 199 -10.81 38.76 -34.72
CA VAL C 199 -11.30 38.91 -36.08
C VAL C 199 -12.80 39.07 -36.01
N LYS C 200 -13.30 40.19 -36.50
CA LYS C 200 -14.73 40.45 -36.46
C LYS C 200 -15.46 39.85 -37.66
N PRO C 201 -16.78 39.73 -37.54
CA PRO C 201 -17.59 39.22 -38.66
C PRO C 201 -17.29 40.02 -39.92
N GLY C 202 -17.14 39.32 -41.04
CA GLY C 202 -16.85 39.97 -42.30
C GLY C 202 -15.37 40.28 -42.47
N ASP C 203 -14.59 40.12 -41.40
CA ASP C 203 -13.15 40.29 -41.52
C ASP C 203 -12.49 38.95 -41.80
N VAL C 204 -11.16 38.94 -41.83
CA VAL C 204 -10.41 37.78 -42.24
C VAL C 204 -9.04 37.81 -41.54
N LEU C 205 -8.49 36.64 -41.23
CA LEU C 205 -7.17 36.53 -40.62
C LEU C 205 -6.20 36.14 -41.71
N VAL C 206 -5.04 36.78 -41.74
CA VAL C 206 -3.96 36.30 -42.59
C VAL C 206 -2.70 36.08 -41.78
N ILE C 207 -2.10 34.91 -41.98
CA ILE C 207 -0.85 34.54 -41.33
C ILE C 207 0.15 34.24 -42.43
N ASN C 208 1.29 34.92 -42.36
CA ASN C 208 2.33 34.80 -43.37
C ASN C 208 3.64 34.63 -42.61
N SER C 209 4.33 33.51 -42.80
CA SER C 209 5.56 33.27 -42.05
C SER C 209 6.61 32.45 -42.79
N ASN C 210 7.88 32.77 -42.59
CA ASN C 210 8.95 31.91 -43.10
C ASN C 210 9.80 31.33 -41.97
N GLY C 211 9.17 31.11 -40.81
CA GLY C 211 9.81 30.42 -39.71
C GLY C 211 9.36 30.89 -38.32
N ASN C 212 9.46 29.98 -37.36
CA ASN C 212 9.27 30.30 -35.94
C ASN C 212 7.81 30.48 -35.51
N LEU C 213 6.89 30.20 -36.43
CA LEU C 213 5.46 30.28 -36.13
C LEU C 213 4.99 29.10 -35.26
N ILE C 214 4.34 29.44 -34.16
CA ILE C 214 3.58 28.46 -33.39
C ILE C 214 2.13 28.74 -33.79
N ALA C 215 1.57 27.89 -34.64
CA ALA C 215 0.30 28.22 -35.31
C ALA C 215 -0.89 27.95 -34.41
N PRO C 216 -1.99 28.70 -34.61
CA PRO C 216 -3.26 28.38 -33.98
C PRO C 216 -3.90 27.15 -34.63
N ARG C 217 -4.74 26.47 -33.89
CA ARG C 217 -5.48 25.32 -34.41
C ARG C 217 -6.95 25.63 -34.72
N GLY C 218 -7.37 26.85 -34.40
CA GLY C 218 -8.77 27.24 -34.46
C GLY C 218 -8.93 28.51 -33.63
N TYR C 219 -10.14 28.80 -33.18
CA TYR C 219 -10.41 30.05 -32.47
C TYR C 219 -11.28 29.87 -31.22
N PHE C 220 -11.20 30.83 -30.29
CA PHE C 220 -12.12 30.84 -29.16
C PHE C 220 -13.31 31.73 -29.49
N LYS C 221 -14.51 31.27 -29.17
CA LYS C 221 -15.69 32.08 -29.42
C LYS C 221 -15.76 33.15 -28.35
N MET C 222 -15.83 34.42 -28.75
N MET C 222 -15.92 34.40 -28.77
CA MET C 222 -15.95 35.52 -27.80
CA MET C 222 -15.97 35.52 -27.85
C MET C 222 -17.39 35.78 -27.43
C MET C 222 -17.38 35.94 -27.46
N ARG C 223 -17.60 36.08 -26.16
CA ARG C 223 -18.89 36.47 -25.63
C ARG C 223 -18.72 37.77 -24.87
N THR C 224 -19.81 38.47 -24.62
CA THR C 224 -19.79 39.60 -23.72
C THR C 224 -20.73 39.32 -22.54
N GLY C 225 -20.43 39.92 -21.39
CA GLY C 225 -21.25 39.70 -20.21
C GLY C 225 -20.64 40.04 -18.87
N LYS C 226 -21.09 39.36 -17.82
CA LYS C 226 -20.79 39.75 -16.46
C LYS C 226 -19.63 38.99 -15.84
N SER C 227 -18.91 38.22 -16.66
CA SER C 227 -17.87 37.34 -16.13
C SER C 227 -16.62 38.10 -15.69
N SER C 228 -15.90 37.55 -14.71
CA SER C 228 -14.64 38.16 -14.27
C SER C 228 -13.69 37.13 -13.66
N ILE C 229 -12.61 37.62 -13.04
CA ILE C 229 -11.59 36.77 -12.46
C ILE C 229 -11.09 37.36 -11.15
N MET C 230 -10.65 36.49 -10.24
CA MET C 230 -10.17 36.93 -8.94
C MET C 230 -9.04 36.03 -8.43
N ARG C 231 -8.05 36.63 -7.77
CA ARG C 231 -7.02 35.85 -7.10
C ARG C 231 -7.42 35.71 -5.64
N SER C 232 -7.49 34.49 -5.15
CA SER C 232 -7.92 34.25 -3.77
C SER C 232 -7.46 32.87 -3.31
N ASP C 233 -7.16 32.73 -2.02
CA ASP C 233 -6.94 31.39 -1.48
C ASP C 233 -8.09 30.89 -0.58
N ALA C 234 -9.21 31.60 -0.58
CA ALA C 234 -10.40 31.23 0.22
C ALA C 234 -11.05 29.97 -0.38
N PRO C 235 -11.46 29.02 0.47
CA PRO C 235 -12.19 27.83 -0.03
C PRO C 235 -13.58 28.12 -0.62
N ILE C 236 -14.09 27.22 -1.47
N ILE C 236 -13.99 27.31 -1.59
CA ILE C 236 -15.43 27.38 -2.06
CA ILE C 236 -15.36 27.39 -2.09
C ILE C 236 -16.49 26.45 -1.46
C ILE C 236 -16.20 26.57 -1.14
N ASP C 237 -17.48 27.03 -0.77
N ASP C 237 -17.49 26.82 -1.10
CA ASP C 237 -18.50 26.29 -0.02
CA ASP C 237 -18.41 25.99 -0.34
C ASP C 237 -19.84 26.22 -0.77
C ASP C 237 -19.83 26.13 -0.88
N THR C 238 -20.73 25.31 -0.36
CA THR C 238 -22.08 25.24 -0.91
C THR C 238 -23.04 26.08 -0.06
N CYS C 239 -23.41 27.23 -0.61
CA CYS C 239 -24.19 28.25 0.08
C CYS C 239 -24.52 29.35 -0.92
N ILE C 240 -25.30 30.35 -0.51
CA ILE C 240 -25.77 31.37 -1.44
C ILE C 240 -25.36 32.76 -0.96
N SER C 241 -24.68 33.50 -1.83
CA SER C 241 -24.37 34.90 -1.58
C SER C 241 -24.10 35.63 -2.89
N GLU C 242 -24.71 36.81 -3.05
CA GLU C 242 -24.54 37.61 -4.26
C GLU C 242 -23.16 38.25 -4.35
N CYS C 243 -22.54 38.54 -3.20
CA CYS C 243 -21.29 39.30 -3.18
C CYS C 243 -20.10 38.43 -2.79
N ILE C 244 -19.06 38.47 -3.63
CA ILE C 244 -17.86 37.67 -3.42
C ILE C 244 -16.63 38.56 -3.30
N THR C 245 -15.82 38.31 -2.28
CA THR C 245 -14.54 38.98 -2.11
C THR C 245 -13.45 37.91 -2.03
N PRO C 246 -12.17 38.30 -2.14
CA PRO C 246 -11.10 37.31 -2.02
C PRO C 246 -11.04 36.65 -0.64
N ASN C 247 -11.57 37.32 0.38
CA ASN C 247 -11.62 36.76 1.74
C ASN C 247 -12.71 35.70 1.86
N GLY C 248 -13.59 35.64 0.88
CA GLY C 248 -14.80 34.86 0.97
C GLY C 248 -15.99 35.73 0.61
N SER C 249 -17.16 35.11 0.49
CA SER C 249 -18.39 35.86 0.25
C SER C 249 -18.74 36.68 1.50
N ILE C 250 -19.46 37.78 1.29
CA ILE C 250 -20.00 38.56 2.40
C ILE C 250 -21.46 38.90 2.14
N PRO C 251 -22.25 39.05 3.23
CA PRO C 251 -23.61 39.56 3.09
C PRO C 251 -23.67 40.93 2.44
N ASN C 252 -24.75 41.20 1.72
CA ASN C 252 -24.94 42.48 1.06
C ASN C 252 -26.21 43.18 1.53
N ASP C 253 -26.62 42.88 2.77
CA ASP C 253 -27.75 43.60 3.34
C ASP C 253 -27.29 45.01 3.67
N LYS C 254 -26.00 45.15 3.96
CA LYS C 254 -25.45 46.46 4.22
C LYS C 254 -24.96 47.03 2.89
N PRO C 255 -24.97 48.35 2.74
CA PRO C 255 -24.60 49.06 1.52
C PRO C 255 -23.10 49.14 1.27
N PHE C 256 -22.37 49.01 2.37
CA PHE C 256 -20.92 49.12 2.41
C PHE C 256 -20.18 47.99 3.11
N GLN C 257 -18.89 47.91 2.83
CA GLN C 257 -18.01 46.91 3.42
C GLN C 257 -16.56 47.37 3.57
N ASN C 258 -15.87 46.80 4.56
CA ASN C 258 -14.47 47.11 4.82
C ASN C 258 -13.65 45.83 4.80
N VAL C 259 -14.18 44.82 4.09
CA VAL C 259 -13.54 43.52 4.02
C VAL C 259 -12.41 43.51 2.99
N ASN C 260 -12.73 43.95 1.78
CA ASN C 260 -11.77 44.00 0.69
C ASN C 260 -12.28 44.92 -0.42
N LYS C 261 -11.39 45.73 -0.97
CA LYS C 261 -11.73 46.58 -2.11
C LYS C 261 -12.01 45.78 -3.39
N ILE C 262 -11.51 44.55 -3.45
CA ILE C 262 -11.81 43.66 -4.58
C ILE C 262 -13.13 42.93 -4.33
N THR C 263 -14.11 43.14 -5.22
CA THR C 263 -15.39 42.45 -5.10
C THR C 263 -16.00 42.06 -6.44
N TYR C 264 -16.97 41.14 -6.40
CA TYR C 264 -17.69 40.72 -7.60
C TYR C 264 -19.16 40.47 -7.27
N GLY C 265 -20.06 41.07 -8.05
CA GLY C 265 -21.49 40.82 -7.90
C GLY C 265 -22.19 42.01 -7.27
N ALA C 266 -23.35 41.77 -6.69
CA ALA C 266 -24.08 42.85 -6.01
C ALA C 266 -23.52 43.02 -4.60
N CYS C 267 -22.62 43.99 -4.46
CA CYS C 267 -21.75 44.07 -3.29
C CYS C 267 -21.86 45.44 -2.65
N PRO C 268 -21.72 45.50 -1.31
CA PRO C 268 -21.57 46.82 -0.71
C PRO C 268 -20.34 47.54 -1.26
N LYS C 269 -20.33 48.86 -1.16
CA LYS C 269 -19.20 49.67 -1.62
C LYS C 269 -18.06 49.66 -0.61
N TYR C 270 -16.83 49.55 -1.09
CA TYR C 270 -15.66 49.50 -0.22
C TYR C 270 -15.36 50.88 0.36
N GLN D 6 11.24 -34.01 27.93
CA GLN D 6 11.50 -35.05 26.94
C GLN D 6 11.85 -34.41 25.62
N SER D 7 13.07 -34.66 25.13
CA SER D 7 13.57 -33.99 23.94
C SER D 7 13.90 -34.96 22.80
N SER D 8 13.70 -36.25 23.05
CA SER D 8 13.98 -37.28 22.05
C SER D 8 12.77 -38.19 21.86
N SER D 9 12.68 -38.83 20.70
CA SER D 9 11.67 -39.85 20.48
C SER D 9 12.34 -41.03 19.77
N THR D 10 11.82 -42.23 19.98
CA THR D 10 12.24 -43.39 19.21
C THR D 10 11.90 -43.22 17.74
N GLY D 11 10.88 -42.41 17.47
CA GLY D 11 10.41 -42.20 16.10
C GLY D 11 9.27 -43.13 15.75
N LYS D 12 8.78 -43.89 16.73
CA LYS D 12 7.68 -44.81 16.50
C LYS D 12 6.49 -44.61 17.45
N ILE D 13 5.28 -44.73 16.92
CA ILE D 13 4.07 -44.70 17.73
C ILE D 13 3.76 -46.08 18.32
N CYS D 14 3.70 -46.14 19.64
CA CYS D 14 3.36 -47.37 20.36
C CYS D 14 1.87 -47.68 20.30
N ASN D 15 1.53 -48.93 20.01
CA ASN D 15 0.14 -49.36 19.84
C ASN D 15 -0.62 -49.70 21.15
N ASN D 16 0.05 -49.54 22.29
CA ASN D 16 -0.58 -49.67 23.60
C ASN D 16 -0.17 -48.53 24.52
N PRO D 17 -1.04 -48.17 25.48
CA PRO D 17 -2.30 -48.84 25.78
C PRO D 17 -3.49 -48.33 24.97
N HIS D 18 -3.27 -47.27 24.21
CA HIS D 18 -4.35 -46.63 23.47
C HIS D 18 -4.60 -47.41 22.19
N ARG D 19 -5.86 -47.49 21.76
CA ARG D 19 -6.18 -48.14 20.50
C ARG D 19 -5.88 -47.25 19.31
N ILE D 20 -4.87 -47.62 18.53
CA ILE D 20 -4.43 -46.85 17.38
C ILE D 20 -4.99 -47.48 16.13
N LEU D 21 -5.56 -46.64 15.26
CA LEU D 21 -6.01 -47.09 13.95
C LEU D 21 -5.21 -46.33 12.91
N ASP D 22 -4.38 -47.06 12.18
CA ASP D 22 -3.55 -46.49 11.12
C ASP D 22 -4.39 -46.35 9.86
N GLY D 23 -4.55 -45.12 9.38
CA GLY D 23 -5.39 -44.85 8.22
C GLY D 23 -4.83 -45.32 6.88
N ILE D 24 -3.53 -45.56 6.84
CA ILE D 24 -2.84 -45.97 5.62
C ILE D 24 -3.16 -45.05 4.43
N ASP D 25 -3.84 -45.55 3.40
CA ASP D 25 -4.14 -44.76 2.22
C ASP D 25 -5.40 -43.92 2.35
N CYS D 26 -6.01 -43.91 3.54
CA CYS D 26 -7.30 -43.26 3.68
C CYS D 26 -7.29 -42.16 4.71
N THR D 27 -7.97 -41.07 4.38
CA THR D 27 -8.34 -40.06 5.35
C THR D 27 -9.56 -40.55 6.10
N LEU D 28 -9.82 -39.94 7.24
CA LEU D 28 -10.97 -40.27 8.06
C LEU D 28 -12.29 -39.98 7.35
N ILE D 29 -12.36 -38.89 6.59
CA ILE D 29 -13.59 -38.56 5.86
C ILE D 29 -13.90 -39.58 4.75
N ASP D 30 -12.88 -40.03 4.04
CA ASP D 30 -13.09 -41.07 3.02
C ASP D 30 -13.55 -42.40 3.61
N ALA D 31 -13.06 -42.74 4.79
CA ALA D 31 -13.50 -43.94 5.50
C ALA D 31 -14.95 -43.78 5.93
N LEU D 32 -15.30 -42.59 6.40
CA LEU D 32 -16.66 -42.30 6.83
C LEU D 32 -17.64 -42.52 5.68
N LEU D 33 -17.38 -41.89 4.53
CA LEU D 33 -18.29 -41.95 3.38
C LEU D 33 -18.34 -43.34 2.74
N GLY D 34 -17.22 -44.06 2.79
CA GLY D 34 -17.16 -45.39 2.23
C GLY D 34 -16.60 -45.47 0.82
N ASP D 35 -15.59 -44.63 0.56
CA ASP D 35 -14.70 -44.79 -0.60
C ASP D 35 -14.26 -46.25 -0.66
N PRO D 36 -14.41 -46.92 -1.83
CA PRO D 36 -14.16 -48.36 -1.88
C PRO D 36 -12.82 -48.88 -1.32
N HIS D 37 -11.71 -48.21 -1.63
CA HIS D 37 -10.42 -48.70 -1.16
C HIS D 37 -10.24 -48.45 0.35
N CYS D 38 -11.19 -47.74 0.93
CA CYS D 38 -11.25 -47.48 2.37
C CYS D 38 -12.29 -48.31 3.11
N ASP D 39 -13.02 -49.18 2.41
CA ASP D 39 -14.12 -49.90 3.05
C ASP D 39 -13.67 -50.94 4.09
N VAL D 40 -12.37 -51.20 4.13
N VAL D 40 -12.37 -51.24 4.09
CA VAL D 40 -11.79 -52.06 5.16
CA VAL D 40 -11.77 -52.05 5.15
C VAL D 40 -11.90 -51.42 6.56
C VAL D 40 -12.09 -51.46 6.54
N PHE D 41 -12.26 -50.14 6.58
CA PHE D 41 -12.50 -49.41 7.84
C PHE D 41 -13.96 -49.37 8.28
N GLN D 42 -14.84 -50.07 7.58
CA GLN D 42 -16.24 -50.10 7.97
C GLN D 42 -16.43 -50.52 9.43
N ASN D 43 -17.19 -49.74 10.18
CA ASN D 43 -17.51 -50.05 11.57
C ASN D 43 -16.32 -50.06 12.53
N GLU D 44 -15.20 -49.48 12.12
CA GLU D 44 -14.00 -49.51 12.94
C GLU D 44 -14.07 -48.48 14.08
N THR D 45 -13.23 -48.66 15.10
CA THR D 45 -13.15 -47.73 16.23
C THR D 45 -11.69 -47.39 16.57
N TRP D 46 -11.48 -46.31 17.32
CA TRP D 46 -10.11 -45.90 17.66
C TRP D 46 -10.10 -44.98 18.88
N ASP D 47 -8.99 -44.96 19.60
CA ASP D 47 -8.66 -43.86 20.50
C ASP D 47 -7.94 -42.77 19.70
N LEU D 48 -6.98 -43.18 18.87
CA LEU D 48 -6.29 -42.24 17.98
C LEU D 48 -6.26 -42.69 16.53
N PHE D 49 -6.86 -41.88 15.66
CA PHE D 49 -6.79 -42.12 14.23
C PHE D 49 -5.57 -41.40 13.68
N VAL D 50 -4.74 -42.12 12.91
CA VAL D 50 -3.54 -41.53 12.36
C VAL D 50 -3.69 -41.35 10.83
N GLU D 51 -3.77 -40.10 10.37
CA GLU D 51 -3.86 -39.82 8.94
C GLU D 51 -2.48 -39.64 8.33
N ARG D 52 -2.27 -40.31 7.19
CA ARG D 52 -0.98 -40.30 6.51
C ARG D 52 -0.98 -39.30 5.36
N SER D 53 0.17 -38.71 5.12
CA SER D 53 0.31 -37.74 4.05
C SER D 53 0.11 -38.39 2.67
N LYS D 54 0.28 -39.71 2.61
CA LYS D 54 0.12 -40.41 1.35
C LYS D 54 -1.34 -40.75 1.01
N ALA D 55 -2.29 -40.38 1.86
CA ALA D 55 -3.67 -40.72 1.61
C ALA D 55 -4.12 -40.09 0.29
N PHE D 56 -5.04 -40.76 -0.40
CA PHE D 56 -5.59 -40.23 -1.64
C PHE D 56 -7.04 -40.68 -1.74
N SER D 57 -7.84 -39.90 -2.46
CA SER D 57 -9.21 -40.28 -2.78
C SER D 57 -9.25 -40.99 -4.12
N ASN D 58 -10.19 -41.92 -4.27
CA ASN D 58 -10.34 -42.64 -5.52
C ASN D 58 -11.79 -42.98 -5.86
N CYS D 59 -12.67 -42.02 -5.64
CA CYS D 59 -14.10 -42.21 -5.87
C CYS D 59 -14.63 -40.96 -6.56
N TYR D 60 -15.93 -40.70 -6.43
CA TYR D 60 -16.52 -39.57 -7.12
C TYR D 60 -15.92 -38.32 -6.48
N PRO D 61 -15.55 -37.33 -7.30
CA PRO D 61 -14.94 -36.14 -6.71
C PRO D 61 -15.93 -35.35 -5.89
N TYR D 62 -15.54 -34.91 -4.69
CA TYR D 62 -16.50 -34.38 -3.76
C TYR D 62 -15.83 -33.25 -3.01
N ASP D 63 -16.64 -32.39 -2.41
CA ASP D 63 -16.16 -31.46 -1.42
C ASP D 63 -17.05 -31.38 -0.19
N VAL D 64 -16.50 -30.85 0.91
CA VAL D 64 -17.26 -30.71 2.13
C VAL D 64 -17.19 -29.28 2.67
N PRO D 65 -18.27 -28.51 2.51
CA PRO D 65 -18.28 -27.23 3.22
C PRO D 65 -18.05 -27.49 4.70
N ASP D 66 -17.17 -26.73 5.35
CA ASP D 66 -16.82 -27.02 6.74
C ASP D 66 -16.28 -28.44 6.95
N TYR D 67 -15.41 -28.87 6.03
CA TYR D 67 -14.67 -30.12 6.16
C TYR D 67 -14.07 -30.29 7.55
N ALA D 68 -13.45 -29.24 8.07
CA ALA D 68 -12.71 -29.32 9.34
C ALA D 68 -13.62 -29.70 10.50
N SER D 69 -14.85 -29.21 10.48
CA SER D 69 -15.78 -29.49 11.55
C SER D 69 -16.28 -30.94 11.55
N LEU D 70 -16.58 -31.46 10.37
CA LEU D 70 -17.02 -32.85 10.26
C LEU D 70 -15.94 -33.83 10.68
N ARG D 71 -14.73 -33.56 10.19
CA ARG D 71 -13.56 -34.35 10.52
C ARG D 71 -13.35 -34.34 12.01
N SER D 72 -13.49 -33.17 12.60
CA SER D 72 -13.31 -33.02 14.03
C SER D 72 -14.32 -33.80 14.87
N LEU D 73 -15.60 -33.69 14.54
CA LEU D 73 -16.62 -34.29 15.42
C LEU D 73 -16.65 -35.81 15.30
N VAL D 74 -16.37 -36.31 14.10
CA VAL D 74 -16.25 -37.75 13.89
C VAL D 74 -15.00 -38.30 14.55
N ALA D 75 -13.90 -37.56 14.42
CA ALA D 75 -12.63 -37.98 14.98
C ALA D 75 -12.77 -38.10 16.49
N SER D 76 -13.48 -37.14 17.05
CA SER D 76 -13.70 -37.06 18.49
C SER D 76 -14.64 -38.14 18.96
N SER D 77 -15.63 -38.46 18.12
CA SER D 77 -16.56 -39.55 18.43
C SER D 77 -15.86 -40.89 18.53
N GLY D 78 -14.89 -41.12 17.64
CA GLY D 78 -14.01 -42.26 17.78
C GLY D 78 -14.52 -43.59 17.25
N THR D 79 -15.58 -43.55 16.45
CA THR D 79 -16.12 -44.79 15.88
C THR D 79 -16.81 -44.51 14.56
N LEU D 80 -16.80 -45.49 13.66
CA LEU D 80 -17.60 -45.43 12.44
C LEU D 80 -18.78 -46.42 12.43
N GLU D 81 -19.23 -46.90 13.58
CA GLU D 81 -20.37 -47.81 13.60
C GLU D 81 -21.55 -47.20 12.85
N PHE D 82 -22.06 -47.95 11.89
CA PHE D 82 -23.11 -47.48 10.98
C PHE D 82 -24.26 -48.45 11.01
N ILE D 83 -25.48 -47.90 11.02
CA ILE D 83 -26.70 -48.68 11.09
C ILE D 83 -27.57 -48.27 9.92
N THR D 84 -27.84 -49.22 9.04
CA THR D 84 -28.68 -48.95 7.89
C THR D 84 -30.13 -48.77 8.29
N GLU D 85 -30.79 -47.81 7.66
CA GLU D 85 -32.23 -47.64 7.84
C GLU D 85 -32.97 -47.80 6.52
N GLY D 86 -34.23 -48.22 6.64
CA GLY D 86 -35.06 -48.50 5.49
C GLY D 86 -35.78 -47.28 4.97
N PHE D 87 -35.04 -46.31 4.44
CA PHE D 87 -35.67 -45.18 3.77
C PHE D 87 -36.49 -45.67 2.59
N THR D 88 -37.63 -45.04 2.34
CA THR D 88 -38.42 -45.35 1.15
C THR D 88 -38.36 -44.14 0.21
N TRP D 89 -37.95 -44.39 -1.02
CA TRP D 89 -37.77 -43.34 -2.01
C TRP D 89 -38.68 -43.57 -3.22
N THR D 90 -39.89 -43.06 -3.16
CA THR D 90 -40.88 -43.40 -4.17
C THR D 90 -40.68 -42.63 -5.47
N GLY D 91 -40.60 -43.38 -6.57
CA GLY D 91 -40.61 -42.79 -7.90
C GLY D 91 -39.24 -42.37 -8.38
N VAL D 92 -38.18 -42.84 -7.73
CA VAL D 92 -36.84 -42.57 -8.23
C VAL D 92 -36.02 -43.86 -8.34
N THR D 93 -34.96 -43.81 -9.15
CA THR D 93 -34.01 -44.91 -9.26
C THR D 93 -32.89 -44.79 -8.23
N GLN D 94 -32.59 -45.89 -7.55
CA GLN D 94 -31.55 -45.91 -6.52
C GLN D 94 -30.20 -46.49 -6.91
N ASN D 95 -29.22 -46.31 -6.03
CA ASN D 95 -27.95 -47.02 -6.11
C ASN D 95 -27.16 -46.62 -7.34
N GLY D 96 -27.22 -45.34 -7.70
CA GLY D 96 -26.46 -44.87 -8.85
C GLY D 96 -24.99 -45.10 -8.56
N GLY D 97 -24.22 -45.33 -9.62
CA GLY D 97 -22.79 -45.57 -9.49
C GLY D 97 -21.97 -44.96 -10.60
N SER D 98 -20.65 -45.13 -10.51
CA SER D 98 -19.74 -44.44 -11.39
C SER D 98 -18.45 -45.20 -11.64
N ASN D 99 -17.91 -45.07 -12.85
CA ASN D 99 -16.61 -45.65 -13.17
C ASN D 99 -15.45 -44.85 -12.60
N ALA D 100 -15.77 -43.72 -11.96
CA ALA D 100 -14.80 -42.95 -11.21
C ALA D 100 -14.57 -43.58 -9.85
N CYS D 101 -15.47 -44.47 -9.46
CA CYS D 101 -15.43 -45.09 -8.16
C CYS D 101 -15.70 -46.58 -8.27
N LYS D 102 -14.80 -47.31 -8.94
CA LYS D 102 -15.01 -48.73 -9.15
C LYS D 102 -14.92 -49.51 -7.85
N ARG D 103 -15.81 -50.50 -7.72
CA ARG D 103 -15.84 -51.40 -6.59
C ARG D 103 -15.80 -52.81 -7.16
N GLY D 104 -14.65 -53.47 -7.03
CA GLY D 104 -14.42 -54.69 -7.76
C GLY D 104 -14.38 -54.30 -9.23
N PRO D 105 -14.87 -55.17 -10.13
CA PRO D 105 -14.68 -54.80 -11.53
C PRO D 105 -15.62 -53.71 -12.05
N GLY D 106 -16.80 -53.58 -11.44
CA GLY D 106 -17.79 -52.64 -11.93
C GLY D 106 -17.83 -51.29 -11.27
N SER D 107 -18.62 -50.40 -11.87
CA SER D 107 -18.94 -49.10 -11.30
C SER D 107 -19.54 -49.24 -9.91
N GLY D 108 -19.32 -48.24 -9.08
CA GLY D 108 -19.83 -48.25 -7.72
C GLY D 108 -19.91 -46.83 -7.20
N PHE D 109 -20.04 -46.69 -5.89
CA PHE D 109 -20.24 -45.38 -5.29
C PHE D 109 -19.87 -45.50 -3.83
N PHE D 110 -19.82 -44.38 -3.13
CA PHE D 110 -19.59 -44.42 -1.70
C PHE D 110 -20.60 -45.39 -1.11
N SER D 111 -20.13 -46.22 -0.19
CA SER D 111 -20.96 -47.28 0.36
C SER D 111 -22.06 -46.74 1.27
N ARG D 112 -21.86 -45.56 1.85
CA ARG D 112 -22.80 -45.06 2.85
C ARG D 112 -23.83 -44.09 2.27
N LEU D 113 -23.74 -43.84 0.96
CA LEU D 113 -24.60 -42.89 0.27
C LEU D 113 -25.35 -43.57 -0.89
N ASN D 114 -26.46 -42.96 -1.32
CA ASN D 114 -27.38 -43.56 -2.26
C ASN D 114 -27.74 -42.53 -3.33
N TRP D 115 -27.15 -42.69 -4.50
CA TRP D 115 -27.31 -41.71 -5.56
C TRP D 115 -28.65 -41.93 -6.28
N LEU D 116 -29.59 -41.03 -6.02
CA LEU D 116 -30.93 -41.13 -6.58
C LEU D 116 -31.02 -40.36 -7.89
N THR D 117 -31.67 -40.98 -8.87
CA THR D 117 -31.95 -40.32 -10.14
C THR D 117 -33.39 -40.54 -10.57
N LYS D 118 -33.77 -39.95 -11.70
CA LYS D 118 -35.14 -40.06 -12.19
C LYS D 118 -35.51 -41.50 -12.43
N SER D 119 -36.82 -41.76 -12.38
CA SER D 119 -37.37 -43.04 -12.80
C SER D 119 -38.35 -42.78 -13.93
N GLY D 120 -38.14 -43.44 -15.07
CA GLY D 120 -38.88 -43.10 -16.27
C GLY D 120 -38.56 -41.70 -16.73
N SER D 121 -39.59 -40.86 -16.82
CA SER D 121 -39.43 -39.49 -17.31
C SER D 121 -39.71 -38.46 -16.23
N THR D 122 -39.71 -38.89 -14.96
CA THR D 122 -40.04 -37.98 -13.88
C THR D 122 -39.17 -38.16 -12.66
N TYR D 123 -39.06 -37.10 -11.85
CA TYR D 123 -38.41 -37.17 -10.56
C TYR D 123 -39.33 -36.41 -9.61
N PRO D 124 -40.06 -37.14 -8.75
CA PRO D 124 -41.06 -36.49 -7.88
C PRO D 124 -40.46 -35.74 -6.71
N VAL D 125 -41.30 -35.01 -5.99
CA VAL D 125 -40.85 -34.41 -4.75
C VAL D 125 -40.76 -35.51 -3.71
N LEU D 126 -39.55 -35.85 -3.31
CA LEU D 126 -39.31 -36.77 -2.21
C LEU D 126 -39.59 -36.06 -0.90
N ASN D 127 -40.22 -36.81 0.00
CA ASN D 127 -40.64 -36.27 1.29
C ASN D 127 -40.71 -37.41 2.30
N VAL D 128 -39.63 -37.60 3.05
CA VAL D 128 -39.52 -38.73 3.95
C VAL D 128 -39.12 -38.27 5.35
N THR D 129 -39.50 -39.03 6.35
CA THR D 129 -39.18 -38.68 7.73
C THR D 129 -38.60 -39.89 8.46
N MET D 130 -37.76 -39.63 9.46
CA MET D 130 -37.16 -40.71 10.23
C MET D 130 -37.02 -40.26 11.66
N PRO D 131 -37.86 -40.76 12.57
CA PRO D 131 -37.79 -40.32 13.96
C PRO D 131 -36.64 -40.97 14.72
N ASN D 132 -36.08 -40.25 15.69
CA ASN D 132 -35.13 -40.84 16.60
C ASN D 132 -35.81 -41.28 17.88
N ASN D 133 -36.09 -42.58 17.97
CA ASN D 133 -36.73 -43.12 19.16
C ASN D 133 -35.72 -43.90 20.01
N ASP D 134 -34.44 -43.67 19.72
CA ASP D 134 -33.35 -44.26 20.49
C ASP D 134 -32.93 -43.25 21.56
N ASN D 135 -32.00 -43.66 22.42
CA ASN D 135 -31.53 -42.78 23.47
C ASN D 135 -30.09 -42.32 23.26
N PHE D 136 -29.64 -42.32 22.01
CA PHE D 136 -28.37 -41.72 21.62
C PHE D 136 -28.55 -40.79 20.42
N ASP D 137 -27.56 -39.94 20.16
CA ASP D 137 -27.56 -39.07 19.00
C ASP D 137 -27.20 -39.84 17.72
N LYS D 138 -27.88 -39.52 16.63
CA LYS D 138 -27.60 -40.12 15.34
C LYS D 138 -26.90 -39.11 14.45
N LEU D 139 -25.85 -39.53 13.76
CA LEU D 139 -25.23 -38.68 12.75
C LEU D 139 -25.61 -39.17 11.35
N TYR D 140 -26.30 -38.32 10.61
CA TYR D 140 -26.64 -38.56 9.21
C TYR D 140 -25.74 -37.81 8.24
N ILE D 141 -25.16 -38.53 7.30
CA ILE D 141 -24.37 -37.95 6.23
C ILE D 141 -25.15 -38.02 4.91
N TRP D 142 -25.26 -36.91 4.21
CA TRP D 142 -26.03 -36.88 2.97
C TRP D 142 -25.35 -35.91 2.01
N GLY D 143 -25.86 -35.77 0.78
CA GLY D 143 -25.16 -34.95 -0.19
C GLY D 143 -26.01 -34.33 -1.27
N VAL D 144 -25.36 -33.50 -2.06
CA VAL D 144 -26.02 -32.81 -3.16
C VAL D 144 -25.14 -32.89 -4.38
N HIS D 145 -25.70 -33.31 -5.51
CA HIS D 145 -24.91 -33.40 -6.73
C HIS D 145 -24.94 -32.08 -7.49
N HIS D 146 -23.76 -31.60 -7.89
CA HIS D 146 -23.69 -30.45 -8.78
C HIS D 146 -23.22 -30.84 -10.17
N PRO D 147 -24.16 -30.93 -11.12
CA PRO D 147 -23.79 -31.27 -12.50
C PRO D 147 -23.00 -30.15 -13.17
N SER D 148 -22.18 -30.50 -14.15
CA SER D 148 -21.36 -29.52 -14.85
C SER D 148 -22.13 -28.79 -15.96
N THR D 149 -23.20 -29.41 -16.46
CA THR D 149 -23.98 -28.81 -17.54
C THR D 149 -25.49 -28.94 -17.32
N ASN D 150 -26.27 -28.12 -18.02
CA ASN D 150 -27.74 -28.23 -17.97
C ASN D 150 -28.27 -29.53 -18.56
N GLN D 151 -27.61 -30.05 -19.59
CA GLN D 151 -27.97 -31.32 -20.19
C GLN D 151 -27.92 -32.46 -19.20
N GLU D 152 -26.85 -32.46 -18.44
CA GLU D 152 -26.60 -33.43 -17.41
C GLU D 152 -27.68 -33.29 -16.34
N GLN D 153 -27.97 -32.06 -15.95
CA GLN D 153 -28.97 -31.77 -14.94
C GLN D 153 -30.32 -32.39 -15.31
N THR D 154 -30.76 -32.22 -16.55
CA THR D 154 -32.10 -32.66 -16.90
C THR D 154 -32.10 -34.18 -17.13
N SER D 155 -31.00 -34.72 -17.61
CA SER D 155 -30.92 -36.17 -17.85
C SER D 155 -31.06 -36.95 -16.55
N LEU D 156 -30.43 -36.44 -15.49
CA LEU D 156 -30.45 -37.14 -14.21
C LEU D 156 -31.71 -36.84 -13.41
N TYR D 157 -32.13 -35.59 -13.39
CA TYR D 157 -33.07 -35.13 -12.37
C TYR D 157 -34.35 -34.51 -12.95
N VAL D 158 -34.41 -34.39 -14.28
CA VAL D 158 -35.58 -33.84 -14.98
C VAL D 158 -35.82 -32.36 -14.74
N GLN D 159 -36.02 -31.97 -13.49
CA GLN D 159 -36.16 -30.56 -13.13
C GLN D 159 -34.93 -29.78 -13.57
N ALA D 160 -35.12 -28.55 -14.02
CA ALA D 160 -34.03 -27.73 -14.50
C ALA D 160 -33.16 -27.26 -13.32
N SER D 161 -33.76 -27.21 -12.14
CA SER D 161 -33.05 -26.87 -10.92
C SER D 161 -33.57 -27.71 -9.78
N GLY D 162 -32.66 -28.30 -9.01
CA GLY D 162 -33.09 -29.15 -7.93
C GLY D 162 -33.11 -28.38 -6.63
N ARG D 163 -33.35 -29.10 -5.55
CA ARG D 163 -33.36 -28.50 -4.23
C ARG D 163 -33.33 -29.64 -3.22
N VAL D 164 -32.57 -29.45 -2.16
CA VAL D 164 -32.55 -30.39 -1.05
C VAL D 164 -32.81 -29.63 0.25
N THR D 165 -33.79 -30.05 1.01
CA THR D 165 -34.09 -29.42 2.27
C THR D 165 -34.08 -30.49 3.32
N VAL D 166 -33.23 -30.33 4.31
CA VAL D 166 -33.14 -31.28 5.41
C VAL D 166 -33.35 -30.54 6.70
N SER D 167 -34.21 -31.06 7.56
CA SER D 167 -34.53 -30.32 8.77
C SER D 167 -34.76 -31.21 9.97
N THR D 168 -34.63 -30.60 11.14
CA THR D 168 -35.05 -31.20 12.39
C THR D 168 -36.08 -30.27 12.98
N ARG D 169 -36.45 -30.52 14.23
N ARG D 169 -36.43 -30.48 14.24
CA ARG D 169 -37.45 -29.69 14.90
CA ARG D 169 -37.48 -29.68 14.88
C ARG D 169 -36.96 -28.24 14.89
C ARG D 169 -36.99 -28.26 15.20
N ARG D 170 -35.68 -28.03 15.19
CA ARG D 170 -35.17 -26.68 15.46
C ARG D 170 -34.11 -26.11 14.52
N SER D 171 -33.86 -26.77 13.40
CA SER D 171 -32.92 -26.27 12.39
C SER D 171 -33.45 -26.66 11.00
N GLN D 172 -33.03 -25.95 9.96
CA GLN D 172 -33.40 -26.34 8.61
C GLN D 172 -32.33 -25.79 7.70
N GLN D 173 -32.06 -26.56 6.66
CA GLN D 173 -31.08 -26.26 5.63
C GLN D 173 -31.61 -26.55 4.24
N THR D 174 -31.56 -25.55 3.38
CA THR D 174 -31.90 -25.75 1.98
C THR D 174 -30.71 -25.43 1.08
N ILE D 175 -30.42 -26.34 0.17
CA ILE D 175 -29.31 -26.21 -0.76
C ILE D 175 -29.89 -26.23 -2.15
N ILE D 176 -29.52 -25.24 -2.96
CA ILE D 176 -29.93 -25.24 -4.35
C ILE D 176 -28.63 -25.64 -5.03
N PRO D 177 -28.65 -26.73 -5.79
CA PRO D 177 -27.42 -27.13 -6.48
C PRO D 177 -26.99 -26.07 -7.48
N ASN D 178 -25.71 -26.05 -7.77
CA ASN D 178 -25.12 -25.09 -8.70
C ASN D 178 -24.45 -25.73 -9.89
N ILE D 179 -25.02 -25.51 -11.07
CA ILE D 179 -24.53 -26.13 -12.29
C ILE D 179 -23.33 -25.35 -12.80
N GLY D 180 -22.30 -26.07 -13.23
CA GLY D 180 -21.15 -25.46 -13.87
C GLY D 180 -19.97 -26.37 -13.63
N SER D 181 -18.89 -26.11 -14.37
CA SER D 181 -17.67 -26.90 -14.26
C SER D 181 -16.74 -26.54 -13.09
N ARG D 182 -16.16 -27.58 -12.48
CA ARG D 182 -15.01 -27.40 -11.60
C ARG D 182 -13.83 -28.05 -12.30
N PRO D 183 -12.63 -27.91 -11.73
CA PRO D 183 -11.51 -28.53 -12.43
C PRO D 183 -11.68 -30.03 -12.61
N TRP D 184 -11.32 -30.50 -13.80
CA TRP D 184 -11.35 -31.90 -14.13
C TRP D 184 -10.57 -32.73 -13.11
N VAL D 185 -11.29 -33.67 -12.49
CA VAL D 185 -10.68 -34.62 -11.57
C VAL D 185 -11.15 -36.02 -11.95
N ARG D 186 -10.17 -36.87 -12.23
CA ARG D 186 -10.39 -38.23 -12.70
C ARG D 186 -11.49 -38.22 -13.78
N GLY D 187 -11.36 -37.33 -14.75
CA GLY D 187 -12.27 -37.32 -15.89
C GLY D 187 -13.59 -36.57 -15.75
N LEU D 188 -13.85 -36.02 -14.57
CA LEU D 188 -15.18 -35.47 -14.26
C LEU D 188 -15.10 -34.01 -13.81
N SER D 189 -16.02 -33.20 -14.31
N SER D 189 -16.02 -33.18 -14.30
CA SER D 189 -16.11 -31.79 -13.94
CA SER D 189 -16.08 -31.79 -13.86
C SER D 189 -17.27 -31.49 -12.99
C SER D 189 -17.16 -31.55 -12.79
N SER D 190 -18.00 -32.53 -12.59
N SER D 190 -18.07 -32.50 -12.64
CA SER D 190 -19.06 -32.37 -11.60
CA SER D 190 -19.09 -32.39 -11.61
C SER D 190 -18.53 -32.70 -10.20
C SER D 190 -18.54 -32.71 -10.22
N ARG D 191 -19.36 -32.44 -9.20
CA ARG D 191 -18.99 -32.63 -7.81
C ARG D 191 -20.16 -33.06 -6.97
N ILE D 192 -19.83 -33.65 -5.83
CA ILE D 192 -20.81 -33.88 -4.78
C ILE D 192 -20.37 -33.05 -3.59
N SER D 193 -21.32 -32.36 -2.97
CA SER D 193 -21.07 -31.67 -1.72
C SER D 193 -21.70 -32.43 -0.57
N ILE D 194 -20.91 -32.58 0.49
CA ILE D 194 -21.33 -33.39 1.62
C ILE D 194 -21.78 -32.52 2.78
N TYR D 195 -22.91 -32.90 3.36
CA TYR D 195 -23.46 -32.21 4.51
C TYR D 195 -23.75 -33.24 5.57
N TRP D 196 -24.00 -32.77 6.79
N TRP D 196 -23.96 -32.76 6.80
CA TRP D 196 -24.33 -33.68 7.88
CA TRP D 196 -24.27 -33.62 7.93
C TRP D 196 -25.34 -33.05 8.81
C TRP D 196 -25.39 -33.04 8.78
N THR D 197 -26.07 -33.90 9.52
CA THR D 197 -27.14 -33.46 10.41
C THR D 197 -27.16 -34.37 11.61
N ILE D 198 -27.19 -33.77 12.80
CA ILE D 198 -27.33 -34.56 14.01
C ILE D 198 -28.76 -34.54 14.52
N VAL D 199 -29.27 -35.71 14.91
CA VAL D 199 -30.64 -35.79 15.37
C VAL D 199 -30.60 -36.37 16.78
N LYS D 200 -31.11 -35.62 17.75
CA LYS D 200 -31.11 -36.05 19.14
C LYS D 200 -32.32 -36.91 19.44
N PRO D 201 -32.27 -37.67 20.55
CA PRO D 201 -33.41 -38.49 20.96
C PRO D 201 -34.69 -37.65 21.02
N GLY D 202 -35.78 -38.19 20.50
CA GLY D 202 -37.04 -37.46 20.51
C GLY D 202 -37.19 -36.48 19.37
N ASP D 203 -36.12 -36.24 18.63
CA ASP D 203 -36.21 -35.39 17.45
C ASP D 203 -36.47 -36.27 16.23
N VAL D 204 -36.50 -35.67 15.05
CA VAL D 204 -36.89 -36.37 13.84
C VAL D 204 -36.17 -35.72 12.65
N LEU D 205 -35.86 -36.51 11.64
CA LEU D 205 -35.23 -36.02 10.42
C LEU D 205 -36.29 -35.92 9.36
N VAL D 206 -36.29 -34.82 8.62
CA VAL D 206 -37.10 -34.74 7.43
C VAL D 206 -36.25 -34.38 6.24
N ILE D 207 -36.42 -35.11 5.15
CA ILE D 207 -35.70 -34.84 3.91
C ILE D 207 -36.72 -34.60 2.79
N ASN D 208 -36.60 -33.48 2.11
CA ASN D 208 -37.53 -33.10 1.07
C ASN D 208 -36.74 -32.62 -0.13
N SER D 209 -36.87 -33.27 -1.28
CA SER D 209 -36.08 -32.89 -2.44
C SER D 209 -36.78 -33.14 -3.77
N ASN D 210 -36.58 -32.27 -4.74
CA ASN D 210 -37.06 -32.54 -6.10
C ASN D 210 -35.90 -32.64 -7.10
N GLY D 211 -34.75 -33.13 -6.62
CA GLY D 211 -33.62 -33.44 -7.48
C GLY D 211 -32.28 -33.22 -6.80
N ASN D 212 -31.26 -33.96 -7.23
CA ASN D 212 -29.87 -33.74 -6.81
C ASN D 212 -29.55 -34.25 -5.42
N LEU D 213 -30.49 -34.93 -4.79
CA LEU D 213 -30.24 -35.51 -3.48
C LEU D 213 -29.34 -36.74 -3.55
N ILE D 214 -28.27 -36.72 -2.77
CA ILE D 214 -27.48 -37.92 -2.51
C ILE D 214 -27.91 -38.38 -1.13
N ALA D 215 -28.71 -39.44 -1.09
CA ALA D 215 -29.42 -39.80 0.13
C ALA D 215 -28.54 -40.57 1.09
N PRO D 216 -28.83 -40.44 2.39
CA PRO D 216 -28.21 -41.31 3.39
C PRO D 216 -28.79 -42.71 3.30
N ARG D 217 -28.04 -43.71 3.75
CA ARG D 217 -28.54 -45.08 3.80
C ARG D 217 -28.89 -45.46 5.23
N GLY D 218 -28.61 -44.56 6.16
CA GLY D 218 -28.70 -44.84 7.59
C GLY D 218 -27.93 -43.80 8.35
N TYR D 219 -27.52 -44.12 9.57
CA TYR D 219 -26.87 -43.15 10.44
C TYR D 219 -25.65 -43.73 11.15
N PHE D 220 -24.74 -42.86 11.57
CA PHE D 220 -23.63 -43.27 12.42
C PHE D 220 -24.01 -43.08 13.88
N LYS D 221 -23.72 -44.05 14.74
CA LYS D 221 -24.03 -43.89 16.15
C LYS D 221 -22.96 -42.97 16.73
N MET D 222 -23.39 -41.88 17.36
N MET D 222 -23.40 -41.93 17.44
CA MET D 222 -22.47 -40.96 18.01
CA MET D 222 -22.49 -40.96 18.02
C MET D 222 -22.14 -41.40 19.43
C MET D 222 -22.16 -41.24 19.48
N ARG D 223 -20.87 -41.22 19.79
CA ARG D 223 -20.39 -41.48 21.14
C ARG D 223 -19.65 -40.25 21.63
N THR D 224 -19.46 -40.15 22.93
CA THR D 224 -18.57 -39.16 23.50
C THR D 224 -17.44 -39.89 24.22
N GLY D 225 -16.27 -39.26 24.31
CA GLY D 225 -15.13 -39.89 24.95
C GLY D 225 -13.79 -39.28 24.60
N LYS D 226 -12.73 -40.11 24.69
CA LYS D 226 -11.37 -39.59 24.63
C LYS D 226 -10.72 -39.69 23.27
N SER D 227 -11.48 -40.01 22.23
CA SER D 227 -10.91 -40.26 20.92
C SER D 227 -10.44 -38.97 20.23
N SER D 228 -9.43 -39.07 19.37
CA SER D 228 -8.97 -37.91 18.60
C SER D 228 -8.28 -38.31 17.28
N ILE D 229 -7.66 -37.33 16.62
CA ILE D 229 -7.02 -37.57 15.33
C ILE D 229 -5.71 -36.81 15.21
N MET D 230 -4.77 -37.37 14.46
CA MET D 230 -3.47 -36.75 14.30
C MET D 230 -2.86 -37.00 12.92
N ARG D 231 -2.17 -36.02 12.37
CA ARG D 231 -1.42 -36.23 11.14
C ARG D 231 0.03 -36.56 11.50
N SER D 232 0.53 -37.69 11.01
CA SER D 232 1.87 -38.15 11.31
C SER D 232 2.30 -39.17 10.25
N ASP D 233 3.59 -39.20 9.93
CA ASP D 233 4.12 -40.28 9.10
C ASP D 233 4.96 -41.32 9.86
N ALA D 234 4.93 -41.26 11.20
CA ALA D 234 5.69 -42.19 12.05
C ALA D 234 5.08 -43.60 11.97
N PRO D 235 5.93 -44.63 11.88
CA PRO D 235 5.45 -46.02 11.90
C PRO D 235 4.84 -46.42 13.24
N ILE D 236 4.00 -47.46 13.25
N ILE D 236 3.87 -47.32 13.21
CA ILE D 236 3.39 -47.94 14.49
CA ILE D 236 3.36 -47.89 14.43
C ILE D 236 3.99 -49.26 15.02
C ILE D 236 4.32 -49.01 14.83
N ASP D 237 4.64 -49.18 16.18
N ASP D 237 4.32 -49.37 16.10
CA ASP D 237 5.38 -50.30 16.78
CA ASP D 237 5.09 -50.52 16.55
C ASP D 237 4.61 -50.99 17.91
C ASP D 237 4.51 -51.06 17.85
N THR D 238 5.04 -52.20 18.29
CA THR D 238 4.46 -52.89 19.44
C THR D 238 5.29 -52.58 20.70
N CYS D 239 4.70 -51.74 21.54
CA CYS D 239 5.38 -51.19 22.71
C CYS D 239 4.35 -50.38 23.49
N ILE D 240 4.74 -49.87 24.66
CA ILE D 240 3.77 -49.20 25.53
C ILE D 240 4.22 -47.78 25.84
N SER D 241 3.35 -46.82 25.57
CA SER D 241 3.57 -45.43 25.96
C SER D 241 2.25 -44.67 26.04
N GLU D 242 2.05 -43.93 27.14
CA GLU D 242 0.84 -43.15 27.33
C GLU D 242 0.76 -41.92 26.42
N CYS D 243 1.92 -41.37 26.04
CA CYS D 243 1.96 -40.11 25.30
C CYS D 243 2.40 -40.31 23.85
N ILE D 244 1.59 -39.80 22.93
CA ILE D 244 1.85 -39.93 21.50
C ILE D 244 1.99 -38.56 20.84
N THR D 245 3.05 -38.41 20.04
CA THR D 245 3.24 -37.21 19.22
C THR D 245 3.38 -37.63 17.77
N PRO D 246 3.30 -36.68 16.83
CA PRO D 246 3.48 -37.03 15.42
C PRO D 246 4.89 -37.58 15.11
N ASN D 247 5.86 -37.25 15.95
CA ASN D 247 7.22 -37.76 15.80
C ASN D 247 7.34 -39.20 16.26
N GLY D 248 6.32 -39.68 16.96
CA GLY D 248 6.42 -40.96 17.64
C GLY D 248 5.99 -40.80 19.10
N SER D 249 5.86 -41.91 19.80
CA SER D 249 5.57 -41.87 21.22
C SER D 249 6.75 -41.31 21.98
N ILE D 250 6.49 -40.70 23.13
CA ILE D 250 7.56 -40.25 24.02
C ILE D 250 7.27 -40.65 25.46
N PRO D 251 8.33 -40.89 26.25
CA PRO D 251 8.16 -41.09 27.70
C PRO D 251 7.49 -39.89 28.35
N ASN D 252 6.73 -40.15 29.41
CA ASN D 252 6.07 -39.08 30.14
C ASN D 252 6.51 -39.02 31.59
N ASP D 253 7.73 -39.49 31.86
CA ASP D 253 8.27 -39.36 33.21
C ASP D 253 8.62 -37.92 33.45
N LYS D 254 8.96 -37.20 32.39
CA LYS D 254 9.25 -35.79 32.54
C LYS D 254 7.95 -35.04 32.31
N PRO D 255 7.82 -33.87 32.95
CA PRO D 255 6.64 -33.00 32.94
C PRO D 255 6.49 -32.17 31.67
N PHE D 256 7.60 -31.99 30.96
CA PHE D 256 7.62 -31.17 29.74
C PHE D 256 8.27 -31.90 28.57
N GLN D 257 8.00 -31.41 27.36
CA GLN D 257 8.60 -31.96 26.14
C GLN D 257 8.75 -30.90 25.04
N ASN D 258 9.73 -31.10 24.16
CA ASN D 258 9.97 -30.17 23.05
C ASN D 258 9.94 -30.93 21.72
N VAL D 259 9.23 -32.04 21.70
CA VAL D 259 9.16 -32.89 20.52
C VAL D 259 8.13 -32.32 19.54
N ASN D 260 6.92 -32.07 20.04
CA ASN D 260 5.85 -31.54 19.20
C ASN D 260 4.74 -30.93 20.06
N LYS D 261 4.22 -29.78 19.65
CA LYS D 261 3.08 -29.17 20.34
C LYS D 261 1.80 -29.99 20.17
N ILE D 262 1.76 -30.82 19.14
CA ILE D 262 0.64 -31.73 18.94
C ILE D 262 0.90 -32.99 19.76
N THR D 263 0.00 -33.29 20.70
CA THR D 263 0.13 -34.50 21.50
C THR D 263 -1.22 -35.14 21.85
N TYR D 264 -1.17 -36.41 22.25
CA TYR D 264 -2.37 -37.13 22.67
C TYR D 264 -2.07 -38.04 23.85
N GLY D 265 -2.88 -37.93 24.90
CA GLY D 265 -2.75 -38.82 26.05
C GLY D 265 -2.15 -38.13 27.25
N ALA D 266 -1.60 -38.91 28.18
CA ALA D 266 -0.95 -38.34 29.36
C ALA D 266 0.47 -37.93 28.99
N CYS D 267 0.63 -36.65 28.69
CA CYS D 267 1.81 -36.16 28.00
C CYS D 267 2.46 -35.02 28.77
N PRO D 268 3.79 -34.92 28.69
CA PRO D 268 4.39 -33.70 29.21
C PRO D 268 3.81 -32.53 28.43
N LYS D 269 3.86 -31.33 28.98
CA LYS D 269 3.32 -30.17 28.30
C LYS D 269 4.27 -29.64 27.22
N TYR D 270 3.72 -29.29 26.06
CA TYR D 270 4.57 -28.79 24.98
C TYR D 270 4.99 -27.40 25.33
N VAL D 271 6.28 -27.15 25.21
CA VAL D 271 6.77 -25.83 25.43
C VAL D 271 7.72 -25.36 24.33
N VAL E 2 26.31 49.89 64.00
CA VAL E 2 27.60 49.59 63.40
C VAL E 2 27.35 48.89 62.07
N GLN E 3 28.22 49.17 61.11
CA GLN E 3 28.19 48.55 59.80
C GLN E 3 29.52 47.89 59.49
N LEU E 4 29.50 46.80 58.75
CA LEU E 4 30.72 46.06 58.47
C LEU E 4 30.95 45.96 56.98
N GLN E 5 32.22 45.96 56.59
CA GLN E 5 32.55 45.77 55.20
C GLN E 5 33.85 45.01 55.04
N GLU E 6 33.74 43.81 54.46
CA GLU E 6 34.90 42.97 54.26
C GLU E 6 35.58 43.37 52.96
N SER E 7 36.87 43.06 52.87
CA SER E 7 37.65 43.22 51.66
C SER E 7 38.82 42.25 51.75
N GLY E 8 39.56 42.10 50.66
CA GLY E 8 40.79 41.32 50.68
C GLY E 8 40.64 40.00 49.93
N GLY E 9 39.41 39.70 49.54
CA GLY E 9 39.12 38.47 48.82
C GLY E 9 39.74 38.50 47.44
N GLY E 10 39.95 37.33 46.86
CA GLY E 10 40.48 37.23 45.52
C GLY E 10 40.79 35.79 45.14
N LEU E 11 41.46 35.63 44.01
CA LEU E 11 41.85 34.30 43.55
C LEU E 11 43.25 33.94 44.02
N VAL E 12 43.41 32.76 44.59
CA VAL E 12 44.74 32.30 45.01
C VAL E 12 44.92 30.81 44.75
N GLN E 13 46.18 30.42 44.54
CA GLN E 13 46.53 29.03 44.31
C GLN E 13 46.45 28.24 45.61
N PRO E 14 46.16 26.94 45.52
CA PRO E 14 46.20 26.11 46.74
C PRO E 14 47.59 26.15 47.35
N GLY E 15 47.67 26.25 48.68
CA GLY E 15 48.93 26.29 49.37
C GLY E 15 49.36 27.72 49.70
N GLU E 16 48.84 28.69 48.95
CA GLU E 16 49.18 30.09 49.18
C GLU E 16 48.44 30.66 50.37
N SER E 17 48.74 31.92 50.68
CA SER E 17 48.15 32.63 51.82
C SER E 17 47.31 33.80 51.34
N LEU E 18 46.51 34.35 52.25
CA LEU E 18 45.63 35.46 51.92
C LEU E 18 45.11 36.09 53.20
N ARG E 19 45.09 37.42 53.25
N ARG E 19 45.06 37.42 53.23
CA ARG E 19 44.65 38.12 54.44
CA ARG E 19 44.63 38.13 54.42
C ARG E 19 43.37 38.90 54.14
C ARG E 19 43.36 38.90 54.13
N LEU E 20 42.29 38.57 54.83
CA LEU E 20 41.04 39.30 54.70
C LEU E 20 41.00 40.36 55.78
N SER E 21 40.33 41.46 55.51
N SER E 21 40.32 41.46 55.48
CA SER E 21 40.13 42.47 56.53
CA SER E 21 40.14 42.55 56.43
C SER E 21 38.69 42.90 56.53
C SER E 21 38.66 42.84 56.55
N CYS E 22 38.26 43.51 57.62
CA CYS E 22 36.88 43.92 57.78
C CYS E 22 36.85 45.21 58.56
N VAL E 23 36.27 46.25 57.99
CA VAL E 23 36.26 47.55 58.65
C VAL E 23 34.87 47.88 59.15
N GLY E 24 34.83 48.28 60.42
CA GLY E 24 33.61 48.72 61.08
C GLY E 24 33.45 50.22 60.98
N SER E 25 32.21 50.68 60.82
CA SER E 25 31.93 52.12 60.87
C SER E 25 30.60 52.29 61.61
N GLY E 26 30.08 53.51 61.65
CA GLY E 26 28.86 53.77 62.41
C GLY E 26 29.03 53.50 63.90
N SER E 27 27.91 53.34 64.60
CA SER E 27 27.93 53.13 66.04
C SER E 27 26.56 52.69 66.54
N SER E 28 26.54 52.02 67.70
CA SER E 28 25.31 51.51 68.31
C SER E 28 25.04 52.25 69.62
N PHE E 29 24.43 51.58 70.58
CA PHE E 29 24.06 52.22 71.84
C PHE E 29 25.27 52.80 72.55
N GLY E 30 25.09 53.97 73.16
CA GLY E 30 26.16 54.67 73.83
C GLY E 30 27.32 54.99 72.91
N GLU E 31 27.01 55.20 71.63
CA GLU E 31 28.03 55.51 70.62
C GLU E 31 29.10 54.44 70.57
N SER E 32 28.73 53.21 70.92
CA SER E 32 29.67 52.11 70.88
C SER E 32 30.05 51.83 69.45
N THR E 33 31.30 51.44 69.23
CA THR E 33 31.77 51.08 67.91
C THR E 33 32.17 49.63 67.95
N LEU E 34 32.67 49.11 66.83
CA LEU E 34 32.97 47.69 66.71
C LEU E 34 33.88 47.17 67.84
N SER E 35 34.79 48.01 68.33
CA SER E 35 35.77 47.57 69.33
C SER E 35 35.14 47.30 70.71
N TYR E 36 33.84 47.53 70.82
CA TYR E 36 33.11 47.19 72.03
C TYR E 36 32.59 45.76 71.96
N TYR E 37 32.73 45.13 70.79
CA TYR E 37 32.08 43.85 70.54
C TYR E 37 33.00 42.71 70.14
N ALA E 38 32.57 41.49 70.47
CA ALA E 38 33.15 40.27 69.94
C ALA E 38 32.74 40.10 68.49
N VAL E 39 33.57 39.42 67.71
CA VAL E 39 33.30 39.30 66.28
C VAL E 39 33.69 37.92 65.82
N SER E 40 32.93 37.38 64.86
CA SER E 40 33.25 36.09 64.29
C SER E 40 33.44 36.21 62.80
N TRP E 41 34.14 35.24 62.24
CA TRP E 41 34.16 35.02 60.81
C TRP E 41 33.32 33.79 60.50
N VAL E 42 32.54 33.87 59.43
CA VAL E 42 31.63 32.82 59.03
C VAL E 42 31.76 32.72 57.52
N ARG E 43 31.73 31.54 56.95
CA ARG E 43 31.87 31.44 55.50
C ARG E 43 30.75 30.62 54.89
N GLN E 44 30.63 30.70 53.57
CA GLN E 44 29.56 30.04 52.86
C GLN E 44 30.08 29.56 51.51
N ALA E 45 30.26 28.25 51.37
CA ALA E 45 30.75 27.72 50.10
C ALA E 45 29.65 27.87 49.08
N PRO E 46 30.00 27.83 47.78
CA PRO E 46 29.02 28.06 46.72
C PRO E 46 27.84 27.10 46.80
N GLY E 47 26.63 27.63 46.88
CA GLY E 47 25.44 26.79 46.94
C GLY E 47 25.22 26.07 48.26
N LYS E 48 26.04 26.34 49.26
CA LYS E 48 25.97 25.62 50.53
C LYS E 48 25.46 26.50 51.66
N GLY E 49 25.46 25.97 52.88
CA GLY E 49 25.04 26.73 54.05
C GLY E 49 26.15 27.52 54.71
N LEU E 50 25.95 27.87 55.97
CA LEU E 50 26.87 28.73 56.70
C LEU E 50 27.77 27.93 57.63
N GLU E 51 29.05 28.29 57.68
CA GLU E 51 29.99 27.59 58.54
C GLU E 51 30.75 28.60 59.38
N TRP E 52 30.58 28.51 60.69
CA TRP E 52 31.30 29.37 61.62
C TRP E 52 32.77 28.96 61.59
N LEU E 53 33.67 29.94 61.56
CA LEU E 53 35.10 29.66 61.47
C LEU E 53 35.88 30.01 62.73
N SER E 54 35.57 31.17 63.31
CA SER E 54 36.40 31.71 64.36
C SER E 54 35.74 32.88 65.08
N ILE E 55 36.09 33.04 66.35
CA ILE E 55 35.57 34.13 67.17
C ILE E 55 36.73 34.80 67.90
N ILE E 56 36.59 36.11 68.15
CA ILE E 56 37.56 36.85 68.93
C ILE E 56 36.85 37.88 69.78
N ASN E 57 37.29 38.02 71.03
CA ASN E 57 36.61 38.92 71.93
C ASN E 57 37.02 40.36 71.66
N ALA E 58 36.26 41.30 72.22
CA ALA E 58 36.48 42.71 71.95
C ALA E 58 37.94 43.11 72.18
N GLY E 59 38.53 42.62 73.26
CA GLY E 59 39.89 42.99 73.61
C GLY E 59 40.98 42.14 72.99
N GLY E 60 40.61 41.19 72.15
CA GLY E 60 41.59 40.41 71.42
C GLY E 60 41.83 39.01 71.96
N GLY E 61 41.20 38.69 73.09
CA GLY E 61 41.42 37.40 73.72
C GLY E 61 40.29 36.41 73.45
N ASP E 62 40.32 35.28 74.16
CA ASP E 62 39.26 34.28 74.10
C ASP E 62 39.01 33.77 72.68
N ILE E 63 40.08 33.66 71.91
CA ILE E 63 39.99 33.22 70.52
C ILE E 63 39.70 31.72 70.40
N ASP E 64 38.87 31.35 69.43
CA ASP E 64 38.67 29.95 69.11
C ASP E 64 38.46 29.72 67.62
N TYR E 65 38.71 28.48 67.19
CA TYR E 65 38.60 28.13 65.78
C TYR E 65 37.80 26.85 65.61
N ALA E 66 37.09 26.72 64.49
CA ALA E 66 36.50 25.46 64.10
C ALA E 66 37.63 24.49 63.73
N ASP E 67 37.46 23.20 63.97
CA ASP E 67 38.50 22.22 63.67
C ASP E 67 38.94 22.27 62.20
N SER E 68 38.03 22.62 61.31
CA SER E 68 38.33 22.58 59.88
C SER E 68 39.39 23.60 59.43
N VAL E 69 39.63 24.62 60.24
CA VAL E 69 40.63 25.63 59.91
C VAL E 69 41.62 25.90 61.05
N GLU E 70 41.45 25.20 62.16
CA GLU E 70 42.35 25.36 63.30
C GLU E 70 43.76 24.99 62.87
N GLY E 71 44.72 25.86 63.16
CA GLY E 71 46.11 25.58 62.85
C GLY E 71 46.50 26.17 61.50
N ARG E 72 45.53 26.69 60.76
CA ARG E 72 45.81 27.32 59.47
C ARG E 72 45.39 28.79 59.46
N PHE E 73 44.29 29.09 60.15
CA PHE E 73 43.76 30.45 60.13
C PHE E 73 44.07 31.12 61.47
N THR E 74 44.30 32.43 61.44
CA THR E 74 44.54 33.18 62.66
C THR E 74 43.69 34.43 62.63
N ILE E 75 42.87 34.60 63.65
CA ILE E 75 42.03 35.78 63.75
C ILE E 75 42.67 36.84 64.64
N SER E 76 42.53 38.10 64.26
CA SER E 76 43.06 39.18 65.08
C SER E 76 42.30 40.47 64.82
N ARG E 77 42.60 41.51 65.60
CA ARG E 77 41.96 42.80 65.41
C ARG E 77 42.84 43.96 65.88
N ASP E 78 42.65 45.10 65.23
CA ASP E 78 43.29 46.36 65.58
C ASP E 78 42.19 47.36 65.92
N ASN E 79 41.93 47.55 67.21
CA ASN E 79 40.81 48.37 67.64
C ASN E 79 41.00 49.87 67.39
N SER E 80 42.25 50.30 67.27
CA SER E 80 42.52 51.70 66.95
C SER E 80 42.02 52.02 65.53
N LYS E 81 41.92 51.00 64.69
CA LYS E 81 41.40 51.16 63.33
C LYS E 81 40.01 50.55 63.16
N GLU E 82 39.44 50.05 64.24
CA GLU E 82 38.18 49.34 64.16
C GLU E 82 38.20 48.28 63.05
N THR E 83 39.30 47.53 62.95
CA THR E 83 39.46 46.56 61.86
C THR E 83 39.72 45.15 62.37
N LEU E 84 39.08 44.17 61.74
CA LEU E 84 39.34 42.77 62.02
C LEU E 84 40.06 42.13 60.84
N TYR E 85 40.87 41.11 61.13
CA TYR E 85 41.65 40.41 60.12
C TYR E 85 41.48 38.92 60.30
N LEU E 86 41.52 38.22 59.18
CA LEU E 86 41.61 36.77 59.17
C LEU E 86 42.76 36.39 58.24
N GLN E 87 43.86 35.90 58.82
CA GLN E 87 45.01 35.43 58.08
C GLN E 87 44.86 33.95 57.76
N MET E 88 44.72 33.64 56.49
CA MET E 88 44.57 32.26 56.04
C MET E 88 45.91 31.81 55.44
N THR E 89 46.35 30.62 55.79
CA THR E 89 47.55 30.03 55.19
C THR E 89 47.21 28.62 54.72
N ASN E 90 48.08 28.04 53.90
N ASN E 90 48.08 28.05 53.91
CA ASN E 90 47.89 26.69 53.40
CA ASN E 90 47.90 26.68 53.42
C ASN E 90 46.47 26.45 52.92
C ASN E 90 46.47 26.45 52.93
N LEU E 91 45.97 27.38 52.11
CA LEU E 91 44.59 27.32 51.61
C LEU E 91 44.36 26.08 50.75
N ARG E 92 43.15 25.54 50.77
CA ARG E 92 42.81 24.42 49.91
C ARG E 92 41.58 24.75 49.06
N VAL E 93 41.32 23.91 48.06
CA VAL E 93 40.21 24.15 47.15
C VAL E 93 38.87 24.31 47.86
N GLU E 94 38.66 23.55 48.93
CA GLU E 94 37.36 23.58 49.60
C GLU E 94 37.19 24.76 50.56
N ASP E 95 38.21 25.63 50.65
CA ASP E 95 38.05 26.88 51.40
C ASP E 95 37.39 27.94 50.53
N THR E 96 37.14 27.61 49.26
CA THR E 96 36.50 28.55 48.34
C THR E 96 35.10 28.89 48.85
N GLY E 97 34.75 30.17 48.80
CA GLY E 97 33.41 30.61 49.18
C GLY E 97 33.39 32.07 49.57
N VAL E 98 32.22 32.54 49.99
CA VAL E 98 32.08 33.91 50.50
C VAL E 98 32.33 33.97 52.00
N TYR E 99 33.20 34.89 52.41
CA TYR E 99 33.55 35.09 53.81
C TYR E 99 32.91 36.37 54.35
N TYR E 100 32.18 36.23 55.44
CA TYR E 100 31.51 37.32 56.11
C TYR E 100 32.15 37.55 57.46
N CYS E 101 32.30 38.80 57.85
CA CYS E 101 32.52 39.12 59.24
C CYS E 101 31.20 39.56 59.91
N ALA E 102 31.01 39.18 61.18
CA ALA E 102 29.71 39.29 61.84
C ALA E 102 29.81 39.65 63.35
N LYS E 103 29.17 40.74 63.76
CA LYS E 103 29.23 41.19 65.14
C LYS E 103 28.23 40.49 66.06
N HIS E 104 28.69 40.07 67.25
CA HIS E 104 27.83 39.47 68.28
C HIS E 104 27.18 40.63 69.02
N MET E 105 25.93 40.49 69.48
CA MET E 105 25.22 41.65 70.00
C MET E 105 25.64 42.14 71.40
N SER E 106 26.09 41.26 72.30
CA SER E 106 26.37 41.69 73.68
C SER E 106 27.64 42.53 73.78
N MET E 107 27.53 43.65 74.50
CA MET E 107 28.68 44.49 74.77
C MET E 107 29.71 43.74 75.63
N GLN E 108 30.97 43.75 75.21
CA GLN E 108 32.00 42.95 75.86
C GLN E 108 33.05 43.78 76.60
N GLN E 109 33.26 45.02 76.16
CA GLN E 109 34.17 45.90 76.86
C GLN E 109 33.85 47.38 76.63
N VAL E 110 34.18 48.20 77.62
CA VAL E 110 34.10 49.66 77.51
C VAL E 110 35.45 50.18 78.01
N VAL E 111 36.33 50.49 77.06
CA VAL E 111 37.71 50.89 77.36
C VAL E 111 37.83 52.14 78.20
N SER E 112 36.98 53.13 77.95
CA SER E 112 37.05 54.40 78.66
C SER E 112 36.74 54.22 80.15
N ALA E 113 36.14 53.08 80.51
CA ALA E 113 35.82 52.80 81.91
C ALA E 113 36.65 51.67 82.50
N GLY E 114 37.61 51.16 81.74
CA GLY E 114 38.38 50.01 82.17
C GLY E 114 37.53 48.80 82.51
N TRP E 115 36.35 48.69 81.90
CA TRP E 115 35.44 47.57 82.14
C TRP E 115 35.45 46.50 81.06
N GLU E 116 35.40 45.25 81.51
CA GLU E 116 35.28 44.09 80.64
C GLU E 116 34.37 42.97 81.14
N ARG E 117 33.39 42.54 80.33
CA ARG E 117 32.58 41.40 80.76
C ARG E 117 33.45 40.22 81.14
N ALA E 118 33.05 39.57 82.23
CA ALA E 118 33.79 38.43 82.77
C ALA E 118 33.82 37.30 81.74
N ASP E 119 32.75 37.16 80.98
CA ASP E 119 32.62 36.03 80.06
C ASP E 119 32.37 36.48 78.62
N LEU E 120 32.80 35.65 77.68
CA LEU E 120 32.51 35.86 76.27
C LEU E 120 31.14 35.26 75.94
N VAL E 121 30.15 36.12 75.72
CA VAL E 121 28.78 35.65 75.49
C VAL E 121 28.60 34.92 74.15
N GLY E 122 29.03 35.56 73.07
CA GLY E 122 28.93 34.96 71.75
C GLY E 122 27.48 34.75 71.31
N ASP E 123 26.59 35.67 71.69
CA ASP E 123 25.18 35.60 71.29
C ASP E 123 24.97 36.06 69.84
N ALA E 124 23.74 36.42 69.48
CA ALA E 124 23.32 36.52 68.07
C ALA E 124 24.10 37.53 67.23
N PHE E 125 24.26 37.21 65.95
CA PHE E 125 24.94 38.07 64.98
C PHE E 125 23.99 39.16 64.48
N ASP E 126 23.98 40.32 65.13
CA ASP E 126 22.99 41.34 64.77
C ASP E 126 23.42 42.19 63.57
N VAL E 127 24.71 42.16 63.23
CA VAL E 127 25.19 42.85 62.03
C VAL E 127 26.19 41.99 61.24
N TRP E 128 25.95 41.85 59.94
CA TRP E 128 26.83 41.13 59.03
C TRP E 128 27.37 42.06 57.94
N GLY E 129 28.56 41.77 57.44
CA GLY E 129 29.06 42.46 56.26
C GLY E 129 28.42 41.95 54.98
N GLN E 130 28.85 42.49 53.85
CA GLN E 130 28.30 42.08 52.55
C GLN E 130 29.01 40.85 52.03
N GLY E 131 30.13 40.51 52.67
CA GLY E 131 30.87 39.32 52.31
C GLY E 131 31.94 39.63 51.28
N THR E 132 32.97 38.80 51.25
CA THR E 132 34.03 38.94 50.26
C THR E 132 34.32 37.58 49.63
N MET E 133 34.44 37.51 48.31
CA MET E 133 34.55 36.23 47.62
C MET E 133 36.01 35.76 47.60
N VAL E 134 36.24 34.53 48.03
CA VAL E 134 37.57 33.90 47.97
C VAL E 134 37.52 32.68 47.06
N THR E 135 38.38 32.66 46.04
CA THR E 135 38.51 31.49 45.18
C THR E 135 39.89 30.86 45.24
N VAL E 136 39.94 29.58 45.55
CA VAL E 136 41.21 28.85 45.61
C VAL E 136 41.21 27.89 44.41
N SER E 137 42.05 28.20 43.44
CA SER E 137 42.10 27.45 42.19
C SER E 137 43.47 27.54 41.56
N SER E 138 43.84 26.49 40.83
CA SER E 138 45.09 26.46 40.09
C SER E 138 44.99 27.38 38.88
N ALA E 139 43.77 27.63 38.42
CA ALA E 139 43.56 28.38 37.18
C ALA E 139 43.87 29.86 37.35
N SER E 140 44.34 30.48 36.27
CA SER E 140 44.70 31.90 36.23
C SER E 140 43.49 32.78 35.89
N THR E 141 43.51 34.05 36.30
CA THR E 141 42.39 34.93 35.99
C THR E 141 42.30 35.15 34.49
N LYS E 142 41.07 35.18 33.97
CA LYS E 142 40.79 35.61 32.59
C LYS E 142 39.59 36.55 32.48
N GLY E 143 39.74 37.68 31.78
CA GLY E 143 38.63 38.61 31.64
C GLY E 143 37.63 38.24 30.56
N PRO E 144 36.38 38.72 30.69
CA PRO E 144 35.27 38.34 29.81
C PRO E 144 35.27 39.03 28.44
N SER E 145 34.76 38.32 27.43
CA SER E 145 34.37 38.94 26.17
C SER E 145 32.89 39.32 26.28
N VAL E 146 32.50 40.49 25.78
CA VAL E 146 31.11 40.93 25.88
C VAL E 146 30.50 41.09 24.48
N PHE E 147 29.43 40.35 24.21
CA PHE E 147 28.76 40.39 22.92
C PHE E 147 27.30 40.84 23.01
N PRO E 148 26.83 41.61 22.03
CA PRO E 148 25.42 42.04 22.13
C PRO E 148 24.45 40.92 21.76
N LEU E 149 23.30 40.86 22.44
CA LEU E 149 22.18 40.02 22.05
C LEU E 149 21.14 40.96 21.47
N ALA E 150 21.04 40.97 20.15
CA ALA E 150 20.36 42.03 19.41
C ALA E 150 18.90 41.70 19.13
N PRO E 151 18.01 42.66 19.42
CA PRO E 151 16.59 42.49 19.09
C PRO E 151 16.39 42.47 17.59
N SER E 152 15.43 41.68 17.12
CA SER E 152 15.21 41.54 15.69
C SER E 152 13.73 41.71 15.39
N SER E 153 13.39 42.02 14.15
CA SER E 153 11.99 42.12 13.75
C SER E 153 11.33 40.75 13.91
N LYS E 154 10.09 40.74 14.41
CA LYS E 154 9.34 39.50 14.64
C LYS E 154 9.70 38.86 15.99
N SER E 155 10.60 39.49 16.74
CA SER E 155 11.00 39.00 18.05
C SER E 155 9.98 39.33 19.14
N THR E 156 9.02 40.19 18.80
CA THR E 156 8.00 40.60 19.75
C THR E 156 7.18 39.44 20.31
N SER E 157 7.04 39.42 21.63
CA SER E 157 6.25 38.43 22.34
C SER E 157 5.68 39.15 23.56
N GLY E 158 4.39 38.96 23.82
CA GLY E 158 3.67 39.92 24.61
C GLY E 158 3.59 41.19 23.78
N GLY E 159 3.72 42.35 24.41
CA GLY E 159 3.83 43.59 23.66
C GLY E 159 5.24 44.20 23.67
N THR E 160 6.23 43.38 23.99
CA THR E 160 7.58 43.87 24.27
C THR E 160 8.66 43.27 23.36
N ALA E 161 9.81 43.93 23.34
CA ALA E 161 11.00 43.43 22.65
C ALA E 161 12.04 43.11 23.72
N ALA E 162 12.96 42.21 23.41
CA ALA E 162 14.04 41.86 24.35
C ALA E 162 15.41 42.04 23.72
N LEU E 163 16.35 42.52 24.51
CA LEU E 163 17.76 42.63 24.11
C LEU E 163 18.66 42.37 25.32
N GLY E 164 19.95 42.17 25.12
CA GLY E 164 20.80 41.79 26.24
C GLY E 164 22.29 41.79 25.97
N CYS E 165 23.08 41.29 26.92
CA CYS E 165 24.50 41.17 26.72
C CYS E 165 24.92 39.78 27.14
N LEU E 166 25.74 39.13 26.32
CA LEU E 166 26.31 37.85 26.67
C LEU E 166 27.75 38.07 27.14
N VAL E 167 28.02 37.81 28.41
CA VAL E 167 29.35 37.96 29.01
C VAL E 167 30.02 36.59 29.15
N LYS E 168 30.98 36.28 28.29
CA LYS E 168 31.44 34.91 28.11
C LYS E 168 32.91 34.70 28.47
N ASP E 169 33.17 33.54 29.06
CA ASP E 169 34.52 33.01 29.25
C ASP E 169 35.39 33.81 30.22
N TYR E 170 34.98 33.92 31.48
CA TYR E 170 35.80 34.63 32.47
C TYR E 170 36.03 33.78 33.73
N PHE E 171 37.06 34.15 34.48
CA PHE E 171 37.37 33.48 35.74
C PHE E 171 38.27 34.41 36.57
N PRO E 172 38.04 34.50 37.89
CA PRO E 172 36.98 33.81 38.61
C PRO E 172 35.74 34.67 38.71
N GLU E 173 34.79 34.27 39.54
CA GLU E 173 33.65 35.10 39.87
C GLU E 173 34.11 36.27 40.75
N PRO E 174 33.39 37.40 40.70
CA PRO E 174 32.15 37.61 39.94
C PRO E 174 32.26 38.77 38.94
N VAL E 175 31.27 38.89 38.05
CA VAL E 175 31.14 40.07 37.20
C VAL E 175 29.86 40.77 37.54
N THR E 176 29.86 42.09 37.50
CA THR E 176 28.63 42.86 37.65
C THR E 176 28.16 43.46 36.32
N VAL E 177 26.85 43.50 36.12
CA VAL E 177 26.28 44.12 34.93
C VAL E 177 25.20 45.11 35.31
N SER E 178 25.27 46.31 34.74
CA SER E 178 24.19 47.30 34.86
C SER E 178 23.80 47.77 33.47
N TRP E 179 22.73 48.54 33.38
CA TRP E 179 22.26 49.02 32.08
C TRP E 179 22.11 50.53 32.10
N ASN E 180 22.66 51.20 31.09
CA ASN E 180 22.64 52.64 31.06
C ASN E 180 23.09 53.22 32.39
N SER E 181 24.19 52.68 32.92
CA SER E 181 24.83 53.21 34.13
C SER E 181 23.95 53.11 35.37
N GLY E 182 22.96 52.24 35.34
CA GLY E 182 22.07 52.03 36.47
C GLY E 182 20.78 52.81 36.33
N ALA E 183 20.66 53.56 35.24
CA ALA E 183 19.44 54.32 34.97
C ALA E 183 18.28 53.42 34.54
N LEU E 184 18.58 52.24 34.01
CA LEU E 184 17.54 51.32 33.56
C LEU E 184 17.56 50.08 34.45
N THR E 185 16.50 49.88 35.21
CA THR E 185 16.45 48.74 36.12
C THR E 185 15.18 47.91 35.95
N SER E 186 14.09 48.55 35.55
N SER E 186 14.09 48.55 35.54
CA SER E 186 12.83 47.83 35.34
CA SER E 186 12.84 47.83 35.33
C SER E 186 12.99 46.84 34.21
C SER E 186 13.01 46.82 34.21
N GLY E 187 12.63 45.58 34.48
CA GLY E 187 12.61 44.54 33.47
C GLY E 187 13.99 43.97 33.15
N VAL E 188 14.94 44.19 34.05
CA VAL E 188 16.29 43.66 33.89
C VAL E 188 16.39 42.33 34.60
N HIS E 189 16.96 41.33 33.95
CA HIS E 189 17.26 40.08 34.61
C HIS E 189 18.74 39.75 34.37
N THR E 190 19.52 39.59 35.43
CA THR E 190 20.89 39.09 35.24
C THR E 190 20.98 37.69 35.80
N PHE E 191 21.22 36.75 34.90
CA PHE E 191 21.21 35.34 35.22
C PHE E 191 22.47 34.95 36.01
N PRO E 192 22.35 33.95 36.89
CA PRO E 192 23.53 33.34 37.54
C PRO E 192 24.53 32.80 36.52
N ALA E 193 25.83 32.94 36.80
CA ALA E 193 26.87 32.41 35.93
C ALA E 193 26.79 30.89 35.89
N VAL E 194 27.14 30.30 34.76
CA VAL E 194 27.23 28.84 34.65
C VAL E 194 28.67 28.49 34.36
N LEU E 195 29.18 27.45 35.03
CA LEU E 195 30.51 26.97 34.76
C LEU E 195 30.51 26.11 33.51
N GLN E 196 31.36 26.47 32.55
CA GLN E 196 31.45 25.73 31.29
C GLN E 196 32.49 24.62 31.44
N SER E 197 32.52 23.71 30.48
CA SER E 197 33.46 22.59 30.51
C SER E 197 34.90 23.10 30.50
N SER E 198 35.11 24.24 29.86
CA SER E 198 36.42 24.88 29.83
C SER E 198 36.92 25.28 31.22
N GLY E 199 36.03 25.31 32.20
CA GLY E 199 36.38 25.77 33.53
C GLY E 199 36.19 27.26 33.70
N LEU E 200 35.66 27.91 32.67
CA LEU E 200 35.40 29.35 32.72
C LEU E 200 33.91 29.63 32.87
N TYR E 201 33.58 30.78 33.45
CA TYR E 201 32.17 31.14 33.62
C TYR E 201 31.63 31.93 32.43
N SER E 202 30.32 31.85 32.29
CA SER E 202 29.58 32.57 31.27
C SER E 202 28.25 33.00 31.86
N LEU E 203 27.77 34.16 31.44
CA LEU E 203 26.58 34.75 32.01
C LEU E 203 25.87 35.64 31.00
N SER E 204 24.55 35.79 31.14
CA SER E 204 23.77 36.72 30.31
C SER E 204 22.98 37.72 31.14
N SER E 205 22.82 38.93 30.61
CA SER E 205 21.90 39.90 31.19
C SER E 205 20.92 40.31 30.10
N VAL E 206 19.63 40.36 30.39
CA VAL E 206 18.65 40.74 29.38
C VAL E 206 17.72 41.77 29.95
N VAL E 207 17.07 42.54 29.08
CA VAL E 207 16.10 43.53 29.50
C VAL E 207 14.95 43.56 28.47
N THR E 208 13.70 43.74 28.91
CA THR E 208 12.60 43.83 27.96
C THR E 208 12.20 45.31 27.92
N VAL E 209 12.17 45.85 26.71
CA VAL E 209 11.85 47.25 26.43
C VAL E 209 10.75 47.41 25.37
N PRO E 210 9.83 48.37 25.54
CA PRO E 210 8.79 48.51 24.49
C PRO E 210 9.40 48.44 23.10
N SER E 211 8.68 47.88 22.13
CA SER E 211 9.19 47.74 20.77
C SER E 211 9.45 49.09 20.10
N SER E 212 8.67 50.10 20.45
CA SER E 212 8.83 51.44 19.89
C SER E 212 10.20 52.02 20.22
N SER E 213 10.77 51.61 21.35
CA SER E 213 12.02 52.18 21.84
C SER E 213 13.18 51.90 20.89
N LEU E 214 13.20 50.70 20.32
CA LEU E 214 14.39 50.18 19.66
C LEU E 214 15.24 51.25 18.98
N GLY E 215 14.93 51.59 17.74
CA GLY E 215 15.76 52.54 17.01
C GLY E 215 15.91 53.88 17.70
N THR E 216 14.87 54.32 18.40
CA THR E 216 14.84 55.66 18.97
C THR E 216 15.78 55.88 20.17
N GLN E 217 15.74 54.99 21.16
CA GLN E 217 16.55 55.16 22.37
C GLN E 217 17.92 54.51 22.27
N THR E 218 18.73 54.67 23.31
CA THR E 218 20.01 53.98 23.41
C THR E 218 20.05 53.05 24.61
N TYR E 219 20.53 51.83 24.37
CA TYR E 219 20.70 50.83 25.42
C TYR E 219 22.15 50.36 25.47
N ILE E 220 22.78 50.55 26.62
CA ILE E 220 24.19 50.21 26.80
C ILE E 220 24.34 49.34 28.02
N CYS E 221 25.10 48.26 27.94
CA CYS E 221 25.37 47.47 29.13
C CYS E 221 26.81 47.67 29.62
N ASN E 222 26.93 47.88 30.92
CA ASN E 222 28.21 48.15 31.55
C ASN E 222 28.63 46.95 32.38
N VAL E 223 29.73 46.31 31.97
CA VAL E 223 30.20 45.10 32.63
C VAL E 223 31.47 45.37 33.42
N ASN E 224 31.48 44.96 34.69
CA ASN E 224 32.69 45.02 35.50
C ASN E 224 33.14 43.64 35.93
N HIS E 225 34.41 43.36 35.69
CA HIS E 225 35.04 42.15 36.22
C HIS E 225 36.32 42.54 36.93
N LYS E 226 36.20 42.98 38.18
CA LYS E 226 37.34 43.55 38.90
C LYS E 226 38.60 42.69 38.84
N PRO E 227 38.45 41.35 39.01
CA PRO E 227 39.60 40.45 39.07
C PRO E 227 40.64 40.60 37.96
N SER E 228 40.22 41.09 36.80
CA SER E 228 41.15 41.31 35.69
C SER E 228 41.15 42.79 35.32
N ASN E 229 40.55 43.60 36.17
CA ASN E 229 40.49 45.04 35.94
C ASN E 229 39.82 45.36 34.60
N THR E 230 38.78 44.58 34.26
CA THR E 230 38.06 44.78 33.01
C THR E 230 36.82 45.66 33.22
N LYS E 231 36.65 46.63 32.35
CA LYS E 231 35.49 47.50 32.39
C LYS E 231 35.05 47.82 30.97
N VAL E 232 33.99 47.15 30.53
CA VAL E 232 33.48 47.29 29.16
C VAL E 232 32.10 47.93 29.13
N ASP E 233 31.89 48.82 28.17
CA ASP E 233 30.57 49.40 27.92
C ASP E 233 30.18 49.11 26.48
N LYS E 234 29.27 48.17 26.28
CA LYS E 234 28.90 47.71 24.94
C LYS E 234 27.48 48.14 24.56
N ARG E 235 27.38 48.74 23.38
CA ARG E 235 26.14 49.28 22.87
C ARG E 235 25.34 48.19 22.16
N VAL E 236 24.06 48.05 22.51
CA VAL E 236 23.20 47.03 21.91
C VAL E 236 22.20 47.64 20.94
N GLU E 237 22.26 47.22 19.68
CA GLU E 237 21.42 47.79 18.63
C GLU E 237 20.81 46.70 17.76
N PRO E 238 19.74 47.04 17.02
CA PRO E 238 19.11 46.11 16.09
C PRO E 238 20.07 45.68 14.97
N LYS E 239 19.96 44.42 14.54
CA LYS E 239 20.83 43.89 13.50
C LYS E 239 20.45 44.48 12.13
N ASP F 1 30.64 18.49 68.61
CA ASP F 1 29.88 19.55 67.89
C ASP F 1 28.39 19.32 67.99
N ILE F 2 27.64 20.37 68.31
CA ILE F 2 26.19 20.25 68.35
C ILE F 2 25.66 20.36 66.92
N GLN F 3 24.84 19.40 66.49
CA GLN F 3 24.27 19.43 65.14
C GLN F 3 22.85 19.97 65.14
N LEU F 4 22.56 20.90 64.23
CA LEU F 4 21.19 21.39 64.07
C LEU F 4 20.59 20.91 62.76
N THR F 5 19.42 20.28 62.86
CA THR F 5 18.73 19.73 61.70
C THR F 5 17.44 20.50 61.48
N GLN F 6 17.30 21.10 60.30
CA GLN F 6 16.14 21.92 59.94
C GLN F 6 15.17 21.21 59.00
N SER F 7 13.88 21.35 59.25
CA SER F 7 12.90 20.80 58.30
C SER F 7 11.76 21.80 58.07
N PRO F 8 11.12 21.72 56.89
CA PRO F 8 11.61 20.82 55.84
C PRO F 8 12.81 21.40 55.12
N SER F 9 13.44 20.65 54.23
CA SER F 9 14.58 21.20 53.54
C SER F 9 14.12 22.33 52.62
N SER F 10 12.93 22.15 52.03
CA SER F 10 12.38 23.11 51.06
C SER F 10 10.85 23.15 51.19
N LEU F 11 10.24 24.32 51.14
CA LEU F 11 8.78 24.46 51.23
C LEU F 11 8.08 25.44 50.29
N SER F 12 7.00 25.03 49.60
CA SER F 12 6.25 25.92 48.70
C SER F 12 4.94 26.27 49.40
N ALA F 13 4.54 27.53 49.40
CA ALA F 13 3.29 27.93 50.04
C ALA F 13 2.71 29.19 49.42
N SER F 14 1.41 29.39 49.61
CA SER F 14 0.71 30.52 49.03
C SER F 14 0.74 31.73 49.95
N VAL F 15 0.67 32.91 49.34
CA VAL F 15 0.57 34.16 50.09
C VAL F 15 -0.58 34.08 51.07
N GLY F 16 -0.30 34.37 52.33
CA GLY F 16 -1.29 34.33 53.38
C GLY F 16 -1.25 33.10 54.25
N ASP F 17 -0.53 32.06 53.82
CA ASP F 17 -0.44 30.83 54.60
C ASP F 17 0.38 31.02 55.87
N ARG F 18 -0.01 30.29 56.91
N ARG F 18 0.00 30.28 56.92
CA ARG F 18 0.77 30.19 58.12
CA ARG F 18 0.77 30.20 58.14
C ARG F 18 1.82 29.11 57.87
C ARG F 18 1.81 29.10 57.96
N VAL F 19 3.09 29.46 58.06
CA VAL F 19 4.19 28.58 57.72
C VAL F 19 5.03 28.25 58.94
N THR F 20 5.38 26.97 59.08
CA THR F 20 6.17 26.53 60.22
C THR F 20 7.49 25.86 59.86
N LEU F 21 8.57 26.42 60.38
CA LEU F 21 9.91 25.88 60.21
C LEU F 21 10.42 25.32 61.54
N THR F 22 11.09 24.19 61.52
CA THR F 22 11.55 23.55 62.76
C THR F 22 13.07 23.41 62.78
N CYS F 23 13.65 23.44 63.98
CA CYS F 23 15.08 23.26 64.19
C CYS F 23 15.16 22.30 65.35
N GLN F 24 15.93 21.24 65.17
CA GLN F 24 16.15 20.27 66.22
C GLN F 24 17.63 20.18 66.57
N ALA F 25 17.96 20.32 67.85
CA ALA F 25 19.35 20.22 68.31
C ALA F 25 19.66 18.81 68.82
N SER F 26 20.91 18.37 68.64
CA SER F 26 21.28 17.01 69.02
C SER F 26 21.47 16.89 70.53
N GLN F 27 21.50 18.03 71.22
CA GLN F 27 21.58 18.06 72.66
C GLN F 27 20.93 19.33 73.22
N ASP F 28 20.64 19.33 74.52
CA ASP F 28 19.97 20.44 75.16
C ASP F 28 20.80 21.71 75.08
N ILE F 29 20.26 22.70 74.36
CA ILE F 29 20.91 23.99 74.21
C ILE F 29 20.12 25.11 74.89
N ARG F 30 19.22 24.75 75.81
CA ARG F 30 18.41 25.73 76.52
C ARG F 30 17.69 26.64 75.51
N LYS F 31 17.89 27.95 75.59
CA LYS F 31 17.27 28.88 74.64
C LYS F 31 18.32 29.65 73.85
N PHE F 32 19.54 29.13 73.79
CA PHE F 32 20.63 29.83 73.12
C PHE F 32 20.57 29.59 71.61
N LEU F 33 19.47 30.01 70.98
CA LEU F 33 19.21 29.74 69.57
C LEU F 33 18.66 30.95 68.81
N ASN F 34 19.22 31.25 67.65
CA ASN F 34 18.82 32.38 66.84
C ASN F 34 18.42 31.93 65.43
N TRP F 35 17.56 32.71 64.78
CA TRP F 35 17.10 32.44 63.42
C TRP F 35 17.49 33.63 62.53
N TYR F 36 17.98 33.34 61.33
CA TYR F 36 18.36 34.36 60.35
C TYR F 36 17.62 34.12 59.03
N GLN F 37 17.46 35.20 58.27
CA GLN F 37 16.97 35.12 56.90
C GLN F 37 18.06 35.61 55.95
N GLN F 38 18.24 34.88 54.85
CA GLN F 38 19.18 35.28 53.83
C GLN F 38 18.51 35.25 52.47
N LYS F 39 18.48 36.40 51.81
CA LYS F 39 17.99 36.51 50.46
C LYS F 39 19.11 36.34 49.44
N PRO F 40 18.77 35.80 48.26
CA PRO F 40 19.81 35.45 47.30
C PRO F 40 20.75 36.62 47.01
N GLY F 41 22.06 36.34 47.09
CA GLY F 41 23.11 37.31 46.83
C GLY F 41 23.29 38.32 47.95
N LYS F 42 22.60 38.09 49.07
CA LYS F 42 22.69 39.01 50.20
C LYS F 42 23.18 38.30 51.47
N GLY F 43 23.67 39.08 52.41
CA GLY F 43 24.10 38.58 53.72
C GLY F 43 22.89 38.24 54.59
N PRO F 44 23.08 37.34 55.57
CA PRO F 44 21.96 37.01 56.48
C PRO F 44 21.49 38.23 57.29
N LYS F 45 20.25 38.17 57.77
CA LYS F 45 19.72 39.14 58.71
C LYS F 45 19.05 38.45 59.87
N LEU F 46 19.32 38.95 61.07
CA LEU F 46 18.75 38.38 62.26
C LEU F 46 17.25 38.64 62.30
N LEU F 47 16.49 37.58 62.58
CA LEU F 47 15.05 37.70 62.77
C LEU F 47 14.72 37.49 64.23
N ILE F 48 15.25 36.40 64.78
CA ILE F 48 14.87 36.02 66.13
C ILE F 48 16.14 35.70 66.91
N TYR F 49 16.29 36.26 68.09
CA TYR F 49 17.40 35.89 68.96
C TYR F 49 16.92 35.25 70.26
N ASP F 50 17.75 34.35 70.79
CA ASP F 50 17.41 33.63 72.01
C ASP F 50 16.04 32.96 71.96
N ALA F 51 15.81 32.22 70.88
CA ALA F 51 14.64 31.35 70.74
C ALA F 51 13.34 32.08 70.42
N SER F 52 13.06 33.19 71.10
CA SER F 52 11.75 33.82 70.95
C SER F 52 11.73 35.35 70.80
N ASN F 53 12.88 36.01 70.81
CA ASN F 53 12.87 37.48 70.73
C ASN F 53 12.98 38.03 69.32
N LEU F 54 11.97 38.80 68.96
CA LEU F 54 11.90 39.45 67.66
C LEU F 54 12.86 40.64 67.63
N GLN F 55 13.78 40.59 66.68
CA GLN F 55 14.73 41.69 66.48
C GLN F 55 14.05 42.98 66.06
N ARG F 56 14.53 44.09 66.62
CA ARG F 56 14.06 45.42 66.26
C ARG F 56 14.00 45.57 64.74
N GLY F 57 12.86 46.03 64.25
CA GLY F 57 12.68 46.33 62.84
C GLY F 57 12.14 45.17 62.01
N VAL F 58 12.17 43.97 62.58
CA VAL F 58 11.63 42.81 61.87
C VAL F 58 10.10 42.78 61.99
N PRO F 59 9.40 42.49 60.88
CA PRO F 59 7.93 42.46 60.82
C PRO F 59 7.32 41.49 61.85
N SER F 60 6.19 41.86 62.44
CA SER F 60 5.58 41.07 63.51
C SER F 60 4.99 39.71 63.12
N ARG F 61 4.85 39.46 61.83
CA ARG F 61 4.37 38.16 61.34
C ARG F 61 5.35 37.03 61.65
N PHE F 62 6.57 37.39 61.98
CA PHE F 62 7.60 36.44 62.41
C PHE F 62 7.50 36.24 63.93
N SER F 63 7.56 35.00 64.39
CA SER F 63 7.61 34.72 65.82
C SER F 63 8.45 33.48 66.11
N GLY F 64 9.00 33.36 67.30
CA GLY F 64 9.84 32.21 67.61
C GLY F 64 9.41 31.50 68.87
N GLY F 65 9.66 30.21 68.91
CA GLY F 65 9.31 29.38 70.04
C GLY F 65 10.22 28.20 70.27
N GLY F 66 10.04 27.56 71.42
CA GLY F 66 10.75 26.33 71.73
C GLY F 66 11.86 26.45 72.74
N SER F 67 12.41 25.31 73.12
CA SER F 67 13.50 25.26 74.09
C SER F 67 14.09 23.85 74.16
N GLY F 68 15.25 23.75 74.79
CA GLY F 68 15.91 22.46 74.87
C GLY F 68 16.52 22.08 73.56
N THR F 69 15.84 21.14 72.92
CA THR F 69 16.23 20.62 71.64
C THR F 69 15.26 20.99 70.53
N ASP F 70 14.06 21.47 70.88
CA ASP F 70 13.06 21.69 69.85
C ASP F 70 12.64 23.16 69.72
N PHE F 71 12.81 23.71 68.52
CA PHE F 71 12.53 25.12 68.27
C PHE F 71 11.72 25.32 66.98
N THR F 72 10.94 26.40 66.90
CA THR F 72 10.20 26.73 65.69
C THR F 72 10.27 28.20 65.31
N LEU F 73 10.33 28.48 64.01
CA LEU F 73 10.11 29.83 63.52
C LEU F 73 8.80 29.82 62.73
N ILE F 74 7.89 30.71 63.09
CA ILE F 74 6.58 30.79 62.46
C ILE F 74 6.35 32.10 61.73
N ILE F 75 5.88 31.97 60.50
CA ILE F 75 5.44 33.13 59.72
C ILE F 75 3.93 33.13 59.60
N SER F 76 3.26 34.06 60.28
CA SER F 76 1.81 33.96 60.42
C SER F 76 1.08 34.18 59.11
N SER F 77 1.66 34.98 58.22
CA SER F 77 1.06 35.22 56.92
C SER F 77 2.13 35.50 55.87
N LEU F 78 2.42 34.48 55.07
CA LEU F 78 3.54 34.54 54.14
C LEU F 78 3.36 35.65 53.11
N GLN F 79 4.41 36.44 52.91
CA GLN F 79 4.40 37.50 51.91
C GLN F 79 5.41 37.17 50.80
N PRO F 80 5.19 37.74 49.60
CA PRO F 80 6.11 37.43 48.50
C PRO F 80 7.56 37.80 48.83
N GLU F 81 7.75 38.89 49.58
CA GLU F 81 9.10 39.30 49.96
C GLU F 81 9.78 38.35 50.96
N ASP F 82 9.03 37.39 51.49
CA ASP F 82 9.61 36.40 52.41
C ASP F 82 10.42 35.29 51.74
N VAL F 83 10.41 35.21 50.43
CA VAL F 83 11.19 34.17 49.76
C VAL F 83 12.65 34.30 50.15
N GLY F 84 13.28 33.16 50.41
CA GLY F 84 14.69 33.08 50.74
C GLY F 84 14.97 31.87 51.62
N THR F 85 16.11 31.87 52.29
CA THR F 85 16.54 30.75 53.12
C THR F 85 16.64 31.16 54.57
N TYR F 86 16.20 30.26 55.46
CA TYR F 86 16.19 30.56 56.87
C TYR F 86 17.12 29.59 57.58
N TYR F 87 17.98 30.11 58.45
CA TYR F 87 18.93 29.27 59.16
C TYR F 87 18.72 29.41 60.65
N CYS F 88 18.81 28.30 61.38
CA CYS F 88 18.89 28.40 62.82
C CYS F 88 20.34 28.31 63.21
N GLN F 89 20.67 28.76 64.41
CA GLN F 89 22.05 28.82 64.84
C GLN F 89 22.15 28.76 66.36
N GLN F 90 23.15 28.03 66.83
CA GLN F 90 23.22 27.58 68.20
C GLN F 90 24.47 28.17 68.80
N TYR F 91 24.40 28.66 70.04
CA TYR F 91 25.60 29.10 70.74
C TYR F 91 25.65 28.63 72.20
N ASP F 92 25.00 27.51 72.51
CA ASP F 92 25.20 26.87 73.81
C ASP F 92 26.67 26.54 74.07
N GLY F 93 27.37 26.05 73.05
CA GLY F 93 28.77 25.70 73.18
C GLY F 93 29.52 25.80 71.85
N LEU F 94 30.80 26.11 71.93
CA LEU F 94 31.67 26.06 70.76
C LEU F 94 31.92 24.63 70.30
N PRO F 95 32.07 24.43 68.99
CA PRO F 95 31.94 25.47 67.96
C PRO F 95 30.48 25.85 67.70
N PHE F 96 30.25 27.13 67.41
CA PHE F 96 28.92 27.59 67.02
C PHE F 96 28.53 26.89 65.72
N THR F 97 27.27 26.49 65.60
CA THR F 97 26.81 25.80 64.42
C THR F 97 25.46 26.33 63.91
N PHE F 98 25.22 26.11 62.62
CA PHE F 98 24.01 26.55 61.95
C PHE F 98 23.28 25.31 61.45
N GLY F 99 21.96 25.42 61.35
CA GLY F 99 21.17 24.41 60.67
C GLY F 99 21.53 24.45 59.20
N GLY F 100 21.14 23.42 58.46
CA GLY F 100 21.46 23.35 57.04
C GLY F 100 20.60 24.27 56.18
N GLY F 101 19.65 24.95 56.79
CA GLY F 101 18.84 25.95 56.10
C GLY F 101 17.55 25.36 55.56
N THR F 102 16.49 26.16 55.54
CA THR F 102 15.23 25.80 54.89
C THR F 102 14.88 26.85 53.83
N LYS F 103 14.68 26.44 52.58
CA LYS F 103 14.33 27.39 51.53
C LYS F 103 12.82 27.61 51.39
N VAL F 104 12.36 28.86 51.44
CA VAL F 104 10.94 29.18 51.23
C VAL F 104 10.59 29.71 49.83
N VAL F 105 9.55 29.15 49.22
CA VAL F 105 9.16 29.44 47.84
C VAL F 105 7.68 29.78 47.74
N ILE F 106 7.36 30.86 47.04
CA ILE F 106 5.97 31.28 46.83
C ILE F 106 5.24 30.59 45.68
N LYS F 107 4.00 30.21 45.96
CA LYS F 107 3.03 29.75 44.97
C LYS F 107 2.13 30.89 44.53
N ARG F 108 1.98 31.00 43.22
CA ARG F 108 1.15 32.03 42.63
C ARG F 108 0.38 31.40 41.47
N THR F 109 -0.39 32.20 40.76
CA THR F 109 -1.15 31.70 39.62
C THR F 109 -0.21 31.36 38.48
N VAL F 110 -0.60 30.42 37.61
CA VAL F 110 0.20 30.12 36.45
C VAL F 110 0.39 31.37 35.57
N ALA F 111 1.57 31.48 34.98
CA ALA F 111 1.89 32.56 34.08
C ALA F 111 2.83 32.05 33.01
N ALA F 112 2.41 32.15 31.76
CA ALA F 112 3.15 31.56 30.67
C ALA F 112 4.36 32.43 30.35
N PRO F 113 5.47 31.80 29.97
CA PRO F 113 6.65 32.61 29.65
C PRO F 113 6.46 33.29 28.30
N SER F 114 7.05 34.47 28.13
CA SER F 114 7.22 35.02 26.78
C SER F 114 8.61 34.61 26.29
N VAL F 115 8.70 34.12 25.06
CA VAL F 115 9.95 33.55 24.55
C VAL F 115 10.61 34.38 23.43
N PHE F 116 11.93 34.53 23.55
CA PHE F 116 12.75 35.23 22.57
C PHE F 116 13.99 34.43 22.20
N ILE F 117 14.42 34.52 20.94
CA ILE F 117 15.65 33.88 20.51
C ILE F 117 16.65 34.90 19.95
N PHE F 118 17.93 34.67 20.20
CA PHE F 118 18.99 35.54 19.70
C PHE F 118 20.02 34.72 18.95
N PRO F 119 20.33 35.12 17.71
CA PRO F 119 21.43 34.51 16.96
C PRO F 119 22.78 34.96 17.52
N PRO F 120 23.85 34.28 17.13
CA PRO F 120 25.16 34.77 17.54
C PRO F 120 25.46 36.10 16.89
N SER F 121 26.16 36.98 17.60
CA SER F 121 26.51 38.27 17.05
C SER F 121 27.63 38.10 16.04
N ASP F 122 27.90 39.14 15.26
CA ASP F 122 28.94 39.06 14.26
C ASP F 122 30.33 39.09 14.90
N GLU F 123 30.48 39.89 15.96
CA GLU F 123 31.77 39.99 16.65
C GLU F 123 32.21 38.63 17.17
N GLN F 124 31.25 37.83 17.63
CA GLN F 124 31.60 36.56 18.25
C GLN F 124 32.00 35.50 17.23
N LEU F 125 31.27 35.41 16.13
CA LEU F 125 31.64 34.49 15.05
C LEU F 125 33.03 34.83 14.54
N LYS F 126 33.28 36.13 14.39
CA LYS F 126 34.60 36.61 14.02
C LYS F 126 35.72 35.95 14.83
N SER F 127 35.35 35.37 15.97
CA SER F 127 36.34 34.82 16.89
C SER F 127 36.17 33.31 17.09
N GLY F 128 35.43 32.68 16.19
CA GLY F 128 35.36 31.23 16.10
C GLY F 128 34.35 30.48 16.95
N THR F 129 33.54 31.19 17.71
CA THR F 129 32.52 30.53 18.52
C THR F 129 31.13 31.11 18.26
N ALA F 130 30.12 30.26 18.31
CA ALA F 130 28.73 30.69 18.15
C ALA F 130 27.85 30.32 19.34
N SER F 131 27.27 31.34 19.94
CA SER F 131 26.33 31.18 21.05
C SER F 131 24.93 31.62 20.63
N VAL F 132 23.97 30.71 20.75
CA VAL F 132 22.58 31.01 20.44
C VAL F 132 21.82 31.03 21.76
N VAL F 133 21.08 32.10 22.04
CA VAL F 133 20.46 32.24 23.36
C VAL F 133 18.95 32.23 23.26
N CYS F 134 18.30 31.54 24.20
CA CYS F 134 16.85 31.52 24.27
C CYS F 134 16.47 32.04 25.63
N LEU F 135 15.53 32.98 25.66
CA LEU F 135 15.10 33.60 26.88
C LEU F 135 13.63 33.29 27.14
N LEU F 136 13.34 32.80 28.34
CA LEU F 136 11.98 32.66 28.82
C LEU F 136 11.73 33.67 29.92
N ASN F 137 10.80 34.59 29.68
CA ASN F 137 10.56 35.71 30.58
C ASN F 137 9.31 35.59 31.43
N ASN F 138 9.51 35.87 32.72
CA ASN F 138 8.46 36.04 33.72
C ASN F 138 7.39 34.97 33.71
N PHE F 139 7.72 33.80 34.22
CA PHE F 139 6.77 32.70 34.21
C PHE F 139 6.70 31.98 35.53
N TYR F 140 5.65 31.18 35.66
CA TYR F 140 5.47 30.34 36.82
C TYR F 140 4.51 29.21 36.42
N PRO F 141 4.77 27.98 36.88
CA PRO F 141 5.83 27.59 37.80
C PRO F 141 7.19 27.45 37.12
N ARG F 142 8.20 27.14 37.93
CA ARG F 142 9.59 27.13 37.49
C ARG F 142 9.83 26.04 36.46
N GLU F 143 9.14 24.91 36.56
CA GLU F 143 9.39 23.80 35.64
C GLU F 143 9.05 24.18 34.21
N ALA F 144 10.04 24.08 33.33
CA ALA F 144 9.86 24.31 31.91
C ALA F 144 10.80 23.40 31.15
N LYS F 145 10.42 23.04 29.92
CA LYS F 145 11.30 22.26 29.07
C LYS F 145 11.71 23.11 27.87
N VAL F 146 13.01 23.23 27.63
CA VAL F 146 13.52 23.98 26.50
C VAL F 146 14.34 23.03 25.64
N GLN F 147 13.93 22.90 24.38
CA GLN F 147 14.55 21.95 23.48
C GLN F 147 15.17 22.68 22.28
N TRP F 148 16.42 22.40 21.97
CA TRP F 148 17.06 22.99 20.81
C TRP F 148 16.92 22.12 19.58
N LYS F 149 16.73 22.75 18.43
CA LYS F 149 16.68 22.05 17.16
C LYS F 149 17.55 22.77 16.15
N VAL F 150 18.45 22.02 15.51
CA VAL F 150 19.32 22.54 14.45
C VAL F 150 19.00 21.86 13.13
N ASP F 151 18.59 22.63 12.14
CA ASP F 151 18.05 22.09 10.89
C ASP F 151 17.02 21.05 11.20
N ASN F 152 16.28 21.34 12.27
CA ASN F 152 15.15 20.55 12.64
C ASN F 152 15.55 19.22 13.32
N ALA F 153 16.83 19.11 13.63
CA ALA F 153 17.41 17.98 14.33
C ALA F 153 17.53 18.27 15.82
N LEU F 154 16.97 17.37 16.63
CA LEU F 154 16.87 17.55 18.07
C LEU F 154 18.26 17.49 18.70
N GLN F 155 18.66 18.60 19.32
CA GLN F 155 20.00 18.75 19.89
C GLN F 155 20.13 18.22 21.32
N SER F 156 21.32 17.81 21.72
CA SER F 156 21.55 17.44 23.13
C SER F 156 23.02 17.43 23.59
N GLY F 157 23.23 17.79 24.86
CA GLY F 157 24.55 17.77 25.46
C GLY F 157 25.38 19.03 25.24
N ASN F 158 24.89 19.90 24.37
CA ASN F 158 25.59 21.15 24.06
C ASN F 158 24.86 22.45 24.37
N SER F 159 24.04 22.42 25.43
CA SER F 159 23.37 23.63 25.89
C SER F 159 23.38 23.67 27.42
N GLN F 160 23.28 24.85 28.00
CA GLN F 160 23.20 25.00 29.45
C GLN F 160 22.12 26.00 29.84
N GLU F 161 21.38 25.68 30.90
CA GLU F 161 20.33 26.57 31.36
C GLU F 161 20.77 27.27 32.65
N SER F 162 20.25 28.47 32.85
CA SER F 162 20.39 29.18 34.10
C SER F 162 19.04 29.78 34.47
N VAL F 163 18.71 29.77 35.75
CA VAL F 163 17.42 30.27 36.20
C VAL F 163 17.56 31.31 37.29
N THR F 164 16.81 32.40 37.19
CA THR F 164 16.85 33.41 38.23
C THR F 164 16.19 32.92 39.50
N GLU F 165 16.52 33.55 40.63
CA GLU F 165 15.79 33.31 41.86
C GLU F 165 14.38 33.86 41.69
N GLN F 166 13.43 33.29 42.42
CA GLN F 166 12.05 33.75 42.36
C GLN F 166 11.99 35.23 42.71
N ASP F 167 11.32 35.99 41.87
CA ASP F 167 11.22 37.43 42.03
C ASP F 167 10.48 37.82 43.32
N SER F 168 11.03 38.81 44.03
CA SER F 168 10.49 39.22 45.32
C SER F 168 9.19 39.99 45.15
N LYS F 169 8.92 40.51 43.95
CA LYS F 169 7.71 41.29 43.72
C LYS F 169 6.57 40.48 43.11
N ASP F 170 6.82 39.76 42.01
CA ASP F 170 5.75 39.01 41.37
C ASP F 170 5.90 37.49 41.40
N SER F 171 6.95 37.01 42.06
CA SER F 171 7.10 35.58 42.33
C SER F 171 7.24 34.73 41.07
N THR F 172 7.66 35.33 39.97
CA THR F 172 7.91 34.60 38.74
C THR F 172 9.39 34.29 38.58
N TYR F 173 9.69 33.47 37.59
CA TYR F 173 11.07 33.11 37.27
C TYR F 173 11.38 33.56 35.86
N SER F 174 12.67 33.67 35.57
CA SER F 174 13.12 33.79 34.21
C SER F 174 14.23 32.78 33.99
N LEU F 175 14.40 32.40 32.74
CA LEU F 175 15.33 31.35 32.38
C LEU F 175 16.02 31.65 31.06
N SER F 176 17.28 31.27 30.97
CA SER F 176 18.01 31.35 29.72
C SER F 176 18.62 29.99 29.37
N SER F 177 18.57 29.63 28.08
CA SER F 177 19.23 28.43 27.58
C SER F 177 20.24 28.83 26.51
N THR F 178 21.48 28.39 26.65
CA THR F 178 22.52 28.76 25.69
C THR F 178 23.04 27.53 24.96
N LEU F 179 22.87 27.54 23.64
CA LEU F 179 23.36 26.47 22.78
C LEU F 179 24.71 26.92 22.24
N THR F 180 25.77 26.17 22.55
CA THR F 180 27.11 26.55 22.12
C THR F 180 27.67 25.57 21.13
N LEU F 181 28.10 26.09 19.99
CA LEU F 181 28.78 25.25 19.01
C LEU F 181 29.83 26.05 18.27
N SER F 182 30.78 25.35 17.66
CA SER F 182 31.90 26.00 16.98
C SER F 182 31.40 26.77 15.75
N LYS F 183 32.16 27.75 15.31
CA LYS F 183 31.77 28.53 14.14
C LYS F 183 31.55 27.59 12.94
N ALA F 184 32.40 26.59 12.81
CA ALA F 184 32.31 25.61 11.74
C ALA F 184 30.92 24.97 11.74
N ASP F 185 30.53 24.46 12.90
CA ASP F 185 29.25 23.77 13.01
C ASP F 185 28.12 24.76 12.76
N TYR F 186 28.23 25.94 13.36
CA TYR F 186 27.18 26.92 13.17
C TYR F 186 26.96 27.26 11.69
N GLU F 187 28.03 27.26 10.92
CA GLU F 187 27.95 27.62 9.49
C GLU F 187 27.45 26.48 8.63
N LYS F 188 27.64 25.26 9.10
CA LYS F 188 27.05 24.09 8.48
C LYS F 188 25.54 24.22 8.25
N HIS F 189 24.81 24.56 9.30
CA HIS F 189 23.35 24.46 9.31
C HIS F 189 22.64 25.80 9.04
N LYS F 190 21.32 25.75 8.79
CA LYS F 190 20.58 26.96 8.41
C LYS F 190 19.50 27.39 9.41
N VAL F 191 18.69 26.44 9.86
CA VAL F 191 17.56 26.77 10.72
C VAL F 191 17.84 26.48 12.19
N TYR F 192 17.77 27.50 13.02
CA TYR F 192 18.00 27.38 14.45
C TYR F 192 16.72 27.67 15.23
N ALA F 193 16.32 26.73 16.08
CA ALA F 193 15.01 26.81 16.71
C ALA F 193 15.03 26.45 18.20
N CYS F 194 14.34 27.26 19.00
CA CYS F 194 14.15 27.03 20.42
C CYS F 194 12.67 26.67 20.62
N GLU F 195 12.37 25.46 21.08
CA GLU F 195 11.00 25.05 21.33
C GLU F 195 10.71 24.90 22.84
N VAL F 196 9.77 25.70 23.34
CA VAL F 196 9.45 25.75 24.78
C VAL F 196 8.11 25.10 25.15
N THR F 197 8.14 24.23 26.16
CA THR F 197 6.96 23.59 26.73
C THR F 197 6.73 24.02 28.18
N HIS F 198 5.50 24.39 28.52
CA HIS F 198 5.23 24.94 29.85
C HIS F 198 3.73 24.85 30.16
N GLN F 199 3.39 24.69 31.43
CA GLN F 199 2.01 24.46 31.88
C GLN F 199 1.04 25.58 31.49
N GLY F 200 1.57 26.79 31.30
CA GLY F 200 0.76 27.94 30.96
C GLY F 200 0.55 28.10 29.46
N LEU F 201 1.15 27.18 28.70
CA LEU F 201 1.00 27.19 27.25
C LEU F 201 0.16 26.02 26.79
N SER F 202 -0.83 26.30 25.95
CA SER F 202 -1.72 25.26 25.44
C SER F 202 -1.00 24.28 24.52
N SER F 203 0.08 24.73 23.90
CA SER F 203 0.93 23.88 23.10
C SER F 203 2.32 24.48 22.94
N PRO F 204 3.33 23.65 22.62
CA PRO F 204 4.71 24.13 22.58
C PRO F 204 4.89 25.38 21.73
N VAL F 205 5.68 26.34 22.20
CA VAL F 205 5.98 27.53 21.45
C VAL F 205 7.36 27.40 20.83
N THR F 206 7.49 27.74 19.54
CA THR F 206 8.78 27.71 18.86
C THR F 206 9.19 29.09 18.40
N LYS F 207 10.42 29.50 18.69
CA LYS F 207 11.00 30.70 18.11
C LYS F 207 12.20 30.28 17.27
N SER F 208 12.36 30.79 16.04
CA SER F 208 13.53 30.40 15.26
C SER F 208 14.05 31.51 14.37
N PHE F 209 15.19 31.24 13.73
CA PHE F 209 15.72 32.13 12.71
C PHE F 209 16.52 31.35 11.67
N ASN F 210 16.73 31.95 10.51
CA ASN F 210 17.59 31.37 9.47
C ASN F 210 18.91 32.09 9.50
N ARG F 211 20.00 31.34 9.53
CA ARG F 211 21.33 31.92 9.62
C ARG F 211 21.56 32.94 8.50
N GLY F 212 21.99 34.14 8.90
CA GLY F 212 22.26 35.21 7.98
C GLY F 212 21.05 35.90 7.38
N GLU F 213 20.01 36.07 8.18
CA GLU F 213 18.80 36.75 7.74
C GLU F 213 18.36 37.76 8.79
N VAL G 2 -17.89 8.65 6.36
CA VAL G 2 -18.43 9.10 5.10
C VAL G 2 -19.80 8.50 4.89
N GLN G 3 -20.68 9.28 4.28
CA GLN G 3 -22.01 8.84 3.94
C GLN G 3 -22.23 9.04 2.44
N LEU G 4 -23.01 8.16 1.84
CA LEU G 4 -23.23 8.22 0.40
C LEU G 4 -24.72 8.33 0.06
N GLN G 5 -25.02 9.02 -1.04
CA GLN G 5 -26.41 9.09 -1.47
C GLN G 5 -26.59 9.14 -2.98
N GLU G 6 -27.18 8.10 -3.55
CA GLU G 6 -27.38 8.04 -4.99
C GLU G 6 -28.65 8.77 -5.37
N SER G 7 -28.70 9.20 -6.63
CA SER G 7 -29.89 9.79 -7.23
C SER G 7 -29.81 9.63 -8.74
N GLY G 8 -30.89 9.94 -9.44
CA GLY G 8 -30.87 9.96 -10.89
C GLY G 8 -31.64 8.81 -11.50
N GLY G 9 -32.07 7.88 -10.65
CA GLY G 9 -32.79 6.71 -11.08
C GLY G 9 -34.16 7.07 -11.63
N GLY G 10 -34.70 6.17 -12.45
CA GLY G 10 -36.02 6.35 -13.00
C GLY G 10 -36.35 5.30 -14.04
N LEU G 11 -37.45 5.52 -14.73
CA LEU G 11 -37.91 4.65 -15.80
C LEU G 11 -37.40 5.13 -17.16
N VAL G 12 -36.85 4.22 -17.96
CA VAL G 12 -36.37 4.57 -19.31
C VAL G 12 -36.66 3.49 -20.36
N GLN G 13 -36.77 3.90 -21.62
CA GLN G 13 -37.03 2.97 -22.73
C GLN G 13 -35.77 2.16 -23.02
N PRO G 14 -35.92 0.92 -23.52
CA PRO G 14 -34.73 0.19 -23.94
C PRO G 14 -33.98 0.96 -25.03
N GLY G 15 -32.65 0.99 -24.94
CA GLY G 15 -31.84 1.68 -25.93
C GLY G 15 -31.42 3.08 -25.51
N GLU G 16 -32.19 3.69 -24.61
CA GLU G 16 -31.91 5.05 -24.14
C GLU G 16 -30.77 5.13 -23.13
N SER G 17 -30.46 6.35 -22.71
CA SER G 17 -29.36 6.59 -21.78
C SER G 17 -29.88 7.16 -20.46
N LEU G 18 -29.01 7.15 -19.46
CA LEU G 18 -29.36 7.62 -18.12
C LEU G 18 -28.09 7.80 -17.31
N ARG G 19 -28.00 8.91 -16.57
N ARG G 19 -28.02 8.89 -16.55
CA ARG G 19 -26.80 9.22 -15.79
CA ARG G 19 -26.83 9.20 -15.77
C ARG G 19 -27.13 9.17 -14.29
C ARG G 19 -27.14 9.18 -14.29
N LEU G 20 -26.49 8.28 -13.55
CA LEU G 20 -26.66 8.23 -12.10
C LEU G 20 -25.57 9.05 -11.41
N SER G 21 -25.89 9.59 -10.24
N SER G 21 -25.92 9.60 -10.25
CA SER G 21 -24.88 10.28 -9.45
CA SER G 21 -24.97 10.36 -9.43
C SER G 21 -24.96 9.84 -8.00
C SER G 21 -24.94 9.79 -8.02
N CYS G 22 -23.89 10.08 -7.26
CA CYS G 22 -23.82 9.65 -5.88
C CYS G 22 -23.02 10.71 -5.13
N VAL G 23 -23.60 11.29 -4.09
CA VAL G 23 -22.94 12.37 -3.36
C VAL G 23 -22.44 11.91 -2.00
N GLY G 24 -21.17 12.22 -1.76
CA GLY G 24 -20.52 11.95 -0.49
C GLY G 24 -20.63 13.11 0.46
N SER G 25 -20.79 12.78 1.74
CA SER G 25 -20.76 13.77 2.81
C SER G 25 -20.04 13.16 4.00
N GLY G 26 -20.03 13.87 5.14
CA GLY G 26 -19.30 13.38 6.29
C GLY G 26 -17.82 13.26 6.02
N SER G 27 -17.14 12.48 6.86
CA SER G 27 -15.71 12.28 6.74
C SER G 27 -15.27 11.13 7.64
N SER G 28 -14.14 10.54 7.31
CA SER G 28 -13.59 9.41 8.05
C SER G 28 -12.30 9.84 8.73
N PHE G 29 -11.35 8.93 8.88
CA PHE G 29 -10.11 9.23 9.60
C PHE G 29 -9.35 10.40 8.98
N GLY G 30 -8.76 11.24 9.83
CA GLY G 30 -8.04 12.42 9.38
C GLY G 30 -8.87 13.38 8.55
N GLU G 31 -10.18 13.42 8.83
CA GLU G 31 -11.12 14.28 8.10
C GLU G 31 -11.11 13.99 6.60
N SER G 32 -10.79 12.75 6.25
CA SER G 32 -10.78 12.34 4.85
C SER G 32 -12.22 12.33 4.33
N THR G 33 -12.40 12.69 3.06
CA THR G 33 -13.71 12.67 2.44
C THR G 33 -13.70 11.65 1.29
N LEU G 34 -14.82 11.54 0.59
CA LEU G 34 -14.96 10.53 -0.46
C LEU G 34 -13.82 10.61 -1.48
N SER G 35 -13.30 11.81 -1.72
CA SER G 35 -12.28 11.98 -2.74
C SER G 35 -10.91 11.40 -2.36
N TYR G 36 -10.79 10.85 -1.16
CA TYR G 36 -9.58 10.13 -0.75
C TYR G 36 -9.66 8.64 -1.09
N TYR G 37 -10.83 8.18 -1.51
CA TYR G 37 -11.07 6.75 -1.64
C TYR G 37 -11.49 6.30 -3.04
N ALA G 38 -11.18 5.05 -3.34
CA ALA G 38 -11.72 4.38 -4.52
C ALA G 38 -13.18 4.02 -4.29
N VAL G 39 -13.93 3.95 -5.38
CA VAL G 39 -15.36 3.75 -5.28
C VAL G 39 -15.82 2.84 -6.41
N SER G 40 -16.81 2.00 -6.13
CA SER G 40 -17.38 1.12 -7.14
C SER G 40 -18.89 1.33 -7.29
N TRP G 41 -19.42 0.92 -8.44
CA TRP G 41 -20.86 0.74 -8.60
C TRP G 41 -21.18 -0.75 -8.59
N VAL G 42 -22.25 -1.10 -7.90
CA VAL G 42 -22.68 -2.48 -7.74
C VAL G 42 -24.16 -2.47 -7.91
N ARG G 43 -24.75 -3.47 -8.55
CA ARG G 43 -26.19 -3.45 -8.73
C ARG G 43 -26.84 -4.73 -8.27
N GLN G 44 -28.16 -4.68 -8.14
CA GLN G 44 -28.91 -5.82 -7.62
C GLN G 44 -30.24 -5.88 -8.35
N ALA G 45 -30.40 -6.86 -9.24
CA ALA G 45 -31.65 -7.00 -9.97
C ALA G 45 -32.74 -7.47 -9.01
N PRO G 46 -34.01 -7.28 -9.38
CA PRO G 46 -35.08 -7.62 -8.43
C PRO G 46 -35.04 -9.08 -7.99
N GLY G 47 -34.97 -9.29 -6.67
CA GLY G 47 -34.95 -10.64 -6.12
C GLY G 47 -33.65 -11.42 -6.30
N LYS G 48 -32.63 -10.79 -6.85
CA LYS G 48 -31.38 -11.46 -7.17
C LYS G 48 -30.26 -10.98 -6.26
N GLY G 49 -29.03 -11.45 -6.52
CA GLY G 49 -27.90 -11.03 -5.73
C GLY G 49 -27.21 -9.76 -6.21
N LEU G 50 -25.96 -9.61 -5.78
CA LEU G 50 -25.19 -8.39 -6.05
C LEU G 50 -24.22 -8.59 -7.20
N GLU G 51 -24.10 -7.60 -8.06
CA GLU G 51 -23.20 -7.68 -9.21
C GLU G 51 -22.32 -6.44 -9.28
N TRP G 52 -21.00 -6.63 -9.17
CA TRP G 52 -20.06 -5.52 -9.28
C TRP G 52 -20.03 -5.03 -10.74
N LEU G 53 -20.04 -3.73 -10.96
CA LEU G 53 -20.07 -3.19 -12.32
C LEU G 53 -18.79 -2.47 -12.74
N SER G 54 -18.25 -1.66 -11.85
CA SER G 54 -17.18 -0.76 -12.25
C SER G 54 -16.49 -0.13 -11.05
N ILE G 55 -15.23 0.19 -11.22
CA ILE G 55 -14.44 0.81 -10.18
C ILE G 55 -13.67 2.01 -10.73
N ILE G 56 -13.43 2.98 -9.86
CA ILE G 56 -12.62 4.14 -10.20
C ILE G 56 -11.79 4.53 -8.99
N ASN G 57 -10.53 4.84 -9.23
CA ASN G 57 -9.62 5.17 -8.14
C ASN G 57 -9.88 6.61 -7.70
N ALA G 58 -9.36 6.97 -6.53
CA ALA G 58 -9.60 8.29 -5.95
C ALA G 58 -9.32 9.43 -6.92
N GLY G 59 -8.20 9.33 -7.65
CA GLY G 59 -7.79 10.38 -8.55
C GLY G 59 -8.36 10.29 -9.95
N GLY G 60 -9.24 9.31 -10.19
CA GLY G 60 -9.90 9.24 -11.48
C GLY G 60 -9.37 8.15 -12.40
N GLY G 61 -8.30 7.47 -11.99
CA GLY G 61 -7.68 6.46 -12.84
C GLY G 61 -8.05 5.03 -12.50
N ASP G 62 -7.35 4.09 -13.13
CA ASP G 62 -7.49 2.66 -12.87
C ASP G 62 -8.92 2.18 -13.04
N ILE G 63 -9.64 2.72 -14.01
CA ILE G 63 -11.03 2.32 -14.21
C ILE G 63 -11.10 0.93 -14.82
N ASP G 64 -12.07 0.15 -14.36
CA ASP G 64 -12.40 -1.14 -14.97
C ASP G 64 -13.89 -1.43 -14.92
N TYR G 65 -14.33 -2.32 -15.79
CA TYR G 65 -15.74 -2.65 -15.92
C TYR G 65 -15.94 -4.16 -15.94
N ALA G 66 -17.08 -4.61 -15.44
CA ALA G 66 -17.52 -5.99 -15.64
C ALA G 66 -17.85 -6.18 -17.12
N ASP G 67 -17.66 -7.39 -17.66
CA ASP G 67 -17.92 -7.63 -19.07
C ASP G 67 -19.36 -7.27 -19.45
N SER G 68 -20.28 -7.43 -18.50
CA SER G 68 -21.71 -7.25 -18.78
C SER G 68 -22.08 -5.80 -19.09
N VAL G 69 -21.22 -4.85 -18.74
CA VAL G 69 -21.52 -3.44 -19.01
C VAL G 69 -20.37 -2.71 -19.72
N GLU G 70 -19.28 -3.43 -19.98
CA GLU G 70 -18.16 -2.84 -20.69
C GLU G 70 -18.61 -2.38 -22.06
N GLY G 71 -18.28 -1.14 -22.40
CA GLY G 71 -18.58 -0.59 -23.72
C GLY G 71 -19.90 0.15 -23.75
N ARG G 72 -20.65 0.09 -22.65
CA ARG G 72 -21.92 0.80 -22.57
C ARG G 72 -21.90 1.79 -21.42
N PHE G 73 -21.22 1.44 -20.32
CA PHE G 73 -21.19 2.29 -19.14
C PHE G 73 -19.82 2.96 -19.03
N THR G 74 -19.82 4.19 -18.50
CA THR G 74 -18.60 4.94 -18.27
C THR G 74 -18.67 5.50 -16.86
N ILE G 75 -17.66 5.19 -16.04
CA ILE G 75 -17.60 5.70 -14.68
C ILE G 75 -16.71 6.94 -14.58
N SER G 76 -17.11 7.91 -13.77
CA SER G 76 -16.28 9.09 -13.58
C SER G 76 -16.53 9.78 -12.25
N ARG G 77 -15.73 10.78 -11.91
CA ARG G 77 -15.94 11.50 -10.67
C ARG G 77 -15.46 12.94 -10.76
N ASP G 78 -16.12 13.81 -10.02
CA ASP G 78 -15.72 15.20 -9.87
C ASP G 78 -15.47 15.42 -8.38
N ASN G 79 -14.20 15.38 -7.98
CA ASN G 79 -13.82 15.44 -6.57
C ASN G 79 -14.05 16.81 -5.94
N SER G 80 -14.10 17.84 -6.77
CA SER G 80 -14.39 19.18 -6.27
C SER G 80 -15.81 19.23 -5.69
N LYS G 81 -16.68 18.34 -6.17
CA LYS G 81 -18.06 18.24 -5.68
C LYS G 81 -18.29 16.99 -4.83
N GLU G 82 -17.23 16.23 -4.58
CA GLU G 82 -17.34 14.95 -3.90
C GLU G 82 -18.44 14.10 -4.52
N THR G 83 -18.49 14.06 -5.85
CA THR G 83 -19.56 13.36 -6.56
C THR G 83 -19.06 12.30 -7.53
N LEU G 84 -19.74 11.15 -7.54
CA LEU G 84 -19.46 10.10 -8.51
C LEU G 84 -20.60 9.98 -9.52
N TYR G 85 -20.26 9.54 -10.72
CA TYR G 85 -21.20 9.40 -11.81
C TYR G 85 -21.05 8.04 -12.49
N LEU G 86 -22.17 7.51 -12.97
CA LEU G 86 -22.19 6.36 -13.87
C LEU G 86 -23.05 6.71 -15.08
N GLN G 87 -22.42 6.91 -16.24
CA GLN G 87 -23.15 7.18 -17.46
C GLN G 87 -23.46 5.86 -18.16
N MET G 88 -24.73 5.53 -18.22
CA MET G 88 -25.18 4.31 -18.85
C MET G 88 -25.77 4.63 -20.21
N THR G 89 -25.41 3.84 -21.21
CA THR G 89 -25.99 3.97 -22.54
C THR G 89 -26.50 2.63 -23.04
N ASN G 90 -27.29 2.67 -24.10
N ASN G 90 -27.29 2.67 -24.10
CA ASN G 90 -27.83 1.47 -24.72
CA ASN G 90 -27.83 1.46 -24.72
C ASN G 90 -28.37 0.48 -23.69
C ASN G 90 -28.37 0.48 -23.69
N LEU G 91 -29.19 0.98 -22.77
CA LEU G 91 -29.73 0.16 -21.69
C LEU G 91 -30.62 -0.96 -22.22
N ARG G 92 -30.63 -2.08 -21.51
CA ARG G 92 -31.52 -3.19 -21.86
C ARG G 92 -32.35 -3.55 -20.65
N VAL G 93 -33.38 -4.36 -20.88
CA VAL G 93 -34.31 -4.76 -19.84
C VAL G 93 -33.61 -5.37 -18.64
N GLU G 94 -32.54 -6.11 -18.87
CA GLU G 94 -31.86 -6.81 -17.79
C GLU G 94 -30.92 -5.91 -16.98
N ASP G 95 -30.84 -4.63 -17.36
CA ASP G 95 -30.13 -3.64 -16.57
C ASP G 95 -31.01 -3.11 -15.44
N THR G 96 -32.26 -3.56 -15.40
CA THR G 96 -33.19 -3.14 -14.36
C THR G 96 -32.70 -3.57 -12.98
N GLY G 97 -32.79 -2.68 -12.00
CA GLY G 97 -32.41 -3.05 -10.64
C GLY G 97 -32.05 -1.86 -9.78
N VAL G 98 -31.65 -2.14 -8.54
CA VAL G 98 -31.16 -1.09 -7.66
C VAL G 98 -29.67 -0.92 -7.84
N TYR G 99 -29.24 0.34 -8.04
CA TYR G 99 -27.84 0.69 -8.22
C TYR G 99 -27.29 1.37 -6.97
N TYR G 100 -26.19 0.81 -6.47
CA TYR G 100 -25.48 1.30 -5.30
C TYR G 100 -24.12 1.85 -5.69
N CYS G 101 -23.72 2.96 -5.09
CA CYS G 101 -22.31 3.34 -5.06
C CYS G 101 -21.71 2.93 -3.70
N ALA G 102 -20.46 2.49 -3.68
CA ALA G 102 -19.88 1.84 -2.50
C ALA G 102 -18.39 2.19 -2.33
N LYS G 103 -18.03 2.76 -1.18
CA LYS G 103 -16.65 3.17 -0.92
C LYS G 103 -15.75 2.01 -0.44
N HIS G 104 -14.55 1.91 -1.01
CA HIS G 104 -13.56 0.92 -0.57
C HIS G 104 -12.81 1.50 0.64
N MET G 105 -12.39 0.67 1.59
CA MET G 105 -11.89 1.23 2.84
C MET G 105 -10.49 1.86 2.81
N SER G 106 -9.56 1.37 1.97
CA SER G 106 -8.19 1.88 2.01
C SER G 106 -8.03 3.28 1.43
N MET G 107 -7.35 4.15 2.16
CA MET G 107 -7.03 5.47 1.64
C MET G 107 -6.11 5.36 0.43
N GLN G 108 -6.48 6.05 -0.64
CA GLN G 108 -5.75 5.92 -1.91
C GLN G 108 -4.97 7.16 -2.30
N GLN G 109 -5.42 8.32 -1.84
CA GLN G 109 -4.67 9.54 -2.12
C GLN G 109 -4.92 10.64 -1.09
N VAL G 110 -3.92 11.50 -0.90
CA VAL G 110 -4.07 12.69 -0.08
C VAL G 110 -3.53 13.84 -0.94
N VAL G 111 -4.44 14.56 -1.57
CA VAL G 111 -4.07 15.61 -2.53
C VAL G 111 -3.24 16.74 -1.94
N SER G 112 -3.56 17.18 -0.72
CA SER G 112 -2.85 18.30 -0.11
C SER G 112 -1.38 17.96 0.15
N ALA G 113 -1.05 16.68 0.13
CA ALA G 113 0.32 16.23 0.35
C ALA G 113 0.95 15.64 -0.90
N GLY G 114 0.25 15.73 -2.01
CA GLY G 114 0.71 15.11 -3.23
C GLY G 114 1.02 13.63 -3.12
N TRP G 115 0.34 12.93 -2.21
CA TRP G 115 0.56 11.50 -2.04
C TRP G 115 -0.49 10.62 -2.69
N GLU G 116 -0.02 9.53 -3.30
CA GLU G 116 -0.87 8.51 -3.88
C GLU G 116 -0.38 7.08 -3.68
N ARG G 117 -1.23 6.21 -3.13
CA ARG G 117 -0.87 4.79 -3.01
C ARG G 117 -0.44 4.21 -4.34
N ALA G 118 0.61 3.40 -4.30
CA ALA G 118 1.15 2.80 -5.52
C ALA G 118 0.14 1.90 -6.24
N ASP G 119 -0.69 1.19 -5.47
CA ASP G 119 -1.59 0.20 -6.07
C ASP G 119 -3.04 0.49 -5.67
N LEU G 120 -3.98 0.10 -6.52
CA LEU G 120 -5.40 0.18 -6.19
C LEU G 120 -5.81 -1.06 -5.40
N VAL G 121 -6.07 -0.91 -4.11
CA VAL G 121 -6.38 -2.04 -3.24
C VAL G 121 -7.74 -2.68 -3.55
N GLY G 122 -8.79 -1.85 -3.59
CA GLY G 122 -10.13 -2.34 -3.87
C GLY G 122 -10.64 -3.29 -2.80
N ASP G 123 -10.28 -3.03 -1.55
CA ASP G 123 -10.75 -3.86 -0.44
C ASP G 123 -12.19 -3.54 -0.02
N ALA G 124 -12.55 -3.93 1.20
CA ALA G 124 -13.96 -4.04 1.57
C ALA G 124 -14.76 -2.75 1.46
N PHE G 125 -16.03 -2.91 1.12
CA PHE G 125 -16.97 -1.80 1.02
C PHE G 125 -17.49 -1.42 2.40
N ASP G 126 -16.83 -0.47 3.05
CA ASP G 126 -17.16 -0.13 4.43
C ASP G 126 -18.34 0.85 4.45
N VAL G 127 -18.63 1.47 3.30
CA VAL G 127 -19.81 2.33 3.18
C VAL G 127 -20.61 2.14 1.89
N TRP G 128 -21.92 1.94 2.02
CA TRP G 128 -22.83 1.83 0.87
C TRP G 128 -23.88 2.93 0.87
N GLY G 129 -24.35 3.33 -0.30
CA GLY G 129 -25.51 4.20 -0.37
C GLY G 129 -26.80 3.43 -0.12
N GLN G 130 -27.94 4.13 -0.21
CA GLN G 130 -29.24 3.48 0.01
C GLN G 130 -29.73 2.86 -1.30
N GLY G 131 -29.07 3.21 -2.40
CA GLY G 131 -29.39 2.64 -3.70
C GLY G 131 -30.41 3.52 -4.41
N THR G 132 -30.43 3.45 -5.74
CA THR G 132 -31.43 4.18 -6.52
C THR G 132 -32.02 3.22 -7.55
N MET G 133 -33.34 3.21 -7.69
CA MET G 133 -34.00 2.22 -8.52
C MET G 133 -34.02 2.67 -9.99
N VAL G 134 -33.56 1.78 -10.86
CA VAL G 134 -33.62 2.00 -12.30
C VAL G 134 -34.51 0.94 -12.92
N THR G 135 -35.54 1.39 -13.63
CA THR G 135 -36.41 0.49 -14.37
C THR G 135 -36.36 0.74 -15.87
N VAL G 136 -36.04 -0.31 -16.63
CA VAL G 136 -35.99 -0.18 -18.07
C VAL G 136 -37.15 -0.96 -18.71
N SER G 137 -38.13 -0.23 -19.24
CA SER G 137 -39.33 -0.87 -19.78
C SER G 137 -39.99 -0.02 -20.86
N SER G 138 -40.61 -0.69 -21.83
CA SER G 138 -41.38 0.01 -22.87
C SER G 138 -42.72 0.54 -22.36
N ALA G 139 -42.75 1.20 -21.21
CA ALA G 139 -44.02 1.61 -20.61
C ALA G 139 -43.86 2.99 -20.00
N SER G 140 -44.94 3.78 -20.00
CA SER G 140 -44.90 5.13 -19.46
C SER G 140 -45.19 5.19 -17.97
N THR G 141 -44.67 6.23 -17.32
CA THR G 141 -44.89 6.43 -15.89
C THR G 141 -46.38 6.70 -15.65
N LYS G 142 -46.93 6.14 -14.57
CA LYS G 142 -48.25 6.53 -14.11
C LYS G 142 -48.25 6.73 -12.59
N GLY G 143 -48.77 7.85 -12.11
CA GLY G 143 -48.77 8.10 -10.68
C GLY G 143 -49.91 7.39 -9.96
N PRO G 144 -49.74 7.12 -8.64
CA PRO G 144 -50.69 6.32 -7.86
C PRO G 144 -51.94 7.08 -7.45
N SER G 145 -53.06 6.37 -7.36
CA SER G 145 -54.23 6.86 -6.65
C SER G 145 -54.14 6.39 -5.19
N VAL G 146 -54.48 7.25 -4.24
CA VAL G 146 -54.41 6.91 -2.82
C VAL G 146 -55.76 6.92 -2.13
N PHE G 147 -56.15 5.76 -1.60
CA PHE G 147 -57.43 5.59 -0.92
C PHE G 147 -57.30 5.18 0.54
N PRO G 148 -58.18 5.71 1.41
CA PRO G 148 -58.04 5.29 2.80
C PRO G 148 -58.57 3.88 3.05
N LEU G 149 -57.90 3.14 3.93
CA LEU G 149 -58.42 1.88 4.48
C LEU G 149 -58.87 2.19 5.89
N ALA G 150 -60.17 2.33 6.06
CA ALA G 150 -60.76 2.94 7.25
C ALA G 150 -61.13 1.94 8.34
N PRO G 151 -60.69 2.22 9.58
CA PRO G 151 -61.07 1.39 10.74
C PRO G 151 -62.56 1.55 11.03
N SER G 152 -63.19 0.47 11.48
CA SER G 152 -64.62 0.45 11.74
C SER G 152 -64.94 -0.17 13.10
N SER G 153 -66.13 0.12 13.62
CA SER G 153 -66.55 -0.51 14.89
C SER G 153 -66.63 -2.01 14.67
N LYS G 154 -66.17 -2.79 15.65
CA LYS G 154 -66.16 -4.25 15.59
C LYS G 154 -64.92 -4.75 14.85
N SER G 155 -64.08 -3.82 14.40
CA SER G 155 -62.85 -4.18 13.69
C SER G 155 -61.74 -4.59 14.65
N THR G 156 -61.96 -4.36 15.95
CA THR G 156 -60.98 -4.69 16.96
C THR G 156 -60.64 -6.19 16.96
N SER G 157 -59.35 -6.48 16.97
CA SER G 157 -58.85 -7.85 17.02
C SER G 157 -57.56 -7.78 17.80
N GLY G 158 -57.38 -8.69 18.75
CA GLY G 158 -56.45 -8.43 19.83
C GLY G 158 -57.07 -7.30 20.62
N GLY G 159 -56.24 -6.38 21.10
CA GLY G 159 -56.75 -5.16 21.73
C GLY G 159 -56.57 -3.90 20.87
N THR G 160 -56.35 -4.09 19.58
CA THR G 160 -55.94 -2.99 18.70
C THR G 160 -56.92 -2.75 17.54
N ALA G 161 -56.79 -1.58 16.93
CA ALA G 161 -57.53 -1.25 15.72
C ALA G 161 -56.52 -1.14 14.58
N ALA G 162 -56.96 -1.35 13.35
CA ALA G 162 -56.07 -1.22 12.21
C ALA G 162 -56.62 -0.24 11.20
N LEU G 163 -55.72 0.54 10.61
CA LEU G 163 -56.07 1.45 9.51
C LEU G 163 -54.91 1.54 8.53
N GLY G 164 -55.14 2.12 7.35
CA GLY G 164 -54.10 2.10 6.34
C GLY G 164 -54.35 2.93 5.10
N CYS G 165 -53.49 2.78 4.11
CA CYS G 165 -53.65 3.44 2.84
C CYS G 165 -53.44 2.42 1.74
N LEU G 166 -54.32 2.43 0.75
CA LEU G 166 -54.15 1.61 -0.43
C LEU G 166 -53.58 2.49 -1.54
N VAL G 167 -52.35 2.19 -1.95
CA VAL G 167 -51.66 2.92 -3.01
C VAL G 167 -51.70 2.12 -4.30
N LYS G 168 -52.59 2.50 -5.22
CA LYS G 168 -52.98 1.65 -6.33
C LYS G 168 -52.66 2.23 -7.71
N ASP G 169 -52.29 1.36 -8.65
CA ASP G 169 -52.19 1.69 -10.07
C ASP G 169 -51.10 2.72 -10.42
N TYR G 170 -49.86 2.37 -10.11
CA TYR G 170 -48.72 3.23 -10.43
C TYR G 170 -47.62 2.44 -11.16
N PHE G 171 -46.72 3.16 -11.81
CA PHE G 171 -45.58 2.54 -12.47
C PHE G 171 -44.54 3.62 -12.71
N PRO G 172 -43.25 3.30 -12.51
CA PRO G 172 -42.69 2.02 -12.05
C PRO G 172 -42.52 2.02 -10.55
N GLU G 173 -41.78 1.03 -10.04
CA GLU G 173 -41.38 1.06 -8.65
C GLU G 173 -40.35 2.17 -8.50
N PRO G 174 -40.24 2.77 -7.30
CA PRO G 174 -40.97 2.42 -6.08
C PRO G 174 -41.75 3.62 -5.55
N VAL G 175 -42.62 3.40 -4.58
CA VAL G 175 -43.28 4.47 -3.84
C VAL G 175 -42.82 4.35 -2.41
N THR G 176 -42.62 5.46 -1.72
CA THR G 176 -42.34 5.42 -0.30
C THR G 176 -43.57 5.86 0.47
N VAL G 177 -43.80 5.23 1.63
CA VAL G 177 -44.91 5.61 2.48
C VAL G 177 -44.40 5.82 3.90
N SER G 178 -44.79 6.95 4.49
CA SER G 178 -44.55 7.20 5.91
C SER G 178 -45.87 7.58 6.59
N TRP G 179 -45.86 7.67 7.92
CA TRP G 179 -47.07 8.00 8.67
C TRP G 179 -46.83 9.17 9.61
N ASN G 180 -47.73 10.14 9.57
CA ASN G 180 -47.58 11.36 10.36
C ASN G 180 -46.19 11.93 10.16
N SER G 181 -45.75 11.98 8.91
CA SER G 181 -44.50 12.62 8.55
C SER G 181 -43.30 11.90 9.16
N GLY G 182 -43.49 10.65 9.54
CA GLY G 182 -42.44 9.83 10.12
C GLY G 182 -42.46 9.81 11.63
N ALA G 183 -43.42 10.52 12.22
CA ALA G 183 -43.59 10.53 13.67
C ALA G 183 -44.17 9.23 14.19
N LEU G 184 -44.87 8.49 13.33
CA LEU G 184 -45.47 7.22 13.71
C LEU G 184 -44.77 6.11 12.97
N THR G 185 -44.08 5.27 13.73
CA THR G 185 -43.32 4.17 13.14
C THR G 185 -43.65 2.83 13.77
N SER G 186 -44.04 2.85 15.04
N SER G 186 -44.03 2.84 15.04
CA SER G 186 -44.40 1.62 15.73
CA SER G 186 -44.41 1.61 15.72
C SER G 186 -45.65 1.00 15.10
C SER G 186 -45.65 1.01 15.08
N GLY G 187 -45.56 -0.27 14.75
CA GLY G 187 -46.69 -1.02 14.25
C GLY G 187 -47.04 -0.74 12.80
N VAL G 188 -46.10 -0.16 12.05
CA VAL G 188 -46.32 0.12 10.64
C VAL G 188 -45.80 -1.03 9.82
N HIS G 189 -46.62 -1.49 8.87
CA HIS G 189 -46.18 -2.46 7.89
C HIS G 189 -46.49 -1.92 6.50
N THR G 190 -45.48 -1.80 5.65
CA THR G 190 -45.76 -1.46 4.25
C THR G 190 -45.44 -2.67 3.41
N PHE G 191 -46.47 -3.23 2.79
CA PHE G 191 -46.32 -4.48 2.06
C PHE G 191 -45.57 -4.24 0.76
N PRO G 192 -44.82 -5.25 0.31
CA PRO G 192 -44.20 -5.24 -1.02
C PRO G 192 -45.23 -5.05 -2.12
N ALA G 193 -44.89 -4.29 -3.14
CA ALA G 193 -45.80 -4.08 -4.26
C ALA G 193 -46.05 -5.39 -4.98
N VAL G 194 -47.27 -5.53 -5.51
CA VAL G 194 -47.63 -6.66 -6.35
C VAL G 194 -47.95 -6.15 -7.74
N LEU G 195 -47.46 -6.85 -8.76
CA LEU G 195 -47.79 -6.51 -10.14
C LEU G 195 -49.18 -7.01 -10.51
N GLN G 196 -50.02 -6.10 -10.98
CA GLN G 196 -51.37 -6.46 -11.38
C GLN G 196 -51.39 -6.84 -12.86
N SER G 197 -52.49 -7.44 -13.30
CA SER G 197 -52.64 -7.85 -14.69
C SER G 197 -52.58 -6.65 -15.64
N SER G 198 -53.04 -5.50 -15.16
CA SER G 198 -52.98 -4.26 -15.93
C SER G 198 -51.54 -3.84 -16.26
N GLY G 199 -50.56 -4.44 -15.59
CA GLY G 199 -49.18 -4.06 -15.76
C GLY G 199 -48.74 -2.96 -14.80
N LEU G 200 -49.65 -2.55 -13.92
CA LEU G 200 -49.34 -1.52 -12.92
C LEU G 200 -49.16 -2.14 -11.54
N TYR G 201 -48.39 -1.47 -10.69
CA TYR G 201 -48.17 -1.97 -9.33
C TYR G 201 -49.22 -1.44 -8.36
N SER G 202 -49.40 -2.19 -7.28
CA SER G 202 -50.30 -1.82 -6.20
C SER G 202 -49.67 -2.26 -4.89
N LEU G 203 -49.89 -1.48 -3.84
CA LEU G 203 -49.24 -1.71 -2.55
C LEU G 203 -50.11 -1.17 -1.42
N SER G 204 -50.01 -1.75 -0.22
CA SER G 204 -50.70 -1.24 0.95
C SER G 204 -49.79 -0.92 2.12
N SER G 205 -50.15 0.10 2.90
CA SER G 205 -49.49 0.34 4.18
C SER G 205 -50.55 0.33 5.29
N VAL G 206 -50.30 -0.38 6.39
CA VAL G 206 -51.27 -0.41 7.48
C VAL G 206 -50.55 -0.15 8.78
N VAL G 207 -51.28 0.28 9.80
CA VAL G 207 -50.74 0.52 11.12
C VAL G 207 -51.76 0.09 12.17
N THR G 208 -51.30 -0.50 13.28
CA THR G 208 -52.24 -0.87 14.33
C THR G 208 -52.05 0.11 15.49
N VAL G 209 -53.17 0.72 15.90
CA VAL G 209 -53.19 1.70 16.98
C VAL G 209 -54.24 1.44 18.07
N PRO G 210 -53.88 1.68 19.35
CA PRO G 210 -54.92 1.47 20.37
C PRO G 210 -56.26 2.08 19.92
N SER G 211 -57.38 1.48 20.28
CA SER G 211 -58.69 1.99 19.88
C SER G 211 -58.90 3.39 20.46
N SER G 212 -58.43 3.58 21.68
CA SER G 212 -58.56 4.86 22.35
C SER G 212 -57.75 5.95 21.66
N SER G 213 -56.62 5.56 21.07
CA SER G 213 -55.72 6.54 20.45
C SER G 213 -56.29 7.15 19.17
N LEU G 214 -57.44 6.65 18.72
CA LEU G 214 -58.09 7.19 17.53
C LEU G 214 -58.59 8.61 17.76
N GLY G 215 -59.24 8.82 18.91
CA GLY G 215 -59.77 10.12 19.26
C GLY G 215 -58.68 11.09 19.63
N THR G 216 -57.68 10.63 20.39
CA THR G 216 -56.61 11.50 20.84
C THR G 216 -55.74 11.96 19.68
N GLN G 217 -55.50 11.08 18.71
CA GLN G 217 -54.60 11.38 17.61
C GLN G 217 -55.22 11.23 16.24
N THR G 218 -54.58 11.85 15.26
CA THR G 218 -54.99 11.75 13.86
C THR G 218 -53.91 11.02 13.09
N TYR G 219 -54.30 10.37 12.00
CA TYR G 219 -53.35 9.57 11.22
C TYR G 219 -53.33 9.97 9.75
N ILE G 220 -52.14 10.35 9.28
CA ILE G 220 -51.93 10.77 7.91
C ILE G 220 -50.81 9.95 7.29
N CYS G 221 -51.02 9.45 6.08
CA CYS G 221 -49.97 8.72 5.40
C CYS G 221 -49.41 9.57 4.25
N ASN G 222 -48.09 9.66 4.20
CA ASN G 222 -47.42 10.46 3.18
C ASN G 222 -46.87 9.58 2.06
N VAL G 223 -47.48 9.67 0.90
CA VAL G 223 -47.08 8.85 -0.25
C VAL G 223 -46.25 9.65 -1.26
N ASN G 224 -45.14 9.06 -1.70
CA ASN G 224 -44.24 9.71 -2.64
C ASN G 224 -43.80 8.79 -3.79
N HIS G 225 -44.19 9.15 -5.02
CA HIS G 225 -43.75 8.42 -6.21
C HIS G 225 -42.94 9.33 -7.13
N LYS G 226 -41.63 9.34 -6.96
CA LYS G 226 -40.77 10.32 -7.63
C LYS G 226 -40.88 10.33 -9.15
N PRO G 227 -40.84 9.14 -9.79
CA PRO G 227 -40.92 9.08 -11.25
C PRO G 227 -42.16 9.74 -11.85
N SER G 228 -43.11 10.16 -11.02
CA SER G 228 -44.29 10.87 -11.51
C SER G 228 -44.55 12.14 -10.71
N ASN G 229 -43.49 12.64 -10.05
CA ASN G 229 -43.60 13.82 -9.21
C ASN G 229 -44.91 13.88 -8.42
N THR G 230 -45.19 12.82 -7.68
CA THR G 230 -46.37 12.77 -6.82
C THR G 230 -45.98 12.87 -5.35
N LYS G 231 -46.77 13.63 -4.58
CA LYS G 231 -46.57 13.74 -3.14
C LYS G 231 -47.93 13.99 -2.47
N VAL G 232 -48.54 12.92 -1.97
CA VAL G 232 -49.90 12.97 -1.43
C VAL G 232 -49.94 12.67 0.07
N ASP G 233 -50.65 13.52 0.83
CA ASP G 233 -50.90 13.27 2.25
C ASP G 233 -52.38 12.95 2.46
N LYS G 234 -52.71 11.68 2.61
CA LYS G 234 -54.10 11.29 2.82
C LYS G 234 -54.40 11.11 4.30
N ARG G 235 -55.48 11.74 4.75
CA ARG G 235 -55.95 11.58 6.11
C ARG G 235 -56.85 10.35 6.17
N VAL G 236 -56.72 9.57 7.23
CA VAL G 236 -57.48 8.33 7.39
C VAL G 236 -58.38 8.40 8.61
N GLU G 237 -59.68 8.50 8.37
CA GLU G 237 -60.66 8.63 9.45
C GLU G 237 -61.69 7.51 9.41
N PRO G 238 -62.29 7.19 10.57
CA PRO G 238 -63.30 6.13 10.66
C PRO G 238 -64.54 6.41 9.81
N LYS G 239 -65.18 5.36 9.32
CA LYS G 239 -66.34 5.50 8.44
C LYS G 239 -67.56 5.98 9.22
N ASP H 1 -13.32 -15.37 -14.69
CA ASP H 1 -14.02 -14.80 -13.52
C ASP H 1 -14.00 -15.80 -12.37
N ILE H 2 -13.68 -15.33 -11.16
CA ILE H 2 -13.69 -16.21 -10.00
C ILE H 2 -15.12 -16.36 -9.47
N GLN H 3 -15.53 -17.61 -9.29
CA GLN H 3 -16.84 -17.93 -8.76
C GLN H 3 -16.76 -18.25 -7.28
N LEU H 4 -17.66 -17.63 -6.52
CA LEU H 4 -17.82 -17.91 -5.10
C LEU H 4 -19.14 -18.64 -4.87
N THR H 5 -19.06 -19.77 -4.19
CA THR H 5 -20.23 -20.61 -3.92
C THR H 5 -20.54 -20.59 -2.42
N GLN H 6 -21.75 -20.15 -2.08
CA GLN H 6 -22.18 -20.06 -0.68
C GLN H 6 -23.14 -21.15 -0.29
N SER H 7 -22.93 -21.74 0.89
CA SER H 7 -23.89 -22.72 1.40
C SER H 7 -24.14 -22.47 2.90
N PRO H 8 -25.33 -22.85 3.38
CA PRO H 8 -26.38 -23.37 2.50
C PRO H 8 -27.07 -22.24 1.78
N SER H 9 -27.96 -22.56 0.83
CA SER H 9 -28.65 -21.51 0.14
C SER H 9 -29.60 -20.74 1.04
N SER H 10 -30.24 -21.47 1.95
CA SER H 10 -31.22 -20.87 2.84
C SER H 10 -31.14 -21.62 4.15
N LEU H 11 -31.20 -20.92 5.27
CA LEU H 11 -31.13 -21.55 6.57
C LEU H 11 -32.11 -21.05 7.63
N SER H 12 -32.81 -21.95 8.29
CA SER H 12 -33.73 -21.61 9.37
C SER H 12 -33.04 -22.06 10.65
N ALA H 13 -33.06 -21.26 11.71
CA ALA H 13 -32.41 -21.67 12.96
C ALA H 13 -33.07 -20.99 14.15
N SER H 14 -32.90 -21.59 15.33
CA SER H 14 -33.53 -21.10 16.56
C SER H 14 -32.66 -20.07 17.26
N VAL H 15 -33.31 -19.16 17.99
CA VAL H 15 -32.56 -18.20 18.80
C VAL H 15 -31.58 -18.89 19.73
N GLY H 16 -30.33 -18.46 19.68
CA GLY H 16 -29.31 -19.04 20.51
C GLY H 16 -28.43 -20.04 19.80
N ASP H 17 -28.87 -20.52 18.64
CA ASP H 17 -28.12 -21.51 17.89
C ASP H 17 -26.84 -20.94 17.30
N ARG H 18 -25.82 -21.79 17.22
N ARG H 18 -25.83 -21.80 17.22
CA ARG H 18 -24.60 -21.47 16.51
CA ARG H 18 -24.58 -21.47 16.52
C ARG H 18 -24.80 -21.76 15.02
C ARG H 18 -24.70 -21.78 15.02
N VAL H 19 -24.53 -20.75 14.18
CA VAL H 19 -24.82 -20.86 12.75
C VAL H 19 -23.54 -20.69 11.93
N THR H 20 -23.37 -21.55 10.92
CA THR H 20 -22.19 -21.53 10.07
C THR H 20 -22.50 -21.37 8.56
N LEU H 21 -21.93 -20.33 7.96
CA LEU H 21 -22.05 -20.06 6.53
C LEU H 21 -20.71 -20.31 5.84
N THR H 22 -20.70 -20.91 4.66
CA THR H 22 -19.46 -21.25 3.98
C THR H 22 -19.39 -20.55 2.63
N CYS H 23 -18.17 -20.25 2.19
CA CYS H 23 -17.92 -19.62 0.90
C CYS H 23 -16.77 -20.42 0.33
N GLN H 24 -16.92 -20.89 -0.90
CA GLN H 24 -15.84 -21.59 -1.58
C GLN H 24 -15.44 -20.86 -2.85
N ALA H 25 -14.16 -20.57 -2.99
CA ALA H 25 -13.68 -19.90 -4.18
C ALA H 25 -13.17 -20.91 -5.19
N SER H 26 -13.34 -20.57 -6.47
CA SER H 26 -12.97 -21.50 -7.55
C SER H 26 -11.47 -21.53 -7.73
N GLN H 27 -10.79 -20.57 -7.11
CA GLN H 27 -9.35 -20.53 -7.11
C GLN H 27 -8.83 -19.84 -5.84
N ASP H 28 -7.55 -20.03 -5.54
CA ASP H 28 -6.95 -19.48 -4.34
C ASP H 28 -6.99 -17.97 -4.37
N ILE H 29 -7.74 -17.40 -3.44
CA ILE H 29 -7.84 -15.95 -3.31
C ILE H 29 -7.20 -15.45 -2.02
N ARG H 30 -6.31 -16.26 -1.44
CA ARG H 30 -5.63 -15.90 -0.21
C ARG H 30 -6.64 -15.50 0.86
N LYS H 31 -6.54 -14.30 1.39
CA LYS H 31 -7.49 -13.83 2.41
C LYS H 31 -8.28 -12.61 1.95
N PHE H 32 -8.33 -12.39 0.64
CA PHE H 32 -9.01 -11.22 0.09
C PHE H 32 -10.51 -11.47 0.01
N LEU H 33 -11.14 -11.68 1.17
CA LEU H 33 -12.55 -12.05 1.21
C LEU H 33 -13.31 -11.30 2.31
N ASN H 34 -14.46 -10.74 1.96
CA ASN H 34 -15.29 -9.96 2.86
C ASN H 34 -16.70 -10.53 2.96
N TRP H 35 -17.36 -10.28 4.09
CA TRP H 35 -18.72 -10.73 4.32
C TRP H 35 -19.58 -9.49 4.58
N TYR H 36 -20.76 -9.45 3.96
CA TYR H 36 -21.72 -8.36 4.16
C TYR H 36 -23.04 -8.96 4.63
N GLN H 37 -23.81 -8.15 5.34
CA GLN H 37 -25.17 -8.47 5.70
C GLN H 37 -26.10 -7.45 5.02
N GLN H 38 -27.19 -7.94 4.45
CA GLN H 38 -28.20 -7.09 3.85
C GLN H 38 -29.60 -7.42 4.33
N LYS H 39 -30.25 -6.44 4.93
CA LYS H 39 -31.64 -6.57 5.32
C LYS H 39 -32.56 -6.08 4.22
N PRO H 40 -33.77 -6.68 4.12
CA PRO H 40 -34.66 -6.39 3.00
C PRO H 40 -34.93 -4.91 2.80
N GLY H 41 -34.78 -4.45 1.56
CA GLY H 41 -35.04 -3.08 1.20
C GLY H 41 -33.95 -2.14 1.71
N LYS H 42 -32.87 -2.72 2.23
CA LYS H 42 -31.77 -1.93 2.75
C LYS H 42 -30.47 -2.28 2.01
N GLY H 43 -29.50 -1.39 2.10
CA GLY H 43 -28.19 -1.61 1.53
C GLY H 43 -27.37 -2.58 2.37
N PRO H 44 -26.40 -3.24 1.75
CA PRO H 44 -25.52 -4.16 2.50
C PRO H 44 -24.73 -3.42 3.61
N LYS H 45 -24.28 -4.15 4.62
CA LYS H 45 -23.35 -3.64 5.61
C LYS H 45 -22.22 -4.62 5.82
N LEU H 46 -21.00 -4.08 5.88
CA LEU H 46 -19.82 -4.90 6.06
C LEU H 46 -19.77 -5.51 7.46
N LEU H 47 -19.51 -6.82 7.51
CA LEU H 47 -19.33 -7.55 8.76
C LEU H 47 -17.88 -7.93 8.97
N ILE H 48 -17.29 -8.56 7.97
CA ILE H 48 -15.95 -9.11 8.14
C ILE H 48 -15.11 -8.68 6.94
N TYR H 49 -13.92 -8.13 7.20
CA TYR H 49 -13.02 -7.85 6.08
C TYR H 49 -11.71 -8.65 6.15
N ASP H 50 -11.17 -8.95 4.97
CA ASP H 50 -9.95 -9.75 4.87
C ASP H 50 -10.06 -11.02 5.68
N ALA H 51 -11.17 -11.73 5.46
CA ALA H 51 -11.37 -13.08 5.97
C ALA H 51 -11.73 -13.21 7.45
N SER H 52 -11.05 -12.49 8.32
CA SER H 52 -11.21 -12.70 9.77
C SER H 52 -11.37 -11.45 10.63
N ASN H 53 -11.36 -10.28 10.02
CA ASN H 53 -11.45 -9.04 10.79
C ASN H 53 -12.87 -8.54 10.98
N LEU H 54 -13.22 -8.40 12.25
CA LEU H 54 -14.52 -7.89 12.65
C LEU H 54 -14.53 -6.37 12.45
N GLN H 55 -15.46 -5.89 11.63
CA GLN H 55 -15.61 -4.46 11.41
C GLN H 55 -16.04 -3.72 12.68
N ARG H 56 -15.46 -2.54 12.89
CA ARG H 56 -15.85 -1.68 14.00
C ARG H 56 -17.37 -1.57 14.11
N GLY H 57 -17.90 -1.79 15.31
CA GLY H 57 -19.32 -1.61 15.57
C GLY H 57 -20.18 -2.83 15.39
N VAL H 58 -19.65 -3.84 14.72
CA VAL H 58 -20.35 -5.10 14.52
C VAL H 58 -20.31 -5.98 15.77
N PRO H 59 -21.43 -6.61 16.13
CA PRO H 59 -21.49 -7.44 17.34
C PRO H 59 -20.44 -8.56 17.33
N SER H 60 -19.86 -8.84 18.49
CA SER H 60 -18.78 -9.81 18.59
C SER H 60 -19.21 -11.25 18.34
N ARG H 61 -20.51 -11.49 18.30
CA ARG H 61 -21.00 -12.83 17.98
C ARG H 61 -20.68 -13.25 16.53
N PHE H 62 -20.33 -12.29 15.69
CA PHE H 62 -19.90 -12.57 14.33
C PHE H 62 -18.38 -12.78 14.30
N SER H 63 -17.94 -13.82 13.59
CA SER H 63 -16.51 -14.05 13.37
C SER H 63 -16.25 -14.68 12.00
N GLY H 64 -15.05 -14.50 11.47
CA GLY H 64 -14.72 -15.04 10.16
C GLY H 64 -13.45 -15.86 10.16
N GLY H 65 -13.37 -16.84 9.25
CA GLY H 65 -12.19 -17.67 9.16
C GLY H 65 -11.91 -18.19 7.76
N GLY H 66 -10.72 -18.76 7.60
CA GLY H 66 -10.31 -19.43 6.38
C GLY H 66 -9.32 -18.65 5.53
N SER H 67 -8.85 -19.32 4.49
CA SER H 67 -7.90 -18.73 3.55
C SER H 67 -7.79 -19.68 2.38
N GLY H 68 -7.18 -19.21 1.30
CA GLY H 68 -7.09 -20.01 0.10
C GLY H 68 -8.41 -20.08 -0.63
N THR H 69 -9.08 -21.22 -0.54
CA THR H 69 -10.35 -21.40 -1.23
C THR H 69 -11.57 -21.56 -0.31
N ASP H 70 -11.36 -21.83 0.97
CA ASP H 70 -12.45 -22.15 1.90
C ASP H 70 -12.61 -21.15 3.04
N PHE H 71 -13.79 -20.56 3.18
CA PHE H 71 -14.01 -19.52 4.20
C PHE H 71 -15.31 -19.80 4.95
N THR H 72 -15.39 -19.33 6.20
CA THR H 72 -16.60 -19.47 7.00
C THR H 72 -16.95 -18.20 7.74
N LEU H 73 -18.24 -17.92 7.85
CA LEU H 73 -18.74 -16.90 8.74
C LEU H 73 -19.55 -17.57 9.86
N ILE H 74 -19.21 -17.30 11.11
CA ILE H 74 -19.90 -17.93 12.22
C ILE H 74 -20.63 -16.91 13.08
N ILE H 75 -21.89 -17.20 13.37
CA ILE H 75 -22.65 -16.40 14.34
C ILE H 75 -22.79 -17.29 15.56
N SER H 76 -22.10 -16.95 16.65
CA SER H 76 -21.97 -17.87 17.78
C SER H 76 -23.30 -18.07 18.49
N SER H 77 -24.16 -17.06 18.42
CA SER H 77 -25.48 -17.14 19.02
C SER H 77 -26.48 -16.30 18.25
N LEU H 78 -27.29 -16.96 17.43
CA LEU H 78 -28.17 -16.26 16.50
C LEU H 78 -29.21 -15.40 17.21
N GLN H 79 -29.34 -14.17 16.76
CA GLN H 79 -30.34 -13.25 17.30
C GLN H 79 -31.40 -12.93 16.26
N PRO H 80 -32.60 -12.53 16.72
CA PRO H 80 -33.67 -12.23 15.78
C PRO H 80 -33.28 -11.11 14.80
N GLU H 81 -32.50 -10.13 15.24
CA GLU H 81 -32.06 -9.06 14.36
C GLU H 81 -31.07 -9.55 13.29
N ASP H 82 -30.62 -10.79 13.40
CA ASP H 82 -29.70 -11.36 12.41
C ASP H 82 -30.33 -11.82 11.09
N VAL H 83 -31.65 -11.82 11.01
CA VAL H 83 -32.34 -12.21 9.78
C VAL H 83 -31.96 -11.33 8.60
N GLY H 84 -31.77 -11.96 7.45
CA GLY H 84 -31.44 -11.24 6.23
C GLY H 84 -30.63 -12.16 5.33
N THR H 85 -29.93 -11.57 4.36
CA THR H 85 -29.16 -12.35 3.41
C THR H 85 -27.71 -11.96 3.61
N TYR H 86 -26.82 -12.93 3.55
CA TYR H 86 -25.39 -12.73 3.78
C TYR H 86 -24.62 -13.05 2.52
N TYR H 87 -23.71 -12.16 2.14
CA TYR H 87 -22.95 -12.37 0.92
C TYR H 87 -21.46 -12.41 1.24
N CYS H 88 -20.73 -13.29 0.60
CA CYS H 88 -19.27 -13.20 0.64
C CYS H 88 -18.81 -12.49 -0.62
N GLN H 89 -17.60 -11.96 -0.63
CA GLN H 89 -17.14 -11.17 -1.77
C GLN H 89 -15.64 -11.15 -1.88
N GLN H 90 -15.17 -11.24 -3.12
CA GLN H 90 -13.78 -11.57 -3.41
C GLN H 90 -13.20 -10.41 -4.19
N TYR H 91 -11.97 -10.02 -3.85
CA TYR H 91 -11.24 -9.03 -4.62
C TYR H 91 -9.78 -9.40 -4.86
N ASP H 92 -9.46 -10.69 -4.90
CA ASP H 92 -8.15 -11.14 -5.35
C ASP H 92 -7.84 -10.63 -6.75
N GLY H 93 -8.83 -10.65 -7.63
CA GLY H 93 -8.64 -10.18 -8.99
C GLY H 93 -9.93 -9.67 -9.59
N LEU H 94 -9.81 -8.69 -10.49
CA LEU H 94 -10.95 -8.22 -11.27
C LEU H 94 -11.41 -9.25 -12.29
N PRO H 95 -12.73 -9.29 -12.56
CA PRO H 95 -13.74 -8.47 -11.90
C PRO H 95 -14.08 -8.96 -10.49
N PHE H 96 -14.39 -8.03 -9.59
CA PHE H 96 -14.83 -8.39 -8.24
C PHE H 96 -16.14 -9.17 -8.37
N THR H 97 -16.29 -10.20 -7.54
CA THR H 97 -17.48 -11.04 -7.59
C THR H 97 -18.03 -11.32 -6.20
N PHE H 98 -19.31 -11.64 -6.15
CA PHE H 98 -20.02 -11.92 -4.89
C PHE H 98 -20.53 -13.35 -4.93
N GLY H 99 -20.66 -13.94 -3.74
CA GLY H 99 -21.34 -15.20 -3.59
C GLY H 99 -22.81 -15.00 -3.90
N GLY H 100 -23.53 -16.10 -4.10
CA GLY H 100 -24.95 -16.01 -4.43
C GLY H 100 -25.87 -15.68 -3.26
N GLY H 101 -25.31 -15.57 -2.06
CA GLY H 101 -26.08 -15.14 -0.91
C GLY H 101 -26.65 -16.32 -0.14
N THR H 102 -26.75 -16.18 1.19
CA THR H 102 -27.42 -17.15 2.02
C THR H 102 -28.54 -16.44 2.77
N LYS H 103 -29.79 -16.88 2.65
CA LYS H 103 -30.83 -16.18 3.39
C LYS H 103 -31.00 -16.78 4.79
N VAL H 104 -30.92 -15.98 5.85
CA VAL H 104 -31.15 -16.49 7.21
C VAL H 104 -32.52 -16.14 7.81
N VAL H 105 -33.18 -17.16 8.38
CA VAL H 105 -34.54 -17.07 8.89
C VAL H 105 -34.63 -17.63 10.33
N ILE H 106 -35.27 -16.88 11.22
CA ILE H 106 -35.48 -17.33 12.59
C ILE H 106 -36.71 -18.22 12.80
N LYS H 107 -36.56 -19.28 13.57
CA LYS H 107 -37.67 -20.09 14.06
C LYS H 107 -38.05 -19.61 15.45
N ARG H 108 -39.34 -19.39 15.64
CA ARG H 108 -39.86 -18.95 16.92
C ARG H 108 -41.15 -19.70 17.22
N THR H 109 -41.79 -19.35 18.33
CA THR H 109 -43.05 -19.97 18.72
C THR H 109 -44.19 -19.57 17.80
N VAL H 110 -45.18 -20.44 17.68
CA VAL H 110 -46.37 -20.13 16.90
C VAL H 110 -47.05 -18.89 17.45
N ALA H 111 -47.60 -18.10 16.54
CA ALA H 111 -48.34 -16.90 16.88
C ALA H 111 -49.48 -16.68 15.92
N ALA H 112 -50.70 -16.63 16.45
CA ALA H 112 -51.88 -16.57 15.61
C ALA H 112 -52.00 -15.15 15.06
N PRO H 113 -52.47 -15.03 13.81
CA PRO H 113 -52.63 -13.70 13.23
C PRO H 113 -53.82 -12.98 13.84
N SER H 114 -53.76 -11.66 13.93
CA SER H 114 -54.99 -10.90 14.17
C SER H 114 -55.52 -10.45 12.80
N VAL H 115 -56.82 -10.62 12.57
CA VAL H 115 -57.41 -10.39 11.25
C VAL H 115 -58.33 -9.17 11.17
N PHE H 116 -58.18 -8.38 10.11
CA PHE H 116 -59.02 -7.22 9.86
C PHE H 116 -59.51 -7.19 8.42
N ILE H 117 -60.72 -6.70 8.21
CA ILE H 117 -61.25 -6.54 6.87
C ILE H 117 -61.57 -5.07 6.65
N PHE H 118 -61.34 -4.59 5.44
CA PHE H 118 -61.65 -3.22 5.08
C PHE H 118 -62.48 -3.21 3.83
N PRO H 119 -63.63 -2.52 3.89
CA PRO H 119 -64.41 -2.33 2.66
C PRO H 119 -63.70 -1.32 1.78
N PRO H 120 -64.11 -1.24 0.50
CA PRO H 120 -63.57 -0.21 -0.39
C PRO H 120 -64.01 1.17 0.05
N SER H 121 -63.16 2.17 -0.15
CA SER H 121 -63.51 3.53 0.23
C SER H 121 -64.50 4.10 -0.79
N ASP H 122 -65.11 5.22 -0.46
CA ASP H 122 -66.07 5.84 -1.34
C ASP H 122 -65.41 6.49 -2.55
N GLU H 123 -64.23 7.07 -2.33
CA GLU H 123 -63.49 7.73 -3.40
C GLU H 123 -63.18 6.73 -4.52
N GLN H 124 -62.92 5.48 -4.15
CA GLN H 124 -62.50 4.47 -5.11
C GLN H 124 -63.69 4.00 -5.95
N LEU H 125 -64.83 3.77 -5.30
CA LEU H 125 -66.05 3.40 -6.02
C LEU H 125 -66.42 4.48 -7.03
N LYS H 126 -66.29 5.74 -6.60
CA LYS H 126 -66.50 6.87 -7.50
C LYS H 126 -65.79 6.64 -8.84
N SER H 127 -64.82 5.71 -8.88
CA SER H 127 -64.02 5.52 -10.08
C SER H 127 -64.16 4.12 -10.71
N GLY H 128 -65.20 3.39 -10.33
CA GLY H 128 -65.56 2.16 -11.03
C GLY H 128 -64.87 0.89 -10.61
N THR H 129 -64.00 0.96 -9.61
CA THR H 129 -63.32 -0.22 -9.12
C THR H 129 -63.48 -0.35 -7.61
N ALA H 130 -63.60 -1.59 -7.15
CA ALA H 130 -63.73 -1.90 -5.73
C ALA H 130 -62.66 -2.87 -5.23
N SER H 131 -61.89 -2.42 -4.25
CA SER H 131 -60.87 -3.26 -3.61
C SER H 131 -61.26 -3.54 -2.16
N VAL H 132 -61.38 -4.82 -1.82
CA VAL H 132 -61.69 -5.22 -0.45
C VAL H 132 -60.40 -5.82 0.12
N VAL H 133 -59.98 -5.35 1.27
CA VAL H 133 -58.67 -5.73 1.79
C VAL H 133 -58.75 -6.53 3.08
N CYS H 134 -57.92 -7.56 3.18
CA CYS H 134 -57.83 -8.37 4.38
C CYS H 134 -56.41 -8.33 4.91
N LEU H 135 -56.26 -8.07 6.20
CA LEU H 135 -54.95 -7.97 6.79
C LEU H 135 -54.77 -9.05 7.87
N LEU H 136 -53.68 -9.80 7.77
CA LEU H 136 -53.26 -10.72 8.82
C LEU H 136 -52.00 -10.18 9.47
N ASN H 137 -52.09 -9.86 10.75
CA ASN H 137 -51.03 -9.20 11.47
C ASN H 137 -50.25 -10.08 12.41
N ASN H 138 -48.93 -9.95 12.31
CA ASN H 138 -47.97 -10.52 13.26
C ASN H 138 -48.20 -11.97 13.65
N PHE H 139 -47.86 -12.87 12.74
CA PHE H 139 -48.09 -14.28 12.98
C PHE H 139 -46.89 -15.13 12.60
N TYR H 140 -46.89 -16.38 13.05
CA TYR H 140 -45.86 -17.33 12.70
C TYR H 140 -46.39 -18.73 12.93
N PRO H 141 -46.07 -19.67 12.03
CA PRO H 141 -45.19 -19.57 10.87
C PRO H 141 -45.87 -18.89 9.69
N ARG H 142 -45.11 -18.73 8.61
CA ARG H 142 -45.54 -17.95 7.46
C ARG H 142 -46.73 -18.56 6.73
N GLU H 143 -46.82 -19.88 6.70
CA GLU H 143 -47.88 -20.53 5.94
C GLU H 143 -49.24 -20.18 6.52
N ALA H 144 -50.10 -19.58 5.68
CA ALA H 144 -51.47 -19.28 6.06
C ALA H 144 -52.32 -19.42 4.81
N LYS H 145 -53.60 -19.74 4.99
CA LYS H 145 -54.54 -19.81 3.87
C LYS H 145 -55.58 -18.71 4.03
N VAL H 146 -55.77 -17.88 3.01
CA VAL H 146 -56.79 -16.84 3.06
C VAL H 146 -57.80 -17.05 1.95
N GLN H 147 -59.06 -17.21 2.30
CA GLN H 147 -60.08 -17.54 1.32
C GLN H 147 -61.16 -16.45 1.28
N TRP H 148 -61.50 -15.92 0.11
CA TRP H 148 -62.58 -14.93 -0.03
C TRP H 148 -63.94 -15.54 -0.35
N LYS H 149 -65.00 -14.97 0.23
CA LYS H 149 -66.37 -15.38 -0.04
C LYS H 149 -67.28 -14.15 -0.29
N VAL H 150 -68.00 -14.13 -1.40
CA VAL H 150 -68.97 -13.06 -1.70
C VAL H 150 -70.39 -13.59 -1.76
N ASP H 151 -71.27 -13.09 -0.90
CA ASP H 151 -72.60 -13.67 -0.73
C ASP H 151 -72.48 -15.16 -0.57
N ASN H 152 -71.43 -15.56 0.14
CA ASN H 152 -71.25 -16.94 0.50
C ASN H 152 -70.72 -17.84 -0.63
N ALA H 153 -70.29 -17.22 -1.73
CA ALA H 153 -69.70 -17.92 -2.86
C ALA H 153 -68.17 -17.88 -2.81
N LEU H 154 -67.54 -19.04 -2.87
CA LEU H 154 -66.09 -19.17 -2.71
C LEU H 154 -65.41 -18.54 -3.93
N GLN H 155 -64.62 -17.50 -3.69
CA GLN H 155 -63.99 -16.74 -4.76
C GLN H 155 -62.65 -17.34 -5.20
N SER H 156 -62.28 -17.14 -6.47
CA SER H 156 -60.96 -17.53 -6.96
C SER H 156 -60.56 -16.82 -8.25
N GLY H 157 -59.25 -16.57 -8.39
CA GLY H 157 -58.70 -15.96 -9.58
C GLY H 157 -58.74 -14.44 -9.55
N ASN H 158 -59.41 -13.87 -8.57
CA ASN H 158 -59.49 -12.43 -8.43
C ASN H 158 -58.92 -11.82 -7.15
N SER H 159 -57.89 -12.45 -6.58
CA SER H 159 -57.23 -11.86 -5.42
C SER H 159 -55.71 -12.01 -5.52
N GLN H 160 -54.99 -11.12 -4.86
CA GLN H 160 -53.54 -11.21 -4.82
C GLN H 160 -53.03 -10.99 -3.41
N GLU H 161 -52.04 -11.77 -3.01
CA GLU H 161 -51.47 -11.66 -1.69
C GLU H 161 -50.10 -11.00 -1.69
N SER H 162 -49.78 -10.34 -0.59
CA SER H 162 -48.44 -9.86 -0.36
C SER H 162 -48.02 -10.17 1.07
N VAL H 163 -46.74 -10.53 1.24
CA VAL H 163 -46.26 -10.91 2.57
C VAL H 163 -45.00 -10.12 2.93
N THR H 164 -44.97 -9.62 4.17
CA THR H 164 -43.78 -8.91 4.63
C THR H 164 -42.61 -9.85 4.87
N GLU H 165 -41.42 -9.27 4.89
CA GLU H 165 -40.21 -9.96 5.30
C GLU H 165 -40.28 -10.27 6.79
N GLN H 166 -39.61 -11.32 7.26
CA GLN H 166 -39.63 -11.64 8.69
C GLN H 166 -39.14 -10.47 9.55
N ASP H 167 -39.92 -10.13 10.56
CA ASP H 167 -39.62 -8.99 11.42
C ASP H 167 -38.33 -9.16 12.24
N SER H 168 -37.52 -8.10 12.26
CA SER H 168 -36.23 -8.14 12.94
C SER H 168 -36.37 -8.11 14.46
N LYS H 169 -37.52 -7.67 14.96
CA LYS H 169 -37.70 -7.57 16.41
C LYS H 169 -38.43 -8.79 16.97
N ASP H 170 -39.57 -9.17 16.37
CA ASP H 170 -40.34 -10.30 16.90
C ASP H 170 -40.44 -11.53 15.99
N SER H 171 -39.78 -11.49 14.84
CA SER H 171 -39.65 -12.66 13.97
C SER H 171 -40.98 -13.18 13.41
N THR H 172 -41.99 -12.32 13.38
CA THR H 172 -43.29 -12.66 12.77
C THR H 172 -43.46 -12.13 11.36
N TYR H 173 -44.53 -12.56 10.69
CA TYR H 173 -44.84 -12.09 9.35
C TYR H 173 -46.19 -11.38 9.37
N SER H 174 -46.46 -10.56 8.36
CA SER H 174 -47.79 -10.06 8.10
C SER H 174 -48.16 -10.23 6.64
N LEU H 175 -49.46 -10.30 6.39
CA LEU H 175 -49.96 -10.60 5.06
C LEU H 175 -51.20 -9.80 4.75
N SER H 176 -51.34 -9.39 3.50
CA SER H 176 -52.55 -8.76 3.02
C SER H 176 -53.08 -9.53 1.82
N SER H 177 -54.39 -9.68 1.75
CA SER H 177 -55.02 -10.27 0.58
C SER H 177 -55.97 -9.22 0.01
N THR H 178 -55.84 -8.93 -1.26
CA THR H 178 -56.67 -7.92 -1.89
C THR H 178 -57.55 -8.54 -2.95
N LEU H 179 -58.86 -8.44 -2.73
CA LEU H 179 -59.86 -8.91 -3.66
C LEU H 179 -60.31 -7.75 -4.53
N THR H 180 -60.10 -7.84 -5.84
CA THR H 180 -60.47 -6.75 -6.72
C THR H 180 -61.59 -7.14 -7.67
N LEU H 181 -62.65 -6.35 -7.67
CA LEU H 181 -63.75 -6.53 -8.60
C LEU H 181 -64.37 -5.18 -8.99
N SER H 182 -65.08 -5.14 -10.11
CA SER H 182 -65.65 -3.90 -10.64
C SER H 182 -66.74 -3.35 -9.73
N LYS H 183 -67.00 -2.06 -9.85
CA LYS H 183 -68.04 -1.42 -9.04
C LYS H 183 -69.40 -2.09 -9.25
N ALA H 184 -69.70 -2.47 -10.49
CA ALA H 184 -70.95 -3.16 -10.81
C ALA H 184 -71.12 -4.40 -9.94
N ASP H 185 -70.10 -5.25 -9.96
CA ASP H 185 -70.12 -6.51 -9.23
C ASP H 185 -70.17 -6.25 -7.73
N TYR H 186 -69.35 -5.31 -7.27
CA TYR H 186 -69.34 -5.00 -5.87
C TYR H 186 -70.75 -4.63 -5.42
N GLU H 187 -71.48 -3.97 -6.31
CA GLU H 187 -72.83 -3.51 -5.97
C GLU H 187 -73.86 -4.63 -6.10
N LYS H 188 -73.57 -5.64 -6.93
CA LYS H 188 -74.42 -6.83 -6.98
C LYS H 188 -74.66 -7.49 -5.61
N HIS H 189 -73.60 -7.81 -4.89
CA HIS H 189 -73.69 -8.64 -3.69
C HIS H 189 -73.64 -7.84 -2.38
N LYS H 190 -73.94 -8.52 -1.26
CA LYS H 190 -74.06 -7.86 0.04
C LYS H 190 -73.05 -8.27 1.11
N VAL H 191 -72.81 -9.57 1.25
CA VAL H 191 -71.95 -10.06 2.32
C VAL H 191 -70.56 -10.38 1.82
N TYR H 192 -69.56 -9.70 2.38
CA TYR H 192 -68.17 -9.90 2.02
C TYR H 192 -67.37 -10.50 3.18
N ALA H 193 -66.70 -11.61 2.94
CA ALA H 193 -66.09 -12.37 4.02
C ALA H 193 -64.68 -12.86 3.70
N CYS H 194 -63.81 -12.68 4.69
CA CYS H 194 -62.44 -13.15 4.67
C CYS H 194 -62.31 -14.29 5.69
N GLU H 195 -61.99 -15.50 5.25
CA GLU H 195 -61.79 -16.63 6.15
C GLU H 195 -60.32 -17.06 6.26
N VAL H 196 -59.73 -16.98 7.45
CA VAL H 196 -58.31 -17.26 7.64
C VAL H 196 -58.05 -18.59 8.36
N THR H 197 -57.18 -19.42 7.77
CA THR H 197 -56.76 -20.67 8.39
C THR H 197 -55.27 -20.62 8.70
N HIS H 198 -54.90 -21.00 9.91
CA HIS H 198 -53.52 -20.87 10.35
C HIS H 198 -53.27 -21.76 11.57
N GLN H 199 -52.04 -22.25 11.68
CA GLN H 199 -51.70 -23.22 12.71
C GLN H 199 -51.96 -22.72 14.12
N GLY H 200 -51.95 -21.41 14.29
CA GLY H 200 -52.15 -20.81 15.60
C GLY H 200 -53.62 -20.61 15.94
N LEU H 201 -54.51 -20.95 15.02
CA LEU H 201 -55.94 -20.84 15.25
C LEU H 201 -56.52 -22.23 15.37
N SER H 202 -57.31 -22.46 16.41
CA SER H 202 -57.90 -23.77 16.65
C SER H 202 -58.92 -24.12 15.57
N SER H 203 -59.47 -23.08 14.95
CA SER H 203 -60.35 -23.23 13.81
C SER H 203 -60.40 -21.94 13.01
N PRO H 204 -60.80 -22.04 11.73
CA PRO H 204 -60.75 -20.88 10.84
C PRO H 204 -61.47 -19.66 11.42
N VAL H 205 -60.87 -18.49 11.26
CA VAL H 205 -61.46 -17.24 11.70
C VAL H 205 -62.06 -16.50 10.51
N THR H 206 -63.28 -15.98 10.68
CA THR H 206 -63.93 -15.21 9.63
C THR H 206 -64.21 -13.77 10.06
N LYS H 207 -63.82 -12.81 9.23
CA LYS H 207 -64.23 -11.42 9.41
C LYS H 207 -65.08 -11.00 8.21
N SER H 208 -66.20 -10.33 8.43
CA SER H 208 -67.01 -9.91 7.29
C SER H 208 -67.69 -8.57 7.49
N PHE H 209 -68.34 -8.09 6.42
CA PHE H 209 -69.19 -6.91 6.53
C PHE H 209 -70.33 -6.92 5.51
N ASN H 210 -71.35 -6.10 5.76
CA ASN H 210 -72.45 -5.93 4.80
C ASN H 210 -72.23 -4.61 4.09
N ARG H 211 -72.29 -4.67 2.76
CA ARG H 211 -72.05 -3.51 1.92
C ARG H 211 -72.96 -2.33 2.29
N GLY H 212 -72.37 -1.16 2.49
CA GLY H 212 -73.13 0.03 2.84
C GLY H 212 -73.67 0.08 4.26
N GLU H 213 -72.88 -0.41 5.21
CA GLU H 213 -73.26 -0.40 6.60
C GLU H 213 -72.10 0.10 7.46
N VAL I 2 26.98 13.29 -41.58
CA VAL I 2 27.29 12.31 -40.54
C VAL I 2 27.92 11.08 -41.17
N GLN I 3 28.84 10.46 -40.44
CA GLN I 3 29.47 9.22 -40.89
C GLN I 3 29.27 8.17 -39.81
N LEU I 4 29.15 6.91 -40.24
CA LEU I 4 28.88 5.82 -39.32
C LEU I 4 29.98 4.79 -39.44
N GLN I 5 30.28 4.13 -38.34
CA GLN I 5 31.27 3.06 -38.38
C GLN I 5 30.95 1.92 -37.42
N GLU I 6 30.65 0.74 -37.97
CA GLU I 6 30.33 -0.41 -37.15
C GLU I 6 31.61 -1.12 -36.75
N SER I 7 31.52 -1.88 -35.67
CA SER I 7 32.59 -2.74 -35.23
C SER I 7 31.98 -3.84 -34.38
N GLY I 8 32.78 -4.84 -34.03
CA GLY I 8 32.33 -5.87 -33.11
C GLY I 8 32.10 -7.20 -33.79
N GLY I 9 32.18 -7.21 -35.12
CA GLY I 9 31.97 -8.41 -35.89
C GLY I 9 33.06 -9.41 -35.60
N GLY I 10 32.79 -10.68 -35.87
CA GLY I 10 33.79 -11.71 -35.70
C GLY I 10 33.19 -13.09 -35.87
N LEU I 11 33.99 -14.09 -35.51
CA LEU I 11 33.58 -15.48 -35.57
C LEU I 11 33.00 -15.87 -34.22
N VAL I 12 31.84 -16.52 -34.23
CA VAL I 12 31.21 -17.00 -32.99
C VAL I 12 30.55 -18.37 -33.15
N GLN I 13 30.45 -19.12 -32.05
CA GLN I 13 29.81 -20.44 -32.06
C GLN I 13 28.30 -20.27 -32.17
N PRO I 14 27.62 -21.25 -32.77
CA PRO I 14 26.15 -21.19 -32.73
C PRO I 14 25.71 -21.19 -31.27
N GLY I 15 24.73 -20.37 -30.92
CA GLY I 15 24.29 -20.33 -29.54
C GLY I 15 24.90 -19.17 -28.77
N GLU I 16 26.03 -18.66 -29.23
CA GLU I 16 26.69 -17.55 -28.52
C GLU I 16 26.02 -16.21 -28.73
N SER I 17 26.56 -15.21 -28.03
CA SER I 17 26.04 -13.86 -28.08
C SER I 17 27.12 -12.95 -28.66
N LEU I 18 26.73 -11.75 -29.05
CA LEU I 18 27.66 -10.80 -29.66
C LEU I 18 27.06 -9.42 -29.70
N ARG I 19 27.85 -8.41 -29.37
N ARG I 19 27.86 -8.41 -29.39
CA ARG I 19 27.36 -7.03 -29.33
CA ARG I 19 27.37 -7.04 -29.34
C ARG I 19 28.06 -6.22 -30.40
C ARG I 19 28.06 -6.22 -30.41
N LEU I 20 27.28 -5.71 -31.36
CA LEU I 20 27.83 -4.83 -32.39
C LEU I 20 27.64 -3.41 -31.95
N SER I 21 28.53 -2.53 -32.39
N SER I 21 28.55 -2.55 -32.39
CA SER I 21 28.37 -1.12 -32.12
CA SER I 21 28.49 -1.13 -32.09
C SER I 21 28.60 -0.32 -33.38
C SER I 21 28.54 -0.34 -33.40
N CYS I 22 28.11 0.92 -33.37
CA CYS I 22 28.23 1.77 -34.53
C CYS I 22 28.41 3.18 -34.01
N VAL I 23 29.51 3.81 -34.38
CA VAL I 23 29.79 5.13 -33.87
C VAL I 23 29.61 6.17 -34.96
N GLY I 24 28.86 7.21 -34.62
CA GLY I 24 28.63 8.34 -35.51
C GLY I 24 29.66 9.42 -35.26
N SER I 25 30.09 10.08 -36.33
CA SER I 25 30.96 11.24 -36.24
C SER I 25 30.51 12.25 -37.29
N GLY I 26 31.25 13.34 -37.47
CA GLY I 26 30.82 14.37 -38.40
C GLY I 26 29.51 15.01 -37.95
N SER I 27 28.82 15.68 -38.87
CA SER I 27 27.57 16.37 -38.55
C SER I 27 26.87 16.81 -39.84
N SER I 28 25.56 17.00 -39.74
CA SER I 28 24.75 17.41 -40.90
C SER I 28 24.17 18.82 -40.72
N PHE I 29 22.99 19.06 -41.27
CA PHE I 29 22.39 20.40 -41.24
C PHE I 29 22.20 20.86 -39.81
N GLY I 30 22.43 22.15 -39.58
CA GLY I 30 22.31 22.71 -38.26
C GLY I 30 23.24 22.04 -37.26
N GLU I 31 24.38 21.56 -37.76
CA GLU I 31 25.35 20.90 -36.91
C GLU I 31 24.76 19.70 -36.17
N SER I 32 23.75 19.08 -36.77
CA SER I 32 23.11 17.90 -36.19
C SER I 32 24.07 16.71 -36.19
N THR I 33 23.96 15.87 -35.17
CA THR I 33 24.78 14.67 -35.08
C THR I 33 23.86 13.45 -35.09
N LEU I 34 24.44 12.25 -34.98
CA LEU I 34 23.66 11.02 -35.09
C LEU I 34 22.46 10.97 -34.14
N SER I 35 22.61 11.57 -32.97
CA SER I 35 21.58 11.49 -31.93
C SER I 35 20.33 12.32 -32.26
N TYR I 36 20.36 13.01 -33.39
CA TYR I 36 19.18 13.73 -33.90
C TYR I 36 18.31 12.85 -34.77
N TYR I 37 18.81 11.67 -35.11
CA TYR I 37 18.15 10.87 -36.13
C TYR I 37 17.77 9.48 -35.64
N ALA I 38 16.71 8.93 -36.25
CA ALA I 38 16.38 7.53 -36.11
C ALA I 38 17.38 6.71 -36.93
N VAL I 39 17.60 5.47 -36.50
CA VAL I 39 18.62 4.63 -37.10
C VAL I 39 18.11 3.19 -37.15
N SER I 40 18.51 2.45 -38.20
CA SER I 40 18.16 1.04 -38.33
C SER I 40 19.39 0.16 -38.45
N TRP I 41 19.23 -1.13 -38.15
CA TRP I 41 20.22 -2.14 -38.51
C TRP I 41 19.65 -2.95 -39.69
N VAL I 42 20.49 -3.26 -40.66
CA VAL I 42 20.07 -3.98 -41.86
C VAL I 42 21.18 -4.96 -42.12
N ARG I 43 20.89 -6.18 -42.55
CA ARG I 43 21.99 -7.12 -42.76
C ARG I 43 21.95 -7.74 -44.13
N GLN I 44 23.05 -8.35 -44.52
CA GLN I 44 23.16 -8.91 -45.84
C GLN I 44 23.97 -10.19 -45.80
N ALA I 45 23.29 -11.32 -45.98
CA ALA I 45 23.95 -12.62 -45.95
C ALA I 45 24.81 -12.78 -47.20
N PRO I 46 25.78 -13.71 -47.16
CA PRO I 46 26.72 -13.85 -48.28
C PRO I 46 26.02 -14.11 -49.62
N GLY I 47 26.29 -13.26 -50.60
CA GLY I 47 25.73 -13.39 -51.94
C GLY I 47 24.25 -13.04 -52.06
N LYS I 48 23.64 -12.57 -50.98
CA LYS I 48 22.20 -12.29 -50.95
C LYS I 48 21.91 -10.81 -50.89
N GLY I 49 20.63 -10.48 -50.76
CA GLY I 49 20.21 -9.09 -50.66
C GLY I 49 20.20 -8.52 -49.26
N LEU I 50 19.44 -7.45 -49.08
CA LEU I 50 19.41 -6.71 -47.84
C LEU I 50 18.17 -7.06 -47.02
N GLU I 51 18.37 -7.20 -45.72
CA GLU I 51 17.29 -7.54 -44.80
C GLU I 51 17.25 -6.56 -43.64
N TRP I 52 16.16 -5.82 -43.53
CA TRP I 52 15.98 -4.89 -42.43
C TRP I 52 15.77 -5.68 -41.14
N LEU I 53 16.41 -5.28 -40.05
CA LEU I 53 16.32 -6.01 -38.79
C LEU I 53 15.57 -5.26 -37.70
N SER I 54 15.86 -3.97 -37.56
CA SER I 54 15.39 -3.24 -36.40
C SER I 54 15.56 -1.74 -36.54
N ILE I 55 14.70 -0.98 -35.87
CA ILE I 55 14.75 0.48 -35.91
C ILE I 55 14.64 1.03 -34.49
N ILE I 56 15.27 2.17 -34.25
CA ILE I 56 15.16 2.86 -32.97
C ILE I 56 15.15 4.36 -33.23
N ASN I 57 14.28 5.08 -32.53
CA ASN I 57 14.14 6.50 -32.76
C ASN I 57 15.27 7.26 -32.09
N ALA I 58 15.44 8.52 -32.45
CA ALA I 58 16.54 9.34 -31.95
C ALA I 58 16.66 9.31 -30.43
N GLY I 59 15.52 9.42 -29.76
CA GLY I 59 15.50 9.47 -28.31
C GLY I 59 15.45 8.13 -27.62
N GLY I 60 15.51 7.05 -28.39
CA GLY I 60 15.57 5.72 -27.81
C GLY I 60 14.27 4.94 -27.84
N GLY I 61 13.18 5.56 -28.29
CA GLY I 61 11.88 4.91 -28.29
C GLY I 61 11.45 4.36 -29.64
N ASP I 62 10.19 3.93 -29.72
CA ASP I 62 9.58 3.46 -30.96
C ASP I 62 10.34 2.31 -31.62
N ILE I 63 10.89 1.42 -30.81
CA ILE I 63 11.66 0.29 -31.32
C ILE I 63 10.76 -0.76 -31.96
N ASP I 64 11.21 -1.34 -33.07
CA ASP I 64 10.57 -2.50 -33.68
C ASP I 64 11.61 -3.44 -34.29
N TYR I 65 11.22 -4.69 -34.49
CA TYR I 65 12.12 -5.72 -35.00
C TYR I 65 11.47 -6.49 -36.14
N ALA I 66 12.29 -6.97 -37.06
CA ALA I 66 11.83 -7.93 -38.06
C ALA I 66 11.53 -9.25 -37.36
N ASP I 67 10.55 -9.99 -37.88
CA ASP I 67 10.15 -11.26 -37.28
C ASP I 67 11.30 -12.25 -37.16
N SER I 68 12.25 -12.17 -38.09
CA SER I 68 13.34 -13.12 -38.16
C SER I 68 14.30 -13.00 -36.97
N VAL I 69 14.26 -11.87 -36.26
CA VAL I 69 15.12 -11.68 -35.11
C VAL I 69 14.41 -11.22 -33.84
N GLU I 70 13.09 -11.06 -33.91
CA GLU I 70 12.34 -10.65 -32.74
C GLU I 70 12.52 -11.70 -31.65
N GLY I 71 12.86 -11.23 -30.45
CA GLY I 71 13.00 -12.09 -29.28
C GLY I 71 14.43 -12.55 -29.06
N ARG I 72 15.32 -12.26 -30.01
CA ARG I 72 16.72 -12.62 -29.85
C ARG I 72 17.61 -11.38 -29.89
N PHE I 73 17.24 -10.40 -30.70
CA PHE I 73 18.06 -9.20 -30.85
C PHE I 73 17.43 -8.03 -30.10
N THR I 74 18.28 -7.15 -29.59
CA THR I 74 17.84 -5.95 -28.88
C THR I 74 18.60 -4.75 -29.40
N ILE I 75 17.88 -3.74 -29.86
CA ILE I 75 18.52 -2.51 -30.34
C ILE I 75 18.54 -1.42 -29.26
N SER I 76 19.63 -0.66 -29.18
CA SER I 76 19.69 0.44 -28.21
C SER I 76 20.68 1.51 -28.63
N ARG I 77 20.73 2.62 -27.92
CA ARG I 77 21.68 3.68 -28.25
C ARG I 77 22.06 4.50 -27.00
N ASP I 78 23.30 5.02 -27.00
CA ASP I 78 23.80 5.92 -25.99
C ASP I 78 24.18 7.22 -26.69
N ASN I 79 23.31 8.22 -26.62
CA ASN I 79 23.51 9.46 -27.35
C ASN I 79 24.66 10.31 -26.82
N SER I 80 25.03 10.13 -25.56
CA SER I 80 26.17 10.86 -25.01
C SER I 80 27.47 10.45 -25.72
N LYS I 81 27.50 9.24 -26.27
CA LYS I 81 28.65 8.75 -27.04
C LYS I 81 28.33 8.68 -28.53
N GLU I 82 27.13 9.13 -28.92
CA GLU I 82 26.69 8.99 -30.30
C GLU I 82 26.87 7.57 -30.82
N THR I 83 26.51 6.58 -30.01
CA THR I 83 26.75 5.18 -30.37
C THR I 83 25.49 4.33 -30.38
N LEU I 84 25.36 3.47 -31.38
CA LEU I 84 24.28 2.51 -31.44
C LEU I 84 24.80 1.09 -31.21
N TYR I 85 23.93 0.25 -30.66
CA TYR I 85 24.28 -1.12 -30.34
C TYR I 85 23.21 -2.07 -30.86
N LEU I 86 23.66 -3.26 -31.25
CA LEU I 86 22.76 -4.36 -31.54
C LEU I 86 23.24 -5.56 -30.75
N GLN I 87 22.48 -5.94 -29.73
CA GLN I 87 22.78 -7.11 -28.91
C GLN I 87 22.10 -8.34 -29.48
N MET I 88 22.91 -9.27 -29.97
CA MET I 88 22.42 -10.50 -30.55
C MET I 88 22.62 -11.63 -29.57
N THR I 89 21.61 -12.46 -29.40
CA THR I 89 21.75 -13.66 -28.57
C THR I 89 21.26 -14.88 -29.32
N ASN I 90 21.61 -16.06 -28.82
N ASN I 90 21.61 -16.05 -28.81
CA ASN I 90 21.18 -17.32 -29.41
CA ASN I 90 21.18 -17.32 -29.41
C ASN I 90 21.37 -17.35 -30.93
C ASN I 90 21.37 -17.34 -30.93
N LEU I 91 22.54 -16.94 -31.39
CA LEU I 91 22.83 -16.86 -32.82
C LEU I 91 22.78 -18.22 -33.52
N ARG I 92 22.38 -18.22 -34.78
CA ARG I 92 22.36 -19.45 -35.58
C ARG I 92 23.19 -19.24 -36.84
N VAL I 93 23.49 -20.33 -37.54
CA VAL I 93 24.33 -20.25 -38.73
C VAL I 93 23.79 -19.26 -39.77
N GLU I 94 22.47 -19.17 -39.90
CA GLU I 94 21.88 -18.31 -40.93
C GLU I 94 21.85 -16.83 -40.52
N ASP I 95 22.36 -16.53 -39.32
CA ASP I 95 22.54 -15.13 -38.92
C ASP I 95 23.85 -14.58 -39.47
N THR I 96 24.63 -15.44 -40.13
CA THR I 96 25.90 -15.04 -40.74
C THR I 96 25.68 -13.98 -41.82
N GLY I 97 26.52 -12.95 -41.83
CA GLY I 97 26.47 -11.92 -42.86
C GLY I 97 27.09 -10.61 -42.44
N VAL I 98 27.02 -9.61 -43.31
CA VAL I 98 27.49 -8.27 -42.98
C VAL I 98 26.35 -7.46 -42.37
N TYR I 99 26.64 -6.84 -41.22
CA TYR I 99 25.67 -6.03 -40.51
C TYR I 99 25.99 -4.55 -40.68
N TYR I 100 25.01 -3.77 -41.15
CA TYR I 100 25.15 -2.33 -41.36
C TYR I 100 24.25 -1.59 -40.39
N CYS I 101 24.74 -0.49 -39.83
CA CYS I 101 23.84 0.49 -39.23
C CYS I 101 23.63 1.63 -40.23
N ALA I 102 22.42 2.18 -40.27
CA ALA I 102 22.02 3.10 -41.34
C ALA I 102 21.12 4.20 -40.81
N LYS I 103 21.52 5.44 -41.02
CA LYS I 103 20.77 6.59 -40.53
C LYS I 103 19.63 6.99 -41.47
N HIS I 104 18.46 7.24 -40.90
CA HIS I 104 17.29 7.74 -41.66
C HIS I 104 17.45 9.24 -41.83
N MET I 105 16.99 9.79 -42.95
CA MET I 105 17.30 11.19 -43.24
C MET I 105 16.53 12.25 -42.45
N SER I 106 15.27 11.98 -42.07
CA SER I 106 14.45 13.02 -41.43
C SER I 106 14.88 13.27 -39.98
N MET I 107 15.02 14.55 -39.64
CA MET I 107 15.32 14.96 -38.27
C MET I 107 14.21 14.60 -37.30
N GLN I 108 14.56 13.96 -36.18
CA GLN I 108 13.54 13.45 -35.26
C GLN I 108 13.51 14.18 -33.91
N GLN I 109 14.63 14.73 -33.50
CA GLN I 109 14.65 15.51 -32.28
C GLN I 109 15.78 16.53 -32.27
N VAL I 110 15.55 17.64 -31.57
CA VAL I 110 16.58 18.63 -31.31
C VAL I 110 16.48 18.88 -29.80
N VAL I 111 17.37 18.24 -29.04
CA VAL I 111 17.32 18.28 -27.57
C VAL I 111 17.48 19.65 -26.93
N SER I 112 18.38 20.44 -27.48
CA SER I 112 18.69 21.76 -26.94
C SER I 112 17.47 22.69 -27.05
N ALA I 113 16.52 22.30 -27.87
CA ALA I 113 15.30 23.09 -28.06
C ALA I 113 14.07 22.40 -27.49
N GLY I 114 14.26 21.28 -26.81
CA GLY I 114 13.13 20.49 -26.35
C GLY I 114 12.14 20.09 -27.43
N TRP I 115 12.60 19.97 -28.67
CA TRP I 115 11.71 19.58 -29.76
C TRP I 115 11.81 18.11 -30.18
N GLU I 116 10.66 17.51 -30.43
CA GLU I 116 10.60 16.14 -30.96
C GLU I 116 9.50 15.91 -32.01
N ARG I 117 9.85 15.39 -33.18
CA ARG I 117 8.82 15.07 -34.16
C ARG I 117 7.79 14.15 -33.54
N ALA I 118 6.53 14.41 -33.83
CA ALA I 118 5.44 13.64 -33.26
C ALA I 118 5.53 12.18 -33.69
N ASP I 119 6.00 11.95 -34.91
CA ASP I 119 6.01 10.61 -35.47
C ASP I 119 7.39 10.18 -35.93
N LEU I 120 7.63 8.87 -35.91
CA LEU I 120 8.83 8.29 -36.46
C LEU I 120 8.66 8.09 -37.96
N VAL I 121 9.36 8.89 -38.75
CA VAL I 121 9.21 8.86 -40.21
C VAL I 121 9.75 7.58 -40.85
N GLY I 122 11.00 7.24 -40.51
CA GLY I 122 11.64 6.06 -41.04
C GLY I 122 11.85 6.12 -42.54
N ASP I 123 12.13 7.32 -43.06
CA ASP I 123 12.37 7.49 -44.49
C ASP I 123 13.77 7.04 -44.89
N ALA I 124 14.25 7.52 -46.04
CA ALA I 124 15.38 6.91 -46.71
C ALA I 124 16.67 6.91 -45.87
N PHE I 125 17.45 5.85 -46.07
CA PHE I 125 18.73 5.67 -45.43
C PHE I 125 19.80 6.49 -46.18
N ASP I 126 20.04 7.72 -45.75
CA ASP I 126 20.94 8.62 -46.47
C ASP I 126 22.40 8.36 -46.10
N VAL I 127 22.61 7.68 -44.98
CA VAL I 127 23.97 7.29 -44.59
C VAL I 127 24.07 5.84 -44.09
N TRP I 128 25.01 5.09 -44.65
CA TRP I 128 25.29 3.72 -44.21
C TRP I 128 26.72 3.61 -43.70
N GLY I 129 26.96 2.68 -42.76
CA GLY I 129 28.32 2.35 -42.38
C GLY I 129 28.98 1.46 -43.42
N GLN I 130 30.22 1.05 -43.16
CA GLN I 130 30.94 0.19 -44.09
C GLN I 130 30.61 -1.27 -43.86
N GLY I 131 29.95 -1.54 -42.74
CA GLY I 131 29.50 -2.88 -42.42
C GLY I 131 30.53 -3.62 -41.57
N THR I 132 30.05 -4.59 -40.80
CA THR I 132 30.94 -5.43 -40.01
C THR I 132 30.56 -6.90 -40.19
N MET I 133 31.55 -7.76 -40.41
CA MET I 133 31.28 -9.14 -40.75
C MET I 133 31.06 -10.00 -39.50
N VAL I 134 29.95 -10.73 -39.49
CA VAL I 134 29.67 -11.70 -38.44
C VAL I 134 29.62 -13.07 -39.07
N THR I 135 30.44 -13.98 -38.58
CA THR I 135 30.39 -15.37 -39.02
C THR I 135 30.04 -16.29 -37.86
N VAL I 136 28.99 -17.08 -38.01
CA VAL I 136 28.62 -18.00 -36.95
C VAL I 136 28.93 -19.42 -37.40
N SER I 137 29.96 -20.02 -36.81
CA SER I 137 30.42 -21.34 -37.22
C SER I 137 31.12 -22.11 -36.10
N SER I 138 31.00 -23.43 -36.12
CA SER I 138 31.71 -24.31 -35.19
C SER I 138 33.18 -24.46 -35.54
N ALA I 139 33.95 -23.38 -35.56
CA ALA I 139 35.33 -23.43 -36.03
C ALA I 139 36.16 -22.34 -35.37
N SER I 140 37.45 -22.59 -35.14
CA SER I 140 38.28 -21.57 -34.49
C SER I 140 38.90 -20.57 -35.47
N THR I 141 39.18 -19.37 -34.96
CA THR I 141 39.82 -18.32 -35.75
C THR I 141 41.25 -18.71 -36.11
N LYS I 142 41.69 -18.40 -37.33
CA LYS I 142 43.10 -18.50 -37.69
C LYS I 142 43.61 -17.27 -38.47
N GLY I 143 44.73 -16.69 -38.03
CA GLY I 143 45.28 -15.51 -38.72
C GLY I 143 46.09 -15.88 -39.94
N PRO I 144 46.20 -14.95 -40.91
CA PRO I 144 46.85 -15.20 -42.21
C PRO I 144 48.38 -15.19 -42.16
N SER I 145 49.01 -16.00 -43.01
CA SER I 145 50.42 -15.83 -43.33
C SER I 145 50.53 -14.91 -44.55
N VAL I 146 51.48 -13.99 -44.55
CA VAL I 146 51.62 -13.07 -45.69
C VAL I 146 52.97 -13.28 -46.36
N PHE I 147 52.93 -13.64 -47.65
CA PHE I 147 54.13 -13.90 -48.43
C PHE I 147 54.25 -12.96 -49.62
N PRO I 148 55.46 -12.52 -49.96
CA PRO I 148 55.52 -11.61 -51.12
C PRO I 148 55.38 -12.34 -52.47
N LEU I 149 54.72 -11.66 -53.41
CA LEU I 149 54.70 -12.06 -54.82
C LEU I 149 55.63 -11.09 -55.52
N ALA I 150 56.83 -11.56 -55.83
CA ALA I 150 57.94 -10.70 -56.20
C ALA I 150 58.05 -10.51 -57.72
N PRO I 151 58.15 -9.25 -58.17
CA PRO I 151 58.37 -8.99 -59.60
C PRO I 151 59.76 -9.47 -60.01
N SER I 152 59.89 -9.97 -61.24
CA SER I 152 61.15 -10.53 -61.71
C SER I 152 61.51 -9.98 -63.09
N SER I 153 62.79 -10.08 -63.44
CA SER I 153 63.22 -9.67 -64.77
C SER I 153 62.52 -10.55 -65.80
N LYS I 154 62.06 -9.93 -66.89
CA LYS I 154 61.35 -10.64 -67.95
C LYS I 154 59.87 -10.76 -67.61
N SER I 155 59.48 -10.25 -66.45
CA SER I 155 58.08 -10.29 -66.04
C SER I 155 57.26 -9.20 -66.70
N THR I 156 57.94 -8.27 -67.37
CA THR I 156 57.27 -7.17 -68.04
C THR I 156 56.29 -7.66 -69.10
N SER I 157 55.07 -7.13 -69.05
CA SER I 157 54.04 -7.45 -70.04
C SER I 157 53.20 -6.20 -70.18
N GLY I 158 52.90 -5.82 -71.42
CA GLY I 158 52.52 -4.45 -71.69
C GLY I 158 53.76 -3.61 -71.44
N GLY I 159 53.59 -2.43 -70.86
CA GLY I 159 54.72 -1.63 -70.42
C GLY I 159 54.90 -1.60 -68.91
N THR I 160 54.29 -2.55 -68.22
CA THR I 160 54.19 -2.50 -66.76
C THR I 160 54.81 -3.72 -66.09
N ALA I 161 55.10 -3.58 -64.79
CA ALA I 161 55.55 -4.68 -63.96
C ALA I 161 54.44 -4.97 -62.95
N ALA I 162 54.39 -6.18 -62.44
CA ALA I 162 53.39 -6.53 -61.43
C ALA I 162 54.05 -7.08 -60.19
N LEU I 163 53.50 -6.72 -59.05
CA LEU I 163 53.92 -7.28 -57.77
C LEU I 163 52.72 -7.40 -56.84
N GLY I 164 52.85 -8.13 -55.75
CA GLY I 164 51.69 -8.38 -54.91
C GLY I 164 51.97 -9.07 -53.59
N CYS I 165 50.90 -9.43 -52.88
CA CYS I 165 51.00 -10.17 -51.65
C CYS I 165 50.02 -11.34 -51.65
N LEU I 166 50.50 -12.49 -51.21
CA LEU I 166 49.65 -13.65 -51.02
C LEU I 166 49.28 -13.78 -49.55
N VAL I 167 48.00 -13.62 -49.25
CA VAL I 167 47.49 -13.72 -47.89
C VAL I 167 46.81 -15.08 -47.73
N LYS I 168 47.48 -16.02 -47.09
CA LYS I 168 47.09 -17.43 -47.18
C LYS I 168 46.70 -18.04 -45.83
N ASP I 169 45.71 -18.93 -45.88
CA ASP I 169 45.35 -19.82 -44.78
C ASP I 169 44.81 -19.10 -43.54
N TYR I 170 43.70 -18.39 -43.70
CA TYR I 170 43.06 -17.71 -42.57
C TYR I 170 41.58 -18.04 -42.49
N PHE I 171 40.99 -17.81 -41.31
CA PHE I 171 39.57 -18.00 -41.11
C PHE I 171 39.24 -17.20 -39.85
N PRO I 172 38.09 -16.52 -39.83
CA PRO I 172 37.13 -16.43 -40.93
C PRO I 172 37.41 -15.23 -41.80
N GLU I 173 36.47 -14.91 -42.67
CA GLU I 173 36.51 -13.67 -43.43
C GLU I 173 36.25 -12.52 -42.48
N PRO I 174 36.76 -11.31 -42.80
CA PRO I 174 37.51 -10.94 -43.99
C PRO I 174 38.90 -10.37 -43.64
N VAL I 175 39.73 -10.19 -44.65
CA VAL I 175 40.99 -9.45 -44.48
C VAL I 175 40.91 -8.21 -45.36
N THR I 176 41.46 -7.11 -44.87
CA THR I 176 41.59 -5.91 -45.69
C THR I 176 43.05 -5.78 -46.09
N VAL I 177 43.30 -5.33 -47.32
CA VAL I 177 44.67 -5.10 -47.77
C VAL I 177 44.74 -3.70 -48.34
N SER I 178 45.76 -2.94 -47.93
CA SER I 178 46.06 -1.66 -48.54
C SER I 178 47.52 -1.65 -48.95
N TRP I 179 47.92 -0.62 -49.68
CA TRP I 179 49.30 -0.53 -50.15
C TRP I 179 49.93 0.78 -49.77
N ASN I 180 51.13 0.72 -49.21
CA ASN I 180 51.81 1.91 -48.73
C ASN I 180 50.89 2.75 -47.87
N SER I 181 50.17 2.11 -46.95
CA SER I 181 49.36 2.83 -45.97
C SER I 181 48.23 3.61 -46.65
N GLY I 182 47.89 3.22 -47.87
CA GLY I 182 46.83 3.86 -48.61
C GLY I 182 47.33 4.91 -49.60
N ALA I 183 48.64 5.10 -49.64
CA ALA I 183 49.24 6.04 -50.59
C ALA I 183 49.20 5.50 -52.02
N LEU I 184 49.13 4.17 -52.15
CA LEU I 184 49.10 3.55 -53.47
C LEU I 184 47.74 2.89 -53.71
N THR I 185 46.99 3.43 -54.66
CA THR I 185 45.66 2.88 -54.95
C THR I 185 45.41 2.57 -56.43
N SER I 186 46.07 3.31 -57.32
N SER I 186 46.07 3.32 -57.31
CA SER I 186 45.92 3.09 -58.75
CA SER I 186 45.92 3.09 -58.74
C SER I 186 46.45 1.72 -59.15
C SER I 186 46.45 1.71 -59.14
N GLY I 187 45.62 0.96 -59.87
CA GLY I 187 46.04 -0.32 -60.42
C GLY I 187 46.07 -1.43 -59.39
N VAL I 188 45.37 -1.25 -58.27
CA VAL I 188 45.30 -2.27 -57.24
C VAL I 188 44.08 -3.14 -57.48
N HIS I 189 44.30 -4.44 -57.41
CA HIS I 189 43.21 -5.39 -57.45
C HIS I 189 43.37 -6.28 -56.22
N THR I 190 42.36 -6.34 -55.37
CA THR I 190 42.38 -7.31 -54.28
C THR I 190 41.33 -8.35 -54.56
N PHE I 191 41.78 -9.58 -54.77
CA PHE I 191 40.89 -10.63 -55.19
C PHE I 191 39.99 -11.11 -54.06
N PRO I 192 38.77 -11.56 -54.42
CA PRO I 192 37.88 -12.24 -53.47
C PRO I 192 38.57 -13.47 -52.88
N ALA I 193 38.36 -13.73 -51.61
CA ALA I 193 38.93 -14.91 -50.98
C ALA I 193 38.35 -16.17 -51.62
N VAL I 194 39.15 -17.23 -51.68
CA VAL I 194 38.68 -18.53 -52.12
C VAL I 194 38.84 -19.47 -50.93
N LEU I 195 37.83 -20.29 -50.69
CA LEU I 195 37.89 -21.30 -49.65
C LEU I 195 38.69 -22.52 -50.11
N GLN I 196 39.71 -22.89 -49.34
CA GLN I 196 40.54 -24.05 -49.68
C GLN I 196 39.98 -25.33 -49.07
N SER I 197 40.51 -26.47 -49.52
CA SER I 197 40.07 -27.78 -49.04
C SER I 197 40.35 -27.89 -47.54
N SER I 198 41.40 -27.21 -47.10
CA SER I 198 41.76 -27.16 -45.69
C SER I 198 40.67 -26.52 -44.82
N GLY I 199 39.72 -25.84 -45.45
CA GLY I 199 38.69 -25.11 -44.73
C GLY I 199 39.08 -23.68 -44.39
N LEU I 200 40.26 -23.27 -44.85
CA LEU I 200 40.73 -21.90 -44.65
C LEU I 200 40.66 -21.08 -45.92
N TYR I 201 40.55 -19.76 -45.77
CA TYR I 201 40.48 -18.88 -46.92
C TYR I 201 41.87 -18.46 -47.36
N SER I 202 41.98 -18.10 -48.63
CA SER I 202 43.22 -17.60 -49.20
C SER I 202 42.85 -16.52 -50.21
N LEU I 203 43.71 -15.52 -50.33
CA LEU I 203 43.44 -14.34 -51.15
C LEU I 203 44.72 -13.72 -51.65
N SER I 204 44.67 -13.07 -52.82
CA SER I 204 45.82 -12.33 -53.33
C SER I 204 45.49 -10.87 -53.60
N SER I 205 46.47 -10.00 -53.40
CA SER I 205 46.37 -8.62 -53.83
C SER I 205 47.52 -8.28 -54.76
N VAL I 206 47.26 -7.65 -55.89
CA VAL I 206 48.32 -7.31 -56.81
C VAL I 206 48.19 -5.84 -57.21
N VAL I 207 49.28 -5.27 -57.67
CA VAL I 207 49.31 -3.90 -58.15
C VAL I 207 50.25 -3.85 -59.34
N THR I 208 49.92 -3.07 -60.35
CA THR I 208 50.83 -2.95 -61.49
C THR I 208 51.47 -1.56 -61.42
N VAL I 209 52.80 -1.54 -61.46
CA VAL I 209 53.59 -0.32 -61.39
C VAL I 209 54.61 -0.19 -62.52
N PRO I 210 54.78 1.03 -63.07
CA PRO I 210 55.79 1.16 -64.14
C PRO I 210 57.08 0.45 -63.75
N SER I 211 57.80 -0.13 -64.71
CA SER I 211 59.04 -0.85 -64.39
C SER I 211 60.09 0.07 -63.78
N SER I 212 60.16 1.30 -64.27
CA SER I 212 61.11 2.28 -63.78
C SER I 212 60.98 2.49 -62.28
N SER I 213 59.76 2.33 -61.77
CA SER I 213 59.44 2.59 -60.37
C SER I 213 60.09 1.59 -59.41
N LEU I 214 60.32 0.37 -59.87
CA LEU I 214 60.79 -0.70 -58.99
C LEU I 214 62.06 -0.31 -58.24
N GLY I 215 63.04 0.20 -58.98
CA GLY I 215 64.28 0.64 -58.38
C GLY I 215 64.08 1.80 -57.43
N THR I 216 63.36 2.82 -57.89
CA THR I 216 63.25 4.08 -57.16
C THR I 216 62.39 4.02 -55.90
N GLN I 217 61.29 3.27 -55.94
CA GLN I 217 60.32 3.32 -54.84
C GLN I 217 60.08 1.99 -54.16
N THR I 218 59.72 2.05 -52.87
CA THR I 218 59.49 0.87 -52.06
C THR I 218 58.00 0.56 -51.98
N TYR I 219 57.66 -0.72 -52.01
CA TYR I 219 56.27 -1.15 -51.97
C TYR I 219 56.00 -2.06 -50.77
N ILE I 220 54.97 -1.71 -50.02
CA ILE I 220 54.61 -2.46 -48.81
C ILE I 220 53.12 -2.71 -48.79
N CYS I 221 52.71 -3.94 -48.50
CA CYS I 221 51.29 -4.24 -48.37
C CYS I 221 50.91 -4.42 -46.91
N ASN I 222 49.80 -3.81 -46.53
CA ASN I 222 49.33 -3.83 -45.15
C ASN I 222 48.09 -4.71 -45.04
N VAL I 223 48.21 -5.81 -44.30
CA VAL I 223 47.10 -6.76 -44.16
C VAL I 223 46.49 -6.69 -42.75
N ASN I 224 45.16 -6.66 -42.69
CA ASN I 224 44.45 -6.64 -41.43
C ASN I 224 43.38 -7.71 -41.34
N HIS I 225 43.48 -8.56 -40.32
CA HIS I 225 42.48 -9.59 -40.05
C HIS I 225 42.01 -9.45 -38.60
N LYS I 226 40.96 -8.66 -38.42
CA LYS I 226 40.49 -8.27 -37.09
C LYS I 226 40.10 -9.44 -36.19
N PRO I 227 39.33 -10.41 -36.71
CA PRO I 227 38.94 -11.57 -35.91
C PRO I 227 40.10 -12.22 -35.13
N SER I 228 41.32 -12.15 -35.66
CA SER I 228 42.47 -12.75 -34.98
C SER I 228 43.37 -11.67 -34.36
N ASN I 229 43.08 -10.40 -34.66
CA ASN I 229 43.89 -9.28 -34.20
C ASN I 229 45.26 -9.24 -34.88
N THR I 230 45.31 -9.67 -36.13
CA THR I 230 46.54 -9.66 -36.92
C THR I 230 46.66 -8.36 -37.71
N LYS I 231 47.84 -7.74 -37.63
CA LYS I 231 48.16 -6.55 -38.42
C LYS I 231 49.58 -6.71 -38.92
N VAL I 232 49.72 -6.93 -40.23
CA VAL I 232 51.02 -7.19 -40.83
C VAL I 232 51.33 -6.22 -41.96
N ASP I 233 52.58 -5.76 -42.00
CA ASP I 233 53.08 -4.96 -43.11
C ASP I 233 54.27 -5.69 -43.71
N LYS I 234 54.11 -6.20 -44.92
CA LYS I 234 55.17 -6.98 -45.55
C LYS I 234 55.79 -6.20 -46.69
N ARG I 235 57.12 -6.15 -46.72
CA ARG I 235 57.85 -5.46 -47.76
C ARG I 235 58.04 -6.36 -48.98
N VAL I 236 57.70 -5.85 -50.15
CA VAL I 236 57.81 -6.62 -51.38
C VAL I 236 58.94 -6.06 -52.25
N GLU I 237 59.93 -6.91 -52.54
CA GLU I 237 61.10 -6.52 -53.33
C GLU I 237 61.42 -7.58 -54.39
N PRO I 238 62.18 -7.18 -55.42
CA PRO I 238 62.63 -8.11 -56.47
C PRO I 238 63.53 -9.22 -55.92
N LYS I 239 63.43 -10.42 -56.51
CA LYS I 239 64.16 -11.59 -56.03
C LYS I 239 65.64 -11.47 -56.31
N ASP J 1 3.77 -8.80 -44.46
CA ASP J 1 5.01 -8.16 -44.99
C ASP J 1 4.83 -7.79 -46.45
N ILE J 2 5.23 -6.57 -46.79
CA ILE J 2 5.17 -6.09 -48.16
C ILE J 2 6.38 -6.63 -48.94
N GLN J 3 6.11 -7.26 -50.08
CA GLN J 3 7.18 -7.78 -50.95
C GLN J 3 7.50 -6.87 -52.11
N LEU J 4 8.79 -6.59 -52.33
CA LEU J 4 9.17 -5.85 -53.52
C LEU J 4 9.90 -6.78 -54.49
N THR J 5 9.41 -6.82 -55.72
CA THR J 5 9.99 -7.68 -56.74
C THR J 5 10.60 -6.80 -57.82
N GLN J 6 11.89 -6.95 -58.06
CA GLN J 6 12.60 -6.16 -59.05
C GLN J 6 12.86 -6.95 -60.32
N SER J 7 12.65 -6.32 -61.46
CA SER J 7 13.01 -6.99 -62.71
C SER J 7 13.70 -6.04 -63.68
N PRO J 8 14.55 -6.60 -64.54
CA PRO J 8 14.93 -8.03 -64.48
C PRO J 8 15.97 -8.32 -63.40
N SER J 9 16.29 -9.59 -63.19
CA SER J 9 17.28 -9.95 -62.18
C SER J 9 18.65 -9.42 -62.54
N SER J 10 18.94 -9.42 -63.84
CA SER J 10 20.23 -9.01 -64.34
C SER J 10 20.01 -8.32 -65.67
N LEU J 11 20.71 -7.23 -65.91
CA LEU J 11 20.59 -6.51 -67.17
C LEU J 11 21.96 -6.08 -67.72
N SER J 12 22.18 -6.36 -69.00
CA SER J 12 23.43 -6.00 -69.66
C SER J 12 23.16 -4.82 -70.57
N ALA J 13 24.02 -3.82 -70.53
CA ALA J 13 23.85 -2.66 -71.41
C ALA J 13 25.18 -1.97 -71.67
N SER J 14 25.23 -1.22 -72.77
CA SER J 14 26.43 -0.52 -73.20
C SER J 14 26.51 0.89 -72.63
N VAL J 15 27.73 1.39 -72.46
CA VAL J 15 27.92 2.77 -72.04
C VAL J 15 27.16 3.71 -72.97
N GLY J 16 26.35 4.59 -72.38
CA GLY J 16 25.56 5.54 -73.15
C GLY J 16 24.11 5.15 -73.33
N ASP J 17 23.78 3.89 -73.07
CA ASP J 17 22.43 3.38 -73.22
C ASP J 17 21.47 3.94 -72.16
N ARG J 18 20.21 4.13 -72.55
N ARG J 18 20.20 4.12 -72.54
CA ARG J 18 19.18 4.46 -71.58
CA ARG J 18 19.16 4.48 -71.58
C ARG J 18 18.69 3.16 -70.96
C ARG J 18 18.61 3.19 -70.96
N VAL J 19 18.72 3.08 -69.64
CA VAL J 19 18.43 1.84 -68.93
C VAL J 19 17.25 2.00 -67.97
N THR J 20 16.35 1.02 -67.96
CA THR J 20 15.18 1.08 -67.10
C THR J 20 15.11 -0.12 -66.17
N LEU J 21 15.07 0.16 -64.87
CA LEU J 21 14.93 -0.85 -63.83
C LEU J 21 13.55 -0.71 -63.24
N THR J 22 12.87 -1.82 -62.95
CA THR J 22 11.52 -1.67 -62.44
C THR J 22 11.42 -2.30 -61.07
N CYS J 23 10.53 -1.73 -60.27
CA CYS J 23 10.26 -2.19 -58.93
C CYS J 23 8.76 -2.23 -58.82
N GLN J 24 8.31 -3.38 -58.35
CA GLN J 24 6.90 -3.60 -58.10
C GLN J 24 6.64 -3.90 -56.64
N ALA J 25 5.73 -3.15 -56.05
CA ALA J 25 5.35 -3.36 -54.66
C ALA J 25 4.11 -4.23 -54.57
N SER J 26 4.06 -5.01 -53.51
CA SER J 26 3.00 -5.99 -53.30
C SER J 26 1.67 -5.40 -52.84
N GLN J 27 1.69 -4.14 -52.44
CA GLN J 27 0.47 -3.43 -52.08
C GLN J 27 0.68 -1.95 -52.34
N ASP J 28 -0.41 -1.18 -52.39
CA ASP J 28 -0.27 0.24 -52.69
C ASP J 28 0.53 0.90 -51.57
N ILE J 29 1.72 1.39 -51.92
CA ILE J 29 2.58 2.08 -50.96
C ILE J 29 2.74 3.56 -51.28
N ARG J 30 1.82 4.12 -52.08
CA ARG J 30 1.90 5.52 -52.43
C ARG J 30 3.28 5.84 -53.00
N LYS J 31 4.00 6.77 -52.39
CA LYS J 31 5.34 7.11 -52.85
C LYS J 31 6.45 6.82 -51.83
N PHE J 32 6.18 5.96 -50.86
CA PHE J 32 7.16 5.65 -49.82
C PHE J 32 8.17 4.60 -50.30
N LEU J 33 8.93 4.94 -51.34
CA LEU J 33 9.84 3.99 -51.98
C LEU J 33 11.19 4.64 -52.31
N ASN J 34 12.29 3.96 -51.96
CA ASN J 34 13.63 4.48 -52.17
C ASN J 34 14.48 3.53 -53.01
N TRP J 35 15.47 4.10 -53.70
CA TRP J 35 16.40 3.36 -54.55
C TRP J 35 17.83 3.58 -54.07
N TYR J 36 18.60 2.50 -54.00
CA TYR J 36 20.00 2.50 -53.60
C TYR J 36 20.87 1.85 -54.67
N GLN J 37 22.15 2.23 -54.69
CA GLN J 37 23.15 1.53 -55.49
C GLN J 37 24.16 0.93 -54.51
N GLN J 38 24.55 -0.32 -54.74
CA GLN J 38 25.58 -0.98 -53.94
C GLN J 38 26.62 -1.61 -54.84
N LYS J 39 27.87 -1.17 -54.65
CA LYS J 39 29.02 -1.76 -55.34
C LYS J 39 29.61 -2.90 -54.50
N PRO J 40 30.18 -3.92 -55.16
CA PRO J 40 30.65 -5.13 -54.45
C PRO J 40 31.58 -4.85 -53.28
N GLY J 41 31.25 -5.45 -52.13
CA GLY J 41 32.07 -5.30 -50.94
C GLY J 41 31.92 -3.95 -50.28
N LYS J 42 30.97 -3.14 -50.76
CA LYS J 42 30.75 -1.81 -50.22
C LYS J 42 29.33 -1.62 -49.70
N GLY J 43 29.14 -0.62 -48.84
CA GLY J 43 27.81 -0.30 -48.35
C GLY J 43 26.99 0.41 -49.43
N PRO J 44 25.66 0.32 -49.34
CA PRO J 44 24.75 0.99 -50.28
C PRO J 44 24.88 2.52 -50.24
N LYS J 45 24.46 3.17 -51.32
CA LYS J 45 24.34 4.63 -51.34
C LYS J 45 22.99 5.02 -51.92
N LEU J 46 22.34 5.98 -51.28
CA LEU J 46 21.03 6.44 -51.72
C LEU J 46 21.09 7.21 -53.04
N LEU J 47 20.19 6.84 -53.96
CA LEU J 47 20.05 7.55 -55.23
C LEU J 47 18.76 8.34 -55.27
N ILE J 48 17.65 7.68 -54.94
CA ILE J 48 16.34 8.32 -55.10
C ILE J 48 15.54 8.10 -53.83
N TYR J 49 14.97 9.15 -53.26
CA TYR J 49 14.07 8.97 -52.14
C TYR J 49 12.64 9.42 -52.46
N ASP J 50 11.67 8.77 -51.83
CA ASP J 50 10.25 9.05 -52.06
C ASP J 50 9.87 9.06 -53.53
N ALA J 51 10.29 8.00 -54.23
CA ALA J 51 9.85 7.71 -55.60
C ALA J 51 10.52 8.57 -56.67
N SER J 52 10.65 9.88 -56.46
CA SER J 52 11.14 10.75 -57.53
C SER J 52 12.19 11.79 -57.15
N ASN J 53 12.60 11.85 -55.89
CA ASN J 53 13.57 12.86 -55.47
C ASN J 53 15.02 12.38 -55.55
N LEU J 54 15.80 13.13 -56.32
CA LEU J 54 17.23 12.88 -56.49
C LEU J 54 18.00 13.34 -55.26
N GLN J 55 18.73 12.42 -54.63
CA GLN J 55 19.55 12.77 -53.46
C GLN J 55 20.67 13.75 -53.81
N ARG J 56 20.91 14.71 -52.92
CA ARG J 56 22.01 15.65 -53.06
C ARG J 56 23.30 14.90 -53.41
N GLY J 57 23.98 15.35 -54.47
CA GLY J 57 25.27 14.80 -54.83
C GLY J 57 25.22 13.67 -55.85
N VAL J 58 24.04 13.09 -56.05
CA VAL J 58 23.86 12.02 -57.02
C VAL J 58 23.76 12.61 -58.43
N PRO J 59 24.42 11.96 -59.41
CA PRO J 59 24.44 12.46 -60.79
C PRO J 59 23.04 12.63 -61.36
N SER J 60 22.82 13.67 -62.16
CA SER J 60 21.50 13.97 -62.67
C SER J 60 20.97 12.96 -63.71
N ARG J 61 21.84 12.07 -64.19
CA ARG J 61 21.41 11.02 -65.13
C ARG J 61 20.46 10.00 -64.50
N PHE J 62 20.41 9.98 -63.17
CA PHE J 62 19.47 9.15 -62.42
C PHE J 62 18.16 9.90 -62.21
N SER J 63 17.03 9.23 -62.43
CA SER J 63 15.73 9.80 -62.13
C SER J 63 14.80 8.69 -61.66
N GLY J 64 13.77 9.05 -60.89
CA GLY J 64 12.84 8.05 -60.38
C GLY J 64 11.40 8.42 -60.69
N GLY J 65 10.56 7.41 -60.83
CA GLY J 65 9.15 7.64 -61.12
C GLY J 65 8.24 6.58 -60.55
N GLY J 66 6.94 6.86 -60.62
CA GLY J 66 5.93 5.90 -60.22
C GLY J 66 5.24 6.17 -58.89
N SER J 67 4.23 5.37 -58.61
CA SER J 67 3.46 5.48 -57.38
C SER J 67 2.53 4.28 -57.25
N GLY J 68 1.96 4.09 -56.06
CA GLY J 68 1.10 2.95 -55.85
C GLY J 68 1.95 1.70 -55.73
N THR J 69 1.90 0.94 -56.81
CA THR J 69 2.61 -0.31 -56.92
C THR J 69 3.74 -0.26 -57.96
N ASP J 70 3.75 0.76 -58.81
CA ASP J 70 4.73 0.80 -59.91
C ASP J 70 5.72 1.92 -59.87
N PHE J 71 7.00 1.53 -59.86
CA PHE J 71 8.05 2.51 -59.76
C PHE J 71 9.13 2.16 -60.80
N THR J 72 9.86 3.15 -61.27
CA THR J 72 10.95 2.92 -62.21
C THR J 72 12.15 3.74 -61.80
N LEU J 73 13.34 3.20 -61.99
CA LEU J 73 14.55 3.99 -61.91
C LEU J 73 15.12 4.04 -63.31
N ILE J 74 15.38 5.23 -63.83
CA ILE J 74 15.89 5.37 -65.18
C ILE J 74 17.27 6.00 -65.11
N ILE J 75 18.21 5.39 -65.82
CA ILE J 75 19.54 5.97 -66.01
C ILE J 75 19.61 6.41 -67.47
N SER J 76 19.61 7.71 -67.73
CA SER J 76 19.42 8.18 -69.09
C SER J 76 20.60 7.85 -70.00
N SER J 77 21.79 7.75 -69.42
CA SER J 77 23.00 7.40 -70.18
C SER J 77 24.00 6.66 -69.31
N LEU J 78 24.06 5.34 -69.46
CA LEU J 78 24.82 4.48 -68.56
C LEU J 78 26.32 4.80 -68.61
N GLN J 79 26.92 4.92 -67.43
CA GLN J 79 28.36 5.16 -67.29
C GLN J 79 29.01 3.94 -66.67
N PRO J 80 30.33 3.76 -66.90
CA PRO J 80 30.98 2.57 -66.34
C PRO J 80 30.89 2.49 -64.81
N GLU J 81 30.94 3.62 -64.10
CA GLU J 81 30.84 3.61 -62.65
C GLU J 81 29.44 3.23 -62.17
N ASP J 82 28.50 3.11 -63.10
CA ASP J 82 27.16 2.69 -62.75
C ASP J 82 27.01 1.20 -62.50
N VAL J 83 28.06 0.44 -62.78
CA VAL J 83 28.02 -1.01 -62.53
C VAL J 83 27.75 -1.30 -61.06
N GLY J 84 26.89 -2.29 -60.82
CA GLY J 84 26.61 -2.70 -59.45
C GLY J 84 25.21 -3.27 -59.37
N THR J 85 24.68 -3.34 -58.15
CA THR J 85 23.37 -3.91 -57.93
C THR J 85 22.52 -2.78 -57.37
N TYR J 86 21.27 -2.70 -57.81
CA TYR J 86 20.36 -1.63 -57.41
C TYR J 86 19.18 -2.22 -56.65
N TYR J 87 18.85 -1.62 -55.50
CA TYR J 87 17.76 -2.11 -54.67
C TYR J 87 16.69 -1.05 -54.49
N CYS J 88 15.42 -1.47 -54.53
CA CYS J 88 14.34 -0.61 -54.08
C CYS J 88 13.99 -0.98 -52.66
N GLN J 89 13.30 -0.10 -51.95
CA GLN J 89 13.01 -0.32 -50.53
C GLN J 89 11.78 0.44 -50.06
N GLN J 90 10.99 -0.20 -49.21
CA GLN J 90 9.64 0.25 -48.95
C GLN J 90 9.57 0.58 -47.48
N TYR J 91 8.92 1.70 -47.16
CA TYR J 91 8.63 2.06 -45.77
C TYR J 91 7.23 2.59 -45.56
N ASP J 92 6.28 2.17 -46.40
CA ASP J 92 4.87 2.41 -46.14
C ASP J 92 4.48 1.84 -44.77
N GLY J 93 4.99 0.66 -44.46
CA GLY J 93 4.71 0.02 -43.19
C GLY J 93 5.80 -0.93 -42.76
N LEU J 94 5.98 -1.06 -41.44
CA LEU J 94 6.87 -2.05 -40.86
C LEU J 94 6.33 -3.47 -41.02
N PRO J 95 7.24 -4.45 -41.16
CA PRO J 95 8.70 -4.23 -41.25
C PRO J 95 9.12 -3.69 -42.61
N PHE J 96 10.15 -2.85 -42.62
CA PHE J 96 10.73 -2.34 -43.86
C PHE J 96 11.29 -3.49 -44.69
N THR J 97 11.09 -3.41 -46.00
CA THR J 97 11.56 -4.46 -46.90
C THR J 97 12.24 -3.92 -48.16
N PHE J 98 13.10 -4.75 -48.75
CA PHE J 98 13.86 -4.39 -49.95
C PHE J 98 13.50 -5.33 -51.09
N GLY J 99 13.61 -4.82 -52.31
CA GLY J 99 13.54 -5.67 -53.49
C GLY J 99 14.75 -6.58 -53.51
N GLY J 100 14.72 -7.62 -54.32
CA GLY J 100 15.83 -8.55 -54.39
C GLY J 100 17.04 -8.05 -55.17
N GLY J 101 16.93 -6.86 -55.78
CA GLY J 101 18.07 -6.26 -56.44
C GLY J 101 18.14 -6.57 -57.91
N THR J 102 18.64 -5.63 -58.70
CA THR J 102 18.94 -5.85 -60.12
C THR J 102 20.42 -5.57 -60.36
N LYS J 103 21.14 -6.53 -60.91
CA LYS J 103 22.56 -6.33 -61.16
C LYS J 103 22.76 -5.74 -62.55
N VAL J 104 23.51 -4.63 -62.62
CA VAL J 104 23.84 -4.01 -63.89
C VAL J 104 25.25 -4.36 -64.36
N VAL J 105 25.35 -4.74 -65.62
CA VAL J 105 26.59 -5.24 -66.20
C VAL J 105 26.87 -4.45 -67.47
N ILE J 106 28.11 -3.97 -67.61
CA ILE J 106 28.48 -3.21 -68.81
C ILE J 106 28.88 -4.16 -69.94
N LYS J 107 28.40 -3.86 -71.14
CA LYS J 107 28.87 -4.54 -72.35
C LYS J 107 29.96 -3.66 -72.95
N ARG J 108 31.13 -4.20 -73.24
CA ARG J 108 32.16 -3.36 -73.86
C ARG J 108 32.97 -4.15 -74.90
N THR J 109 33.97 -3.48 -75.48
CA THR J 109 34.86 -4.10 -76.47
C THR J 109 35.81 -5.13 -75.84
N VAL J 110 36.23 -6.10 -76.65
CA VAL J 110 37.23 -7.07 -76.22
C VAL J 110 38.52 -6.36 -75.81
N ALA J 111 39.17 -6.89 -74.79
CA ALA J 111 40.45 -6.35 -74.32
C ALA J 111 41.31 -7.50 -73.81
N ALA J 112 42.49 -7.67 -74.39
CA ALA J 112 43.32 -8.84 -74.08
C ALA J 112 43.99 -8.67 -72.72
N PRO J 113 44.11 -9.77 -71.97
CA PRO J 113 44.76 -9.69 -70.65
C PRO J 113 46.27 -9.55 -70.79
N SER J 114 46.90 -8.86 -69.85
CA SER J 114 48.35 -8.96 -69.71
C SER J 114 48.63 -10.04 -68.65
N VAL J 115 49.56 -10.93 -68.93
CA VAL J 115 49.80 -12.09 -68.06
C VAL J 115 51.13 -12.05 -67.31
N PHE J 116 51.07 -12.39 -66.02
CA PHE J 116 52.26 -12.46 -65.17
C PHE J 116 52.28 -13.75 -64.34
N ILE J 117 53.48 -14.30 -64.10
CA ILE J 117 53.62 -15.45 -63.23
C ILE J 117 54.56 -15.14 -62.06
N PHE J 118 54.25 -15.70 -60.89
CA PHE J 118 55.06 -15.53 -59.70
C PHE J 118 55.43 -16.87 -59.11
N PRO J 119 56.74 -17.10 -58.89
CA PRO J 119 57.20 -18.30 -58.18
C PRO J 119 56.86 -18.20 -56.71
N PRO J 120 56.94 -19.33 -55.99
CA PRO J 120 56.79 -19.24 -54.54
C PRO J 120 57.95 -18.47 -53.92
N SER J 121 57.69 -17.73 -52.86
CA SER J 121 58.73 -16.97 -52.19
C SER J 121 59.59 -17.93 -51.38
N ASP J 122 60.72 -17.46 -50.90
CA ASP J 122 61.62 -18.32 -50.13
C ASP J 122 61.04 -18.60 -48.75
N GLU J 123 60.39 -17.59 -48.17
CA GLU J 123 59.78 -17.73 -46.85
C GLU J 123 58.74 -18.85 -46.84
N GLN J 124 58.00 -18.99 -47.94
CA GLN J 124 56.90 -19.95 -47.99
C GLN J 124 57.40 -21.38 -48.15
N LEU J 125 58.38 -21.59 -49.01
CA LEU J 125 59.00 -22.90 -49.18
C LEU J 125 59.60 -23.37 -47.86
N LYS J 126 60.25 -22.44 -47.16
CA LYS J 126 60.81 -22.71 -45.84
C LYS J 126 59.81 -23.43 -44.91
N SER J 127 58.52 -23.40 -45.24
CA SER J 127 57.48 -23.97 -44.37
C SER J 127 56.70 -25.12 -45.01
N GLY J 128 57.26 -25.69 -46.08
CA GLY J 128 56.76 -26.92 -46.67
C GLY J 128 55.65 -26.85 -47.70
N THR J 129 55.22 -25.64 -48.07
CA THR J 129 54.19 -25.51 -49.11
C THR J 129 54.62 -24.56 -50.22
N ALA J 130 54.23 -24.85 -51.45
CA ALA J 130 54.55 -23.99 -52.59
C ALA J 130 53.32 -23.52 -53.37
N SER J 131 53.15 -22.20 -53.45
CA SER J 131 52.07 -21.57 -54.21
C SER J 131 52.62 -20.82 -55.42
N VAL J 132 52.17 -21.18 -56.61
CA VAL J 132 52.57 -20.51 -57.85
C VAL J 132 51.37 -19.71 -58.34
N VAL J 133 51.57 -18.43 -58.62
CA VAL J 133 50.44 -17.55 -58.93
C VAL J 133 50.47 -17.02 -60.36
N CYS J 134 49.30 -16.98 -61.00
CA CYS J 134 49.19 -16.42 -62.34
C CYS J 134 48.17 -15.30 -62.29
N LEU J 135 48.53 -14.15 -62.85
CA LEU J 135 47.66 -13.00 -62.83
C LEU J 135 47.29 -12.60 -64.27
N LEU J 136 46.00 -12.44 -64.51
CA LEU J 136 45.49 -11.88 -65.76
C LEU J 136 44.90 -10.50 -65.50
N ASN J 137 45.50 -9.48 -66.10
CA ASN J 137 45.14 -8.11 -65.82
C ASN J 137 44.32 -7.45 -66.90
N ASN J 138 43.25 -6.81 -66.44
CA ASN J 138 42.40 -5.90 -67.20
C ASN J 138 41.96 -6.40 -68.57
N PHE J 139 41.01 -7.33 -68.59
CA PHE J 139 40.56 -7.90 -69.85
C PHE J 139 39.04 -7.98 -69.89
N TYR J 140 38.53 -8.21 -71.10
CA TYR J 140 37.11 -8.40 -71.35
C TYR J 140 36.91 -9.15 -72.66
N PRO J 141 35.96 -10.09 -72.70
CA PRO J 141 34.98 -10.47 -71.68
C PRO J 141 35.57 -11.36 -70.59
N ARG J 142 34.74 -11.70 -69.61
CA ARG J 142 35.17 -12.40 -68.41
C ARG J 142 35.68 -13.82 -68.69
N GLU J 143 35.10 -14.50 -69.68
CA GLU J 143 35.47 -15.89 -69.95
C GLU J 143 36.93 -16.01 -70.36
N ALA J 144 37.70 -16.79 -69.60
CA ALA J 144 39.10 -17.08 -69.94
C ALA J 144 39.41 -18.50 -69.47
N LYS J 145 40.37 -19.16 -70.11
CA LYS J 145 40.82 -20.48 -69.68
C LYS J 145 42.28 -20.42 -69.21
N VAL J 146 42.56 -20.89 -68.00
CA VAL J 146 43.94 -20.90 -67.50
C VAL J 146 44.38 -22.33 -67.20
N GLN J 147 45.43 -22.79 -67.86
CA GLN J 147 45.89 -24.17 -67.74
C GLN J 147 47.33 -24.21 -67.19
N TRP J 148 47.56 -25.01 -66.14
CA TRP J 148 48.92 -25.17 -65.60
C TRP J 148 49.67 -26.34 -66.22
N LYS J 149 50.97 -26.14 -66.43
CA LYS J 149 51.85 -27.19 -66.92
C LYS J 149 53.15 -27.21 -66.11
N VAL J 150 53.50 -28.38 -65.60
CA VAL J 150 54.75 -28.59 -64.87
C VAL J 150 55.63 -29.55 -65.66
N ASP J 151 56.81 -29.08 -66.07
CA ASP J 151 57.65 -29.82 -67.02
C ASP J 151 56.83 -30.29 -68.20
N ASN J 152 55.89 -29.44 -68.63
CA ASN J 152 55.10 -29.68 -69.82
C ASN J 152 53.99 -30.70 -69.57
N ALA J 153 53.77 -31.04 -68.30
CA ALA J 153 52.70 -31.96 -67.97
C ALA J 153 51.47 -31.17 -67.52
N LEU J 154 50.35 -31.43 -68.19
CA LEU J 154 49.12 -30.68 -68.00
C LEU J 154 48.54 -30.98 -66.62
N GLN J 155 48.45 -29.95 -65.78
CA GLN J 155 48.01 -30.11 -64.41
C GLN J 155 46.49 -30.05 -64.30
N SER J 156 45.94 -30.72 -63.29
CA SER J 156 44.52 -30.60 -62.99
C SER J 156 44.17 -31.04 -61.56
N GLY J 157 43.16 -30.38 -60.99
CA GLY J 157 42.66 -30.72 -59.67
C GLY J 157 43.40 -30.04 -58.53
N ASN J 158 44.51 -29.39 -58.82
CA ASN J 158 45.30 -28.71 -57.80
C ASN J 158 45.43 -27.19 -58.00
N SER J 159 44.42 -26.55 -58.57
CA SER J 159 44.44 -25.09 -58.70
C SER J 159 43.07 -24.47 -58.39
N GLN J 160 43.10 -23.20 -57.98
CA GLN J 160 41.88 -22.44 -57.73
C GLN J 160 41.92 -21.05 -58.34
N GLU J 161 40.81 -20.63 -58.91
CA GLU J 161 40.72 -19.30 -59.52
C GLU J 161 39.90 -18.33 -58.69
N SER J 162 40.24 -17.05 -58.82
CA SER J 162 39.40 -15.99 -58.29
C SER J 162 39.28 -14.87 -59.31
N VAL J 163 38.11 -14.25 -59.41
CA VAL J 163 37.89 -13.20 -60.39
C VAL J 163 37.34 -11.98 -59.69
N THR J 164 37.89 -10.83 -60.06
CA THR J 164 37.44 -9.56 -59.53
C THR J 164 36.07 -9.17 -60.05
N GLU J 165 35.44 -8.26 -59.31
CA GLU J 165 34.22 -7.62 -59.76
C GLU J 165 34.57 -6.76 -60.96
N GLN J 166 33.59 -6.54 -61.85
CA GLN J 166 33.78 -5.70 -63.02
C GLN J 166 34.24 -4.31 -62.58
N ASP J 167 35.31 -3.82 -63.20
CA ASP J 167 35.92 -2.55 -62.83
C ASP J 167 34.98 -1.37 -63.07
N SER J 168 34.92 -0.47 -62.10
CA SER J 168 33.99 0.65 -62.14
C SER J 168 34.41 1.72 -63.14
N LYS J 169 35.67 1.72 -63.54
CA LYS J 169 36.13 2.75 -64.46
C LYS J 169 36.18 2.25 -65.92
N ASP J 170 36.79 1.09 -66.17
CA ASP J 170 36.92 0.58 -67.55
C ASP J 170 36.17 -0.72 -67.85
N SER J 171 35.40 -1.23 -66.90
CA SER J 171 34.49 -2.36 -67.15
C SER J 171 35.19 -3.66 -67.52
N THR J 172 36.46 -3.77 -67.12
CA THR J 172 37.24 -4.99 -67.34
C THR J 172 37.27 -5.87 -66.08
N TYR J 173 37.78 -7.08 -66.22
CA TYR J 173 37.92 -8.02 -65.10
C TYR J 173 39.39 -8.36 -64.90
N SER J 174 39.71 -8.87 -63.72
CA SER J 174 41.00 -9.51 -63.48
C SER J 174 40.81 -10.87 -62.83
N LEU J 175 41.80 -11.74 -63.03
CA LEU J 175 41.70 -13.12 -62.57
C LEU J 175 43.06 -13.58 -62.06
N SER J 176 43.05 -14.40 -61.02
CA SER J 176 44.25 -15.05 -60.52
C SER J 176 44.02 -16.55 -60.48
N SER J 177 45.02 -17.32 -60.86
CA SER J 177 44.98 -18.77 -60.71
C SER J 177 46.13 -19.18 -59.80
N THR J 178 45.83 -19.94 -58.76
CA THR J 178 46.84 -20.36 -57.81
C THR J 178 47.00 -21.87 -57.83
N LEU J 179 48.19 -22.32 -58.20
CA LEU J 179 48.54 -23.74 -58.21
C LEU J 179 49.25 -24.09 -56.91
N THR J 180 48.68 -24.99 -56.11
CA THR J 180 49.28 -25.33 -54.83
C THR J 180 49.78 -26.77 -54.85
N LEU J 181 51.05 -26.94 -54.52
CA LEU J 181 51.63 -28.27 -54.38
C LEU J 181 52.70 -28.29 -53.28
N SER J 182 53.01 -29.49 -52.78
CA SER J 182 53.95 -29.62 -51.67
C SER J 182 55.37 -29.24 -52.09
N LYS J 183 56.18 -28.87 -51.12
CA LYS J 183 57.58 -28.49 -51.38
C LYS J 183 58.32 -29.63 -52.09
N ALA J 184 58.06 -30.87 -51.68
CA ALA J 184 58.70 -32.04 -52.28
C ALA J 184 58.47 -32.06 -53.80
N ASP J 185 57.21 -31.96 -54.19
CA ASP J 185 56.83 -32.01 -55.59
C ASP J 185 57.39 -30.78 -56.29
N TYR J 186 57.28 -29.62 -55.66
CA TYR J 186 57.80 -28.41 -56.28
C TYR J 186 59.29 -28.58 -56.62
N GLU J 187 60.01 -29.29 -55.76
CA GLU J 187 61.44 -29.50 -55.95
C GLU J 187 61.75 -30.61 -56.96
N LYS J 188 60.82 -31.54 -57.12
CA LYS J 188 60.93 -32.56 -58.17
C LYS J 188 61.18 -31.95 -59.55
N HIS J 189 60.33 -31.03 -59.98
CA HIS J 189 60.33 -30.55 -61.37
C HIS J 189 61.01 -29.19 -61.54
N LYS J 190 61.23 -28.80 -62.79
CA LYS J 190 62.01 -27.60 -63.12
C LYS J 190 61.22 -26.48 -63.82
N VAL J 191 60.42 -26.83 -64.82
CA VAL J 191 59.74 -25.82 -65.63
C VAL J 191 58.27 -25.64 -65.22
N TYR J 192 57.94 -24.42 -64.81
CA TYR J 192 56.58 -24.08 -64.40
C TYR J 192 55.97 -23.07 -65.37
N ALA J 193 54.80 -23.41 -65.91
CA ALA J 193 54.22 -22.65 -67.00
C ALA J 193 52.72 -22.42 -66.81
N CYS J 194 52.33 -21.19 -67.08
CA CYS J 194 50.96 -20.73 -67.07
C CYS J 194 50.52 -20.44 -68.52
N GLU J 195 49.52 -21.16 -69.01
CA GLU J 195 48.99 -20.93 -70.37
C GLU J 195 47.59 -20.31 -70.41
N VAL J 196 47.48 -19.11 -70.99
CA VAL J 196 46.23 -18.37 -70.99
C VAL J 196 45.54 -18.32 -72.35
N THR J 197 44.26 -18.65 -72.37
CA THR J 197 43.43 -18.55 -73.57
C THR J 197 42.31 -17.55 -73.37
N HIS J 198 42.13 -16.64 -74.33
CA HIS J 198 41.16 -15.57 -74.18
C HIS J 198 40.83 -15.00 -75.55
N GLN J 199 39.60 -14.56 -75.72
CA GLN J 199 39.11 -14.09 -77.02
C GLN J 199 39.92 -12.92 -77.58
N GLY J 200 40.56 -12.17 -76.70
CA GLY J 200 41.33 -11.00 -77.09
C GLY J 200 42.77 -11.32 -77.44
N LEU J 201 43.15 -12.60 -77.34
CA LEU J 201 44.49 -13.02 -77.70
C LEU J 201 44.36 -13.85 -78.98
N SER J 202 45.18 -13.55 -79.96
CA SER J 202 45.12 -14.24 -81.25
C SER J 202 45.55 -15.70 -81.09
N SER J 203 46.36 -15.97 -80.06
CA SER J 203 46.72 -17.34 -79.74
C SER J 203 47.15 -17.47 -78.28
N PRO J 204 47.08 -18.69 -77.73
CA PRO J 204 47.37 -18.83 -76.29
C PRO J 204 48.71 -18.21 -75.90
N VAL J 205 48.71 -17.51 -74.77
CA VAL J 205 49.93 -16.91 -74.24
C VAL J 205 50.48 -17.76 -73.10
N THR J 206 51.78 -18.01 -73.10
CA THR J 206 52.43 -18.76 -72.02
C THR J 206 53.47 -17.89 -71.29
N LYS J 207 53.40 -17.87 -69.96
CA LYS J 207 54.47 -17.28 -69.15
C LYS J 207 55.09 -18.37 -68.29
N SER J 208 56.41 -18.45 -68.20
CA SER J 208 56.99 -19.49 -67.35
C SER J 208 58.29 -19.07 -66.65
N PHE J 209 58.77 -19.96 -65.77
CA PHE J 209 60.07 -19.79 -65.16
C PHE J 209 60.71 -21.13 -64.81
N ASN J 210 62.01 -21.13 -64.60
CA ASN J 210 62.73 -22.31 -64.15
C ASN J 210 63.06 -22.19 -62.67
N ARG J 211 62.73 -23.24 -61.93
CA ARG J 211 62.93 -23.23 -60.48
C ARG J 211 64.38 -22.91 -60.15
N GLY J 212 64.58 -21.93 -59.27
CA GLY J 212 65.92 -21.53 -58.87
C GLY J 212 66.73 -20.74 -59.88
N GLU J 213 66.08 -19.84 -60.60
CA GLU J 213 66.75 -18.99 -61.57
C GLU J 213 66.31 -17.54 -61.41
N VAL K 2 -34.44 -40.76 -30.73
CA VAL K 2 -33.39 -41.51 -31.39
C VAL K 2 -33.97 -42.31 -32.54
N GLN K 3 -33.19 -42.45 -33.61
CA GLN K 3 -33.59 -43.24 -34.75
C GLN K 3 -32.53 -44.30 -35.01
N LEU K 4 -32.94 -45.47 -35.49
CA LEU K 4 -32.02 -46.57 -35.71
C LEU K 4 -32.11 -47.00 -37.17
N GLN K 5 -30.98 -47.46 -37.72
CA GLN K 5 -31.01 -47.98 -39.08
C GLN K 5 -30.03 -49.14 -39.29
N GLU K 6 -30.56 -50.32 -39.57
CA GLU K 6 -29.74 -51.50 -39.77
C GLU K 6 -29.22 -51.61 -41.20
N SER K 7 -28.13 -52.35 -41.35
CA SER K 7 -27.56 -52.70 -42.65
C SER K 7 -26.72 -53.96 -42.53
N GLY K 8 -26.30 -54.50 -43.67
CA GLY K 8 -25.37 -55.61 -43.67
C GLY K 8 -26.05 -56.89 -44.10
N GLY K 9 -27.38 -56.85 -44.24
CA GLY K 9 -28.12 -58.02 -44.64
C GLY K 9 -27.75 -58.42 -46.05
N GLY K 10 -27.99 -59.68 -46.36
CA GLY K 10 -27.76 -60.20 -47.70
C GLY K 10 -27.95 -61.71 -47.69
N LEU K 11 -27.57 -62.33 -48.79
CA LEU K 11 -27.62 -63.78 -48.96
C LEU K 11 -26.29 -64.45 -48.59
N VAL K 12 -26.33 -65.51 -47.79
CA VAL K 12 -25.10 -66.23 -47.46
C VAL K 12 -25.37 -67.74 -47.42
N GLN K 13 -24.32 -68.51 -47.69
CA GLN K 13 -24.41 -69.97 -47.68
C GLN K 13 -24.49 -70.46 -46.24
N PRO K 14 -25.15 -71.61 -46.02
CA PRO K 14 -25.14 -72.18 -44.67
C PRO K 14 -23.71 -72.48 -44.20
N GLY K 15 -23.45 -72.17 -42.94
CA GLY K 15 -22.15 -72.38 -42.34
C GLY K 15 -21.33 -71.11 -42.33
N GLU K 16 -21.66 -70.19 -43.23
CA GLU K 16 -20.94 -68.91 -43.34
C GLU K 16 -21.30 -67.89 -42.26
N SER K 17 -20.60 -66.76 -42.30
CA SER K 17 -20.78 -65.68 -41.34
C SER K 17 -21.28 -64.39 -42.00
N LEU K 18 -21.71 -63.46 -41.16
CA LEU K 18 -22.27 -62.19 -41.62
C LEU K 18 -22.35 -61.22 -40.45
N ARG K 19 -21.96 -59.98 -40.69
N ARG K 19 -21.99 -59.97 -40.70
CA ARG K 19 -21.93 -58.96 -39.64
CA ARG K 19 -21.96 -58.96 -39.65
C ARG K 19 -22.97 -57.88 -39.92
C ARG K 19 -22.98 -57.87 -39.93
N LEU K 20 -23.94 -57.73 -39.03
CA LEU K 20 -24.92 -56.69 -39.13
C LEU K 20 -24.47 -55.49 -38.34
N SER K 21 -24.90 -54.32 -38.78
N SER K 21 -24.89 -54.32 -38.81
CA SER K 21 -24.63 -53.11 -38.03
CA SER K 21 -24.59 -53.06 -38.13
C SER K 21 -25.88 -52.28 -37.93
C SER K 21 -25.90 -52.33 -37.89
N CYS K 22 -25.89 -51.37 -36.97
CA CYS K 22 -27.06 -50.57 -36.73
C CYS K 22 -26.56 -49.20 -36.29
N VAL K 23 -26.95 -48.16 -37.01
CA VAL K 23 -26.46 -46.83 -36.71
C VAL K 23 -27.56 -45.97 -36.12
N GLY K 24 -27.23 -45.33 -35.00
CA GLY K 24 -28.12 -44.43 -34.32
C GLY K 24 -27.92 -42.98 -34.75
N SER K 25 -29.02 -42.23 -34.84
CA SER K 25 -28.97 -40.81 -35.10
C SER K 25 -30.04 -40.13 -34.24
N GLY K 26 -30.25 -38.84 -34.42
CA GLY K 26 -31.20 -38.11 -33.59
C GLY K 26 -30.82 -38.09 -32.12
N SER K 27 -31.78 -37.78 -31.26
CA SER K 27 -31.53 -37.70 -29.82
C SER K 27 -32.85 -37.61 -29.04
N SER K 28 -32.80 -38.01 -27.78
CA SER K 28 -33.97 -38.00 -26.90
C SER K 28 -33.80 -36.97 -25.78
N PHE K 29 -34.37 -37.25 -24.61
CA PHE K 29 -34.32 -36.29 -23.50
C PHE K 29 -32.90 -35.95 -23.09
N GLY K 30 -32.67 -34.69 -22.75
CA GLY K 30 -31.35 -34.22 -22.39
C GLY K 30 -30.35 -34.44 -23.50
N GLU K 31 -30.83 -34.41 -24.74
CA GLU K 31 -29.97 -34.61 -25.90
C GLU K 31 -29.24 -35.94 -25.83
N SER K 32 -29.86 -36.92 -25.17
CA SER K 32 -29.26 -38.25 -25.07
C SER K 32 -29.26 -38.89 -26.45
N THR K 33 -28.23 -39.67 -26.72
CA THR K 33 -28.11 -40.40 -27.97
C THR K 33 -28.11 -41.89 -27.66
N LEU K 34 -27.96 -42.71 -28.69
CA LEU K 34 -28.05 -44.15 -28.54
C LEU K 34 -27.13 -44.72 -27.46
N SER K 35 -25.98 -44.09 -27.26
CA SER K 35 -25.00 -44.62 -26.31
C SER K 35 -25.45 -44.44 -24.86
N TYR K 36 -26.59 -43.81 -24.65
CA TYR K 36 -27.18 -43.70 -23.32
C TYR K 36 -28.09 -44.89 -23.00
N TYR K 37 -28.36 -45.73 -24.00
CA TYR K 37 -29.38 -46.77 -23.84
C TYR K 37 -28.85 -48.16 -24.09
N ALA K 38 -29.48 -49.14 -23.44
CA ALA K 38 -29.31 -50.56 -23.78
C ALA K 38 -30.07 -50.87 -25.06
N VAL K 39 -29.60 -51.87 -25.79
CA VAL K 39 -30.16 -52.19 -27.10
C VAL K 39 -30.19 -53.69 -27.28
N SER K 40 -31.22 -54.19 -27.96
CA SER K 40 -31.33 -55.61 -28.25
C SER K 40 -31.43 -55.86 -29.75
N TRP K 41 -31.12 -57.08 -30.16
CA TRP K 41 -31.46 -57.54 -31.50
C TRP K 41 -32.64 -58.51 -31.40
N VAL K 42 -33.58 -58.38 -32.32
CA VAL K 42 -34.80 -59.18 -32.30
C VAL K 42 -35.04 -59.58 -33.75
N ARG K 43 -35.50 -60.79 -34.00
CA ARG K 43 -35.72 -61.19 -35.39
C ARG K 43 -37.10 -61.74 -35.63
N GLN K 44 -37.43 -61.85 -36.91
CA GLN K 44 -38.75 -62.27 -37.34
C GLN K 44 -38.64 -63.12 -38.58
N ALA K 45 -38.86 -64.42 -38.45
CA ALA K 45 -38.78 -65.30 -39.61
C ALA K 45 -39.97 -65.01 -40.51
N PRO K 46 -39.86 -65.40 -41.79
CA PRO K 46 -40.91 -65.07 -42.76
C PRO K 46 -42.29 -65.59 -42.32
N GLY K 47 -43.27 -64.71 -42.23
CA GLY K 47 -44.61 -65.08 -41.85
C GLY K 47 -44.78 -65.42 -40.37
N LYS K 48 -43.74 -65.24 -39.58
CA LYS K 48 -43.78 -65.62 -38.17
C LYS K 48 -43.79 -64.40 -37.25
N GLY K 49 -43.72 -64.66 -35.95
CA GLY K 49 -43.68 -63.60 -34.96
C GLY K 49 -42.28 -63.10 -34.64
N LEU K 50 -42.14 -62.48 -33.48
CA LEU K 50 -40.89 -61.84 -33.09
C LEU K 50 -40.10 -62.70 -32.10
N GLU K 51 -38.79 -62.76 -32.28
CA GLU K 51 -37.92 -63.56 -31.41
C GLU K 51 -36.76 -62.71 -30.91
N TRP K 52 -36.69 -62.52 -29.60
CA TRP K 52 -35.59 -61.78 -29.00
C TRP K 52 -34.32 -62.63 -29.10
N LEU K 53 -33.19 -62.02 -29.46
CA LEU K 53 -31.95 -62.77 -29.64
C LEU K 53 -30.87 -62.45 -28.60
N SER K 54 -30.70 -61.17 -28.31
CA SER K 54 -29.55 -60.73 -27.51
C SER K 54 -29.69 -59.29 -27.04
N ILE K 55 -29.06 -59.00 -25.91
CA ILE K 55 -29.10 -57.67 -25.33
C ILE K 55 -27.70 -57.20 -24.92
N ILE K 56 -27.48 -55.90 -24.97
CA ILE K 56 -26.22 -55.31 -24.52
C ILE K 56 -26.50 -53.97 -23.85
N ASN K 57 -25.85 -53.71 -22.73
CA ASN K 57 -26.10 -52.49 -21.98
C ASN K 57 -25.38 -51.31 -22.62
N ALA K 58 -25.75 -50.11 -22.21
CA ALA K 58 -25.21 -48.88 -22.79
C ALA K 58 -23.69 -48.87 -22.82
N GLY K 59 -23.07 -49.30 -21.73
CA GLY K 59 -21.63 -49.26 -21.60
C GLY K 59 -20.89 -50.48 -22.14
N GLY K 60 -21.64 -51.42 -22.71
CA GLY K 60 -21.04 -52.57 -23.37
C GLY K 60 -21.09 -53.86 -22.57
N GLY K 61 -21.58 -53.79 -21.33
CA GLY K 61 -21.61 -54.94 -20.45
C GLY K 61 -22.96 -55.60 -20.33
N ASP K 62 -23.08 -56.54 -19.37
CA ASP K 62 -24.34 -57.20 -19.06
C ASP K 62 -24.98 -57.89 -20.26
N ILE K 63 -24.14 -58.46 -21.12
CA ILE K 63 -24.60 -59.14 -22.33
C ILE K 63 -25.28 -60.48 -22.02
N ASP K 64 -26.35 -60.79 -22.73
CA ASP K 64 -26.97 -62.12 -22.68
C ASP K 64 -27.52 -62.54 -24.04
N TYR K 65 -27.70 -63.84 -24.21
CA TYR K 65 -28.16 -64.39 -25.48
C TYR K 65 -29.31 -65.38 -25.28
N ALA K 66 -30.20 -65.44 -26.27
CA ALA K 66 -31.20 -66.51 -26.32
C ALA K 66 -30.47 -67.81 -26.62
N ASP K 67 -31.00 -68.92 -26.11
CA ASP K 67 -30.35 -70.21 -26.31
C ASP K 67 -30.15 -70.56 -27.78
N SER K 68 -31.06 -70.09 -28.64
CA SER K 68 -31.03 -70.45 -30.05
C SER K 68 -29.83 -69.90 -30.81
N VAL K 69 -29.18 -68.88 -30.27
CA VAL K 69 -28.01 -68.31 -30.92
C VAL K 69 -26.82 -68.19 -29.98
N GLU K 70 -26.99 -68.61 -28.73
CA GLU K 70 -25.90 -68.56 -27.79
C GLU K 70 -24.77 -69.44 -28.35
N GLY K 71 -23.56 -68.89 -28.39
CA GLY K 71 -22.39 -69.61 -28.83
C GLY K 71 -22.11 -69.44 -30.32
N ARG K 72 -23.03 -68.79 -31.04
CA ARG K 72 -22.83 -68.53 -32.47
C ARG K 72 -22.84 -67.05 -32.77
N PHE K 73 -23.66 -66.29 -32.05
CA PHE K 73 -23.79 -64.86 -32.30
C PHE K 73 -23.08 -64.07 -31.20
N THR K 74 -22.54 -62.91 -31.57
CA THR K 74 -21.87 -62.02 -30.63
C THR K 74 -22.35 -60.60 -30.83
N ILE K 75 -22.88 -60.00 -29.79
CA ILE K 75 -23.33 -58.62 -29.85
C ILE K 75 -22.26 -57.68 -29.31
N SER K 76 -22.11 -56.51 -29.94
CA SER K 76 -21.15 -55.53 -29.43
C SER K 76 -21.56 -54.12 -29.88
N ARG K 77 -20.86 -53.10 -29.39
CA ARG K 77 -21.16 -51.73 -29.81
C ARG K 77 -19.91 -50.86 -29.71
N ASP K 78 -19.86 -49.87 -30.60
CA ASP K 78 -18.83 -48.85 -30.60
C ASP K 78 -19.55 -47.51 -30.44
N ASN K 79 -19.55 -46.99 -29.21
CA ASN K 79 -20.32 -45.79 -28.89
C ASN K 79 -19.77 -44.51 -29.52
N SER K 80 -18.48 -44.51 -29.86
CA SER K 80 -17.90 -43.36 -30.53
C SER K 80 -18.53 -43.18 -31.91
N LYS K 81 -19.07 -44.26 -32.47
CA LYS K 81 -19.76 -44.20 -33.75
C LYS K 81 -21.27 -44.35 -33.61
N GLU K 82 -21.76 -44.43 -32.38
CA GLU K 82 -23.16 -44.70 -32.11
C GLU K 82 -23.63 -45.91 -32.92
N THR K 83 -22.82 -46.97 -32.94
CA THR K 83 -23.12 -48.15 -33.76
C THR K 83 -23.18 -49.45 -32.95
N LEU K 84 -24.16 -50.27 -33.28
CA LEU K 84 -24.27 -51.61 -32.74
C LEU K 84 -23.99 -52.64 -33.82
N TYR K 85 -23.47 -53.78 -33.40
CA TYR K 85 -23.11 -54.85 -34.32
C TYR K 85 -23.67 -56.16 -33.79
N LEU K 86 -24.05 -57.03 -34.72
CA LEU K 86 -24.35 -58.41 -34.39
C LEU K 86 -23.55 -59.29 -35.34
N GLN K 87 -22.53 -59.97 -34.81
CA GLN K 87 -21.71 -60.89 -35.57
C GLN K 87 -22.27 -62.30 -35.51
N MET K 88 -22.74 -62.79 -36.65
CA MET K 88 -23.32 -64.12 -36.75
C MET K 88 -22.32 -65.08 -37.40
N THR K 89 -22.19 -66.27 -36.82
CA THR K 89 -21.37 -67.31 -37.42
C THR K 89 -22.18 -68.61 -37.49
N ASN K 90 -21.68 -69.56 -38.27
N ASN K 90 -21.69 -69.57 -38.26
CA ASN K 90 -22.31 -70.87 -38.43
CA ASN K 90 -22.33 -70.87 -38.40
C ASN K 90 -23.82 -70.75 -38.67
C ASN K 90 -23.83 -70.75 -38.66
N LEU K 91 -24.20 -69.88 -39.59
CA LEU K 91 -25.61 -69.63 -39.88
C LEU K 91 -26.30 -70.88 -40.41
N ARG K 92 -27.59 -71.04 -40.11
CA ARG K 92 -28.37 -72.15 -40.64
C ARG K 92 -29.59 -71.59 -41.35
N VAL K 93 -30.27 -72.44 -42.10
CA VAL K 93 -31.43 -72.03 -42.87
C VAL K 93 -32.51 -71.34 -42.03
N GLU K 94 -32.70 -71.80 -40.79
CA GLU K 94 -33.78 -71.26 -39.96
C GLU K 94 -33.42 -69.94 -39.29
N ASP K 95 -32.21 -69.45 -39.55
CA ASP K 95 -31.82 -68.12 -39.10
C ASP K 95 -32.33 -67.08 -40.10
N THR K 96 -32.91 -67.56 -41.19
CA THR K 96 -33.45 -66.67 -42.21
C THR K 96 -34.55 -65.81 -41.60
N GLY K 97 -34.53 -64.53 -41.91
CA GLY K 97 -35.57 -63.62 -41.46
C GLY K 97 -35.12 -62.18 -41.44
N VAL K 98 -36.01 -61.30 -41.00
CA VAL K 98 -35.68 -59.88 -40.83
C VAL K 98 -35.14 -59.62 -39.44
N TYR K 99 -33.99 -58.93 -39.38
CA TYR K 99 -33.36 -58.58 -38.12
C TYR K 99 -33.52 -57.08 -37.82
N TYR K 100 -34.06 -56.79 -36.65
CA TYR K 100 -34.26 -55.42 -36.19
C TYR K 100 -33.35 -55.18 -35.00
N CYS K 101 -32.76 -53.99 -34.91
CA CYS K 101 -32.19 -53.53 -33.65
C CYS K 101 -33.19 -52.60 -32.96
N ALA K 102 -33.25 -52.67 -31.63
CA ALA K 102 -34.33 -52.03 -30.88
C ALA K 102 -33.86 -51.46 -29.55
N LYS K 103 -34.09 -50.17 -29.35
CA LYS K 103 -33.65 -49.48 -28.14
C LYS K 103 -34.64 -49.66 -26.97
N HIS K 104 -34.10 -49.96 -25.79
CA HIS K 104 -34.89 -50.05 -24.56
C HIS K 104 -35.07 -48.63 -24.04
N MET K 105 -36.20 -48.31 -23.40
CA MET K 105 -36.48 -46.90 -23.09
C MET K 105 -35.70 -46.28 -21.93
N SER K 106 -35.35 -47.06 -20.90
CA SER K 106 -34.73 -46.46 -19.72
C SER K 106 -33.30 -46.04 -19.96
N MET K 107 -32.98 -44.83 -19.54
CA MET K 107 -31.62 -44.32 -19.60
C MET K 107 -30.73 -45.17 -18.70
N GLN K 108 -29.59 -45.61 -19.26
CA GLN K 108 -28.70 -46.53 -18.56
C GLN K 108 -27.38 -45.93 -18.16
N GLN K 109 -26.94 -44.90 -18.87
CA GLN K 109 -25.73 -44.21 -18.48
C GLN K 109 -25.65 -42.77 -18.97
N VAL K 110 -24.96 -41.94 -18.21
CA VAL K 110 -24.65 -40.58 -18.64
C VAL K 110 -23.16 -40.42 -18.40
N VAL K 111 -22.39 -40.59 -19.47
CA VAL K 111 -20.94 -40.60 -19.39
C VAL K 111 -20.35 -39.27 -18.89
N SER K 112 -20.92 -38.15 -19.33
CA SER K 112 -20.40 -36.84 -18.95
C SER K 112 -20.54 -36.56 -17.46
N ALA K 113 -21.39 -37.32 -16.77
CA ALA K 113 -21.58 -37.13 -15.35
C ALA K 113 -21.06 -38.29 -14.52
N GLY K 114 -20.39 -39.22 -15.18
CA GLY K 114 -19.94 -40.44 -14.54
C GLY K 114 -21.02 -41.25 -13.84
N TRP K 115 -22.26 -41.16 -14.31
CA TRP K 115 -23.35 -41.93 -13.70
C TRP K 115 -23.73 -43.16 -14.52
N GLU K 116 -24.00 -44.26 -13.83
CA GLU K 116 -24.48 -45.49 -14.45
C GLU K 116 -25.54 -46.21 -13.62
N ARG K 117 -26.70 -46.51 -14.19
CA ARG K 117 -27.69 -47.29 -13.45
C ARG K 117 -27.08 -48.58 -12.93
N ALA K 118 -27.43 -48.91 -11.69
CA ALA K 118 -26.92 -50.10 -11.02
C ALA K 118 -27.34 -51.35 -11.78
N ASP K 119 -28.53 -51.32 -12.37
CA ASP K 119 -29.11 -52.50 -13.00
C ASP K 119 -29.46 -52.25 -14.47
N LEU K 120 -29.44 -53.33 -15.25
CA LEU K 120 -29.90 -53.32 -16.63
C LEU K 120 -31.41 -53.52 -16.67
N VAL K 121 -32.14 -52.47 -17.00
CA VAL K 121 -33.60 -52.55 -16.98
C VAL K 121 -34.22 -53.43 -18.06
N GLY K 122 -33.82 -53.18 -19.31
CA GLY K 122 -34.34 -53.97 -20.42
C GLY K 122 -35.83 -53.78 -20.61
N ASP K 123 -36.33 -52.57 -20.38
CA ASP K 123 -37.76 -52.28 -20.57
C ASP K 123 -38.14 -52.08 -22.03
N ALA K 124 -39.28 -51.43 -22.28
CA ALA K 124 -39.94 -51.49 -23.57
C ALA K 124 -39.09 -50.95 -24.73
N PHE K 125 -39.28 -51.55 -25.90
CA PHE K 125 -38.60 -51.12 -27.11
C PHE K 125 -39.31 -49.93 -27.71
N ASP K 126 -38.90 -48.72 -27.35
CA ASP K 126 -39.61 -47.52 -27.78
C ASP K 126 -39.18 -47.08 -29.18
N VAL K 127 -38.05 -47.56 -29.65
CA VAL K 127 -37.62 -47.29 -31.03
C VAL K 127 -37.05 -48.52 -31.74
N TRP K 128 -37.58 -48.77 -32.94
CA TRP K 128 -37.11 -49.87 -33.79
C TRP K 128 -36.59 -49.32 -35.11
N GLY K 129 -35.62 -50.03 -35.69
CA GLY K 129 -35.18 -49.76 -37.04
C GLY K 129 -36.20 -50.30 -38.04
N GLN K 130 -35.88 -50.16 -39.33
CA GLN K 130 -36.78 -50.63 -40.39
C GLN K 130 -36.53 -52.11 -40.69
N GLY K 131 -35.44 -52.64 -40.15
CA GLY K 131 -35.13 -54.05 -40.29
C GLY K 131 -34.23 -54.28 -41.49
N THR K 132 -33.47 -55.37 -41.46
CA THR K 132 -32.64 -55.76 -42.59
C THR K 132 -32.85 -57.24 -42.88
N MET K 133 -33.01 -57.60 -44.15
CA MET K 133 -33.38 -58.96 -44.49
C MET K 133 -32.14 -59.84 -44.58
N VAL K 134 -32.15 -60.96 -43.88
CA VAL K 134 -31.07 -61.95 -43.97
C VAL K 134 -31.63 -63.25 -44.52
N THR K 135 -31.07 -63.72 -45.62
CA THR K 135 -31.43 -65.01 -46.19
C THR K 135 -30.27 -65.99 -46.20
N VAL K 136 -30.47 -67.16 -45.60
CA VAL K 136 -29.45 -68.20 -45.57
C VAL K 136 -29.89 -69.35 -46.47
N SER K 137 -29.24 -69.52 -47.61
CA SER K 137 -29.63 -70.53 -48.57
C SER K 137 -28.45 -70.99 -49.42
N SER K 138 -28.50 -72.25 -49.84
CA SER K 138 -27.52 -72.83 -50.73
C SER K 138 -27.65 -72.39 -52.19
N ALA K 139 -27.95 -71.11 -52.44
CA ALA K 139 -28.25 -70.66 -53.81
C ALA K 139 -27.63 -69.31 -54.12
N SER K 140 -27.27 -69.11 -55.39
CA SER K 140 -26.66 -67.86 -55.86
C SER K 140 -27.74 -66.86 -56.25
N THR K 141 -27.41 -65.57 -56.20
CA THR K 141 -28.35 -64.51 -56.56
C THR K 141 -28.72 -64.57 -58.05
N LYS K 142 -29.99 -64.28 -58.35
CA LYS K 142 -30.45 -64.07 -59.73
C LYS K 142 -31.35 -62.84 -59.84
N GLY K 143 -31.06 -61.97 -60.80
CA GLY K 143 -31.84 -60.76 -61.00
C GLY K 143 -33.10 -61.05 -61.80
N PRO K 144 -34.13 -60.21 -61.62
CA PRO K 144 -35.47 -60.42 -62.21
C PRO K 144 -35.53 -60.06 -63.70
N SER K 145 -36.38 -60.77 -64.43
CA SER K 145 -36.82 -60.34 -65.76
C SER K 145 -38.08 -59.51 -65.59
N VAL K 146 -38.19 -58.40 -66.33
CA VAL K 146 -39.37 -57.54 -66.23
C VAL K 146 -40.12 -57.50 -67.55
N PHE K 147 -41.39 -57.93 -67.49
CA PHE K 147 -42.24 -57.97 -68.68
C PHE K 147 -43.48 -57.10 -68.52
N PRO K 148 -43.90 -56.43 -69.62
CA PRO K 148 -45.09 -55.60 -69.43
C PRO K 148 -46.40 -56.40 -69.36
N LEU K 149 -47.32 -55.93 -68.52
CA LEU K 149 -48.70 -56.41 -68.52
C LEU K 149 -49.50 -55.30 -69.18
N ALA K 150 -49.85 -55.51 -70.44
CA ALA K 150 -50.32 -54.44 -71.31
C ALA K 150 -51.84 -54.34 -71.30
N PRO K 151 -52.37 -53.12 -71.09
CA PRO K 151 -53.81 -52.96 -71.19
C PRO K 151 -54.30 -53.14 -72.62
N SER K 152 -55.49 -53.71 -72.79
CA SER K 152 -56.04 -54.01 -74.11
C SER K 152 -57.47 -53.52 -74.23
N SER K 153 -57.95 -53.35 -75.46
CA SER K 153 -59.33 -52.97 -75.70
C SER K 153 -60.27 -54.04 -75.15
N LYS K 154 -61.36 -53.58 -74.52
CA LYS K 154 -62.36 -54.47 -73.92
C LYS K 154 -61.94 -54.87 -72.50
N SER K 155 -60.78 -54.39 -72.07
CA SER K 155 -60.30 -54.69 -70.72
C SER K 155 -60.96 -53.82 -69.66
N THR K 156 -61.71 -52.80 -70.08
CA THR K 156 -62.37 -51.92 -69.13
C THR K 156 -63.34 -52.66 -68.23
N SER K 157 -63.23 -52.39 -66.93
CA SER K 157 -64.11 -52.98 -65.93
C SER K 157 -64.26 -51.96 -64.82
N GLY K 158 -65.49 -51.74 -64.37
CA GLY K 158 -65.80 -50.52 -63.66
C GLY K 158 -65.69 -49.41 -64.70
N GLY K 159 -65.15 -48.26 -64.29
CA GLY K 159 -64.84 -47.21 -65.24
C GLY K 159 -63.35 -47.07 -65.49
N THR K 160 -62.58 -48.09 -65.14
CA THR K 160 -61.12 -47.98 -65.12
C THR K 160 -60.42 -49.00 -66.03
N ALA K 161 -59.16 -48.71 -66.34
CA ALA K 161 -58.29 -49.64 -67.06
C ALA K 161 -57.17 -50.09 -66.13
N ALA K 162 -56.58 -51.26 -66.39
CA ALA K 162 -55.48 -51.75 -65.57
C ALA K 162 -54.25 -52.08 -66.42
N LEU K 163 -53.07 -51.77 -65.89
CA LEU K 163 -51.81 -52.16 -66.52
C LEU K 163 -50.77 -52.45 -65.43
N GLY K 164 -49.64 -53.06 -65.78
CA GLY K 164 -48.70 -53.47 -64.75
C GLY K 164 -47.37 -53.99 -65.21
N CYS K 165 -46.57 -54.51 -64.27
CA CYS K 165 -45.29 -55.13 -64.59
C CYS K 165 -45.21 -56.48 -63.88
N LEU K 166 -44.76 -57.50 -64.60
CA LEU K 166 -44.49 -58.80 -64.02
C LEU K 166 -42.99 -58.97 -63.76
N VAL K 167 -42.61 -59.06 -62.50
CA VAL K 167 -41.21 -59.23 -62.08
C VAL K 167 -40.95 -60.68 -61.72
N LYS K 168 -40.28 -61.41 -62.60
CA LYS K 168 -40.26 -62.87 -62.55
C LYS K 168 -38.86 -63.47 -62.38
N ASP K 169 -38.79 -64.56 -61.61
CA ASP K 169 -37.60 -65.41 -61.51
C ASP K 169 -36.40 -64.71 -60.89
N TYR K 170 -36.54 -64.28 -59.64
CA TYR K 170 -35.43 -63.65 -58.94
C TYR K 170 -35.21 -64.28 -57.56
N PHE K 171 -34.02 -64.06 -57.02
CA PHE K 171 -33.69 -64.54 -55.68
C PHE K 171 -32.48 -63.77 -55.14
N PRO K 172 -32.50 -63.39 -53.86
CA PRO K 172 -33.55 -63.58 -52.86
C PRO K 172 -34.47 -62.36 -52.80
N GLU K 173 -35.31 -62.30 -51.78
CA GLU K 173 -36.08 -61.10 -51.49
C GLU K 173 -35.15 -60.01 -50.96
N PRO K 174 -35.52 -58.73 -51.15
CA PRO K 174 -36.78 -58.31 -51.76
C PRO K 174 -36.55 -57.43 -52.98
N VAL K 175 -37.62 -57.16 -53.72
CA VAL K 175 -37.59 -56.18 -54.79
C VAL K 175 -38.55 -55.04 -54.46
N THR K 176 -38.17 -53.81 -54.81
CA THR K 176 -39.07 -52.68 -54.68
C THR K 176 -39.58 -52.24 -56.06
N VAL K 177 -40.84 -51.83 -56.12
CA VAL K 177 -41.41 -51.31 -57.36
C VAL K 177 -42.09 -49.97 -57.11
N SER K 178 -41.78 -49.00 -57.96
CA SER K 178 -42.48 -47.72 -57.98
C SER K 178 -42.97 -47.44 -59.39
N TRP K 179 -43.79 -46.40 -59.56
CA TRP K 179 -44.33 -46.07 -60.86
C TRP K 179 -44.05 -44.60 -61.20
N ASN K 180 -43.56 -44.37 -62.41
CA ASN K 180 -43.17 -43.04 -62.84
C ASN K 180 -42.29 -42.38 -61.77
N SER K 181 -41.32 -43.13 -61.27
CA SER K 181 -40.32 -42.60 -60.35
C SER K 181 -40.95 -42.14 -59.04
N GLY K 182 -42.15 -42.65 -58.76
CA GLY K 182 -42.85 -42.31 -57.53
C GLY K 182 -43.86 -41.19 -57.72
N ALA K 183 -43.96 -40.68 -58.95
CA ALA K 183 -44.93 -39.65 -59.27
C ALA K 183 -46.34 -40.21 -59.32
N LEU K 184 -46.45 -41.52 -59.58
CA LEU K 184 -47.74 -42.19 -59.64
C LEU K 184 -47.86 -43.16 -58.48
N THR K 185 -48.79 -42.86 -57.57
CA THR K 185 -48.98 -43.70 -56.37
C THR K 185 -50.42 -44.13 -56.16
N SER K 186 -51.38 -43.31 -56.61
N SER K 186 -51.38 -43.31 -56.61
CA SER K 186 -52.79 -43.64 -56.47
CA SER K 186 -52.79 -43.64 -56.48
C SER K 186 -53.17 -44.89 -57.27
C SER K 186 -53.15 -44.89 -57.27
N GLY K 187 -53.82 -45.82 -56.60
CA GLY K 187 -54.34 -47.01 -57.25
C GLY K 187 -53.28 -48.06 -57.54
N VAL K 188 -52.14 -47.97 -56.85
CA VAL K 188 -51.06 -48.93 -57.02
C VAL K 188 -51.18 -50.06 -56.00
N HIS K 189 -51.04 -51.29 -56.49
CA HIS K 189 -50.94 -52.47 -55.63
C HIS K 189 -49.69 -53.26 -56.00
N THR K 190 -48.78 -53.49 -55.05
CA THR K 190 -47.66 -54.39 -55.30
C THR K 190 -47.86 -55.64 -54.46
N PHE K 191 -48.06 -56.76 -55.13
CA PHE K 191 -48.39 -58.02 -54.47
C PHE K 191 -47.19 -58.63 -53.75
N PRO K 192 -47.45 -59.37 -52.65
CA PRO K 192 -46.42 -60.18 -52.00
C PRO K 192 -45.80 -61.19 -52.97
N ALA K 193 -44.49 -61.40 -52.88
CA ALA K 193 -43.82 -62.38 -53.73
C ALA K 193 -44.29 -63.80 -53.43
N VAL K 194 -44.31 -64.64 -54.47
CA VAL K 194 -44.61 -66.05 -54.32
C VAL K 194 -43.40 -66.89 -54.72
N LEU K 195 -43.08 -67.91 -53.93
CA LEU K 195 -42.00 -68.83 -54.28
C LEU K 195 -42.48 -69.86 -55.29
N GLN K 196 -41.79 -69.95 -56.42
CA GLN K 196 -42.13 -70.89 -57.47
C GLN K 196 -41.41 -72.22 -57.27
N SER K 197 -41.84 -73.24 -58.01
CA SER K 197 -41.24 -74.57 -57.91
C SER K 197 -39.75 -74.54 -58.28
N SER K 198 -39.39 -73.62 -59.18
CA SER K 198 -37.99 -73.44 -59.57
C SER K 198 -37.10 -73.00 -58.41
N GLY K 199 -37.71 -72.55 -57.31
CA GLY K 199 -36.97 -72.02 -56.18
C GLY K 199 -36.72 -70.52 -56.28
N LEU K 200 -37.25 -69.90 -57.34
CA LEU K 200 -37.14 -68.47 -57.54
C LEU K 200 -38.46 -67.76 -57.23
N TYR K 201 -38.38 -66.48 -56.87
CA TYR K 201 -39.58 -65.71 -56.55
C TYR K 201 -40.16 -65.02 -57.79
N SER K 202 -41.46 -64.73 -57.70
CA SER K 202 -42.17 -64.02 -58.74
C SER K 202 -43.19 -63.10 -58.08
N LEU K 203 -43.42 -61.93 -58.69
CA LEU K 203 -44.27 -60.92 -58.11
C LEU K 203 -44.91 -60.06 -59.20
N SER K 204 -46.10 -59.52 -58.93
CA SER K 204 -46.73 -58.59 -59.86
C SER K 204 -47.03 -57.26 -59.20
N SER K 205 -46.93 -56.19 -59.98
CA SER K 205 -47.40 -54.86 -59.58
C SER K 205 -48.41 -54.34 -60.59
N VAL K 206 -49.52 -53.80 -60.13
CA VAL K 206 -50.53 -53.28 -61.05
C VAL K 206 -50.96 -51.88 -60.63
N VAL K 207 -51.52 -51.14 -61.59
CA VAL K 207 -52.05 -49.81 -61.36
C VAL K 207 -53.32 -49.61 -62.17
N THR K 208 -54.29 -48.92 -61.60
CA THR K 208 -55.53 -48.63 -62.31
C THR K 208 -55.51 -47.15 -62.68
N VAL K 209 -55.74 -46.89 -63.96
CA VAL K 209 -55.73 -45.55 -64.53
C VAL K 209 -57.01 -45.27 -65.29
N PRO K 210 -57.56 -44.05 -65.17
CA PRO K 210 -58.80 -43.79 -65.93
C PRO K 210 -58.70 -44.35 -67.35
N SER K 211 -59.83 -44.82 -67.88
CA SER K 211 -59.87 -45.40 -69.23
C SER K 211 -59.28 -44.48 -70.30
N SER K 212 -59.32 -43.18 -70.06
CA SER K 212 -58.91 -42.21 -71.06
C SER K 212 -57.39 -42.14 -71.25
N SER K 213 -56.66 -42.32 -70.16
CA SER K 213 -55.21 -42.06 -70.15
C SER K 213 -54.43 -42.81 -71.23
N LEU K 214 -54.57 -44.14 -71.25
CA LEU K 214 -53.75 -45.04 -72.06
C LEU K 214 -52.74 -44.34 -73.00
N GLY K 215 -53.12 -44.19 -74.27
CA GLY K 215 -52.19 -43.70 -75.29
C GLY K 215 -51.64 -42.31 -75.02
N THR K 216 -52.45 -41.47 -74.37
CA THR K 216 -52.06 -40.08 -74.12
C THR K 216 -51.00 -39.96 -73.03
N GLN K 217 -51.06 -40.82 -72.02
CA GLN K 217 -50.10 -40.79 -70.91
C GLN K 217 -49.11 -41.95 -70.97
N THR K 218 -47.96 -41.77 -70.33
CA THR K 218 -46.88 -42.76 -70.36
C THR K 218 -46.65 -43.38 -68.99
N TYR K 219 -46.67 -44.70 -68.93
CA TYR K 219 -46.54 -45.43 -67.65
C TYR K 219 -45.28 -46.29 -67.61
N ILE K 220 -44.41 -45.99 -66.65
CA ILE K 220 -43.14 -46.69 -66.49
C ILE K 220 -43.06 -47.27 -65.07
N CYS K 221 -42.63 -48.52 -64.95
CA CYS K 221 -42.44 -49.14 -63.64
C CYS K 221 -40.95 -49.34 -63.35
N ASN K 222 -40.49 -48.80 -62.23
CA ASN K 222 -39.08 -48.89 -61.85
C ASN K 222 -38.86 -50.03 -60.85
N VAL K 223 -38.13 -51.06 -61.28
CA VAL K 223 -37.89 -52.23 -60.45
C VAL K 223 -36.46 -52.22 -59.89
N ASN K 224 -36.33 -52.40 -58.58
CA ASN K 224 -35.03 -52.40 -57.92
C ASN K 224 -34.77 -53.68 -57.13
N HIS K 225 -33.73 -54.41 -57.52
CA HIS K 225 -33.32 -55.63 -56.83
C HIS K 225 -31.84 -55.52 -56.46
N LYS K 226 -31.58 -55.06 -55.23
CA LYS K 226 -30.23 -54.73 -54.79
C LYS K 226 -29.26 -55.92 -54.73
N PRO K 227 -29.78 -57.12 -54.40
CA PRO K 227 -28.90 -58.29 -54.35
C PRO K 227 -28.20 -58.61 -55.68
N SER K 228 -28.81 -58.22 -56.79
CA SER K 228 -28.20 -58.45 -58.10
C SER K 228 -27.86 -57.12 -58.80
N ASN K 229 -27.88 -56.03 -58.04
CA ASN K 229 -27.59 -54.70 -58.58
C ASN K 229 -28.43 -54.38 -59.82
N THR K 230 -29.66 -54.90 -59.86
CA THR K 230 -30.54 -54.69 -60.99
C THR K 230 -31.41 -53.45 -60.81
N LYS K 231 -31.38 -52.57 -61.81
CA LYS K 231 -32.23 -51.38 -61.81
C LYS K 231 -32.87 -51.22 -63.19
N VAL K 232 -34.09 -51.72 -63.33
CA VAL K 232 -34.76 -51.76 -64.63
C VAL K 232 -35.93 -50.78 -64.72
N ASP K 233 -35.98 -50.03 -65.82
CA ASP K 233 -37.13 -49.17 -66.13
C ASP K 233 -37.84 -49.73 -67.36
N LYS K 234 -39.06 -50.23 -67.18
CA LYS K 234 -39.80 -50.86 -68.26
C LYS K 234 -41.06 -50.06 -68.63
N ARG K 235 -41.12 -49.58 -69.86
CA ARG K 235 -42.29 -48.85 -70.34
C ARG K 235 -43.45 -49.80 -70.57
N VAL K 236 -44.66 -49.36 -70.24
CA VAL K 236 -45.85 -50.17 -70.42
C VAL K 236 -46.83 -49.48 -71.38
N GLU K 237 -47.08 -50.11 -72.52
CA GLU K 237 -47.96 -49.55 -73.54
C GLU K 237 -48.98 -50.60 -74.02
N PRO K 238 -50.10 -50.13 -74.60
CA PRO K 238 -51.17 -51.00 -75.11
C PRO K 238 -50.71 -51.91 -76.26
N LYS K 239 -51.29 -53.10 -76.35
CA LYS K 239 -50.99 -54.03 -77.43
C LYS K 239 -51.66 -53.58 -78.72
N ASP L 1 -37.82 -70.48 -19.84
CA ASP L 1 -38.31 -69.38 -20.72
C ASP L 1 -39.78 -69.10 -20.41
N ILE L 2 -40.15 -67.84 -20.25
CA ILE L 2 -41.56 -67.48 -20.01
C ILE L 2 -42.30 -67.47 -21.34
N GLN L 3 -43.43 -68.18 -21.40
CA GLN L 3 -44.26 -68.25 -22.60
C GLN L 3 -45.44 -67.29 -22.51
N LEU L 4 -45.65 -66.52 -23.57
CA LEU L 4 -46.83 -65.65 -23.66
C LEU L 4 -47.81 -66.17 -24.69
N THR L 5 -49.06 -66.35 -24.27
CA THR L 5 -50.09 -66.87 -25.15
C THR L 5 -51.13 -65.78 -25.42
N GLN L 6 -51.31 -65.45 -26.69
CA GLN L 6 -52.25 -64.41 -27.09
C GLN L 6 -53.50 -65.03 -27.70
N SER L 7 -54.66 -64.53 -27.31
CA SER L 7 -55.89 -64.98 -27.96
C SER L 7 -56.84 -63.83 -28.27
N PRO L 8 -57.66 -64.00 -29.32
CA PRO L 8 -57.57 -65.15 -30.23
C PRO L 8 -56.44 -64.99 -31.23
N SER L 9 -56.18 -66.01 -32.04
CA SER L 9 -55.11 -65.95 -33.03
C SER L 9 -55.44 -64.89 -34.08
N SER L 10 -56.72 -64.77 -34.39
CA SER L 10 -57.20 -63.85 -35.41
C SER L 10 -58.55 -63.35 -34.91
N LEU L 11 -58.79 -62.06 -35.08
CA LEU L 11 -60.07 -61.47 -34.65
C LEU L 11 -60.64 -60.52 -35.69
N SER L 12 -61.92 -60.71 -36.00
CA SER L 12 -62.62 -59.87 -36.97
C SER L 12 -63.59 -58.93 -36.24
N ALA L 13 -63.59 -57.66 -36.61
CA ALA L 13 -64.51 -56.70 -35.99
C ALA L 13 -64.81 -55.52 -36.92
N SER L 14 -65.93 -54.86 -36.67
CA SER L 14 -66.39 -53.73 -37.48
C SER L 14 -65.86 -52.41 -36.96
N VAL L 15 -65.70 -51.43 -37.85
CA VAL L 15 -65.30 -50.09 -37.44
C VAL L 15 -66.21 -49.54 -36.36
N GLY L 16 -65.61 -49.08 -35.26
CA GLY L 16 -66.35 -48.54 -34.15
C GLY L 16 -66.52 -49.51 -33.01
N ASP L 17 -66.26 -50.79 -33.26
CA ASP L 17 -66.41 -51.82 -32.23
C ASP L 17 -65.36 -51.69 -31.14
N ARG L 18 -65.74 -52.05 -29.91
N ARG L 18 -65.74 -52.05 -29.91
CA ARG L 18 -64.80 -52.18 -28.81
CA ARG L 18 -64.80 -52.17 -28.80
C ARG L 18 -64.17 -53.56 -28.89
C ARG L 18 -64.17 -53.56 -28.79
N VAL L 19 -62.84 -53.60 -28.91
CA VAL L 19 -62.11 -54.86 -29.13
C VAL L 19 -61.16 -55.22 -28.00
N THR L 20 -61.16 -56.49 -27.59
CA THR L 20 -60.30 -56.96 -26.50
C THR L 20 -59.36 -58.09 -26.91
N LEU L 21 -58.06 -57.86 -26.71
CA LEU L 21 -57.04 -58.85 -26.99
C LEU L 21 -56.46 -59.32 -25.65
N THR L 22 -56.20 -60.62 -25.50
CA THR L 22 -55.72 -61.11 -24.20
C THR L 22 -54.35 -61.76 -24.27
N CYS L 23 -53.59 -61.64 -23.17
CA CYS L 23 -52.28 -62.26 -23.05
C CYS L 23 -52.13 -62.92 -21.68
N GLN L 24 -51.71 -64.19 -21.69
CA GLN L 24 -51.43 -64.93 -20.46
C GLN L 24 -49.98 -65.38 -20.38
N ALA L 25 -49.34 -65.07 -19.25
CA ALA L 25 -47.96 -65.46 -19.02
C ALA L 25 -47.89 -66.77 -18.21
N SER L 26 -46.85 -67.54 -18.49
CA SER L 26 -46.64 -68.86 -17.91
C SER L 26 -46.17 -68.74 -16.47
N GLN L 27 -45.84 -67.54 -16.05
CA GLN L 27 -45.48 -67.30 -14.67
C GLN L 27 -45.83 -65.86 -14.31
N ASP L 28 -45.89 -65.57 -13.02
CA ASP L 28 -46.28 -64.25 -12.56
C ASP L 28 -45.22 -63.28 -13.06
N ILE L 29 -45.63 -62.35 -13.93
CA ILE L 29 -44.68 -61.37 -14.46
C ILE L 29 -44.98 -59.97 -13.95
N ARG L 30 -45.75 -59.89 -12.87
CA ARG L 30 -46.08 -58.60 -12.28
C ARG L 30 -46.66 -57.62 -13.27
N LYS L 31 -45.99 -56.47 -13.42
CA LYS L 31 -46.45 -55.47 -14.34
C LYS L 31 -45.45 -55.22 -15.46
N PHE L 32 -44.55 -56.18 -15.64
CA PHE L 32 -43.49 -56.08 -16.65
C PHE L 32 -43.95 -56.54 -18.03
N LEU L 33 -44.93 -55.86 -18.62
CA LEU L 33 -45.49 -56.32 -19.89
C LEU L 33 -45.75 -55.16 -20.85
N ASN L 34 -45.31 -55.31 -22.10
CA ASN L 34 -45.45 -54.27 -23.10
C ASN L 34 -46.25 -54.81 -24.30
N TRP L 35 -46.92 -53.92 -25.00
CA TRP L 35 -47.71 -54.24 -26.20
C TRP L 35 -47.19 -53.44 -27.40
N TYR L 36 -47.07 -54.10 -28.55
CA TYR L 36 -46.63 -53.45 -29.79
C TYR L 36 -47.67 -53.67 -30.90
N GLN L 37 -47.69 -52.76 -31.87
CA GLN L 37 -48.47 -52.93 -33.10
C GLN L 37 -47.50 -53.01 -34.27
N GLN L 38 -47.75 -53.96 -35.16
CA GLN L 38 -46.96 -54.07 -36.37
C GLN L 38 -47.83 -54.17 -37.62
N LYS L 39 -47.64 -53.23 -38.52
CA LYS L 39 -48.30 -53.26 -39.82
C LYS L 39 -47.39 -53.99 -40.82
N PRO L 40 -48.01 -54.68 -41.79
CA PRO L 40 -47.26 -55.54 -42.72
C PRO L 40 -46.10 -54.82 -43.41
N GLY L 41 -44.93 -55.44 -43.39
CA GLY L 41 -43.75 -54.88 -44.03
C GLY L 41 -43.13 -53.71 -43.28
N LYS L 42 -43.63 -53.44 -42.08
CA LYS L 42 -43.13 -52.34 -41.26
C LYS L 42 -42.60 -52.86 -39.93
N GLY L 43 -41.77 -52.06 -39.26
CA GLY L 43 -41.27 -52.41 -37.95
C GLY L 43 -42.34 -52.23 -36.89
N PRO L 44 -42.23 -52.96 -35.77
CA PRO L 44 -43.21 -52.79 -34.69
C PRO L 44 -43.19 -51.37 -34.13
N LYS L 45 -44.29 -50.96 -33.51
CA LYS L 45 -44.33 -49.71 -32.76
C LYS L 45 -44.94 -49.95 -31.40
N LEU L 46 -44.30 -49.36 -30.39
CA LEU L 46 -44.76 -49.51 -29.03
C LEU L 46 -46.08 -48.78 -28.84
N LEU L 47 -47.04 -49.46 -28.22
CA LEU L 47 -48.32 -48.86 -27.88
C LEU L 47 -48.39 -48.67 -26.38
N ILE L 48 -48.11 -49.72 -25.63
CA ILE L 48 -48.32 -49.70 -24.18
C ILE L 48 -47.10 -50.23 -23.45
N TYR L 49 -46.61 -49.50 -22.46
CA TYR L 49 -45.53 -50.03 -21.62
C TYR L 49 -45.93 -50.23 -20.16
N ASP L 50 -45.32 -51.23 -19.54
CA ASP L 50 -45.61 -51.58 -18.14
C ASP L 50 -47.10 -51.76 -17.88
N ALA L 51 -47.74 -52.56 -18.75
CA ALA L 51 -49.10 -53.02 -18.56
C ALA L 51 -50.21 -52.00 -18.83
N SER L 52 -50.05 -50.76 -18.35
CA SER L 52 -51.16 -49.80 -18.42
C SER L 52 -50.80 -48.38 -18.89
N ASN L 53 -49.54 -48.12 -19.22
CA ASN L 53 -49.15 -46.77 -19.62
C ASN L 53 -49.21 -46.54 -21.13
N LEU L 54 -49.98 -45.53 -21.53
CA LEU L 54 -50.09 -45.17 -22.95
C LEU L 54 -48.84 -44.40 -23.37
N GLN L 55 -48.14 -44.93 -24.36
CA GLN L 55 -46.95 -44.28 -24.92
C GLN L 55 -47.27 -42.95 -25.59
N ARG L 56 -46.40 -41.96 -25.38
CA ARG L 56 -46.52 -40.67 -26.04
C ARG L 56 -46.79 -40.81 -27.54
N GLY L 57 -47.82 -40.10 -28.00
CA GLY L 57 -48.15 -40.02 -29.42
C GLY L 57 -49.15 -41.06 -29.90
N VAL L 58 -49.37 -42.10 -29.10
CA VAL L 58 -50.34 -43.13 -29.43
C VAL L 58 -51.77 -42.66 -29.14
N PRO L 59 -52.71 -42.94 -30.05
CA PRO L 59 -54.10 -42.50 -29.89
C PRO L 59 -54.72 -42.99 -28.59
N SER L 60 -55.55 -42.15 -27.96
CA SER L 60 -56.11 -42.48 -26.65
C SER L 60 -57.15 -43.62 -26.65
N ARG L 61 -57.61 -44.04 -27.83
CA ARG L 61 -58.53 -45.16 -27.92
C ARG L 61 -57.89 -46.48 -27.49
N PHE L 62 -56.56 -46.49 -27.41
CA PHE L 62 -55.81 -47.64 -26.91
C PHE L 62 -55.66 -47.50 -25.40
N SER L 63 -55.91 -48.60 -24.68
CA SER L 63 -55.68 -48.65 -23.25
C SER L 63 -55.20 -50.03 -22.86
N GLY L 64 -54.49 -50.14 -21.73
CA GLY L 64 -53.98 -51.42 -21.29
C GLY L 64 -54.39 -51.71 -19.86
N GLY L 65 -54.52 -52.98 -19.55
CA GLY L 65 -54.90 -53.42 -18.21
C GLY L 65 -54.32 -54.75 -17.81
N GLY L 66 -54.48 -55.08 -16.53
CA GLY L 66 -54.10 -56.39 -16.03
C GLY L 66 -52.83 -56.41 -15.20
N SER L 67 -52.55 -57.57 -14.63
CA SER L 67 -51.37 -57.76 -13.81
C SER L 67 -51.16 -59.22 -13.50
N GLY L 68 -49.97 -59.53 -12.99
CA GLY L 68 -49.63 -60.90 -12.69
C GLY L 68 -49.36 -61.61 -13.98
N THR L 69 -50.34 -62.43 -14.34
CA THR L 69 -50.29 -63.24 -15.54
C THR L 69 -51.32 -62.86 -16.58
N ASP L 70 -52.32 -62.06 -16.20
CA ASP L 70 -53.41 -61.80 -17.12
C ASP L 70 -53.46 -60.33 -17.49
N PHE L 71 -53.37 -60.08 -18.79
CA PHE L 71 -53.33 -58.73 -19.31
C PHE L 71 -54.28 -58.58 -20.49
N THR L 72 -54.75 -57.36 -20.72
CA THR L 72 -55.62 -57.08 -21.85
C THR L 72 -55.20 -55.79 -22.55
N LEU L 73 -55.33 -55.78 -23.87
CA LEU L 73 -55.24 -54.54 -24.63
C LEU L 73 -56.62 -54.25 -25.21
N ILE L 74 -57.13 -53.06 -24.94
CA ILE L 74 -58.46 -52.68 -25.39
C ILE L 74 -58.39 -51.52 -26.38
N ILE L 75 -59.09 -51.67 -27.50
CA ILE L 75 -59.27 -50.58 -28.46
C ILE L 75 -60.73 -50.14 -28.38
N SER L 76 -60.95 -48.93 -27.85
CA SER L 76 -62.30 -48.52 -27.48
C SER L 76 -63.18 -48.32 -28.71
N SER L 77 -62.57 -47.95 -29.83
CA SER L 77 -63.30 -47.77 -31.08
C SER L 77 -62.42 -48.08 -32.27
N LEU L 78 -62.61 -49.28 -32.84
CA LEU L 78 -61.71 -49.78 -33.88
C LEU L 78 -61.76 -48.88 -35.11
N GLN L 79 -60.59 -48.54 -35.62
CA GLN L 79 -60.48 -47.73 -36.83
C GLN L 79 -59.88 -48.58 -37.94
N PRO L 80 -60.15 -48.21 -39.21
CA PRO L 80 -59.62 -49.00 -40.32
C PRO L 80 -58.09 -49.07 -40.31
N GLU L 81 -57.43 -48.00 -39.90
CA GLU L 81 -55.97 -47.96 -39.82
C GLU L 81 -55.37 -48.86 -38.73
N ASP L 82 -56.24 -49.42 -37.88
CA ASP L 82 -55.81 -50.36 -36.83
C ASP L 82 -55.50 -51.79 -37.28
N VAL L 83 -55.77 -52.12 -38.54
CA VAL L 83 -55.48 -53.46 -39.03
C VAL L 83 -53.99 -53.80 -38.87
N GLY L 84 -53.71 -55.02 -38.44
CA GLY L 84 -52.34 -55.49 -38.27
C GLY L 84 -52.24 -56.53 -37.18
N THR L 85 -51.03 -56.76 -36.68
CA THR L 85 -50.80 -57.79 -35.66
C THR L 85 -50.31 -57.12 -34.37
N TYR L 86 -50.79 -57.61 -33.25
CA TYR L 86 -50.46 -57.05 -31.94
C TYR L 86 -49.73 -58.09 -31.12
N TYR L 87 -48.63 -57.69 -30.52
CA TYR L 87 -47.82 -58.61 -29.74
C TYR L 87 -47.71 -58.13 -28.31
N CYS L 88 -47.77 -59.06 -27.36
CA CYS L 88 -47.39 -58.74 -26.00
C CYS L 88 -45.96 -59.22 -25.80
N GLN L 89 -45.30 -58.69 -24.78
CA GLN L 89 -43.89 -59.00 -24.56
C GLN L 89 -43.51 -58.81 -23.11
N GLN L 90 -42.68 -59.71 -22.60
CA GLN L 90 -42.50 -59.85 -21.17
C GLN L 90 -41.04 -59.57 -20.86
N TYR L 91 -40.76 -58.83 -19.79
CA TYR L 91 -39.37 -58.66 -19.35
C TYR L 91 -39.18 -58.80 -17.85
N ASP L 92 -40.03 -59.59 -17.20
CA ASP L 92 -39.81 -60.01 -15.82
C ASP L 92 -38.46 -60.72 -15.66
N GLY L 93 -38.11 -61.57 -16.61
CA GLY L 93 -36.84 -62.30 -16.58
C GLY L 93 -36.37 -62.67 -17.98
N LEU L 94 -35.05 -62.74 -18.18
CA LEU L 94 -34.47 -63.24 -19.41
C LEU L 94 -34.67 -64.74 -19.60
N PRO L 95 -34.81 -65.18 -20.86
CA PRO L 95 -34.87 -64.34 -22.07
C PRO L 95 -36.19 -63.61 -22.24
N PHE L 96 -36.14 -62.41 -22.78
CA PHE L 96 -37.33 -61.66 -23.12
C PHE L 96 -38.11 -62.46 -24.14
N THR L 97 -39.43 -62.49 -24.00
CA THR L 97 -40.25 -63.26 -24.93
C THR L 97 -41.48 -62.51 -25.40
N PHE L 98 -41.99 -62.91 -26.57
CA PHE L 98 -43.16 -62.28 -27.19
C PHE L 98 -44.29 -63.30 -27.33
N GLY L 99 -45.52 -62.78 -27.30
CA GLY L 99 -46.69 -63.59 -27.65
C GLY L 99 -46.67 -63.94 -29.13
N GLY L 100 -47.49 -64.90 -29.53
CA GLY L 100 -47.53 -65.33 -30.91
C GLY L 100 -48.27 -64.36 -31.82
N GLY L 101 -48.84 -63.31 -31.24
CA GLY L 101 -49.46 -62.25 -32.03
C GLY L 101 -50.94 -62.47 -32.25
N THR L 102 -51.70 -61.38 -32.31
CA THR L 102 -53.11 -61.44 -32.69
C THR L 102 -53.32 -60.55 -33.91
N LYS L 103 -53.86 -61.11 -34.99
CA LYS L 103 -54.10 -60.32 -36.19
C LYS L 103 -55.48 -59.69 -36.12
N VAL L 104 -55.57 -58.38 -36.32
CA VAL L 104 -56.87 -57.70 -36.36
C VAL L 104 -57.33 -57.43 -37.79
N VAL L 105 -58.60 -57.77 -38.07
CA VAL L 105 -59.15 -57.69 -39.42
C VAL L 105 -60.46 -56.91 -39.40
N ILE L 106 -60.61 -55.95 -40.31
CA ILE L 106 -61.82 -55.15 -40.41
C ILE L 106 -62.93 -55.84 -41.22
N LYS L 107 -64.15 -55.77 -40.68
CA LYS L 107 -65.36 -56.16 -41.39
C LYS L 107 -66.00 -54.93 -42.01
N ARG L 108 -66.33 -55.00 -43.29
CA ARG L 108 -66.96 -53.87 -43.97
C ARG L 108 -68.04 -54.42 -44.89
N THR L 109 -68.68 -53.56 -45.66
CA THR L 109 -69.71 -54.03 -46.57
C THR L 109 -69.04 -54.79 -47.72
N VAL L 110 -69.76 -55.75 -48.29
CA VAL L 110 -69.28 -56.48 -49.46
C VAL L 110 -69.02 -55.51 -50.61
N ALA L 111 -67.99 -55.80 -51.40
CA ALA L 111 -67.64 -55.00 -52.57
C ALA L 111 -67.08 -55.93 -53.64
N ALA L 112 -67.72 -55.93 -54.80
CA ALA L 112 -67.37 -56.89 -55.85
C ALA L 112 -66.07 -56.45 -56.51
N PRO L 113 -65.23 -57.43 -56.88
CA PRO L 113 -63.94 -57.17 -57.52
C PRO L 113 -64.09 -56.70 -58.95
N SER L 114 -63.17 -55.88 -59.43
CA SER L 114 -63.07 -55.67 -60.86
C SER L 114 -62.02 -56.62 -61.42
N VAL L 115 -62.34 -57.30 -62.52
CA VAL L 115 -61.47 -58.34 -63.03
C VAL L 115 -60.85 -57.95 -64.36
N PHE L 116 -59.55 -58.18 -64.48
CA PHE L 116 -58.81 -57.92 -65.72
C PHE L 116 -57.93 -59.11 -66.05
N ILE L 117 -57.76 -59.38 -67.35
CA ILE L 117 -56.86 -60.45 -67.78
C ILE L 117 -55.76 -59.88 -68.67
N PHE L 118 -54.56 -60.43 -68.52
CA PHE L 118 -53.42 -60.02 -69.33
C PHE L 118 -52.76 -61.25 -69.95
N PRO L 119 -52.57 -61.24 -71.27
CA PRO L 119 -51.81 -62.28 -71.95
C PRO L 119 -50.32 -62.13 -71.65
N PRO L 120 -49.52 -63.16 -71.94
CA PRO L 120 -48.07 -63.03 -71.80
C PRO L 120 -47.53 -62.02 -72.82
N SER L 121 -46.51 -61.27 -72.45
CA SER L 121 -45.90 -60.30 -73.36
C SER L 121 -45.05 -61.02 -74.40
N ASP L 122 -44.64 -60.29 -75.43
CA ASP L 122 -43.85 -60.85 -76.50
C ASP L 122 -42.41 -61.14 -76.06
N GLU L 123 -41.86 -60.28 -75.21
CA GLU L 123 -40.50 -60.47 -74.71
C GLU L 123 -40.39 -61.80 -73.98
N GLN L 124 -41.45 -62.16 -73.27
CA GLN L 124 -41.44 -63.34 -72.42
C GLN L 124 -41.56 -64.64 -73.22
N LEU L 125 -42.46 -64.66 -74.20
CA LEU L 125 -42.59 -65.81 -75.10
C LEU L 125 -41.27 -66.04 -75.84
N LYS L 126 -40.66 -64.95 -76.27
CA LYS L 126 -39.34 -64.96 -76.90
C LYS L 126 -38.34 -65.83 -76.13
N SER L 127 -38.64 -66.10 -74.85
CA SER L 127 -37.69 -66.81 -73.98
C SER L 127 -38.24 -68.15 -73.47
N GLY L 128 -39.29 -68.65 -74.10
CA GLY L 128 -39.78 -70.00 -73.86
C GLY L 128 -40.76 -70.21 -72.72
N THR L 129 -41.18 -69.15 -72.03
CA THR L 129 -42.15 -69.29 -70.96
C THR L 129 -43.34 -68.33 -71.15
N ALA L 130 -44.54 -68.78 -70.78
CA ALA L 130 -45.72 -67.93 -70.87
C ALA L 130 -46.45 -67.77 -69.54
N SER L 131 -46.56 -66.52 -69.09
CA SER L 131 -47.29 -66.19 -67.88
C SER L 131 -48.56 -65.39 -68.22
N VAL L 132 -49.70 -65.91 -67.81
CA VAL L 132 -51.00 -65.24 -68.01
C VAL L 132 -51.48 -64.78 -66.64
N VAL L 133 -51.84 -63.51 -66.53
CA VAL L 133 -52.16 -62.93 -65.22
C VAL L 133 -53.62 -62.51 -65.10
N CYS L 134 -54.21 -62.78 -63.95
CA CYS L 134 -55.58 -62.36 -63.67
C CYS L 134 -55.54 -61.49 -62.43
N LEU L 135 -56.17 -60.32 -62.50
CA LEU L 135 -56.18 -59.38 -61.40
C LEU L 135 -57.60 -59.16 -60.90
N LEU L 136 -57.77 -59.30 -59.58
CA LEU L 136 -59.00 -58.93 -58.91
C LEU L 136 -58.72 -57.69 -58.06
N ASN L 137 -59.35 -56.58 -58.40
CA ASN L 137 -59.05 -55.30 -57.76
C ASN L 137 -60.12 -54.85 -56.77
N ASN L 138 -59.64 -54.43 -55.60
CA ASN L 138 -60.43 -53.74 -54.58
C ASN L 138 -61.77 -54.38 -54.26
N PHE L 139 -61.73 -55.50 -53.53
CA PHE L 139 -62.94 -56.23 -53.21
C PHE L 139 -62.97 -56.67 -51.76
N TYR L 140 -64.14 -57.11 -51.31
CA TYR L 140 -64.33 -57.65 -49.97
C TYR L 140 -65.59 -58.52 -50.00
N PRO L 141 -65.57 -59.67 -49.30
CA PRO L 141 -64.50 -60.21 -48.46
C PRO L 141 -63.36 -60.86 -49.23
N ARG L 142 -62.35 -61.30 -48.49
CA ARG L 142 -61.12 -61.81 -49.09
C ARG L 142 -61.34 -63.10 -49.89
N GLU L 143 -62.27 -63.93 -49.42
CA GLU L 143 -62.49 -65.22 -50.07
C GLU L 143 -62.99 -65.03 -51.48
N ALA L 144 -62.24 -65.58 -52.43
CA ALA L 144 -62.62 -65.56 -53.83
C ALA L 144 -62.13 -66.85 -54.48
N LYS L 145 -62.80 -67.29 -55.54
CA LYS L 145 -62.36 -68.44 -56.30
C LYS L 145 -61.95 -68.00 -57.69
N VAL L 146 -60.74 -68.37 -58.10
CA VAL L 146 -60.27 -68.03 -59.43
C VAL L 146 -59.96 -69.33 -60.16
N GLN L 147 -60.64 -69.55 -61.28
CA GLN L 147 -60.51 -70.79 -62.02
C GLN L 147 -60.00 -70.48 -63.42
N TRP L 148 -58.94 -71.17 -63.83
CA TRP L 148 -58.42 -71.02 -65.18
C TRP L 148 -59.02 -72.03 -66.15
N LYS L 149 -59.25 -71.56 -67.37
CA LYS L 149 -59.73 -72.42 -68.44
C LYS L 149 -58.95 -72.16 -69.73
N VAL L 150 -58.41 -73.23 -70.33
CA VAL L 150 -57.72 -73.13 -71.60
C VAL L 150 -58.51 -73.91 -72.64
N ASP L 151 -59.00 -73.23 -73.66
CA ASP L 151 -59.94 -73.83 -74.61
C ASP L 151 -61.03 -74.56 -73.81
N ASN L 152 -61.42 -73.97 -72.69
CA ASN L 152 -62.52 -74.49 -71.87
C ASN L 152 -62.13 -75.69 -71.03
N ALA L 153 -60.85 -76.02 -70.95
CA ALA L 153 -60.46 -77.14 -70.12
C ALA L 153 -60.02 -76.63 -68.76
N LEU L 154 -60.66 -77.17 -67.73
CA LEU L 154 -60.45 -76.68 -66.38
C LEU L 154 -59.04 -77.04 -65.94
N GLN L 155 -58.26 -76.00 -65.69
CA GLN L 155 -56.86 -76.14 -65.36
C GLN L 155 -56.69 -76.34 -63.86
N SER L 156 -55.62 -77.02 -63.45
CA SER L 156 -55.28 -77.11 -62.04
C SER L 156 -53.82 -77.50 -61.81
N GLY L 157 -53.25 -76.97 -60.74
CA GLY L 157 -51.89 -77.30 -60.36
C GLY L 157 -50.82 -76.45 -61.02
N ASN L 158 -51.20 -75.63 -62.00
CA ASN L 158 -50.23 -74.77 -62.68
C ASN L 158 -50.53 -73.28 -62.53
N SER L 159 -51.09 -72.90 -61.39
CA SER L 159 -51.32 -71.48 -61.09
C SER L 159 -50.99 -71.15 -59.64
N GLN L 160 -50.65 -69.89 -59.38
CA GLN L 160 -50.40 -69.46 -57.99
C GLN L 160 -51.06 -68.11 -57.68
N GLU L 161 -51.64 -67.99 -56.49
CA GLU L 161 -52.27 -66.73 -56.10
C GLU L 161 -51.44 -65.96 -55.08
N SER L 162 -51.57 -64.65 -55.11
CA SER L 162 -51.05 -63.78 -54.05
C SER L 162 -52.09 -62.73 -53.70
N VAL L 163 -52.19 -62.38 -52.41
CA VAL L 163 -53.19 -61.44 -51.97
C VAL L 163 -52.55 -60.31 -51.17
N THR L 164 -52.95 -59.08 -51.43
CA THR L 164 -52.43 -57.94 -50.68
C THR L 164 -52.95 -57.93 -49.25
N GLU L 165 -52.27 -57.22 -48.38
CA GLU L 165 -52.73 -56.95 -47.04
C GLU L 165 -53.96 -56.06 -47.10
N GLN L 166 -54.83 -56.16 -46.11
CA GLN L 166 -56.02 -55.33 -46.07
C GLN L 166 -55.64 -53.85 -46.11
N ASP L 167 -56.28 -53.12 -47.03
CA ASP L 167 -55.97 -51.71 -47.25
C ASP L 167 -56.34 -50.90 -46.01
N SER L 168 -55.45 -49.99 -45.62
CA SER L 168 -55.62 -49.21 -44.40
C SER L 168 -56.70 -48.14 -44.54
N LYS L 169 -57.07 -47.78 -45.77
CA LYS L 169 -58.06 -46.74 -45.98
C LYS L 169 -59.47 -47.27 -46.22
N ASP L 170 -59.62 -48.22 -47.15
CA ASP L 170 -60.95 -48.73 -47.47
C ASP L 170 -61.17 -50.23 -47.13
N SER L 171 -60.17 -50.86 -46.53
CA SER L 171 -60.33 -52.20 -45.96
C SER L 171 -60.63 -53.29 -47.01
N THR L 172 -60.27 -53.04 -48.26
CA THR L 172 -60.45 -54.04 -49.32
C THR L 172 -59.14 -54.80 -49.56
N TYR L 173 -59.24 -55.86 -50.36
CA TYR L 173 -58.10 -56.68 -50.74
C TYR L 173 -57.93 -56.63 -52.24
N SER L 174 -56.76 -56.98 -52.72
CA SER L 174 -56.58 -57.27 -54.13
C SER L 174 -55.86 -58.60 -54.29
N LEU L 175 -56.06 -59.27 -55.42
CA LEU L 175 -55.54 -60.61 -55.64
C LEU L 175 -55.05 -60.79 -57.07
N SER L 176 -53.96 -61.54 -57.24
CA SER L 176 -53.52 -61.93 -58.57
C SER L 176 -53.38 -63.45 -58.65
N SER L 177 -53.79 -64.03 -59.77
CA SER L 177 -53.57 -65.44 -60.03
C SER L 177 -52.74 -65.55 -61.30
N THR L 178 -51.64 -66.29 -61.24
CA THR L 178 -50.75 -66.42 -62.38
C THR L 178 -50.72 -67.87 -62.86
N LEU L 179 -51.15 -68.07 -64.10
CA LEU L 179 -51.14 -69.37 -64.74
C LEU L 179 -49.87 -69.44 -65.56
N THR L 180 -49.01 -70.40 -65.22
CA THR L 180 -47.72 -70.52 -65.91
C THR L 180 -47.67 -71.81 -66.71
N LEU L 181 -47.36 -71.68 -67.99
CA LEU L 181 -47.16 -72.85 -68.85
C LEU L 181 -46.09 -72.57 -69.90
N SER L 182 -45.53 -73.64 -70.46
CA SER L 182 -44.43 -73.50 -71.42
C SER L 182 -44.96 -72.85 -72.70
N LYS L 183 -44.05 -72.24 -73.46
CA LYS L 183 -44.42 -71.59 -74.72
C LYS L 183 -45.12 -72.59 -75.64
N ALA L 184 -44.63 -73.83 -75.66
CA ALA L 184 -45.22 -74.89 -76.48
C ALA L 184 -46.71 -75.02 -76.18
N ASP L 185 -47.02 -75.19 -74.90
CA ASP L 185 -48.40 -75.39 -74.48
C ASP L 185 -49.20 -74.13 -74.76
N TYR L 186 -48.64 -72.97 -74.46
CA TYR L 186 -49.36 -71.73 -74.72
C TYR L 186 -49.76 -71.61 -76.20
N GLU L 187 -48.90 -72.10 -77.08
CA GLU L 187 -49.14 -72.00 -78.52
C GLU L 187 -50.09 -73.09 -79.04
N LYS L 188 -50.16 -74.20 -78.32
CA LYS L 188 -51.16 -75.24 -78.62
C LYS L 188 -52.59 -74.69 -78.69
N HIS L 189 -53.03 -73.99 -77.63
CA HIS L 189 -54.44 -73.61 -77.48
C HIS L 189 -54.70 -72.16 -77.85
N LYS L 190 -55.98 -71.79 -77.94
CA LYS L 190 -56.39 -70.48 -78.43
C LYS L 190 -57.11 -69.60 -77.39
N VAL L 191 -58.06 -70.17 -76.66
CA VAL L 191 -58.88 -69.38 -75.76
C VAL L 191 -58.43 -69.48 -74.30
N TYR L 192 -58.06 -68.33 -73.72
CA TYR L 192 -57.63 -68.27 -72.33
C TYR L 192 -58.59 -67.46 -71.48
N ALA L 193 -59.07 -68.06 -70.39
CA ALA L 193 -60.16 -67.45 -69.62
C ALA L 193 -59.97 -67.54 -68.12
N CYS L 194 -60.23 -66.43 -67.43
CA CYS L 194 -60.22 -66.35 -65.98
C CYS L 194 -61.67 -66.18 -65.54
N GLU L 195 -62.16 -67.15 -64.78
CA GLU L 195 -63.52 -67.10 -64.25
C GLU L 195 -63.50 -66.87 -62.74
N VAL L 196 -64.09 -65.76 -62.31
CA VAL L 196 -64.06 -65.34 -60.91
C VAL L 196 -65.41 -65.53 -60.23
N THR L 197 -65.40 -66.18 -59.08
CA THR L 197 -66.59 -66.35 -58.24
C THR L 197 -66.40 -65.62 -56.92
N HIS L 198 -67.40 -64.84 -56.51
CA HIS L 198 -67.26 -64.02 -55.32
C HIS L 198 -68.65 -63.58 -54.82
N GLN L 199 -68.76 -63.43 -53.51
CA GLN L 199 -70.05 -63.14 -52.87
C GLN L 199 -70.71 -61.87 -53.37
N GLY L 200 -69.89 -60.95 -53.86
CA GLY L 200 -70.38 -59.67 -54.34
C GLY L 200 -70.77 -59.76 -55.81
N LEU L 201 -70.58 -60.93 -56.40
CA LEU L 201 -70.96 -61.13 -57.79
C LEU L 201 -72.15 -62.07 -57.87
N SER L 202 -73.16 -61.68 -58.63
CA SER L 202 -74.38 -62.48 -58.77
C SER L 202 -74.14 -63.78 -59.53
N SER L 203 -73.11 -63.80 -60.36
CA SER L 203 -72.68 -65.02 -61.04
C SER L 203 -71.24 -64.92 -61.49
N PRO L 204 -70.60 -66.08 -61.72
CA PRO L 204 -69.17 -66.02 -62.05
C PRO L 204 -68.92 -65.05 -63.20
N VAL L 205 -67.87 -64.24 -63.10
CA VAL L 205 -67.53 -63.33 -64.18
C VAL L 205 -66.37 -63.94 -64.96
N THR L 206 -66.46 -63.90 -66.28
CA THR L 206 -65.38 -64.41 -67.12
C THR L 206 -64.77 -63.30 -67.96
N LYS L 207 -63.44 -63.20 -67.91
CA LYS L 207 -62.69 -62.35 -68.83
C LYS L 207 -61.82 -63.28 -69.65
N SER L 208 -61.77 -63.10 -70.97
CA SER L 208 -60.92 -63.96 -71.78
C SER L 208 -60.27 -63.26 -72.95
N PHE L 209 -59.39 -63.98 -73.63
CA PHE L 209 -58.82 -63.50 -74.89
C PHE L 209 -58.44 -64.63 -75.84
N ASN L 210 -58.27 -64.28 -77.11
CA ASN L 210 -57.79 -65.22 -78.12
C ASN L 210 -56.32 -64.93 -78.39
N ARG L 211 -55.50 -65.96 -78.35
CA ARG L 211 -54.05 -65.80 -78.52
C ARG L 211 -53.69 -65.09 -79.83
N GLY L 212 -52.87 -64.05 -79.70
CA GLY L 212 -52.44 -63.26 -80.84
C GLY L 212 -53.51 -62.35 -81.40
N GLU L 213 -54.31 -61.74 -80.53
CA GLU L 213 -55.35 -60.81 -80.95
C GLU L 213 -55.32 -59.56 -80.09
#